data_1MSF
#
_entry.id   1MSF
#
_cell.length_a   1.000
_cell.length_b   1.000
_cell.length_c   1.000
_cell.angle_alpha   90.00
_cell.angle_beta   90.00
_cell.angle_gamma   90.00
#
_symmetry.space_group_name_H-M   'P 1'
#
loop_
_entity.id
_entity.type
_entity.pdbx_description
1 polymer "DNA (5'-D(*CP*CP*TP*AP*AP*CP*TP*GP*AP*CP*AP*CP*AP*CP*AP*T)-3')"
2 polymer "DNA (5'-D(*AP*TP*GP*TP*GP*TP*GP*TP*CP*AP*GP*TP*TP*AP*GP*G)-3')"
3 polymer 'C-Myb DNA-Binding Domain'
#
loop_
_entity_poly.entity_id
_entity_poly.type
_entity_poly.pdbx_seq_one_letter_code
_entity_poly.pdbx_strand_id
1 'polydeoxyribonucleotide' (DC)(DC)(DT)(DA)(DA)(DC)(DT)(DG)(DA)(DC)(DA)(DC)(DA)(DC)(DA)(DT) A
2 'polydeoxyribonucleotide' (DA)(DT)(DG)(DT)(DG)(DT)(DG)(DT)(DC)(DA)(DG)(DT)(DT)(DA)(DG)(DG) B
3 'polypeptide(L)'
;MLIKGPWTKEEDQRVIKLVQKYGPKRWSVIAKHLKGRIGKQCRERWHNHLNPEVKKTSWTEEEDRIIYQAHKRLGNRWAE
IAKLLPGRTDNAIKNHWNSTMRRKV
;
C
#
# COMPACT_ATOMS: atom_id res chain seq x y z
N MET C 1 21.21 0.42 19.33
CA MET C 1 21.18 -0.72 18.41
C MET C 1 20.30 -0.40 17.20
N LEU C 2 20.26 -1.30 16.22
CA LEU C 2 19.46 -1.10 15.02
C LEU C 2 17.98 -1.17 15.38
N ILE C 3 17.21 -0.16 14.93
CA ILE C 3 15.79 -0.09 15.19
C ILE C 3 15.20 0.92 14.21
N LYS C 4 14.03 0.61 13.69
CA LYS C 4 13.34 1.45 12.73
C LYS C 4 14.18 1.51 11.44
N GLY C 5 14.37 2.72 10.88
CA GLY C 5 15.14 2.88 9.66
C GLY C 5 14.37 2.28 8.47
N PRO C 6 15.05 2.09 7.33
CA PRO C 6 14.44 1.52 6.15
C PRO C 6 13.87 0.15 6.43
N TRP C 7 12.90 -0.24 5.61
CA TRP C 7 12.16 -1.48 5.80
C TRP C 7 12.57 -2.56 4.80
N THR C 8 13.43 -3.49 5.23
CA THR C 8 13.83 -4.61 4.38
C THR C 8 14.72 -5.56 5.16
N LYS C 9 14.68 -6.85 4.75
CA LYS C 9 15.44 -7.92 5.36
C LYS C 9 14.91 -8.19 6.76
N GLU C 10 14.29 -9.37 6.93
CA GLU C 10 13.64 -9.74 8.18
C GLU C 10 12.49 -8.76 8.45
N GLU C 11 12.04 -8.12 7.37
CA GLU C 11 10.93 -7.20 7.41
C GLU C 11 9.94 -7.64 6.36
N ASP C 12 10.36 -7.62 5.08
CA ASP C 12 9.50 -8.08 3.99
C ASP C 12 9.34 -9.59 4.07
N GLN C 13 10.43 -10.27 4.35
CA GLN C 13 10.54 -11.72 4.36
C GLN C 13 9.55 -12.31 5.35
N ARG C 14 9.04 -11.47 6.24
CA ARG C 14 8.10 -11.87 7.25
C ARG C 14 6.69 -11.59 6.77
N VAL C 15 6.36 -10.30 6.56
CA VAL C 15 5.04 -9.90 6.11
C VAL C 15 4.68 -10.58 4.78
N ILE C 16 5.68 -10.79 3.92
CA ILE C 16 5.47 -11.39 2.61
C ILE C 16 4.82 -12.77 2.73
N LYS C 17 5.27 -13.58 3.69
CA LYS C 17 4.75 -14.92 3.88
C LYS C 17 3.51 -14.89 4.78
N LEU C 18 3.54 -14.03 5.81
CA LEU C 18 2.45 -13.94 6.77
C LEU C 18 1.17 -13.41 6.12
N VAL C 19 1.27 -12.54 5.10
CA VAL C 19 0.09 -11.98 4.46
C VAL C 19 -0.55 -13.04 3.57
N GLN C 20 0.27 -13.73 2.78
CA GLN C 20 -0.21 -14.78 1.90
C GLN C 20 -0.84 -15.92 2.71
N LYS C 21 -0.53 -16.01 4.01
CA LYS C 21 -1.06 -17.07 4.86
C LYS C 21 -2.32 -16.60 5.58
N TYR C 22 -2.25 -15.41 6.22
CA TYR C 22 -3.38 -14.88 6.98
C TYR C 22 -4.18 -13.91 6.13
N GLY C 23 -3.55 -12.81 5.72
CA GLY C 23 -4.18 -11.75 4.96
C GLY C 23 -3.90 -10.40 5.62
N PRO C 24 -3.97 -9.28 4.87
CA PRO C 24 -3.70 -7.97 5.41
C PRO C 24 -4.89 -7.46 6.23
N LYS C 25 -5.10 -8.06 7.41
CA LYS C 25 -6.20 -7.66 8.29
C LYS C 25 -6.00 -8.34 9.65
N ARG C 26 -4.77 -8.28 10.16
CA ARG C 26 -4.38 -8.92 11.41
C ARG C 26 -3.01 -8.36 11.80
N TRP C 27 -2.79 -7.11 11.43
CA TRP C 27 -1.55 -6.40 11.70
C TRP C 27 -1.16 -6.57 13.18
N SER C 28 -2.16 -6.79 14.03
CA SER C 28 -1.91 -6.97 15.47
C SER C 28 -1.12 -8.25 15.72
N VAL C 29 -1.43 -9.31 14.96
CA VAL C 29 -0.75 -10.59 15.08
C VAL C 29 0.52 -10.57 14.24
N ILE C 30 0.42 -10.10 13.00
CA ILE C 30 1.55 -10.00 12.10
C ILE C 30 2.72 -9.35 12.85
N ALA C 31 2.42 -8.21 13.49
CA ALA C 31 3.39 -7.43 14.25
C ALA C 31 4.17 -8.29 15.25
N LYS C 32 3.52 -9.23 15.93
CA LYS C 32 4.15 -10.03 16.98
C LYS C 32 5.42 -10.74 16.49
N HIS C 33 5.49 -11.11 15.21
CA HIS C 33 6.65 -11.85 14.70
C HIS C 33 7.71 -10.90 14.12
N LEU C 34 7.37 -9.61 13.96
CA LEU C 34 8.32 -8.64 13.40
C LEU C 34 9.14 -8.00 14.51
N LYS C 35 9.11 -8.62 15.69
CA LYS C 35 9.89 -8.17 16.84
C LYS C 35 9.48 -6.75 17.29
N GLY C 36 10.17 -5.72 16.75
CA GLY C 36 9.93 -4.33 17.14
C GLY C 36 9.08 -3.59 16.12
N ARG C 37 9.07 -4.05 14.87
CA ARG C 37 8.30 -3.42 13.80
C ARG C 37 6.83 -3.81 13.97
N ILE C 38 6.18 -3.28 15.01
CA ILE C 38 4.81 -3.66 15.34
C ILE C 38 3.77 -2.60 14.94
N GLY C 39 2.49 -3.03 15.04
CA GLY C 39 1.32 -2.23 14.79
C GLY C 39 1.28 -1.65 13.39
N LYS C 40 1.81 -0.45 13.25
CA LYS C 40 1.74 0.32 12.02
C LYS C 40 2.87 -0.03 11.05
N GLN C 41 4.06 -0.31 11.58
CA GLN C 41 5.25 -0.58 10.75
C GLN C 41 4.95 -1.57 9.62
N CYS C 42 4.30 -2.69 9.94
CA CYS C 42 3.98 -3.70 8.92
C CYS C 42 3.04 -3.13 7.85
N ARG C 43 2.04 -2.37 8.28
CA ARG C 43 1.08 -1.77 7.37
C ARG C 43 1.83 -0.83 6.41
N GLU C 44 2.73 0.00 6.96
CA GLU C 44 3.49 0.97 6.16
C GLU C 44 4.16 0.31 4.95
N ARG C 45 4.96 -0.76 5.15
CA ARG C 45 5.62 -1.44 4.05
C ARG C 45 4.58 -1.93 3.05
N TRP C 46 3.52 -2.53 3.57
CA TRP C 46 2.48 -3.10 2.78
C TRP C 46 1.52 -2.02 2.29
N HIS C 47 0.32 -2.47 1.94
CA HIS C 47 -0.77 -1.62 1.43
C HIS C 47 -0.22 -0.43 0.65
N ASN C 48 0.23 -0.71 -0.57
CA ASN C 48 0.74 0.28 -1.49
C ASN C 48 0.83 -0.36 -2.86
N HIS C 49 1.94 -1.07 -3.11
CA HIS C 49 2.14 -1.79 -4.35
C HIS C 49 3.21 -2.86 -4.11
N LEU C 50 3.32 -3.32 -2.86
CA LEU C 50 4.30 -4.31 -2.45
C LEU C 50 3.71 -5.70 -2.62
N ASN C 51 2.44 -5.83 -2.22
CA ASN C 51 1.68 -7.07 -2.32
C ASN C 51 2.13 -7.89 -3.54
N PRO C 52 2.87 -9.00 -3.35
CA PRO C 52 3.26 -9.87 -4.44
C PRO C 52 2.01 -10.44 -5.11
N GLU C 53 0.89 -10.38 -4.38
CA GLU C 53 -0.39 -10.83 -4.85
C GLU C 53 -0.80 -10.04 -6.12
N VAL C 54 -0.17 -8.86 -6.32
CA VAL C 54 -0.43 -8.02 -7.49
C VAL C 54 0.91 -7.67 -8.13
N LYS C 55 1.15 -8.19 -9.33
CA LYS C 55 2.37 -7.93 -10.09
C LYS C 55 2.55 -6.43 -10.27
N LYS C 56 3.81 -5.96 -10.18
CA LYS C 56 4.11 -4.54 -10.33
C LYS C 56 3.96 -4.11 -11.79
N THR C 57 2.71 -3.87 -12.22
CA THR C 57 2.43 -3.41 -13.58
C THR C 57 2.71 -1.91 -13.67
N SER C 58 2.44 -1.19 -12.57
CA SER C 58 2.68 0.25 -12.46
C SER C 58 1.73 1.05 -13.34
N TRP C 59 1.88 2.37 -13.27
CA TRP C 59 1.05 3.30 -14.01
C TRP C 59 1.57 3.43 -15.44
N THR C 60 0.66 3.66 -16.42
CA THR C 60 1.08 3.78 -17.81
C THR C 60 0.03 4.51 -18.64
N GLU C 61 -1.14 3.89 -18.83
CA GLU C 61 -2.22 4.49 -19.59
C GLU C 61 -3.54 3.99 -19.05
N GLU C 62 -3.74 2.65 -19.09
CA GLU C 62 -4.97 2.03 -18.60
C GLU C 62 -5.14 2.29 -17.09
N GLU C 63 -4.05 2.65 -16.41
CA GLU C 63 -4.09 2.95 -14.98
C GLU C 63 -3.87 4.44 -14.78
N ASP C 64 -3.06 5.08 -15.65
CA ASP C 64 -2.81 6.50 -15.56
C ASP C 64 -4.12 7.27 -15.78
N ARG C 65 -5.07 6.63 -16.46
CA ARG C 65 -6.36 7.24 -16.74
C ARG C 65 -7.22 7.24 -15.46
N ILE C 66 -6.90 6.37 -14.49
CA ILE C 66 -7.66 6.28 -13.26
C ILE C 66 -7.49 7.53 -12.45
N ILE C 67 -6.26 7.88 -12.13
CA ILE C 67 -6.01 9.08 -11.33
C ILE C 67 -6.67 10.28 -12.00
N TYR C 68 -6.46 10.46 -13.30
CA TYR C 68 -7.02 11.58 -14.05
C TYR C 68 -8.55 11.70 -13.84
N GLN C 69 -9.25 10.57 -13.61
CA GLN C 69 -10.70 10.56 -13.42
C GLN C 69 -11.06 10.39 -11.96
N ALA C 70 -10.70 9.25 -11.36
CA ALA C 70 -10.99 8.97 -9.96
C ALA C 70 -10.66 10.17 -9.06
N HIS C 71 -9.51 10.82 -9.27
CA HIS C 71 -9.11 11.95 -8.44
C HIS C 71 -9.98 13.17 -8.73
N LYS C 72 -10.41 13.32 -9.98
CA LYS C 72 -11.18 14.47 -10.40
C LYS C 72 -12.48 14.61 -9.58
N ARG C 73 -12.94 13.53 -8.93
CA ARG C 73 -14.17 13.60 -8.14
C ARG C 73 -13.98 12.99 -6.74
N LEU C 74 -13.07 12.02 -6.60
CA LEU C 74 -12.89 11.33 -5.31
C LEU C 74 -11.41 11.26 -4.91
N GLY C 75 -10.59 12.18 -5.40
CA GLY C 75 -9.17 12.18 -5.12
C GLY C 75 -8.92 12.23 -3.66
N ASN C 76 -9.60 13.14 -2.95
CA ASN C 76 -9.38 13.26 -1.54
C ASN C 76 -10.03 12.10 -0.77
N ARG C 77 -10.44 11.05 -1.48
CA ARG C 77 -11.04 9.87 -0.89
C ARG C 77 -10.32 8.64 -1.45
N TRP C 78 -9.00 8.66 -1.32
CA TRP C 78 -8.13 7.59 -1.81
C TRP C 78 -8.59 6.22 -1.31
N ALA C 79 -9.24 6.17 -0.15
CA ALA C 79 -9.67 4.93 0.45
C ALA C 79 -10.67 4.20 -0.45
N GLU C 80 -11.61 4.92 -1.07
CA GLU C 80 -12.64 4.29 -1.89
C GLU C 80 -12.08 4.06 -3.29
N ILE C 81 -11.33 5.03 -3.83
CA ILE C 81 -10.69 4.87 -5.11
C ILE C 81 -9.89 3.56 -5.08
N ALA C 82 -8.99 3.43 -4.09
CA ALA C 82 -8.18 2.25 -3.92
C ALA C 82 -9.04 0.99 -3.91
N LYS C 83 -10.16 1.00 -3.17
CA LYS C 83 -11.03 -0.16 -3.09
C LYS C 83 -11.58 -0.50 -4.47
N LEU C 84 -11.93 0.53 -5.27
CA LEU C 84 -12.44 0.33 -6.62
C LEU C 84 -11.28 0.12 -7.61
N LEU C 85 -10.03 0.11 -7.10
CA LEU C 85 -8.85 -0.08 -7.94
C LEU C 85 -7.99 -1.19 -7.33
N PRO C 86 -8.35 -2.48 -7.58
CA PRO C 86 -7.62 -3.61 -7.06
C PRO C 86 -6.15 -3.54 -7.46
N GLY C 87 -5.25 -3.69 -6.48
CA GLY C 87 -3.82 -3.65 -6.70
C GLY C 87 -3.21 -2.46 -5.97
N ARG C 88 -3.40 -1.25 -6.53
CA ARG C 88 -2.88 -0.04 -5.93
C ARG C 88 -3.75 0.33 -4.74
N THR C 89 -3.30 -0.06 -3.54
CA THR C 89 -4.04 0.17 -2.32
C THR C 89 -4.05 1.66 -1.96
N ASP C 90 -4.61 1.99 -0.79
CA ASP C 90 -4.70 3.36 -0.30
C ASP C 90 -3.32 3.88 0.11
N ASN C 91 -2.43 4.05 -0.87
CA ASN C 91 -1.08 4.53 -0.64
C ASN C 91 -0.39 4.75 -1.99
N ALA C 92 -0.48 3.76 -2.89
CA ALA C 92 0.14 3.85 -4.20
C ALA C 92 -0.47 5.01 -4.99
N ILE C 93 -1.79 4.98 -5.16
CA ILE C 93 -2.48 6.02 -5.90
C ILE C 93 -2.36 7.37 -5.18
N LYS C 94 -2.14 7.32 -3.87
CA LYS C 94 -2.03 8.50 -3.04
C LYS C 94 -0.70 9.21 -3.27
N ASN C 95 0.42 8.48 -3.15
CA ASN C 95 1.74 9.08 -3.31
C ASN C 95 2.03 9.29 -4.79
N HIS C 96 1.54 8.38 -5.65
CA HIS C 96 1.73 8.52 -7.09
C HIS C 96 1.25 9.89 -7.53
N TRP C 97 0.01 10.24 -7.16
CA TRP C 97 -0.57 11.50 -7.54
C TRP C 97 0.34 12.65 -7.12
N ASN C 98 0.55 12.76 -5.82
CA ASN C 98 1.35 13.83 -5.23
C ASN C 98 2.86 13.62 -5.46
N SER C 99 3.26 13.32 -6.70
CA SER C 99 4.67 13.14 -7.05
C SER C 99 4.78 13.10 -8.57
N THR C 100 3.86 12.36 -9.17
CA THR C 100 3.81 12.17 -10.60
C THR C 100 2.76 13.10 -11.21
N MET C 101 1.51 12.97 -10.77
CA MET C 101 0.40 13.77 -11.28
C MET C 101 0.11 14.95 -10.34
N ARG C 102 1.17 15.58 -9.82
CA ARG C 102 1.02 16.71 -8.91
C ARG C 102 0.79 17.99 -9.73
N ARG C 103 -0.22 17.96 -10.60
CA ARG C 103 -0.57 19.10 -11.45
C ARG C 103 -2.09 19.15 -11.65
N LYS C 104 -2.82 18.14 -11.12
CA LYS C 104 -4.28 18.04 -11.24
C LYS C 104 -4.73 18.40 -12.64
N VAL C 105 -4.39 17.52 -13.58
CA VAL C 105 -4.75 17.66 -14.98
C VAL C 105 -6.27 17.56 -15.12
N MET C 1 7.43 0.94 19.86
CA MET C 1 7.76 1.39 21.23
C MET C 1 9.20 1.92 21.29
N LEU C 2 9.38 3.20 20.95
CA LEU C 2 10.69 3.86 20.96
C LEU C 2 11.66 3.11 20.05
N ILE C 3 11.18 2.72 18.86
CA ILE C 3 12.00 2.02 17.87
C ILE C 3 11.60 2.49 16.47
N LYS C 4 12.10 3.66 16.07
CA LYS C 4 11.78 4.24 14.77
C LYS C 4 12.64 3.60 13.68
N GLY C 5 12.66 2.27 13.62
CA GLY C 5 13.42 1.56 12.61
C GLY C 5 12.73 1.72 11.26
N PRO C 6 13.49 1.68 10.14
CA PRO C 6 12.92 1.83 8.82
C PRO C 6 12.01 0.63 8.50
N TRP C 7 12.63 -0.49 8.06
CA TRP C 7 11.99 -1.77 7.70
C TRP C 7 12.63 -2.36 6.46
N THR C 8 13.46 -3.41 6.64
CA THR C 8 14.03 -4.18 5.53
C THR C 8 15.08 -5.16 6.03
N LYS C 9 15.11 -6.32 5.36
CA LYS C 9 15.99 -7.43 5.66
C LYS C 9 15.49 -8.10 6.91
N GLU C 10 15.05 -9.33 6.71
CA GLU C 10 14.44 -10.13 7.73
C GLU C 10 13.16 -9.46 8.22
N GLU C 11 12.62 -8.57 7.37
CA GLU C 11 11.36 -7.91 7.57
C GLU C 11 10.56 -8.10 6.27
N ASP C 12 11.15 -7.67 5.14
CA ASP C 12 10.58 -7.87 3.81
C ASP C 12 10.21 -9.34 3.59
N GLN C 13 11.24 -10.18 3.49
CA GLN C 13 11.08 -11.61 3.24
C GLN C 13 10.60 -12.37 4.48
N ARG C 14 10.26 -11.66 5.56
CA ARG C 14 9.76 -12.28 6.77
C ARG C 14 8.25 -12.13 6.78
N VAL C 15 7.80 -10.87 6.72
CA VAL C 15 6.40 -10.54 6.66
C VAL C 15 5.77 -11.16 5.41
N ILE C 16 6.61 -11.41 4.38
CA ILE C 16 6.17 -12.00 3.14
C ILE C 16 5.43 -13.32 3.38
N LYS C 17 5.94 -14.14 4.31
CA LYS C 17 5.36 -15.43 4.62
C LYS C 17 4.11 -15.24 5.47
N LEU C 18 4.20 -14.35 6.45
CA LEU C 18 3.10 -14.10 7.37
C LEU C 18 1.85 -13.67 6.62
N VAL C 19 2.00 -12.80 5.61
CA VAL C 19 0.86 -12.31 4.85
C VAL C 19 0.20 -13.47 4.09
N GLN C 20 1.02 -14.30 3.46
CA GLN C 20 0.51 -15.44 2.70
C GLN C 20 -0.09 -16.50 3.62
N LYS C 21 0.38 -16.57 4.87
CA LYS C 21 -0.08 -17.57 5.83
C LYS C 21 -1.43 -17.18 6.43
N TYR C 22 -1.51 -15.99 7.00
CA TYR C 22 -2.72 -15.53 7.68
C TYR C 22 -3.60 -14.73 6.71
N GLY C 23 -3.01 -13.71 6.08
CA GLY C 23 -3.73 -12.84 5.17
C GLY C 23 -3.47 -11.38 5.57
N PRO C 24 -3.34 -10.46 4.58
CA PRO C 24 -3.08 -9.06 4.85
C PRO C 24 -4.37 -8.38 5.33
N LYS C 25 -4.81 -8.69 6.56
CA LYS C 25 -6.03 -8.11 7.11
C LYS C 25 -6.13 -8.36 8.61
N ARG C 26 -5.04 -8.15 9.34
CA ARG C 26 -5.02 -8.32 10.78
C ARG C 26 -3.97 -7.39 11.35
N TRP C 27 -2.78 -7.37 10.70
CA TRP C 27 -1.66 -6.50 11.08
C TRP C 27 -1.40 -6.49 12.58
N SER C 28 -1.91 -7.51 13.27
CA SER C 28 -1.72 -7.67 14.70
C SER C 28 -1.05 -9.02 14.92
N VAL C 29 -1.67 -10.08 14.40
CA VAL C 29 -1.11 -11.42 14.47
C VAL C 29 0.19 -11.41 13.67
N ILE C 30 0.12 -10.89 12.43
CA ILE C 30 1.29 -10.77 11.57
C ILE C 30 2.42 -10.12 12.36
N ALA C 31 2.13 -8.94 12.87
CA ALA C 31 3.07 -8.16 13.64
C ALA C 31 3.61 -8.98 14.83
N LYS C 32 2.73 -9.73 15.51
CA LYS C 32 3.09 -10.51 16.69
C LYS C 32 4.39 -11.32 16.51
N HIS C 33 4.65 -11.82 15.30
CA HIS C 33 5.81 -12.67 15.07
C HIS C 33 7.07 -11.85 14.86
N LEU C 34 6.95 -10.60 14.38
CA LEU C 34 8.12 -9.76 14.19
C LEU C 34 8.62 -9.25 15.54
N LYS C 35 7.76 -9.36 16.54
CA LYS C 35 8.06 -9.00 17.94
C LYS C 35 8.37 -7.50 18.15
N GLY C 36 9.52 -7.02 17.64
CA GLY C 36 9.98 -5.64 17.86
C GLY C 36 9.38 -4.73 16.82
N ARG C 37 8.09 -4.89 16.60
CA ARG C 37 7.34 -4.12 15.63
C ARG C 37 6.16 -3.36 16.27
N ILE C 38 5.35 -2.75 15.40
CA ILE C 38 4.11 -2.09 15.80
C ILE C 38 3.07 -2.52 14.77
N GLY C 39 1.86 -2.83 15.21
CA GLY C 39 0.80 -3.29 14.35
C GLY C 39 0.72 -2.55 13.01
N LYS C 40 0.81 -1.22 13.03
CA LYS C 40 0.66 -0.43 11.80
C LYS C 40 1.91 -0.46 10.91
N GLN C 41 3.09 -0.79 11.47
CA GLN C 41 4.31 -0.81 10.67
C GLN C 41 4.19 -1.85 9.56
N CYS C 42 3.74 -3.05 9.90
CA CYS C 42 3.57 -4.13 8.93
C CYS C 42 2.60 -3.68 7.83
N ARG C 43 1.49 -3.05 8.23
CA ARG C 43 0.47 -2.59 7.31
C ARG C 43 1.07 -1.61 6.30
N GLU C 44 1.68 -0.52 6.78
CA GLU C 44 2.24 0.50 5.90
C GLU C 44 3.34 -0.09 5.01
N ARG C 45 4.24 -0.89 5.60
CA ARG C 45 5.33 -1.52 4.86
C ARG C 45 4.78 -2.30 3.67
N TRP C 46 3.67 -3.01 3.90
CA TRP C 46 3.09 -3.86 2.88
C TRP C 46 2.29 -3.05 1.85
N HIS C 47 1.31 -2.26 2.31
CA HIS C 47 0.44 -1.52 1.43
C HIS C 47 1.15 -0.32 0.80
N ASN C 48 1.70 -0.55 -0.41
CA ASN C 48 2.38 0.47 -1.20
C ASN C 48 2.59 -0.12 -2.60
N HIS C 49 3.70 -0.84 -2.79
CA HIS C 49 4.02 -1.50 -4.06
C HIS C 49 4.99 -2.66 -3.77
N LEU C 50 5.04 -3.10 -2.51
CA LEU C 50 5.94 -4.14 -2.04
C LEU C 50 5.26 -5.47 -2.23
N ASN C 51 4.11 -5.58 -1.61
CA ASN C 51 3.28 -6.74 -1.62
C ASN C 51 3.18 -7.34 -3.03
N PRO C 52 3.60 -8.61 -3.22
CA PRO C 52 3.45 -9.29 -4.48
C PRO C 52 1.96 -9.53 -4.77
N GLU C 53 1.11 -9.25 -3.75
CA GLU C 53 -0.32 -9.41 -3.86
C GLU C 53 -0.84 -8.61 -5.07
N VAL C 54 -0.35 -7.37 -5.25
CA VAL C 54 -0.73 -6.55 -6.41
C VAL C 54 0.21 -6.92 -7.57
N LYS C 55 0.65 -5.93 -8.33
CA LYS C 55 1.55 -6.16 -9.45
C LYS C 55 2.55 -5.01 -9.53
N LYS C 56 3.83 -5.35 -9.69
CA LYS C 56 4.90 -4.36 -9.75
C LYS C 56 4.76 -3.47 -10.98
N THR C 57 3.92 -3.85 -11.96
CA THR C 57 3.71 -3.04 -13.16
C THR C 57 3.25 -1.64 -12.74
N SER C 58 2.53 -1.57 -11.60
CA SER C 58 2.08 -0.31 -11.05
C SER C 58 1.20 0.47 -12.05
N TRP C 59 1.30 1.80 -11.99
CA TRP C 59 0.52 2.69 -12.83
C TRP C 59 1.21 2.89 -14.18
N THR C 60 0.43 3.07 -15.25
CA THR C 60 1.00 3.29 -16.57
C THR C 60 -0.07 3.83 -17.53
N GLU C 61 -1.24 3.18 -17.61
CA GLU C 61 -2.31 3.63 -18.50
C GLU C 61 -3.64 2.97 -18.14
N GLU C 62 -3.62 1.69 -17.75
CA GLU C 62 -4.83 0.97 -17.43
C GLU C 62 -5.25 1.23 -15.97
N GLU C 63 -4.27 1.57 -15.11
CA GLU C 63 -4.53 1.91 -13.71
C GLU C 63 -4.50 3.44 -13.55
N ASP C 64 -3.60 4.10 -14.27
CA ASP C 64 -3.48 5.56 -14.21
C ASP C 64 -4.81 6.21 -14.59
N ARG C 65 -5.54 5.60 -15.53
CA ARG C 65 -6.79 6.13 -16.00
C ARG C 65 -7.84 6.10 -14.89
N ILE C 66 -7.67 5.19 -13.92
CA ILE C 66 -8.60 5.09 -12.83
C ILE C 66 -8.59 6.39 -12.04
N ILE C 67 -7.39 6.82 -11.64
CA ILE C 67 -7.26 8.07 -10.90
C ILE C 67 -7.61 9.25 -11.81
N TYR C 68 -7.06 9.28 -13.02
CA TYR C 68 -7.28 10.38 -13.96
C TYR C 68 -8.75 10.83 -13.96
N GLN C 69 -9.68 9.87 -13.88
CA GLN C 69 -11.11 10.15 -13.88
C GLN C 69 -11.65 10.28 -12.47
N ALA C 70 -11.46 9.24 -11.66
CA ALA C 70 -11.97 9.22 -10.30
C ALA C 70 -11.57 10.49 -9.55
N HIS C 71 -10.28 10.85 -9.60
CA HIS C 71 -9.77 12.04 -8.91
C HIS C 71 -10.45 13.30 -9.43
N LYS C 72 -10.81 13.31 -10.72
CA LYS C 72 -11.46 14.47 -11.32
C LYS C 72 -12.72 14.84 -10.57
N ARG C 73 -13.38 13.86 -9.94
CA ARG C 73 -14.63 14.09 -9.20
C ARG C 73 -14.42 13.97 -7.69
N LEU C 74 -13.58 13.02 -7.26
CA LEU C 74 -13.36 12.76 -5.84
C LEU C 74 -12.36 13.76 -5.25
N GLY C 75 -11.31 14.09 -6.01
CA GLY C 75 -10.35 15.09 -5.59
C GLY C 75 -9.37 14.47 -4.63
N ASN C 76 -9.69 14.47 -3.34
CA ASN C 76 -8.82 13.90 -2.34
C ASN C 76 -9.56 12.84 -1.52
N ARG C 77 -10.61 12.25 -2.10
CA ARG C 77 -11.35 11.20 -1.43
C ARG C 77 -10.77 9.88 -1.92
N TRP C 78 -9.52 9.64 -1.54
CA TRP C 78 -8.80 8.43 -1.90
C TRP C 78 -9.54 7.22 -1.38
N ALA C 79 -10.46 7.42 -0.44
CA ALA C 79 -11.24 6.34 0.13
C ALA C 79 -12.14 5.74 -0.94
N GLU C 80 -12.71 6.58 -1.81
CA GLU C 80 -13.64 6.11 -2.82
C GLU C 80 -12.84 5.54 -3.97
N ILE C 81 -11.81 6.27 -4.42
CA ILE C 81 -10.96 5.80 -5.50
C ILE C 81 -10.34 4.45 -5.09
N ALA C 82 -9.90 4.34 -3.82
CA ALA C 82 -9.28 3.11 -3.32
C ALA C 82 -10.27 1.96 -3.34
N LYS C 83 -11.55 2.22 -3.04
CA LYS C 83 -12.57 1.17 -3.06
C LYS C 83 -12.68 0.61 -4.48
N LEU C 84 -12.50 1.47 -5.49
CA LEU C 84 -12.56 1.06 -6.89
C LEU C 84 -11.24 0.36 -7.26
N LEU C 85 -10.19 0.55 -6.46
CA LEU C 85 -8.88 -0.07 -6.69
C LEU C 85 -8.48 -0.84 -5.41
N PRO C 86 -9.10 -2.01 -5.16
CA PRO C 86 -8.86 -2.79 -3.96
C PRO C 86 -7.37 -3.11 -3.79
N GLY C 87 -6.71 -3.58 -4.84
CA GLY C 87 -5.30 -3.92 -4.77
C GLY C 87 -4.47 -2.70 -4.35
N ARG C 88 -4.54 -1.64 -5.16
CA ARG C 88 -3.80 -0.42 -4.89
C ARG C 88 -4.64 0.52 -4.03
N THR C 89 -4.75 0.21 -2.74
CA THR C 89 -5.54 1.00 -1.79
C THR C 89 -4.65 2.01 -1.06
N ASP C 90 -5.30 3.02 -0.45
CA ASP C 90 -4.64 4.06 0.33
C ASP C 90 -3.33 4.55 -0.31
N ASN C 91 -2.18 4.19 0.29
CA ASN C 91 -0.86 4.65 -0.12
C ASN C 91 -0.63 4.51 -1.62
N ALA C 92 -1.02 3.39 -2.22
CA ALA C 92 -0.77 3.15 -3.64
C ALA C 92 -1.41 4.26 -4.49
N ILE C 93 -2.75 4.32 -4.49
CA ILE C 93 -3.47 5.28 -5.31
C ILE C 93 -3.12 6.72 -4.88
N LYS C 94 -3.09 6.96 -3.58
CA LYS C 94 -2.77 8.27 -3.04
C LYS C 94 -1.34 8.68 -3.41
N ASN C 95 -0.34 8.03 -2.83
CA ASN C 95 1.06 8.41 -3.04
C ASN C 95 1.37 8.55 -4.52
N HIS C 96 0.76 7.70 -5.35
CA HIS C 96 0.96 7.77 -6.78
C HIS C 96 0.64 9.19 -7.26
N TRP C 97 -0.54 9.68 -6.93
CA TRP C 97 -0.93 11.01 -7.35
C TRP C 97 -0.06 12.05 -6.67
N ASN C 98 0.07 11.90 -5.38
CA ASN C 98 0.76 12.85 -4.53
C ASN C 98 2.30 12.71 -4.62
N SER C 99 2.86 12.19 -5.73
CA SER C 99 4.31 12.07 -5.85
C SER C 99 4.71 11.83 -7.30
N THR C 100 3.92 11.01 -8.00
CA THR C 100 4.19 10.69 -9.37
C THR C 100 3.74 11.85 -10.25
N MET C 101 2.58 12.43 -9.93
CA MET C 101 2.05 13.56 -10.66
C MET C 101 2.69 14.85 -10.13
N ARG C 102 2.08 15.48 -9.10
CA ARG C 102 2.61 16.69 -8.50
C ARG C 102 2.35 16.66 -7.00
N ARG C 103 1.07 16.76 -6.62
CA ARG C 103 0.66 16.76 -5.22
C ARG C 103 -0.84 16.51 -5.17
N LYS C 104 -1.62 17.41 -5.76
CA LYS C 104 -3.07 17.28 -5.81
C LYS C 104 -3.60 17.93 -7.11
N VAL C 105 -2.69 18.18 -8.06
CA VAL C 105 -3.02 18.83 -9.33
C VAL C 105 -3.87 20.09 -9.08
N MET C 1 12.70 -0.44 19.73
CA MET C 1 14.00 0.11 19.32
C MET C 1 13.95 0.52 17.84
N LEU C 2 14.25 -0.43 16.94
CA LEU C 2 14.22 -0.16 15.51
C LEU C 2 12.77 0.01 15.05
N ILE C 3 12.37 1.26 14.80
CA ILE C 3 11.02 1.56 14.34
C ILE C 3 11.01 2.93 13.64
N LYS C 4 12.16 3.30 13.05
CA LYS C 4 12.32 4.58 12.36
C LYS C 4 13.11 4.37 11.06
N GLY C 5 14.08 3.44 11.08
CA GLY C 5 14.91 3.16 9.92
C GLY C 5 14.07 2.41 8.86
N PRO C 6 14.57 2.35 7.62
CA PRO C 6 13.88 1.69 6.52
C PRO C 6 13.71 0.20 6.80
N TRP C 7 12.79 -0.44 6.06
CA TRP C 7 12.52 -1.87 6.19
C TRP C 7 13.57 -2.66 5.39
N THR C 8 13.35 -3.97 5.23
CA THR C 8 14.30 -4.82 4.53
C THR C 8 13.58 -5.98 3.80
N LYS C 9 14.38 -6.78 3.08
CA LYS C 9 13.88 -7.92 2.33
C LYS C 9 13.36 -8.99 3.30
N GLU C 10 14.00 -9.09 4.47
CA GLU C 10 13.63 -10.06 5.49
C GLU C 10 12.53 -9.47 6.36
N GLU C 11 11.59 -8.81 5.71
CA GLU C 11 10.42 -8.23 6.33
C GLU C 11 9.34 -8.11 5.25
N ASP C 12 9.75 -7.59 4.09
CA ASP C 12 8.86 -7.42 2.94
C ASP C 12 8.35 -8.78 2.44
N GLN C 13 9.22 -9.81 2.37
CA GLN C 13 8.83 -11.14 1.87
C GLN C 13 8.34 -11.99 3.03
N ARG C 14 8.13 -11.36 4.17
CA ARG C 14 7.64 -12.00 5.34
C ARG C 14 6.20 -11.59 5.50
N VAL C 15 5.94 -10.27 5.44
CA VAL C 15 4.59 -9.75 5.37
C VAL C 15 4.19 -9.90 3.91
N ILE C 16 4.13 -11.14 3.44
CA ILE C 16 3.78 -11.45 2.07
C ILE C 16 3.08 -12.80 2.04
N LYS C 17 3.63 -13.77 2.77
CA LYS C 17 3.05 -15.11 2.87
C LYS C 17 2.24 -15.21 4.16
N LEU C 18 2.65 -14.44 5.18
CA LEU C 18 1.94 -14.40 6.44
C LEU C 18 0.54 -13.84 6.19
N VAL C 19 0.39 -12.97 5.18
CA VAL C 19 -0.90 -12.39 4.86
C VAL C 19 -1.74 -13.44 4.13
N GLN C 20 -1.11 -14.22 3.26
CA GLN C 20 -1.81 -15.28 2.55
C GLN C 20 -2.26 -16.36 3.54
N LYS C 21 -1.80 -16.28 4.80
CA LYS C 21 -2.14 -17.23 5.84
C LYS C 21 -3.15 -16.62 6.84
N TYR C 22 -2.97 -15.33 7.18
CA TYR C 22 -3.83 -14.65 8.16
C TYR C 22 -4.71 -13.58 7.51
N GLY C 23 -4.14 -12.81 6.58
CA GLY C 23 -4.88 -11.75 5.90
C GLY C 23 -4.68 -10.42 6.64
N PRO C 24 -5.15 -9.30 6.04
CA PRO C 24 -5.04 -7.99 6.65
C PRO C 24 -5.82 -7.96 7.97
N LYS C 25 -5.59 -6.92 8.79
CA LYS C 25 -6.23 -6.77 10.09
C LYS C 25 -5.59 -7.77 11.05
N ARG C 26 -5.52 -7.38 12.32
CA ARG C 26 -4.93 -8.18 13.39
C ARG C 26 -3.42 -8.07 13.30
N TRP C 27 -2.97 -6.90 12.87
CA TRP C 27 -1.56 -6.59 12.75
C TRP C 27 -0.90 -6.69 14.12
N SER C 28 -1.68 -6.58 15.19
CA SER C 28 -1.15 -6.71 16.54
C SER C 28 -0.62 -8.13 16.76
N VAL C 29 -1.19 -9.12 16.03
CA VAL C 29 -0.76 -10.51 16.14
C VAL C 29 0.38 -10.76 15.15
N ILE C 30 0.27 -10.23 13.93
CA ILE C 30 1.32 -10.40 12.94
C ILE C 30 2.59 -9.71 13.44
N ALA C 31 2.40 -8.63 14.21
CA ALA C 31 3.50 -7.92 14.82
C ALA C 31 4.30 -8.87 15.70
N LYS C 32 3.65 -9.95 16.17
CA LYS C 32 4.29 -10.95 17.01
C LYS C 32 5.31 -11.76 16.19
N HIS C 33 5.15 -11.82 14.85
CA HIS C 33 6.07 -12.58 14.02
C HIS C 33 7.30 -11.74 13.70
N LEU C 34 7.07 -10.50 13.25
CA LEU C 34 8.16 -9.60 12.93
C LEU C 34 8.76 -9.04 14.22
N LYS C 35 7.97 -9.10 15.28
CA LYS C 35 8.34 -8.70 16.64
C LYS C 35 8.67 -7.21 16.79
N GLY C 36 9.71 -6.71 16.13
CA GLY C 36 10.14 -5.34 16.28
C GLY C 36 9.17 -4.38 15.62
N ARG C 37 8.32 -4.91 14.74
CA ARG C 37 7.34 -4.09 14.05
C ARG C 37 6.08 -4.02 14.89
N ILE C 38 5.80 -2.83 15.49
CA ILE C 38 4.67 -2.65 16.41
C ILE C 38 3.33 -2.50 15.68
N GLY C 39 3.03 -3.37 14.71
CA GLY C 39 1.74 -3.37 14.03
C GLY C 39 1.65 -2.28 12.96
N LYS C 40 2.00 -1.04 13.32
CA LYS C 40 1.91 0.09 12.40
C LYS C 40 2.83 -0.15 11.22
N GLN C 41 4.04 -0.63 11.50
CA GLN C 41 5.06 -0.87 10.49
C GLN C 41 4.66 -1.98 9.52
N CYS C 42 4.34 -3.17 10.05
CA CYS C 42 3.96 -4.30 9.20
C CYS C 42 2.76 -3.94 8.34
N ARG C 43 1.85 -3.15 8.89
CA ARG C 43 0.69 -2.69 8.15
C ARG C 43 1.16 -1.71 7.07
N GLU C 44 2.07 -0.78 7.45
CA GLU C 44 2.58 0.23 6.52
C GLU C 44 3.14 -0.43 5.26
N ARG C 45 4.06 -1.41 5.42
CA ARG C 45 4.65 -2.06 4.27
C ARG C 45 3.55 -2.62 3.38
N TRP C 46 2.65 -3.39 3.99
CA TRP C 46 1.58 -4.02 3.26
C TRP C 46 0.73 -2.99 2.54
N HIS C 47 0.04 -2.13 3.28
CA HIS C 47 -0.80 -1.12 2.70
C HIS C 47 0.07 0.02 2.17
N ASN C 48 0.68 -0.23 1.00
CA ASN C 48 1.54 0.73 0.34
C ASN C 48 1.79 0.26 -1.08
N HIS C 49 2.50 -0.87 -1.23
CA HIS C 49 2.82 -1.43 -2.53
C HIS C 49 3.04 -2.95 -2.40
N LEU C 50 1.98 -3.67 -1.98
CA LEU C 50 2.05 -5.13 -1.83
C LEU C 50 0.66 -5.72 -2.06
N ASN C 51 -0.03 -6.13 -0.98
CA ASN C 51 -1.38 -6.70 -1.04
C ASN C 51 -1.40 -7.93 -1.99
N PRO C 52 -1.89 -7.90 -3.27
CA PRO C 52 -1.80 -9.08 -4.13
C PRO C 52 -0.35 -9.22 -4.65
N GLU C 53 0.63 -9.21 -3.71
CA GLU C 53 2.04 -9.30 -4.02
C GLU C 53 2.46 -8.22 -5.04
N VAL C 54 1.60 -7.16 -5.16
CA VAL C 54 1.82 -5.99 -6.00
C VAL C 54 1.80 -6.31 -7.49
N LYS C 55 1.32 -5.31 -8.23
CA LYS C 55 1.29 -5.33 -9.68
C LYS C 55 2.21 -4.22 -10.18
N LYS C 56 3.16 -4.56 -11.06
CA LYS C 56 4.09 -3.56 -11.60
C LYS C 56 3.38 -2.74 -12.68
N THR C 57 4.15 -2.15 -13.61
CA THR C 57 3.59 -1.30 -14.65
C THR C 57 2.79 -0.19 -13.95
N SER C 58 3.50 0.54 -13.08
CA SER C 58 2.90 1.58 -12.27
C SER C 58 2.51 2.78 -13.10
N TRP C 59 1.23 2.82 -13.50
CA TRP C 59 0.64 3.91 -14.27
C TRP C 59 1.30 4.06 -15.64
N THR C 60 0.48 4.22 -16.71
CA THR C 60 1.02 4.34 -18.06
C THR C 60 0.12 5.25 -18.89
N GLU C 61 -1.09 4.79 -19.18
CA GLU C 61 -2.05 5.55 -19.97
C GLU C 61 -3.46 5.12 -19.59
N GLU C 62 -3.69 3.80 -19.52
CA GLU C 62 -4.99 3.25 -19.16
C GLU C 62 -5.18 3.30 -17.64
N GLU C 63 -4.13 2.96 -16.88
CA GLU C 63 -4.18 2.98 -15.42
C GLU C 63 -4.22 4.42 -14.91
N ASP C 64 -3.60 5.35 -15.67
CA ASP C 64 -3.59 6.76 -15.30
C ASP C 64 -5.03 7.31 -15.26
N ARG C 65 -5.92 6.64 -15.99
CA ARG C 65 -7.32 7.05 -16.07
C ARG C 65 -8.00 6.79 -14.75
N ILE C 66 -7.74 5.63 -14.14
CA ILE C 66 -8.33 5.27 -12.87
C ILE C 66 -8.11 6.39 -11.87
N ILE C 67 -6.94 7.02 -11.95
CA ILE C 67 -6.61 8.12 -11.06
C ILE C 67 -7.47 9.33 -11.38
N TYR C 68 -7.31 9.90 -12.57
CA TYR C 68 -8.07 11.06 -13.00
C TYR C 68 -9.57 10.87 -12.74
N GLN C 69 -10.15 9.80 -13.30
CA GLN C 69 -11.58 9.56 -13.19
C GLN C 69 -12.02 9.34 -11.74
N ALA C 70 -11.38 8.43 -11.02
CA ALA C 70 -11.78 8.16 -9.64
C ALA C 70 -11.59 9.40 -8.76
N HIS C 71 -10.41 10.02 -8.86
CA HIS C 71 -10.09 11.23 -8.09
C HIS C 71 -11.09 12.34 -8.39
N LYS C 72 -11.51 12.47 -9.65
CA LYS C 72 -12.46 13.51 -10.05
C LYS C 72 -13.77 13.38 -9.26
N ARG C 73 -14.06 12.20 -8.68
CA ARG C 73 -15.30 11.99 -7.93
C ARG C 73 -15.02 11.83 -6.44
N LEU C 74 -13.97 11.08 -6.10
CA LEU C 74 -13.64 10.77 -4.73
C LEU C 74 -12.77 11.85 -4.08
N GLY C 75 -11.98 12.58 -4.88
CA GLY C 75 -11.16 13.69 -4.38
C GLY C 75 -9.90 13.18 -3.71
N ASN C 76 -10.05 12.44 -2.61
CA ASN C 76 -8.91 11.89 -1.91
C ASN C 76 -9.33 10.66 -1.12
N ARG C 77 -10.34 9.93 -1.60
CA ARG C 77 -10.79 8.71 -0.95
C ARG C 77 -10.00 7.57 -1.56
N TRP C 78 -8.70 7.56 -1.29
CA TRP C 78 -7.78 6.56 -1.82
C TRP C 78 -8.24 5.17 -1.40
N ALA C 79 -9.11 5.09 -0.39
CA ALA C 79 -9.64 3.83 0.08
C ALA C 79 -10.61 3.25 -0.96
N GLU C 80 -11.44 4.11 -1.56
CA GLU C 80 -12.41 3.70 -2.54
C GLU C 80 -11.75 3.60 -3.90
N ILE C 81 -10.91 4.59 -4.24
CA ILE C 81 -10.19 4.57 -5.51
C ILE C 81 -9.41 3.25 -5.61
N ALA C 82 -8.65 2.93 -4.56
CA ALA C 82 -7.86 1.71 -4.52
C ALA C 82 -8.75 0.48 -4.68
N LYS C 83 -9.93 0.48 -4.02
CA LYS C 83 -10.85 -0.63 -4.11
C LYS C 83 -11.27 -0.84 -5.58
N LEU C 84 -11.36 0.26 -6.33
CA LEU C 84 -11.74 0.21 -7.73
C LEU C 84 -10.51 0.00 -8.63
N LEU C 85 -9.31 -0.12 -8.02
CA LEU C 85 -8.08 -0.31 -8.78
C LEU C 85 -7.25 -1.46 -8.16
N PRO C 86 -7.47 -2.70 -8.63
CA PRO C 86 -6.75 -3.85 -8.14
C PRO C 86 -5.26 -3.74 -8.47
N GLY C 87 -4.43 -4.56 -7.81
CA GLY C 87 -3.00 -4.55 -8.02
C GLY C 87 -2.36 -3.50 -7.13
N ARG C 88 -2.49 -2.23 -7.52
CA ARG C 88 -1.96 -1.12 -6.76
C ARG C 88 -3.04 -0.64 -5.78
N THR C 89 -3.10 -1.29 -4.62
CA THR C 89 -4.11 -1.01 -3.60
C THR C 89 -3.58 -0.03 -2.55
N ASP C 90 -4.47 0.44 -1.68
CA ASP C 90 -4.14 1.36 -0.60
C ASP C 90 -3.62 2.69 -1.13
N ASN C 91 -2.58 3.25 -0.51
CA ASN C 91 -2.04 4.53 -0.90
C ASN C 91 -1.20 4.44 -2.19
N ALA C 92 -1.19 3.27 -2.84
CA ALA C 92 -0.46 3.10 -4.10
C ALA C 92 -0.85 4.20 -5.07
N ILE C 93 -2.16 4.45 -5.16
CA ILE C 93 -2.72 5.47 -6.03
C ILE C 93 -2.50 6.87 -5.43
N LYS C 94 -2.47 6.96 -4.11
CA LYS C 94 -2.28 8.22 -3.42
C LYS C 94 -0.89 8.77 -3.71
N ASN C 95 0.17 8.01 -3.37
CA ASN C 95 1.54 8.47 -3.55
C ASN C 95 1.81 8.78 -5.02
N HIS C 96 1.00 8.20 -5.91
CA HIS C 96 1.14 8.45 -7.34
C HIS C 96 0.57 9.81 -7.70
N TRP C 97 -0.70 10.04 -7.37
CA TRP C 97 -1.37 11.28 -7.70
C TRP C 97 -0.52 12.47 -7.29
N ASN C 98 -0.33 12.62 -5.99
CA ASN C 98 0.44 13.73 -5.42
C ASN C 98 1.94 13.48 -5.57
N SER C 99 2.39 13.49 -6.83
CA SER C 99 3.79 13.29 -7.19
C SER C 99 3.91 13.45 -8.70
N THR C 100 3.04 12.76 -9.44
CA THR C 100 3.04 12.79 -10.89
C THR C 100 1.99 13.79 -11.41
N MET C 101 0.80 13.77 -10.80
CA MET C 101 -0.32 14.61 -11.22
C MET C 101 -0.58 15.76 -10.23
N ARG C 102 0.08 15.72 -9.06
CA ARG C 102 -0.05 16.74 -8.01
C ARG C 102 -1.51 16.82 -7.53
N ARG C 103 -2.28 17.77 -8.08
CA ARG C 103 -3.67 18.00 -7.72
C ARG C 103 -4.31 18.76 -8.87
N LYS C 104 -4.71 18.02 -9.92
CA LYS C 104 -5.27 18.62 -11.11
C LYS C 104 -4.20 19.49 -11.76
N VAL C 105 -3.03 18.89 -12.00
CA VAL C 105 -1.85 19.55 -12.58
C VAL C 105 -1.65 20.93 -11.93
N MET C 1 18.91 -1.27 15.38
CA MET C 1 18.73 -1.25 16.84
C MET C 1 17.39 -0.60 17.20
N LEU C 2 17.25 0.70 16.92
CA LEU C 2 16.01 1.41 17.20
C LEU C 2 14.95 0.98 16.19
N ILE C 3 13.70 0.89 16.65
CA ILE C 3 12.58 0.48 15.80
C ILE C 3 12.12 1.63 14.91
N LYS C 4 12.86 2.74 14.93
CA LYS C 4 12.55 3.92 14.13
C LYS C 4 13.25 3.83 12.78
N GLY C 5 14.13 2.82 12.60
CA GLY C 5 14.85 2.64 11.35
C GLY C 5 13.88 2.31 10.21
N PRO C 6 14.34 2.41 8.96
CA PRO C 6 13.52 2.13 7.79
C PRO C 6 13.03 0.69 7.80
N TRP C 7 12.12 0.40 6.88
CA TRP C 7 11.48 -0.90 6.77
C TRP C 7 12.02 -1.69 5.60
N THR C 8 12.92 -2.65 5.85
CA THR C 8 13.41 -3.53 4.80
C THR C 8 14.40 -4.52 5.35
N LYS C 9 14.34 -5.73 4.79
CA LYS C 9 15.19 -6.84 5.15
C LYS C 9 14.99 -7.24 6.60
N GLU C 10 14.36 -8.41 6.76
CA GLU C 10 14.02 -8.98 8.05
C GLU C 10 12.78 -8.28 8.62
N GLU C 11 12.11 -7.55 7.74
CA GLU C 11 10.88 -6.87 8.04
C GLU C 11 9.90 -7.25 6.93
N ASP C 12 10.20 -6.83 5.70
CA ASP C 12 9.39 -7.15 4.55
C ASP C 12 9.28 -8.66 4.33
N GLN C 13 10.39 -9.36 4.56
CA GLN C 13 10.53 -10.78 4.30
C GLN C 13 9.85 -11.58 5.40
N ARG C 14 9.35 -10.88 6.41
CA ARG C 14 8.62 -11.48 7.48
C ARG C 14 7.16 -11.47 7.05
N VAL C 15 6.73 -10.28 6.64
CA VAL C 15 5.39 -10.03 6.15
C VAL C 15 5.13 -10.85 4.88
N ILE C 16 6.16 -10.98 4.04
CA ILE C 16 6.04 -11.68 2.77
C ILE C 16 5.52 -13.11 2.96
N LYS C 17 5.84 -13.74 4.10
CA LYS C 17 5.40 -15.10 4.37
C LYS C 17 4.27 -15.10 5.39
N LEU C 18 4.29 -14.13 6.31
CA LEU C 18 3.25 -14.02 7.32
C LEU C 18 1.93 -13.64 6.68
N VAL C 19 1.95 -13.00 5.49
CA VAL C 19 0.70 -12.61 4.85
C VAL C 19 0.06 -13.82 4.20
N GLN C 20 0.90 -14.70 3.64
CA GLN C 20 0.42 -15.90 2.99
C GLN C 20 -0.13 -16.89 4.02
N LYS C 21 0.14 -16.67 5.32
CA LYS C 21 -0.31 -17.55 6.38
C LYS C 21 -1.46 -16.90 7.16
N TYR C 22 -1.28 -15.63 7.57
CA TYR C 22 -2.28 -14.93 8.38
C TYR C 22 -3.38 -14.34 7.49
N GLY C 23 -2.97 -13.71 6.39
CA GLY C 23 -3.89 -13.03 5.48
C GLY C 23 -3.80 -11.53 5.74
N PRO C 24 -4.40 -10.71 4.85
CA PRO C 24 -4.38 -9.26 4.98
C PRO C 24 -5.36 -8.79 6.08
N LYS C 25 -5.22 -9.32 7.30
CA LYS C 25 -6.09 -8.97 8.41
C LYS C 25 -5.53 -9.59 9.69
N ARG C 26 -4.48 -8.97 10.24
CA ARG C 26 -3.78 -9.43 11.45
C ARG C 26 -2.51 -8.58 11.62
N TRP C 27 -2.55 -7.37 11.06
CA TRP C 27 -1.43 -6.45 11.03
C TRP C 27 -0.91 -6.15 12.41
N SER C 28 -1.78 -6.03 13.39
CA SER C 28 -1.34 -5.74 14.75
C SER C 28 -0.56 -6.94 15.28
N VAL C 29 -1.02 -8.15 14.94
CA VAL C 29 -0.38 -9.37 15.38
C VAL C 29 0.94 -9.55 14.63
N ILE C 30 0.97 -9.21 13.34
CA ILE C 30 2.19 -9.29 12.57
C ILE C 30 3.23 -8.40 13.22
N ALA C 31 2.88 -7.12 13.35
CA ALA C 31 3.76 -6.13 13.96
C ALA C 31 4.32 -6.63 15.30
N LYS C 32 3.53 -7.40 16.07
CA LYS C 32 3.98 -7.92 17.36
C LYS C 32 5.25 -8.77 17.19
N HIS C 33 5.36 -9.55 16.10
CA HIS C 33 6.53 -10.40 15.89
C HIS C 33 7.66 -9.57 15.29
N LEU C 34 7.30 -8.43 14.68
CA LEU C 34 8.28 -7.52 14.15
C LEU C 34 8.81 -6.64 15.28
N LYS C 35 8.45 -7.03 16.51
CA LYS C 35 8.92 -6.36 17.73
C LYS C 35 8.14 -5.07 18.01
N GLY C 36 6.87 -5.06 17.65
CA GLY C 36 6.01 -3.93 17.89
C GLY C 36 6.24 -2.84 16.85
N ARG C 37 6.15 -3.22 15.57
CA ARG C 37 6.29 -2.27 14.46
C ARG C 37 4.99 -1.45 14.31
N ILE C 38 4.57 -0.82 15.43
CA ILE C 38 3.38 0.02 15.50
C ILE C 38 2.10 -0.79 15.33
N GLY C 39 1.88 -1.36 14.14
CA GLY C 39 0.67 -2.11 13.84
C GLY C 39 0.11 -1.68 12.49
N LYS C 40 0.28 -0.39 12.17
CA LYS C 40 -0.20 0.17 10.92
C LYS C 40 0.92 0.19 9.89
N GLN C 41 2.18 0.20 10.36
CA GLN C 41 3.31 0.26 9.47
C GLN C 41 3.34 -0.95 8.55
N CYS C 42 3.29 -2.15 9.13
CA CYS C 42 3.29 -3.38 8.36
C CYS C 42 2.14 -3.40 7.34
N ARG C 43 1.06 -2.63 7.59
CA ARG C 43 -0.08 -2.59 6.68
C ARG C 43 0.16 -1.61 5.54
N GLU C 44 0.44 -0.34 5.86
CA GLU C 44 0.64 0.68 4.82
C GLU C 44 1.85 0.34 3.95
N ARG C 45 2.82 -0.39 4.53
CA ARG C 45 3.99 -0.84 3.79
C ARG C 45 3.55 -1.81 2.69
N TRP C 46 2.59 -2.67 3.04
CA TRP C 46 2.11 -3.71 2.15
C TRP C 46 1.10 -3.20 1.14
N HIS C 47 0.05 -2.53 1.62
CA HIS C 47 -1.05 -2.07 0.79
C HIS C 47 -0.63 -1.00 -0.19
N ASN C 48 -0.19 -1.45 -1.36
CA ASN C 48 0.20 -0.61 -2.48
C ASN C 48 0.47 -1.54 -3.65
N HIS C 49 1.60 -2.24 -3.61
CA HIS C 49 1.97 -3.23 -4.61
C HIS C 49 3.29 -3.89 -4.17
N LEU C 50 3.52 -3.96 -2.85
CA LEU C 50 4.70 -4.60 -2.28
C LEU C 50 4.51 -6.10 -2.41
N ASN C 51 3.30 -6.54 -2.06
CA ASN C 51 2.92 -7.93 -2.14
C ASN C 51 3.27 -8.51 -3.50
N PRO C 52 4.01 -9.65 -3.55
CA PRO C 52 4.31 -10.31 -4.79
C PRO C 52 3.00 -10.75 -5.44
N GLU C 53 1.95 -10.85 -4.60
CA GLU C 53 0.62 -11.20 -5.04
C GLU C 53 0.12 -10.14 -6.04
N VAL C 54 0.61 -8.89 -5.90
CA VAL C 54 0.24 -7.79 -6.79
C VAL C 54 1.42 -7.50 -7.72
N LYS C 55 1.32 -8.00 -8.94
CA LYS C 55 2.34 -7.80 -9.96
C LYS C 55 1.82 -6.79 -10.98
N LYS C 56 1.59 -5.56 -10.54
CA LYS C 56 1.09 -4.49 -11.39
C LYS C 56 2.24 -3.85 -12.16
N THR C 57 1.93 -3.20 -13.28
CA THR C 57 2.94 -2.53 -14.10
C THR C 57 3.34 -1.20 -13.45
N SER C 58 2.79 -0.08 -13.96
CA SER C 58 3.10 1.24 -13.42
C SER C 58 2.18 2.27 -14.06
N TRP C 59 2.04 3.43 -13.41
CA TRP C 59 1.21 4.51 -13.91
C TRP C 59 1.62 4.85 -15.33
N THR C 60 0.73 4.57 -16.30
CA THR C 60 1.03 4.75 -17.72
C THR C 60 -0.25 5.11 -18.47
N GLU C 61 -1.05 6.01 -17.90
CA GLU C 61 -2.32 6.44 -18.48
C GLU C 61 -3.36 5.38 -18.20
N GLU C 62 -2.98 4.11 -18.38
CA GLU C 62 -3.88 2.99 -18.15
C GLU C 62 -4.30 2.92 -16.69
N GLU C 63 -3.43 3.40 -15.79
CA GLU C 63 -3.74 3.42 -14.36
C GLU C 63 -4.07 4.86 -13.93
N ASP C 64 -3.35 5.85 -14.48
CA ASP C 64 -3.61 7.26 -14.18
C ASP C 64 -5.05 7.61 -14.55
N ARG C 65 -5.62 6.93 -15.55
CA ARG C 65 -6.99 7.22 -15.97
C ARG C 65 -7.94 6.89 -14.82
N ILE C 66 -7.53 5.96 -13.94
CA ILE C 66 -8.34 5.57 -12.80
C ILE C 66 -8.40 6.72 -11.83
N ILE C 67 -7.23 7.23 -11.44
CA ILE C 67 -7.16 8.32 -10.49
C ILE C 67 -7.76 9.58 -11.10
N TYR C 68 -7.51 9.86 -12.37
CA TYR C 68 -8.01 11.06 -13.01
C TYR C 68 -9.52 11.20 -12.83
N GLN C 69 -10.29 10.20 -13.26
CA GLN C 69 -11.75 10.27 -13.21
C GLN C 69 -12.28 10.07 -11.80
N ALA C 70 -11.67 9.17 -11.05
CA ALA C 70 -12.12 8.89 -9.70
C ALA C 70 -11.78 10.08 -8.80
N HIS C 71 -10.71 10.81 -9.12
CA HIS C 71 -10.27 11.98 -8.36
C HIS C 71 -11.19 13.15 -8.65
N LYS C 72 -11.70 13.20 -9.89
CA LYS C 72 -12.60 14.25 -10.32
C LYS C 72 -13.89 14.22 -9.50
N ARG C 73 -14.14 13.10 -8.77
CA ARG C 73 -15.33 12.95 -7.94
C ARG C 73 -14.95 12.85 -6.46
N LEU C 74 -13.92 12.07 -6.16
CA LEU C 74 -13.49 11.85 -4.77
C LEU C 74 -12.62 13.00 -4.27
N GLY C 75 -11.68 13.47 -5.09
CA GLY C 75 -10.82 14.60 -4.71
C GLY C 75 -9.65 14.13 -3.85
N ASN C 76 -9.93 13.55 -2.69
CA ASN C 76 -8.88 13.07 -1.80
C ASN C 76 -9.37 11.90 -0.95
N ARG C 77 -10.36 11.15 -1.43
CA ARG C 77 -10.85 9.97 -0.73
C ARG C 77 -10.29 8.76 -1.43
N TRP C 78 -9.02 8.51 -1.13
CA TRP C 78 -8.25 7.43 -1.72
C TRP C 78 -8.81 6.09 -1.26
N ALA C 79 -9.69 6.12 -0.25
CA ALA C 79 -10.32 4.92 0.27
C ALA C 79 -11.20 4.29 -0.81
N GLU C 80 -11.92 5.11 -1.57
CA GLU C 80 -12.82 4.62 -2.61
C GLU C 80 -11.99 4.37 -3.87
N ILE C 81 -11.18 5.37 -4.24
CA ILE C 81 -10.29 5.25 -5.40
C ILE C 81 -9.57 3.88 -5.36
N ALA C 82 -9.09 3.51 -4.17
CA ALA C 82 -8.38 2.25 -3.95
C ALA C 82 -9.27 1.05 -4.27
N LYS C 83 -10.48 1.02 -3.70
CA LYS C 83 -11.41 -0.09 -3.92
C LYS C 83 -11.75 -0.18 -5.41
N LEU C 84 -11.80 0.97 -6.08
CA LEU C 84 -12.10 1.02 -7.51
C LEU C 84 -10.85 0.68 -8.33
N LEU C 85 -9.70 0.43 -7.67
CA LEU C 85 -8.46 0.10 -8.34
C LEU C 85 -7.88 -1.22 -7.79
N PRO C 86 -8.27 -2.36 -8.36
CA PRO C 86 -7.76 -3.65 -7.93
C PRO C 86 -6.26 -3.75 -8.27
N GLY C 87 -5.42 -3.64 -7.24
CA GLY C 87 -3.97 -3.72 -7.40
C GLY C 87 -3.31 -2.58 -6.63
N ARG C 88 -3.28 -1.38 -7.23
CA ARG C 88 -2.68 -0.22 -6.59
C ARG C 88 -3.67 0.39 -5.62
N THR C 89 -3.62 -0.08 -4.36
CA THR C 89 -4.53 0.36 -3.31
C THR C 89 -3.88 1.41 -2.40
N ASP C 90 -4.75 2.16 -1.71
CA ASP C 90 -4.39 3.21 -0.75
C ASP C 90 -3.05 3.89 -1.07
N ASN C 91 -2.01 3.55 -0.28
CA ASN C 91 -0.68 4.16 -0.39
C ASN C 91 -0.20 4.30 -1.84
N ALA C 92 -0.48 3.31 -2.70
CA ALA C 92 -0.02 3.34 -4.08
C ALA C 92 -0.53 4.58 -4.81
N ILE C 93 -1.81 4.56 -5.15
CA ILE C 93 -2.45 5.63 -5.91
C ILE C 93 -2.39 6.95 -5.15
N LYS C 94 -2.45 6.89 -3.83
CA LYS C 94 -2.39 8.06 -2.98
C LYS C 94 -1.04 8.76 -3.12
N ASN C 95 0.06 8.07 -2.82
CA ASN C 95 1.39 8.69 -2.83
C ASN C 95 1.74 9.09 -4.25
N HIS C 96 1.33 8.26 -5.22
CA HIS C 96 1.62 8.49 -6.62
C HIS C 96 1.18 9.89 -7.04
N TRP C 97 -0.10 10.22 -6.82
CA TRP C 97 -0.65 11.48 -7.26
C TRP C 97 0.20 12.65 -6.76
N ASN C 98 0.32 12.73 -5.44
CA ASN C 98 1.06 13.80 -4.77
C ASN C 98 2.58 13.63 -4.94
N SER C 99 3.01 12.71 -5.81
CA SER C 99 4.44 12.50 -6.04
C SER C 99 4.70 12.18 -7.51
N THR C 100 3.78 12.63 -8.38
CA THR C 100 3.88 12.42 -9.81
C THR C 100 3.23 13.61 -10.52
N MET C 101 2.09 14.06 -9.98
CA MET C 101 1.37 15.19 -10.51
C MET C 101 1.66 16.43 -9.66
N ARG C 102 0.69 16.88 -8.84
CA ARG C 102 0.86 18.04 -7.98
C ARG C 102 0.21 17.76 -6.62
N ARG C 103 -1.12 17.90 -6.55
CA ARG C 103 -1.84 17.68 -5.30
C ARG C 103 -3.33 17.44 -5.58
N LYS C 104 -3.94 18.27 -6.43
CA LYS C 104 -5.35 18.14 -6.74
C LYS C 104 -5.67 18.88 -8.03
N VAL C 105 -5.31 18.28 -9.16
CA VAL C 105 -5.58 18.83 -10.48
C VAL C 105 -7.10 18.99 -10.66
N MET C 1 10.75 -1.18 21.39
CA MET C 1 11.82 -0.24 21.00
C MET C 1 11.27 0.78 20.02
N LEU C 2 11.65 2.05 20.19
CA LEU C 2 11.19 3.14 19.34
C LEU C 2 11.92 3.07 17.99
N ILE C 3 11.52 2.13 17.14
CA ILE C 3 12.13 1.97 15.82
C ILE C 3 11.58 3.02 14.87
N LYS C 4 11.98 4.26 15.11
CA LYS C 4 11.56 5.39 14.28
C LYS C 4 12.46 5.48 13.05
N GLY C 5 12.32 4.50 12.15
CA GLY C 5 13.12 4.46 10.92
C GLY C 5 12.45 3.54 9.91
N PRO C 6 12.89 3.61 8.64
CA PRO C 6 12.34 2.80 7.57
C PRO C 6 12.61 1.31 7.79
N TRP C 7 11.88 0.47 7.04
CA TRP C 7 12.03 -0.98 7.13
C TRP C 7 13.26 -1.43 6.35
N THR C 8 13.42 -2.75 6.23
CA THR C 8 14.54 -3.35 5.51
C THR C 8 13.98 -4.43 4.57
N LYS C 9 14.76 -4.82 3.56
CA LYS C 9 14.34 -5.85 2.61
C LYS C 9 14.48 -7.25 3.24
N GLU C 10 14.23 -7.33 4.55
CA GLU C 10 14.30 -8.57 5.31
C GLU C 10 13.14 -8.59 6.30
N GLU C 11 12.14 -7.73 6.07
CA GLU C 11 10.93 -7.67 6.89
C GLU C 11 9.74 -7.85 5.97
N ASP C 12 9.74 -7.15 4.82
CA ASP C 12 8.73 -7.34 3.80
C ASP C 12 8.60 -8.82 3.43
N GLN C 13 9.74 -9.53 3.42
CA GLN C 13 9.81 -10.93 2.99
C GLN C 13 9.45 -11.84 4.17
N ARG C 14 9.17 -11.23 5.31
CA ARG C 14 8.71 -11.93 6.48
C ARG C 14 7.20 -11.79 6.48
N VAL C 15 6.73 -10.56 6.17
CA VAL C 15 5.32 -10.28 6.02
C VAL C 15 4.79 -11.04 4.81
N ILE C 16 5.60 -11.15 3.75
CA ILE C 16 5.21 -11.86 2.53
C ILE C 16 4.84 -13.31 2.84
N LYS C 17 5.48 -13.90 3.86
CA LYS C 17 5.25 -15.29 4.24
C LYS C 17 4.06 -15.39 5.20
N LEU C 18 3.73 -14.31 5.91
CA LEU C 18 2.65 -14.31 6.88
C LEU C 18 1.33 -13.88 6.25
N VAL C 19 1.38 -13.01 5.24
CA VAL C 19 0.18 -12.53 4.58
C VAL C 19 -0.48 -13.68 3.83
N GLN C 20 0.32 -14.54 3.19
CA GLN C 20 -0.23 -15.69 2.50
C GLN C 20 -0.84 -16.68 3.51
N LYS C 21 -0.38 -16.62 4.76
CA LYS C 21 -0.84 -17.52 5.81
C LYS C 21 -2.10 -16.97 6.48
N TYR C 22 -2.27 -15.64 6.47
CA TYR C 22 -3.40 -15.00 7.14
C TYR C 22 -4.23 -14.18 6.15
N GLY C 23 -3.57 -13.24 5.47
CA GLY C 23 -4.23 -12.33 4.54
C GLY C 23 -4.39 -10.97 5.22
N PRO C 24 -5.13 -10.05 4.59
CA PRO C 24 -5.36 -8.73 5.16
C PRO C 24 -6.07 -8.88 6.49
N LYS C 25 -5.74 -8.01 7.46
CA LYS C 25 -6.31 -8.01 8.80
C LYS C 25 -5.51 -8.99 9.67
N ARG C 26 -5.49 -8.70 10.98
CA ARG C 26 -4.74 -9.47 12.01
C ARG C 26 -3.31 -8.93 12.09
N TRP C 27 -3.14 -7.67 11.72
CA TRP C 27 -1.85 -7.01 11.74
C TRP C 27 -1.29 -6.98 13.16
N SER C 28 -2.17 -6.98 14.16
CA SER C 28 -1.76 -6.99 15.55
C SER C 28 -1.04 -8.30 15.86
N VAL C 29 -1.47 -9.39 15.21
CA VAL C 29 -0.88 -10.70 15.40
C VAL C 29 0.42 -10.81 14.61
N ILE C 30 0.45 -10.27 13.39
CA ILE C 30 1.66 -10.29 12.58
C ILE C 30 2.74 -9.50 13.28
N ALA C 31 2.37 -8.35 13.84
CA ALA C 31 3.29 -7.53 14.59
C ALA C 31 3.88 -8.35 15.73
N LYS C 32 3.11 -9.35 16.21
CA LYS C 32 3.58 -10.22 17.28
C LYS C 32 4.70 -11.14 16.77
N HIS C 33 4.74 -11.43 15.46
CA HIS C 33 5.78 -12.29 14.91
C HIS C 33 7.00 -11.45 14.62
N LEU C 34 6.80 -10.24 14.09
CA LEU C 34 7.88 -9.32 13.85
C LEU C 34 8.33 -8.73 15.20
N LYS C 35 7.59 -9.12 16.25
CA LYS C 35 7.88 -8.77 17.65
C LYS C 35 7.67 -7.29 17.97
N GLY C 36 8.46 -6.39 17.36
CA GLY C 36 8.41 -4.97 17.70
C GLY C 36 8.32 -4.09 16.47
N ARG C 37 7.23 -4.23 15.72
CA ARG C 37 6.97 -3.39 14.54
C ARG C 37 5.62 -2.69 14.70
N ILE C 38 4.67 -3.32 15.41
CA ILE C 38 3.33 -2.77 15.62
C ILE C 38 2.52 -2.86 14.32
N GLY C 39 1.25 -3.27 14.45
CA GLY C 39 0.36 -3.48 13.31
C GLY C 39 0.25 -2.25 12.42
N LYS C 40 0.17 -1.06 13.00
CA LYS C 40 0.00 0.17 12.22
C LYS C 40 1.16 0.37 11.22
N GLN C 41 2.35 -0.18 11.52
CA GLN C 41 3.49 -0.07 10.62
C GLN C 41 3.43 -1.17 9.56
N CYS C 42 3.29 -2.42 10.03
CA CYS C 42 3.21 -3.58 9.14
C CYS C 42 2.16 -3.31 8.07
N ARG C 43 0.96 -2.89 8.49
CA ARG C 43 -0.12 -2.61 7.58
C ARG C 43 0.21 -1.42 6.69
N GLU C 44 0.55 -0.25 7.27
CA GLU C 44 0.86 0.95 6.49
C GLU C 44 1.81 0.60 5.34
N ARG C 45 2.93 -0.05 5.67
CA ARG C 45 3.90 -0.47 4.68
C ARG C 45 3.23 -1.35 3.63
N TRP C 46 2.54 -2.40 4.11
CA TRP C 46 1.88 -3.34 3.23
C TRP C 46 0.80 -2.69 2.38
N HIS C 47 0.24 -1.58 2.88
CA HIS C 47 -0.82 -0.85 2.21
C HIS C 47 -0.25 0.46 1.66
N ASN C 48 0.73 0.33 0.76
CA ASN C 48 1.38 1.49 0.16
C ASN C 48 1.96 1.10 -1.20
N HIS C 49 2.88 0.13 -1.21
CA HIS C 49 3.50 -0.33 -2.45
C HIS C 49 4.01 -1.76 -2.25
N LEU C 50 3.14 -2.60 -1.68
CA LEU C 50 3.45 -3.99 -1.42
C LEU C 50 2.24 -4.84 -1.76
N ASN C 51 1.27 -4.91 -0.82
CA ASN C 51 0.04 -5.67 -1.02
C ASN C 51 0.41 -7.11 -1.33
N PRO C 52 -0.57 -7.97 -1.78
CA PRO C 52 -0.29 -9.36 -2.11
C PRO C 52 0.73 -9.49 -3.24
N GLU C 53 1.96 -9.14 -2.92
CA GLU C 53 3.09 -9.23 -3.83
C GLU C 53 2.87 -8.34 -5.07
N VAL C 54 2.08 -7.28 -4.89
CA VAL C 54 1.81 -6.34 -5.97
C VAL C 54 2.95 -5.34 -6.06
N LYS C 55 3.95 -5.67 -6.87
CA LYS C 55 5.05 -4.76 -7.12
C LYS C 55 4.59 -3.78 -8.21
N LYS C 56 3.66 -2.90 -7.82
CA LYS C 56 3.05 -1.89 -8.68
C LYS C 56 3.99 -1.45 -9.81
N THR C 57 3.61 -1.79 -11.05
CA THR C 57 4.35 -1.37 -12.24
C THR C 57 3.99 0.09 -12.54
N SER C 58 4.67 0.71 -13.50
CA SER C 58 4.36 2.10 -13.85
C SER C 58 2.95 2.20 -14.43
N TRP C 59 2.33 3.37 -14.22
CA TRP C 59 1.00 3.66 -14.70
C TRP C 59 1.11 4.14 -16.16
N THR C 60 0.33 5.19 -16.52
CA THR C 60 0.43 5.91 -17.79
C THR C 60 -0.30 5.20 -18.94
N GLU C 61 -1.30 5.92 -19.47
CA GLU C 61 -2.11 5.53 -20.62
C GLU C 61 -3.06 4.38 -20.30
N GLU C 62 -2.64 3.46 -19.45
CA GLU C 62 -3.46 2.31 -19.10
C GLU C 62 -3.95 2.43 -17.69
N GLU C 63 -3.10 2.88 -16.78
CA GLU C 63 -3.51 3.07 -15.41
C GLU C 63 -3.79 4.57 -15.18
N ASP C 64 -3.34 5.44 -16.10
CA ASP C 64 -3.58 6.87 -15.97
C ASP C 64 -5.08 7.12 -16.01
N ARG C 65 -5.78 6.35 -16.86
CA ARG C 65 -7.20 6.50 -17.03
C ARG C 65 -7.95 6.14 -15.74
N ILE C 66 -7.27 5.48 -14.80
CA ILE C 66 -7.89 5.09 -13.54
C ILE C 66 -7.96 6.28 -12.60
N ILE C 67 -6.81 6.91 -12.31
CA ILE C 67 -6.78 8.05 -11.40
C ILE C 67 -7.47 9.24 -12.06
N TYR C 68 -7.30 9.42 -13.37
CA TYR C 68 -7.90 10.53 -14.09
C TYR C 68 -9.40 10.57 -13.84
N GLN C 69 -10.04 9.40 -13.77
CA GLN C 69 -11.48 9.32 -13.56
C GLN C 69 -11.80 9.27 -12.07
N ALA C 70 -11.16 8.37 -11.33
CA ALA C 70 -11.41 8.19 -9.91
C ALA C 70 -11.21 9.50 -9.14
N HIS C 71 -10.11 10.22 -9.45
CA HIS C 71 -9.80 11.47 -8.75
C HIS C 71 -10.80 12.57 -9.12
N LYS C 72 -11.57 12.37 -10.19
CA LYS C 72 -12.56 13.36 -10.63
C LYS C 72 -13.91 13.09 -9.98
N ARG C 73 -14.08 11.94 -9.32
CA ARG C 73 -15.34 11.58 -8.66
C ARG C 73 -15.15 11.55 -7.15
N LEU C 74 -13.98 11.10 -6.70
CA LEU C 74 -13.66 10.97 -5.29
C LEU C 74 -12.60 11.99 -4.90
N GLY C 75 -11.49 12.04 -5.64
CA GLY C 75 -10.46 13.00 -5.39
C GLY C 75 -9.50 12.43 -4.40
N ASN C 76 -9.58 12.87 -3.16
CA ASN C 76 -8.68 12.41 -2.14
C ASN C 76 -9.31 11.33 -1.28
N ARG C 77 -10.41 10.69 -1.74
CA ARG C 77 -11.00 9.60 -1.02
C ARG C 77 -10.35 8.34 -1.55
N TRP C 78 -9.01 8.28 -1.40
CA TRP C 78 -8.19 7.18 -1.86
C TRP C 78 -8.71 5.87 -1.29
N ALA C 79 -9.43 5.95 -0.17
CA ALA C 79 -9.98 4.78 0.49
C ALA C 79 -11.07 4.16 -0.36
N GLU C 80 -11.94 4.99 -0.93
CA GLU C 80 -13.05 4.52 -1.72
C GLU C 80 -12.53 4.13 -3.09
N ILE C 81 -11.61 4.94 -3.63
CA ILE C 81 -11.01 4.66 -4.90
C ILE C 81 -10.33 3.29 -4.83
N ALA C 82 -9.49 3.09 -3.80
CA ALA C 82 -8.77 1.83 -3.61
C ALA C 82 -9.75 0.66 -3.54
N LYS C 83 -10.81 0.80 -2.74
CA LYS C 83 -11.80 -0.27 -2.56
C LYS C 83 -12.32 -0.76 -3.91
N LEU C 84 -12.60 0.17 -4.85
CA LEU C 84 -13.12 -0.21 -6.18
C LEU C 84 -12.01 -0.30 -7.23
N LEU C 85 -10.74 -0.29 -6.79
CA LEU C 85 -9.59 -0.38 -7.70
C LEU C 85 -8.62 -1.46 -7.18
N PRO C 86 -8.86 -2.73 -7.53
CA PRO C 86 -8.04 -3.84 -7.08
C PRO C 86 -6.60 -3.71 -7.59
N GLY C 87 -5.65 -4.30 -6.84
CA GLY C 87 -4.24 -4.27 -7.20
C GLY C 87 -3.58 -3.04 -6.58
N ARG C 88 -3.66 -1.91 -7.29
CA ARG C 88 -3.08 -0.65 -6.83
C ARG C 88 -4.00 -0.02 -5.80
N THR C 89 -4.11 -0.67 -4.63
CA THR C 89 -4.96 -0.21 -3.55
C THR C 89 -4.19 0.67 -2.58
N ASP C 90 -4.88 1.12 -1.52
CA ASP C 90 -4.29 1.91 -0.47
C ASP C 90 -3.62 3.16 -1.04
N ASN C 91 -2.41 3.46 -0.58
CA ASN C 91 -1.69 4.64 -0.99
C ASN C 91 -0.92 4.41 -2.31
N ALA C 92 -1.25 3.35 -3.06
CA ALA C 92 -0.56 3.09 -4.33
C ALA C 92 -0.87 4.21 -5.32
N ILE C 93 -2.16 4.42 -5.58
CA ILE C 93 -2.64 5.43 -6.52
C ILE C 93 -2.28 6.83 -6.01
N LYS C 94 -2.28 7.01 -4.69
CA LYS C 94 -1.98 8.29 -4.08
C LYS C 94 -0.51 8.63 -4.28
N ASN C 95 0.38 7.68 -3.96
CA ASN C 95 1.81 7.89 -4.08
C ASN C 95 2.16 8.23 -5.51
N HIS C 96 1.38 7.70 -6.45
CA HIS C 96 1.58 7.98 -7.85
C HIS C 96 1.12 9.41 -8.15
N TRP C 97 -0.17 9.66 -7.97
CA TRP C 97 -0.78 10.94 -8.30
C TRP C 97 0.04 12.12 -7.78
N ASN C 98 0.16 12.18 -6.46
CA ASN C 98 0.82 13.30 -5.77
C ASN C 98 2.27 13.56 -6.22
N SER C 99 2.89 12.67 -7.01
CA SER C 99 4.28 12.88 -7.43
C SER C 99 4.47 12.39 -8.86
N THR C 100 3.42 12.50 -9.68
CA THR C 100 3.47 12.07 -11.06
C THR C 100 2.49 12.91 -11.87
N MET C 101 1.27 13.06 -11.35
CA MET C 101 0.22 13.82 -12.01
C MET C 101 0.16 15.23 -11.42
N ARG C 102 0.08 15.29 -10.08
CA ARG C 102 0.01 16.53 -9.27
C ARG C 102 -1.38 16.65 -8.64
N ARG C 103 -1.50 17.53 -7.63
CA ARG C 103 -2.73 17.73 -6.87
C ARG C 103 -4.00 17.62 -7.73
N LYS C 104 -4.02 18.28 -8.91
CA LYS C 104 -5.18 18.26 -9.77
C LYS C 104 -4.80 18.84 -11.13
N VAL C 105 -4.39 17.96 -12.02
CA VAL C 105 -4.07 18.34 -13.40
C VAL C 105 -5.24 19.11 -14.01
N MET C 1 22.52 0.46 11.44
CA MET C 1 21.46 -0.54 11.65
C MET C 1 20.11 0.02 11.20
N LEU C 2 19.14 -0.87 10.96
CA LEU C 2 17.81 -0.48 10.51
C LEU C 2 16.80 -0.57 11.66
N ILE C 3 17.30 -0.60 12.90
CA ILE C 3 16.44 -0.68 14.07
C ILE C 3 16.08 0.73 14.52
N LYS C 4 15.17 1.37 13.79
CA LYS C 4 14.72 2.72 14.10
C LYS C 4 13.38 2.98 13.42
N GLY C 5 13.30 2.65 12.13
CA GLY C 5 12.09 2.85 11.37
C GLY C 5 12.17 2.09 10.04
N PRO C 6 12.98 2.57 9.08
CA PRO C 6 13.11 1.96 7.76
C PRO C 6 13.22 0.44 7.82
N TRP C 7 12.58 -0.22 6.84
CA TRP C 7 12.56 -1.67 6.75
C TRP C 7 13.60 -2.14 5.73
N THR C 8 13.56 -3.43 5.38
CA THR C 8 14.49 -4.02 4.44
C THR C 8 13.77 -5.12 3.62
N LYS C 9 14.51 -5.73 2.68
CA LYS C 9 13.95 -6.75 1.79
C LYS C 9 13.89 -8.12 2.45
N GLU C 10 14.24 -8.18 3.72
CA GLU C 10 14.18 -9.40 4.51
C GLU C 10 12.87 -9.41 5.27
N GLU C 11 12.61 -8.36 6.03
CA GLU C 11 11.36 -8.23 6.76
C GLU C 11 10.20 -8.22 5.75
N ASP C 12 10.51 -7.85 4.49
CA ASP C 12 9.54 -7.80 3.41
C ASP C 12 8.80 -9.13 3.29
N GLN C 13 9.49 -10.13 2.75
CA GLN C 13 8.90 -11.47 2.53
C GLN C 13 8.55 -12.15 3.86
N ARG C 14 9.12 -11.70 4.97
CA ARG C 14 8.76 -12.27 6.25
C ARG C 14 7.29 -11.93 6.52
N VAL C 15 6.86 -10.71 6.15
CA VAL C 15 5.47 -10.33 6.29
C VAL C 15 4.66 -11.05 5.22
N ILE C 16 5.17 -11.08 3.98
CA ILE C 16 4.46 -11.73 2.87
C ILE C 16 4.12 -13.19 3.22
N LYS C 17 4.99 -13.85 4.00
CA LYS C 17 4.77 -15.23 4.39
C LYS C 17 3.75 -15.31 5.53
N LEU C 18 3.89 -14.45 6.54
CA LEU C 18 2.97 -14.44 7.68
C LEU C 18 1.57 -14.01 7.24
N VAL C 19 1.47 -13.12 6.24
CA VAL C 19 0.19 -12.65 5.74
C VAL C 19 -0.55 -13.80 5.07
N GLN C 20 0.18 -14.64 4.33
CA GLN C 20 -0.42 -15.79 3.66
C GLN C 20 -1.00 -16.75 4.70
N LYS C 21 -0.56 -16.64 5.97
CA LYS C 21 -1.03 -17.50 7.04
C LYS C 21 -2.24 -16.88 7.74
N TYR C 22 -2.12 -15.60 8.15
CA TYR C 22 -3.20 -14.92 8.87
C TYR C 22 -4.06 -14.12 7.90
N GLY C 23 -3.46 -13.15 7.21
CA GLY C 23 -4.16 -12.28 6.27
C GLY C 23 -3.56 -10.87 6.34
N PRO C 24 -3.96 -9.98 5.40
CA PRO C 24 -3.47 -8.61 5.35
C PRO C 24 -4.10 -7.73 6.43
N LYS C 25 -4.33 -8.29 7.64
CA LYS C 25 -4.92 -7.56 8.75
C LYS C 25 -4.93 -8.46 9.99
N ARG C 26 -3.87 -8.31 10.80
CA ARG C 26 -3.65 -9.05 12.04
C ARG C 26 -2.23 -8.72 12.48
N TRP C 27 -1.87 -7.46 12.26
CA TRP C 27 -0.56 -6.92 12.54
C TRP C 27 -0.23 -7.07 14.01
N SER C 28 -1.25 -7.11 14.86
CA SER C 28 -1.03 -7.28 16.29
C SER C 28 -0.40 -8.66 16.55
N VAL C 29 -0.80 -9.66 15.75
CA VAL C 29 -0.27 -11.01 15.88
C VAL C 29 1.06 -11.13 15.15
N ILE C 30 1.13 -10.61 13.92
CA ILE C 30 2.37 -10.66 13.15
C ILE C 30 3.49 -10.00 13.95
N ALA C 31 3.23 -8.77 14.42
CA ALA C 31 4.19 -8.04 15.22
C ALA C 31 4.68 -8.87 16.40
N LYS C 32 3.83 -9.75 16.93
CA LYS C 32 4.18 -10.58 18.07
C LYS C 32 5.41 -11.46 17.76
N HIS C 33 5.66 -11.76 16.46
CA HIS C 33 6.79 -12.61 16.09
C HIS C 33 7.43 -12.13 14.78
N LEU C 34 7.88 -10.87 14.75
CA LEU C 34 8.58 -10.32 13.59
C LEU C 34 9.65 -9.35 14.08
N LYS C 35 10.78 -9.92 14.57
CA LYS C 35 11.92 -9.15 15.06
C LYS C 35 11.50 -8.26 16.24
N GLY C 36 10.97 -7.07 15.93
CA GLY C 36 10.54 -6.13 16.95
C GLY C 36 9.69 -5.03 16.29
N ARG C 37 9.07 -5.37 15.15
CA ARG C 37 8.24 -4.44 14.42
C ARG C 37 6.85 -4.39 15.06
N ILE C 38 6.47 -3.21 15.56
CA ILE C 38 5.16 -3.00 16.19
C ILE C 38 4.06 -3.27 15.16
N GLY C 39 2.80 -3.39 15.63
CA GLY C 39 1.66 -3.64 14.76
C GLY C 39 1.67 -2.69 13.55
N LYS C 40 1.54 -1.39 13.81
CA LYS C 40 1.51 -0.40 12.74
C LYS C 40 2.80 -0.49 11.91
N GLN C 41 3.94 -0.78 12.56
CA GLN C 41 5.22 -0.88 11.87
C GLN C 41 5.16 -2.00 10.81
N CYS C 42 4.56 -3.15 11.17
CA CYS C 42 4.42 -4.27 10.22
C CYS C 42 3.62 -3.81 9.03
N ARG C 43 2.51 -3.13 9.30
CA ARG C 43 1.64 -2.62 8.26
C ARG C 43 2.32 -1.48 7.48
N GLU C 44 3.24 -0.74 8.10
CA GLU C 44 3.89 0.38 7.43
C GLU C 44 4.57 -0.06 6.12
N ARG C 45 5.36 -1.15 6.13
CA ARG C 45 5.99 -1.62 4.89
C ARG C 45 4.92 -2.25 4.01
N TRP C 46 4.00 -2.98 4.64
CA TRP C 46 2.97 -3.69 3.93
C TRP C 46 2.11 -2.76 3.07
N HIS C 47 1.37 -1.87 3.72
CA HIS C 47 0.49 -0.95 3.03
C HIS C 47 1.28 0.25 2.48
N ASN C 48 2.47 -0.03 1.93
CA ASN C 48 3.31 1.00 1.31
C ASN C 48 3.34 0.73 -0.19
N HIS C 49 3.53 -0.54 -0.54
CA HIS C 49 3.52 -0.99 -1.92
C HIS C 49 3.57 -2.53 -1.99
N LEU C 50 3.42 -3.21 -0.85
CA LEU C 50 3.42 -4.67 -0.79
C LEU C 50 1.99 -5.13 -1.04
N ASN C 51 1.11 -4.82 -0.08
CA ASN C 51 -0.31 -5.16 -0.20
C ASN C 51 -0.46 -6.65 -0.44
N PRO C 52 -1.63 -7.16 -0.92
CA PRO C 52 -1.82 -8.57 -1.18
C PRO C 52 -1.00 -9.05 -2.38
N GLU C 53 0.31 -8.85 -2.31
CA GLU C 53 1.25 -9.31 -3.32
C GLU C 53 0.88 -8.72 -4.68
N VAL C 54 0.20 -7.56 -4.66
CA VAL C 54 -0.18 -6.87 -5.88
C VAL C 54 1.07 -6.47 -6.66
N LYS C 55 1.46 -7.32 -7.58
CA LYS C 55 2.60 -7.06 -8.44
C LYS C 55 2.19 -6.05 -9.51
N LYS C 56 1.96 -4.81 -9.09
CA LYS C 56 1.56 -3.74 -9.97
C LYS C 56 2.64 -3.49 -11.01
N THR C 57 2.27 -3.47 -12.28
CA THR C 57 3.21 -3.24 -13.37
C THR C 57 3.37 -1.73 -13.61
N SER C 58 3.32 -0.94 -12.52
CA SER C 58 3.44 0.51 -12.58
C SER C 58 2.28 1.13 -13.35
N TRP C 59 2.17 2.46 -13.26
CA TRP C 59 1.15 3.21 -13.96
C TRP C 59 1.71 3.53 -15.35
N THR C 60 0.87 3.53 -16.42
CA THR C 60 1.40 3.72 -17.78
C THR C 60 0.40 4.41 -18.74
N GLU C 61 0.43 5.75 -18.75
CA GLU C 61 -0.38 6.59 -19.66
C GLU C 61 -1.74 5.95 -19.97
N GLU C 62 -2.39 5.44 -18.93
CA GLU C 62 -3.70 4.81 -19.04
C GLU C 62 -4.18 4.62 -17.62
N GLU C 63 -3.36 3.91 -16.85
CA GLU C 63 -3.61 3.70 -15.44
C GLU C 63 -3.53 5.05 -14.74
N ASP C 64 -2.59 5.90 -15.17
CA ASP C 64 -2.42 7.25 -14.62
C ASP C 64 -3.71 8.05 -14.79
N ARG C 65 -4.45 7.76 -15.87
CA ARG C 65 -5.68 8.46 -16.18
C ARG C 65 -6.73 8.13 -15.16
N ILE C 66 -6.75 6.88 -14.70
CA ILE C 66 -7.72 6.45 -13.69
C ILE C 66 -7.72 7.45 -12.55
N ILE C 67 -6.53 7.75 -12.00
CA ILE C 67 -6.43 8.70 -10.90
C ILE C 67 -6.80 10.10 -11.39
N TYR C 68 -6.24 10.51 -12.54
CA TYR C 68 -6.47 11.86 -13.05
C TYR C 68 -7.97 12.16 -13.13
N GLN C 69 -8.75 11.30 -13.80
CA GLN C 69 -10.19 11.50 -13.93
C GLN C 69 -10.88 11.31 -12.58
N ALA C 70 -10.46 10.32 -11.79
CA ALA C 70 -11.05 10.07 -10.48
C ALA C 70 -10.82 11.27 -9.57
N HIS C 71 -9.69 11.95 -9.74
CA HIS C 71 -9.34 13.10 -8.92
C HIS C 71 -10.18 14.32 -9.34
N LYS C 72 -10.84 14.21 -10.50
CA LYS C 72 -11.67 15.30 -11.01
C LYS C 72 -13.10 15.18 -10.48
N ARG C 73 -13.48 14.01 -9.94
CA ARG C 73 -14.84 13.80 -9.44
C ARG C 73 -14.82 13.51 -7.94
N LEU C 74 -13.83 12.71 -7.50
CA LEU C 74 -13.69 12.34 -6.11
C LEU C 74 -12.64 13.25 -5.46
N GLY C 75 -11.49 13.40 -6.11
CA GLY C 75 -10.47 14.27 -5.62
C GLY C 75 -9.66 13.54 -4.59
N ASN C 76 -9.94 13.82 -3.32
CA ASN C 76 -9.22 13.22 -2.25
C ASN C 76 -10.06 12.18 -1.51
N ARG C 77 -11.08 11.62 -2.18
CA ARG C 77 -11.90 10.58 -1.57
C ARG C 77 -11.33 9.24 -2.04
N TRP C 78 -10.02 9.07 -1.82
CA TRP C 78 -9.30 7.88 -2.26
C TRP C 78 -9.95 6.63 -1.69
N ALA C 79 -10.74 6.77 -0.63
CA ALA C 79 -11.41 5.63 -0.03
C ALA C 79 -12.37 4.99 -1.03
N GLU C 80 -12.97 5.82 -1.88
CA GLU C 80 -13.91 5.34 -2.88
C GLU C 80 -13.13 4.99 -4.15
N ILE C 81 -12.25 5.89 -4.61
CA ILE C 81 -11.43 5.64 -5.79
C ILE C 81 -10.72 4.29 -5.65
N ALA C 82 -10.11 4.07 -4.48
CA ALA C 82 -9.36 2.84 -4.19
C ALA C 82 -10.22 1.60 -4.42
N LYS C 83 -11.41 1.58 -3.82
CA LYS C 83 -12.32 0.45 -3.94
C LYS C 83 -12.70 0.24 -5.41
N LEU C 84 -12.67 1.32 -6.20
CA LEU C 84 -12.98 1.24 -7.62
C LEU C 84 -11.78 0.60 -8.35
N LEU C 85 -10.56 1.04 -8.00
CA LEU C 85 -9.34 0.52 -8.60
C LEU C 85 -9.24 -0.99 -8.35
N PRO C 86 -9.17 -1.82 -9.40
CA PRO C 86 -9.04 -3.26 -9.24
C PRO C 86 -7.62 -3.61 -8.76
N GLY C 87 -7.42 -3.66 -7.43
CA GLY C 87 -6.15 -4.04 -6.85
C GLY C 87 -5.42 -2.85 -6.21
N ARG C 88 -5.36 -1.71 -6.90
CA ARG C 88 -4.64 -0.54 -6.41
C ARG C 88 -5.48 0.19 -5.35
N THR C 89 -5.34 -0.23 -4.10
CA THR C 89 -6.07 0.34 -2.99
C THR C 89 -5.55 1.76 -2.68
N ASP C 90 -6.09 2.38 -1.61
CA ASP C 90 -5.70 3.72 -1.17
C ASP C 90 -4.20 3.93 -1.32
N ASN C 91 -3.43 3.13 -0.62
CA ASN C 91 -1.98 3.23 -0.63
C ASN C 91 -1.43 3.36 -2.06
N ALA C 92 -1.76 2.40 -2.92
CA ALA C 92 -1.24 2.35 -4.28
C ALA C 92 -1.54 3.63 -5.07
N ILE C 93 -2.82 4.00 -5.15
CA ILE C 93 -3.23 5.16 -5.95
C ILE C 93 -2.84 6.49 -5.29
N LYS C 94 -2.93 6.57 -3.97
CA LYS C 94 -2.63 7.79 -3.25
C LYS C 94 -1.14 8.10 -3.28
N ASN C 95 -0.27 7.14 -2.93
CA ASN C 95 1.17 7.38 -2.89
C ASN C 95 1.67 7.69 -4.30
N HIS C 96 0.95 7.19 -5.31
CA HIS C 96 1.31 7.41 -6.70
C HIS C 96 1.02 8.86 -7.10
N TRP C 97 -0.17 9.37 -6.76
CA TRP C 97 -0.57 10.71 -7.15
C TRP C 97 0.47 11.74 -6.72
N ASN C 98 0.66 11.87 -5.42
CA ASN C 98 1.60 12.83 -4.83
C ASN C 98 3.03 12.31 -4.93
N SER C 99 3.45 12.00 -6.16
CA SER C 99 4.78 11.49 -6.44
C SER C 99 5.03 11.52 -7.95
N THR C 100 3.97 11.30 -8.75
CA THR C 100 4.07 11.29 -10.19
C THR C 100 3.25 12.43 -10.80
N MET C 101 2.09 12.76 -10.20
CA MET C 101 1.21 13.80 -10.72
C MET C 101 1.30 15.07 -9.85
N ARG C 102 0.90 16.21 -10.45
CA ARG C 102 0.89 17.51 -9.76
C ARG C 102 2.32 18.04 -9.61
N ARG C 103 2.50 19.06 -8.75
CA ARG C 103 3.82 19.67 -8.53
C ARG C 103 4.50 19.06 -7.31
N LYS C 104 3.76 18.30 -6.49
CA LYS C 104 4.30 17.67 -5.29
C LYS C 104 4.80 16.29 -5.65
N VAL C 105 5.59 16.24 -6.72
CA VAL C 105 6.18 15.01 -7.24
C VAL C 105 7.65 14.93 -6.80
N MET C 1 9.46 1.73 24.07
CA MET C 1 9.28 0.84 22.91
C MET C 1 10.58 0.73 22.12
N LEU C 2 11.02 1.84 21.52
CA LEU C 2 12.24 1.89 20.72
C LEU C 2 12.09 0.98 19.49
N ILE C 3 13.23 0.53 18.92
CA ILE C 3 13.27 -0.34 17.74
C ILE C 3 12.12 -0.01 16.77
N LYS C 4 12.24 1.14 16.10
CA LYS C 4 11.25 1.58 15.13
C LYS C 4 11.21 0.60 13.96
N GLY C 5 12.40 0.26 13.44
CA GLY C 5 12.51 -0.68 12.33
C GLY C 5 12.37 0.04 10.99
N PRO C 6 13.52 0.39 10.35
CA PRO C 6 13.51 1.06 9.05
C PRO C 6 13.16 0.08 7.92
N TRP C 7 12.91 -1.20 8.27
CA TRP C 7 12.57 -2.25 7.30
C TRP C 7 13.74 -2.53 6.36
N THR C 8 13.60 -3.58 5.53
CA THR C 8 14.67 -4.03 4.67
C THR C 8 14.18 -5.11 3.70
N LYS C 9 15.05 -5.53 2.78
CA LYS C 9 14.73 -6.56 1.79
C LYS C 9 14.49 -7.91 2.49
N GLU C 10 14.88 -8.02 3.77
CA GLU C 10 14.71 -9.24 4.54
C GLU C 10 13.60 -9.04 5.56
N GLU C 11 12.59 -8.27 5.15
CA GLU C 11 11.39 -8.01 5.92
C GLU C 11 10.27 -7.79 4.90
N ASP C 12 10.55 -6.92 3.92
CA ASP C 12 9.66 -6.64 2.82
C ASP C 12 9.10 -7.93 2.18
N GLN C 13 9.96 -8.97 1.97
CA GLN C 13 9.52 -10.23 1.34
C GLN C 13 9.39 -11.33 2.38
N ARG C 14 9.31 -10.95 3.65
CA ARG C 14 9.10 -11.88 4.74
C ARG C 14 7.68 -11.67 5.23
N VAL C 15 7.32 -10.40 5.41
CA VAL C 15 5.98 -10.00 5.75
C VAL C 15 5.06 -10.42 4.59
N ILE C 16 5.65 -10.47 3.37
CA ILE C 16 4.94 -10.87 2.17
C ILE C 16 4.48 -12.33 2.28
N LYS C 17 5.31 -13.18 2.91
CA LYS C 17 5.00 -14.59 3.07
C LYS C 17 4.03 -14.76 4.24
N LEU C 18 4.23 -13.98 5.30
CA LEU C 18 3.37 -14.05 6.47
C LEU C 18 1.94 -13.66 6.10
N VAL C 19 1.78 -12.67 5.20
CA VAL C 19 0.44 -12.25 4.79
C VAL C 19 -0.19 -13.32 3.90
N GLN C 20 0.61 -13.99 3.07
CA GLN C 20 0.10 -15.06 2.23
C GLN C 20 -0.46 -16.19 3.10
N LYS C 21 0.08 -16.34 4.32
CA LYS C 21 -0.34 -17.39 5.23
C LYS C 21 -1.59 -16.99 6.01
N TYR C 22 -1.58 -15.82 6.66
CA TYR C 22 -2.70 -15.38 7.48
C TYR C 22 -3.68 -14.52 6.68
N GLY C 23 -3.17 -13.52 5.98
CA GLY C 23 -3.99 -12.60 5.19
C GLY C 23 -3.95 -11.20 5.81
N PRO C 24 -4.28 -10.16 5.03
CA PRO C 24 -4.29 -8.80 5.52
C PRO C 24 -5.37 -8.60 6.58
N LYS C 25 -5.25 -7.51 7.35
CA LYS C 25 -6.22 -7.18 8.41
C LYS C 25 -6.08 -8.18 9.56
N ARG C 26 -4.82 -8.42 9.96
CA ARG C 26 -4.46 -9.35 11.00
C ARG C 26 -3.12 -8.90 11.54
N TRP C 27 -2.89 -7.59 11.48
CA TRP C 27 -1.64 -6.99 11.91
C TRP C 27 -1.42 -7.24 13.39
N SER C 28 -2.52 -7.49 14.12
CA SER C 28 -2.44 -7.80 15.53
C SER C 28 -1.71 -9.15 15.70
N VAL C 29 -1.88 -10.04 14.71
CA VAL C 29 -1.24 -11.34 14.72
C VAL C 29 0.14 -11.26 14.08
N ILE C 30 0.26 -10.52 12.96
CA ILE C 30 1.54 -10.36 12.29
C ILE C 30 2.57 -9.83 13.30
N ALA C 31 2.15 -8.84 14.08
CA ALA C 31 2.98 -8.24 15.09
C ALA C 31 3.52 -9.29 16.08
N LYS C 32 2.83 -10.44 16.22
CA LYS C 32 3.28 -11.49 17.14
C LYS C 32 4.65 -12.02 16.69
N HIS C 33 4.83 -12.25 15.38
CA HIS C 33 6.08 -12.79 14.87
C HIS C 33 7.03 -11.63 14.60
N LEU C 34 6.54 -10.60 13.91
CA LEU C 34 7.33 -9.42 13.64
C LEU C 34 7.24 -8.50 14.84
N LYS C 35 7.69 -9.04 15.97
CA LYS C 35 7.69 -8.33 17.25
C LYS C 35 8.51 -7.03 17.17
N GLY C 36 9.43 -6.97 16.21
CA GLY C 36 10.28 -5.81 16.03
C GLY C 36 9.55 -4.72 15.24
N ARG C 37 8.42 -5.10 14.60
CA ARG C 37 7.62 -4.19 13.81
C ARG C 37 6.17 -4.25 14.31
N ILE C 38 5.73 -3.23 15.05
CA ILE C 38 4.37 -3.21 15.58
C ILE C 38 3.35 -3.22 14.42
N GLY C 39 2.07 -3.48 14.76
CA GLY C 39 1.01 -3.56 13.77
C GLY C 39 1.05 -2.38 12.80
N LYS C 40 1.21 -1.16 13.33
CA LYS C 40 1.26 0.04 12.51
C LYS C 40 2.42 -0.05 11.51
N GLN C 41 3.62 -0.44 11.96
CA GLN C 41 4.78 -0.53 11.08
C GLN C 41 4.52 -1.51 9.93
N CYS C 42 4.07 -2.73 10.25
CA CYS C 42 3.79 -3.74 9.23
C CYS C 42 2.74 -3.23 8.26
N ARG C 43 1.65 -2.69 8.79
CA ARG C 43 0.55 -2.18 7.99
C ARG C 43 1.00 -1.03 7.10
N GLU C 44 1.78 -0.09 7.64
CA GLU C 44 2.25 1.06 6.88
C GLU C 44 3.20 0.59 5.78
N ARG C 45 4.06 -0.40 6.10
CA ARG C 45 4.97 -0.97 5.10
C ARG C 45 4.12 -1.58 4.00
N TRP C 46 2.99 -2.19 4.40
CA TRP C 46 2.04 -2.75 3.48
C TRP C 46 1.27 -1.58 2.85
N HIS C 47 -0.04 -1.76 2.63
CA HIS C 47 -0.92 -0.72 2.07
C HIS C 47 -0.13 0.26 1.19
N ASN C 48 0.42 -0.24 0.09
CA ASN C 48 1.18 0.56 -0.85
C ASN C 48 1.27 -0.20 -2.16
N HIS C 49 2.20 -1.16 -2.24
CA HIS C 49 2.38 -1.98 -3.42
C HIS C 49 2.79 -3.39 -2.98
N LEU C 50 2.19 -3.86 -1.88
CA LEU C 50 2.51 -5.16 -1.31
C LEU C 50 1.26 -6.04 -1.17
N ASN C 51 0.06 -5.44 -1.13
CA ASN C 51 -1.18 -6.24 -0.95
C ASN C 51 -1.24 -7.36 -2.01
N PRO C 52 -1.31 -7.03 -3.32
CA PRO C 52 -1.30 -8.01 -4.37
C PRO C 52 0.13 -8.34 -4.77
N GLU C 53 1.10 -7.98 -3.90
CA GLU C 53 2.51 -8.14 -4.21
C GLU C 53 2.81 -7.43 -5.53
N VAL C 54 1.95 -6.44 -5.86
CA VAL C 54 2.06 -5.64 -7.08
C VAL C 54 3.34 -4.81 -7.10
N LYS C 55 4.43 -5.45 -7.54
CA LYS C 55 5.72 -4.80 -7.67
C LYS C 55 6.26 -5.06 -9.08
N LYS C 56 6.82 -4.02 -9.71
CA LYS C 56 7.34 -4.10 -11.07
C LYS C 56 6.17 -4.14 -12.07
N THR C 57 5.07 -3.48 -11.69
CA THR C 57 3.87 -3.38 -12.50
C THR C 57 3.03 -2.23 -11.95
N SER C 58 3.48 -1.01 -12.22
CA SER C 58 2.86 0.20 -11.69
C SER C 58 1.85 0.80 -12.67
N TRP C 59 1.72 2.12 -12.61
CA TRP C 59 0.81 2.89 -13.44
C TRP C 59 1.39 3.01 -14.86
N THR C 60 0.66 2.54 -15.88
CA THR C 60 1.19 2.52 -17.25
C THR C 60 0.13 2.86 -18.31
N GLU C 61 -0.27 4.13 -18.37
CA GLU C 61 -1.20 4.64 -19.40
C GLU C 61 -2.59 3.97 -19.36
N GLU C 62 -2.77 2.92 -18.56
CA GLU C 62 -4.04 2.21 -18.45
C GLU C 62 -4.56 2.36 -17.02
N GLU C 63 -3.67 2.24 -16.05
CA GLU C 63 -4.02 2.35 -14.65
C GLU C 63 -3.97 3.81 -14.21
N ASP C 64 -3.17 4.64 -14.90
CA ASP C 64 -3.09 6.06 -14.58
C ASP C 64 -4.46 6.72 -14.84
N ARG C 65 -5.24 6.09 -15.72
CA ARG C 65 -6.56 6.56 -16.07
C ARG C 65 -7.47 6.45 -14.86
N ILE C 66 -7.27 5.40 -14.05
CA ILE C 66 -8.05 5.19 -12.85
C ILE C 66 -7.97 6.44 -12.00
N ILE C 67 -6.74 6.92 -11.78
CA ILE C 67 -6.53 8.12 -10.98
C ILE C 67 -7.11 9.33 -11.68
N TYR C 68 -6.73 9.53 -12.94
CA TYR C 68 -7.18 10.69 -13.70
C TYR C 68 -8.69 10.92 -13.55
N GLN C 69 -9.49 9.88 -13.76
CA GLN C 69 -10.95 10.01 -13.73
C GLN C 69 -11.52 9.97 -12.31
N ALA C 70 -11.06 9.03 -11.48
CA ALA C 70 -11.57 8.90 -10.13
C ALA C 70 -11.17 10.11 -9.28
N HIS C 71 -10.04 10.72 -9.59
CA HIS C 71 -9.55 11.90 -8.85
C HIS C 71 -10.39 13.11 -9.27
N LYS C 72 -10.91 13.08 -10.49
CA LYS C 72 -11.70 14.18 -11.00
C LYS C 72 -13.13 14.15 -10.42
N ARG C 73 -13.48 13.04 -9.73
CA ARG C 73 -14.81 12.90 -9.14
C ARG C 73 -14.70 12.94 -7.62
N LEU C 74 -13.67 12.29 -7.09
CA LEU C 74 -13.44 12.21 -5.66
C LEU C 74 -12.38 13.25 -5.25
N GLY C 75 -11.18 13.15 -5.82
CA GLY C 75 -10.14 14.10 -5.56
C GLY C 75 -9.32 13.61 -4.40
N ASN C 76 -9.74 13.97 -3.19
CA ASN C 76 -9.00 13.61 -2.02
C ASN C 76 -9.59 12.41 -1.29
N ARG C 77 -10.58 11.73 -1.89
CA ARG C 77 -11.16 10.56 -1.26
C ARG C 77 -10.47 9.33 -1.82
N TRP C 78 -9.17 9.23 -1.53
CA TRP C 78 -8.33 8.13 -1.98
C TRP C 78 -8.92 6.80 -1.53
N ALA C 79 -9.81 6.85 -0.54
CA ALA C 79 -10.46 5.66 -0.03
C ALA C 79 -11.25 4.97 -1.15
N GLU C 80 -12.05 5.74 -1.88
CA GLU C 80 -12.88 5.19 -2.94
C GLU C 80 -12.04 4.99 -4.19
N ILE C 81 -11.15 5.93 -4.50
CA ILE C 81 -10.31 5.82 -5.69
C ILE C 81 -9.52 4.51 -5.62
N ALA C 82 -9.01 4.16 -4.44
CA ALA C 82 -8.22 2.97 -4.23
C ALA C 82 -9.12 1.73 -4.11
N LYS C 83 -10.19 1.80 -3.31
CA LYS C 83 -11.08 0.64 -3.13
C LYS C 83 -11.74 0.25 -4.46
N LEU C 84 -12.08 1.25 -5.29
CA LEU C 84 -12.69 0.97 -6.59
C LEU C 84 -11.65 0.36 -7.53
N LEU C 85 -10.37 0.38 -7.13
CA LEU C 85 -9.28 -0.19 -7.91
C LEU C 85 -8.86 -1.54 -7.29
N PRO C 86 -9.30 -2.67 -7.87
CA PRO C 86 -8.93 -3.97 -7.34
C PRO C 86 -7.42 -4.15 -7.37
N GLY C 87 -6.85 -4.55 -6.22
CA GLY C 87 -5.42 -4.78 -6.11
C GLY C 87 -4.77 -3.62 -5.35
N ARG C 88 -4.38 -2.57 -6.08
CA ARG C 88 -3.72 -1.42 -5.48
C ARG C 88 -4.70 -0.71 -4.56
N THR C 89 -4.64 -1.04 -3.25
CA THR C 89 -5.57 -0.51 -2.27
C THR C 89 -4.85 0.15 -1.09
N ASP C 90 -5.43 1.27 -0.61
CA ASP C 90 -4.95 2.00 0.55
C ASP C 90 -3.57 2.60 0.31
N ASN C 91 -3.55 3.92 0.06
CA ASN C 91 -2.32 4.69 -0.14
C ASN C 91 -1.60 4.32 -1.45
N ALA C 92 -1.94 3.18 -2.07
CA ALA C 92 -1.31 2.77 -3.32
C ALA C 92 -1.51 3.85 -4.36
N ILE C 93 -2.74 4.36 -4.44
CA ILE C 93 -3.13 5.36 -5.41
C ILE C 93 -2.73 6.77 -4.90
N LYS C 94 -2.63 6.94 -3.57
CA LYS C 94 -2.32 8.22 -2.97
C LYS C 94 -0.84 8.57 -3.17
N ASN C 95 0.06 7.65 -2.77
CA ASN C 95 1.49 7.89 -2.84
C ASN C 95 1.89 8.08 -4.30
N HIS C 96 1.09 7.52 -5.21
CA HIS C 96 1.33 7.62 -6.62
C HIS C 96 1.00 9.02 -7.12
N TRP C 97 -0.20 9.51 -6.83
CA TRP C 97 -0.63 10.80 -7.32
C TRP C 97 0.39 11.87 -6.99
N ASN C 98 0.58 12.12 -5.71
CA ASN C 98 1.46 13.19 -5.23
C ASN C 98 2.96 12.82 -5.37
N SER C 99 3.33 12.16 -6.47
CA SER C 99 4.72 11.80 -6.72
C SER C 99 4.94 11.70 -8.22
N THR C 100 4.07 10.95 -8.89
CA THR C 100 4.12 10.77 -10.33
C THR C 100 3.25 11.84 -10.99
N MET C 101 1.99 11.90 -10.56
CA MET C 101 1.04 12.86 -11.09
C MET C 101 1.24 14.18 -10.36
N ARG C 102 2.38 14.83 -10.62
CA ARG C 102 2.77 16.09 -9.99
C ARG C 102 3.18 15.83 -8.54
N ARG C 103 3.94 16.75 -7.96
CA ARG C 103 4.37 16.63 -6.57
C ARG C 103 3.30 17.25 -5.67
N LYS C 104 2.08 16.69 -5.73
CA LYS C 104 0.93 17.13 -4.96
C LYS C 104 0.18 18.20 -5.74
N VAL C 105 -0.87 17.76 -6.43
CA VAL C 105 -1.73 18.65 -7.22
C VAL C 105 -3.19 18.34 -6.90
N MET C 1 10.71 7.43 22.44
CA MET C 1 11.18 6.68 21.26
C MET C 1 10.90 5.20 21.44
N LEU C 2 11.02 4.42 20.35
CA LEU C 2 10.78 2.98 20.39
C LEU C 2 11.53 2.31 19.23
N ILE C 3 11.70 0.99 19.32
CA ILE C 3 12.40 0.22 18.31
C ILE C 3 11.49 -0.02 17.11
N LYS C 4 11.45 0.96 16.20
CA LYS C 4 10.66 0.86 15.00
C LYS C 4 11.36 -0.04 13.98
N GLY C 5 12.53 0.40 13.50
CA GLY C 5 13.29 -0.37 12.53
C GLY C 5 12.59 -0.34 11.16
N PRO C 6 13.12 0.44 10.19
CA PRO C 6 12.55 0.52 8.87
C PRO C 6 12.58 -0.85 8.17
N TRP C 7 11.98 -0.92 6.98
CA TRP C 7 11.91 -2.16 6.22
C TRP C 7 13.02 -2.18 5.17
N THR C 8 13.35 -3.40 4.68
CA THR C 8 14.45 -3.61 3.76
C THR C 8 13.96 -3.89 2.32
N LYS C 9 12.63 -4.08 2.14
CA LYS C 9 12.04 -4.37 0.82
C LYS C 9 12.15 -5.84 0.48
N GLU C 10 12.85 -6.61 1.31
CA GLU C 10 12.89 -8.06 1.15
C GLU C 10 11.77 -8.56 2.04
N GLU C 11 11.60 -7.89 3.18
CA GLU C 11 10.54 -8.16 4.10
C GLU C 11 9.21 -7.97 3.36
N ASP C 12 9.23 -7.16 2.27
CA ASP C 12 8.07 -6.94 1.42
C ASP C 12 7.51 -8.26 0.92
N GLN C 13 8.40 -9.16 0.47
CA GLN C 13 7.97 -10.45 -0.10
C GLN C 13 8.16 -11.58 0.90
N ARG C 14 8.41 -11.24 2.16
CA ARG C 14 8.48 -12.22 3.24
C ARG C 14 7.19 -12.11 4.04
N VAL C 15 6.74 -10.87 4.30
CA VAL C 15 5.48 -10.59 4.97
C VAL C 15 4.34 -11.01 4.04
N ILE C 16 4.60 -10.98 2.73
CA ILE C 16 3.65 -11.34 1.70
C ILE C 16 3.14 -12.75 1.91
N LYS C 17 4.00 -13.66 2.39
CA LYS C 17 3.61 -15.03 2.62
C LYS C 17 2.83 -15.13 3.94
N LEU C 18 3.20 -14.29 4.91
CA LEU C 18 2.54 -14.29 6.22
C LEU C 18 1.10 -13.81 6.09
N VAL C 19 0.81 -12.85 5.19
CA VAL C 19 -0.55 -12.34 5.06
C VAL C 19 -1.43 -13.39 4.41
N GLN C 20 -0.89 -14.11 3.44
CA GLN C 20 -1.64 -15.17 2.75
C GLN C 20 -1.83 -16.37 3.69
N LYS C 21 -1.15 -16.37 4.85
CA LYS C 21 -1.24 -17.46 5.81
C LYS C 21 -2.19 -17.07 6.94
N TYR C 22 -2.09 -15.82 7.41
CA TYR C 22 -2.94 -15.33 8.50
C TYR C 22 -4.14 -14.57 7.93
N GLY C 23 -3.87 -13.43 7.29
CA GLY C 23 -4.92 -12.59 6.71
C GLY C 23 -4.45 -11.13 6.72
N PRO C 24 -5.14 -10.25 5.95
CA PRO C 24 -4.81 -8.85 5.85
C PRO C 24 -5.25 -8.07 7.11
N LYS C 25 -4.97 -8.62 8.30
CA LYS C 25 -5.32 -8.01 9.55
C LYS C 25 -4.62 -8.77 10.66
N ARG C 26 -4.68 -8.23 11.87
CA ARG C 26 -4.04 -8.78 13.06
C ARG C 26 -2.60 -8.37 13.01
N TRP C 27 -2.37 -7.22 12.38
CA TRP C 27 -1.05 -6.63 12.19
C TRP C 27 -0.27 -6.60 13.49
N SER C 28 -0.97 -6.49 14.61
CA SER C 28 -0.32 -6.49 15.91
C SER C 28 0.41 -7.83 16.09
N VAL C 29 -0.23 -8.92 15.66
CA VAL C 29 0.33 -10.26 15.72
C VAL C 29 1.30 -10.48 14.55
N ILE C 30 0.94 -10.02 13.34
CA ILE C 30 1.78 -10.19 12.16
C ILE C 30 3.19 -9.67 12.48
N ALA C 31 3.26 -8.47 13.06
CA ALA C 31 4.52 -7.84 13.40
C ALA C 31 5.34 -8.67 14.40
N LYS C 32 4.65 -9.44 15.26
CA LYS C 32 5.34 -10.22 16.29
C LYS C 32 6.24 -11.30 15.66
N HIS C 33 5.97 -11.71 14.42
CA HIS C 33 6.80 -12.71 13.74
C HIS C 33 8.06 -12.05 13.22
N LEU C 34 7.94 -10.79 12.81
CA LEU C 34 9.07 -10.02 12.32
C LEU C 34 9.91 -9.56 13.51
N LYS C 35 9.26 -9.56 14.68
CA LYS C 35 9.88 -9.23 15.99
C LYS C 35 10.28 -7.75 16.13
N GLY C 36 11.11 -7.24 15.21
CA GLY C 36 11.61 -5.88 15.30
C GLY C 36 10.49 -4.89 15.03
N ARG C 37 9.46 -5.33 14.32
CA ARG C 37 8.34 -4.49 13.99
C ARG C 37 7.38 -4.46 15.18
N ILE C 38 6.85 -3.27 15.51
CA ILE C 38 5.94 -3.13 16.65
C ILE C 38 4.59 -3.79 16.34
N GLY C 39 3.67 -3.04 15.72
CA GLY C 39 2.35 -3.58 15.39
C GLY C 39 1.60 -2.63 14.46
N LYS C 40 2.31 -2.06 13.47
CA LYS C 40 1.69 -1.13 12.53
C LYS C 40 2.57 -0.94 11.28
N GLN C 41 3.90 -1.09 11.42
CA GLN C 41 4.80 -0.93 10.28
C GLN C 41 4.45 -1.92 9.19
N CYS C 42 4.11 -3.16 9.57
CA CYS C 42 3.72 -4.18 8.60
C CYS C 42 2.48 -3.72 7.86
N ARG C 43 1.55 -3.07 8.57
CA ARG C 43 0.33 -2.57 7.97
C ARG C 43 0.67 -1.38 7.05
N GLU C 44 1.64 -0.56 7.45
CA GLU C 44 2.05 0.59 6.65
C GLU C 44 2.59 0.11 5.31
N ARG C 45 3.48 -0.90 5.31
CA ARG C 45 4.02 -1.44 4.08
C ARG C 45 2.91 -2.10 3.27
N TRP C 46 2.04 -2.85 3.96
CA TRP C 46 0.96 -3.56 3.31
C TRP C 46 0.03 -2.55 2.61
N HIS C 47 -0.63 -1.71 3.39
CA HIS C 47 -1.52 -0.68 2.88
C HIS C 47 -0.67 0.40 2.21
N ASN C 48 -0.17 0.10 1.01
CA ASN C 48 0.67 1.01 0.25
C ASN C 48 0.81 0.46 -1.16
N HIS C 49 1.16 -0.83 -1.26
CA HIS C 49 1.35 -1.52 -2.53
C HIS C 49 1.86 -2.93 -2.21
N LEU C 50 0.99 -3.76 -1.62
CA LEU C 50 1.39 -5.10 -1.18
C LEU C 50 0.19 -6.04 -0.97
N ASN C 51 -1.05 -5.51 -0.92
CA ASN C 51 -2.23 -6.32 -0.61
C ASN C 51 -2.36 -7.53 -1.54
N PRO C 52 -2.83 -7.41 -2.80
CA PRO C 52 -2.84 -8.52 -3.74
C PRO C 52 -1.41 -8.82 -4.23
N GLU C 53 -0.42 -8.78 -3.30
CA GLU C 53 1.00 -8.95 -3.59
C GLU C 53 1.53 -7.71 -4.32
N VAL C 54 0.72 -7.16 -5.24
CA VAL C 54 1.02 -5.94 -5.99
C VAL C 54 2.38 -6.00 -6.69
N LYS C 55 2.37 -6.25 -7.99
CA LYS C 55 3.58 -6.25 -8.79
C LYS C 55 3.98 -4.78 -8.99
N LYS C 56 4.70 -4.24 -8.00
CA LYS C 56 5.14 -2.85 -7.98
C LYS C 56 5.71 -2.42 -9.33
N THR C 57 4.96 -1.53 -10.03
CA THR C 57 5.37 -0.98 -11.32
C THR C 57 4.86 0.45 -11.42
N SER C 58 5.45 1.26 -12.31
CA SER C 58 5.06 2.66 -12.49
C SER C 58 3.81 2.77 -13.36
N TRP C 59 2.82 1.93 -13.07
CA TRP C 59 1.54 1.93 -13.77
C TRP C 59 1.74 1.71 -15.29
N THR C 60 0.66 1.81 -16.08
CA THR C 60 0.73 1.58 -17.52
C THR C 60 -0.41 2.33 -18.19
N GLU C 61 -0.37 2.45 -19.52
CA GLU C 61 -1.41 3.14 -20.29
C GLU C 61 -2.81 2.77 -19.78
N GLU C 62 -3.07 1.46 -19.59
CA GLU C 62 -4.38 1.00 -19.13
C GLU C 62 -4.44 0.96 -17.61
N GLU C 63 -3.82 1.96 -16.97
CA GLU C 63 -3.81 2.07 -15.52
C GLU C 63 -3.72 3.55 -15.14
N ASP C 64 -2.88 4.32 -15.85
CA ASP C 64 -2.74 5.76 -15.64
C ASP C 64 -4.10 6.42 -15.83
N ARG C 65 -4.92 5.83 -16.69
CA ARG C 65 -6.25 6.34 -17.01
C ARG C 65 -7.20 6.16 -15.82
N ILE C 66 -6.92 5.20 -14.94
CA ILE C 66 -7.77 4.92 -13.79
C ILE C 66 -7.75 6.12 -12.85
N ILE C 67 -6.54 6.57 -12.49
CA ILE C 67 -6.39 7.69 -11.57
C ILE C 67 -7.12 8.91 -12.10
N TYR C 68 -6.89 9.26 -13.37
CA TYR C 68 -7.50 10.43 -13.97
C TYR C 68 -9.02 10.43 -13.78
N GLN C 69 -9.68 9.35 -14.19
CA GLN C 69 -11.13 9.24 -14.10
C GLN C 69 -11.60 9.25 -12.65
N ALA C 70 -11.06 8.36 -11.83
CA ALA C 70 -11.46 8.26 -10.43
C ALA C 70 -11.23 9.58 -9.71
N HIS C 71 -10.08 10.22 -9.96
CA HIS C 71 -9.72 11.48 -9.33
C HIS C 71 -10.71 12.57 -9.75
N LYS C 72 -11.18 12.50 -11.00
CA LYS C 72 -12.12 13.49 -11.51
C LYS C 72 -13.51 13.31 -10.89
N ARG C 73 -13.72 12.23 -10.13
CA ARG C 73 -15.01 11.97 -9.48
C ARG C 73 -14.87 12.07 -7.95
N LEU C 74 -13.72 11.66 -7.42
CA LEU C 74 -13.46 11.66 -5.99
C LEU C 74 -12.49 12.78 -5.63
N GLY C 75 -11.31 12.78 -6.23
CA GLY C 75 -10.34 13.81 -5.98
C GLY C 75 -9.42 13.36 -4.87
N ASN C 76 -9.71 13.79 -3.64
CA ASN C 76 -8.90 13.44 -2.51
C ASN C 76 -9.54 12.35 -1.66
N ARG C 77 -10.53 11.63 -2.19
CA ARG C 77 -11.17 10.54 -1.48
C ARG C 77 -10.63 9.25 -2.06
N TRP C 78 -9.32 9.08 -1.88
CA TRP C 78 -8.59 7.95 -2.43
C TRP C 78 -9.05 6.63 -1.79
N ALA C 79 -9.88 6.69 -0.74
CA ALA C 79 -10.37 5.49 -0.10
C ALA C 79 -11.33 4.75 -1.03
N GLU C 80 -12.14 5.52 -1.77
CA GLU C 80 -13.12 4.94 -2.68
C GLU C 80 -12.39 4.49 -3.92
N ILE C 81 -11.44 5.32 -4.38
CA ILE C 81 -10.65 5.00 -5.55
C ILE C 81 -9.92 3.67 -5.29
N ALA C 82 -9.20 3.62 -4.17
CA ALA C 82 -8.45 2.46 -3.75
C ALA C 82 -9.38 1.24 -3.61
N LYS C 83 -10.53 1.44 -2.97
CA LYS C 83 -11.51 0.36 -2.78
C LYS C 83 -11.93 -0.20 -4.14
N LEU C 84 -12.14 0.70 -5.12
CA LEU C 84 -12.53 0.30 -6.47
C LEU C 84 -11.30 -0.15 -7.28
N LEU C 85 -10.12 -0.17 -6.64
CA LEU C 85 -8.88 -0.58 -7.30
C LEU C 85 -8.06 -1.47 -6.35
N PRO C 86 -8.53 -2.72 -6.12
CA PRO C 86 -7.86 -3.65 -5.22
C PRO C 86 -6.38 -3.79 -5.59
N GLY C 87 -6.10 -3.90 -6.89
CA GLY C 87 -4.73 -4.06 -7.39
C GLY C 87 -3.77 -3.07 -6.75
N ARG C 88 -4.21 -1.83 -6.53
CA ARG C 88 -3.39 -0.79 -5.94
C ARG C 88 -4.21 -0.04 -4.89
N THR C 89 -4.23 -0.59 -3.66
CA THR C 89 -5.02 -0.03 -2.56
C THR C 89 -4.14 0.73 -1.55
N ASP C 90 -4.63 1.92 -1.12
CA ASP C 90 -3.97 2.77 -0.12
C ASP C 90 -2.61 3.26 -0.59
N ASN C 91 -2.41 4.59 -0.52
CA ASN C 91 -1.16 5.26 -0.89
C ASN C 91 -0.53 4.62 -2.13
N ALA C 92 -1.34 4.29 -3.11
CA ALA C 92 -0.87 3.74 -4.37
C ALA C 92 -1.32 4.67 -5.49
N ILE C 93 -2.64 4.79 -5.65
CA ILE C 93 -3.23 5.64 -6.66
C ILE C 93 -2.90 7.11 -6.33
N LYS C 94 -2.85 7.45 -5.04
CA LYS C 94 -2.52 8.79 -4.59
C LYS C 94 -1.02 9.00 -4.73
N ASN C 95 -0.24 8.05 -4.17
CA ASN C 95 1.20 8.10 -4.20
C ASN C 95 1.68 8.26 -5.63
N HIS C 96 0.93 7.69 -6.57
CA HIS C 96 1.25 7.78 -7.98
C HIS C 96 0.91 9.16 -8.51
N TRP C 97 -0.35 9.60 -8.32
CA TRP C 97 -0.80 10.88 -8.83
C TRP C 97 0.20 11.98 -8.53
N ASN C 98 0.40 12.23 -7.24
CA ASN C 98 1.25 13.31 -6.77
C ASN C 98 2.76 13.01 -6.94
N SER C 99 3.15 11.99 -7.73
CA SER C 99 4.58 11.69 -7.93
C SER C 99 4.82 11.13 -9.33
N THR C 100 3.85 11.31 -10.22
CA THR C 100 3.94 10.84 -11.59
C THR C 100 3.10 11.76 -12.47
N MET C 101 1.87 12.06 -12.02
CA MET C 101 0.96 12.93 -12.74
C MET C 101 0.91 14.29 -12.04
N ARG C 102 0.01 15.16 -12.54
CA ARG C 102 -0.22 16.52 -12.01
C ARG C 102 -0.83 17.37 -13.11
N ARG C 103 -0.31 17.20 -14.34
CA ARG C 103 -0.81 17.93 -15.50
C ARG C 103 -2.18 17.40 -15.92
N LYS C 104 -2.59 16.25 -15.35
CA LYS C 104 -3.88 15.60 -15.64
C LYS C 104 -3.82 14.98 -17.04
N VAL C 105 -2.94 13.97 -17.21
CA VAL C 105 -2.75 13.26 -18.48
C VAL C 105 -2.06 14.16 -19.50
N MET C 1 15.16 -0.65 20.07
CA MET C 1 15.10 0.80 20.34
C MET C 1 15.21 1.58 19.03
N LEU C 2 16.40 1.58 18.42
CA LEU C 2 16.63 2.28 17.18
C LEU C 2 16.07 1.46 16.01
N ILE C 3 14.75 1.45 15.87
CA ILE C 3 14.08 0.72 14.80
C ILE C 3 12.71 1.35 14.55
N LYS C 4 12.51 1.86 13.33
CA LYS C 4 11.26 2.51 12.92
C LYS C 4 11.37 3.09 11.50
N GLY C 5 12.60 3.20 10.96
CA GLY C 5 12.83 3.73 9.63
C GLY C 5 12.26 2.81 8.55
N PRO C 6 12.59 3.10 7.27
CA PRO C 6 12.12 2.33 6.13
C PRO C 6 12.39 0.84 6.30
N TRP C 7 11.52 0.00 5.73
CA TRP C 7 11.64 -1.44 5.83
C TRP C 7 12.87 -1.92 5.04
N THR C 8 13.38 -3.08 5.44
CA THR C 8 14.58 -3.68 4.84
C THR C 8 14.30 -4.24 3.44
N LYS C 9 13.03 -4.24 3.01
CA LYS C 9 12.63 -4.76 1.70
C LYS C 9 12.78 -6.27 1.64
N GLU C 10 13.11 -6.88 2.78
CA GLU C 10 13.17 -8.32 2.89
C GLU C 10 11.80 -8.72 3.41
N GLU C 11 11.31 -7.94 4.37
CA GLU C 11 10.00 -8.12 4.93
C GLU C 11 8.95 -8.13 3.83
N ASP C 12 9.19 -7.40 2.74
CA ASP C 12 8.26 -7.35 1.61
C ASP C 12 8.00 -8.76 1.09
N GLN C 13 8.96 -9.67 1.27
CA GLN C 13 8.88 -11.07 0.80
C GLN C 13 8.76 -12.05 1.98
N ARG C 14 8.71 -11.54 3.21
CA ARG C 14 8.50 -12.39 4.38
C ARG C 14 7.08 -12.18 4.87
N VAL C 15 6.69 -10.91 5.06
CA VAL C 15 5.34 -10.54 5.43
C VAL C 15 4.38 -11.07 4.36
N ILE C 16 4.89 -11.18 3.12
CA ILE C 16 4.14 -11.68 1.99
C ILE C 16 3.52 -13.05 2.33
N LYS C 17 4.24 -13.85 3.14
CA LYS C 17 3.77 -15.17 3.53
C LYS C 17 2.93 -15.10 4.81
N LEU C 18 3.21 -14.09 5.65
CA LEU C 18 2.49 -13.95 6.90
C LEU C 18 1.08 -13.42 6.67
N VAL C 19 0.83 -12.71 5.57
CA VAL C 19 -0.50 -12.15 5.34
C VAL C 19 -1.47 -13.27 5.00
N GLN C 20 -1.08 -14.17 4.11
CA GLN C 20 -1.94 -15.29 3.76
C GLN C 20 -2.12 -16.23 4.97
N LYS C 21 -1.29 -16.05 6.00
CA LYS C 21 -1.35 -16.87 7.21
C LYS C 21 -2.26 -16.22 8.25
N TYR C 22 -2.45 -14.90 8.15
CA TYR C 22 -3.24 -14.15 9.14
C TYR C 22 -4.28 -13.26 8.45
N GLY C 23 -3.81 -12.34 7.60
CA GLY C 23 -4.70 -11.43 6.88
C GLY C 23 -4.28 -9.97 7.12
N PRO C 24 -4.73 -9.04 6.24
CA PRO C 24 -4.42 -7.63 6.34
C PRO C 24 -5.20 -6.94 7.47
N LYS C 25 -5.81 -7.73 8.36
CA LYS C 25 -6.58 -7.20 9.47
C LYS C 25 -6.21 -7.99 10.73
N ARG C 26 -4.90 -8.06 10.98
CA ARG C 26 -4.35 -8.80 12.10
C ARG C 26 -2.95 -8.26 12.35
N TRP C 27 -2.78 -6.96 12.10
CA TRP C 27 -1.51 -6.27 12.30
C TRP C 27 -1.04 -6.48 13.72
N SER C 28 -1.98 -6.75 14.61
CA SER C 28 -1.68 -6.99 16.01
C SER C 28 -0.83 -8.27 16.13
N VAL C 29 -1.17 -9.27 15.31
CA VAL C 29 -0.45 -10.55 15.31
C VAL C 29 0.81 -10.43 14.45
N ILE C 30 0.70 -9.79 13.27
CA ILE C 30 1.84 -9.60 12.39
C ILE C 30 2.96 -8.90 13.17
N ALA C 31 2.62 -7.79 13.81
CA ALA C 31 3.56 -7.02 14.61
C ALA C 31 4.20 -7.90 15.70
N LYS C 32 3.50 -8.97 16.12
CA LYS C 32 4.02 -9.87 17.15
C LYS C 32 5.32 -10.54 16.67
N HIS C 33 5.37 -10.94 15.39
CA HIS C 33 6.55 -11.60 14.84
C HIS C 33 7.53 -10.54 14.34
N LEU C 34 7.00 -9.49 13.70
CA LEU C 34 7.81 -8.39 13.20
C LEU C 34 7.99 -7.38 14.30
N LYS C 35 8.16 -7.90 15.52
CA LYS C 35 8.39 -7.08 16.70
C LYS C 35 9.54 -6.12 16.45
N GLY C 36 9.17 -4.92 16.09
CA GLY C 36 10.08 -3.82 15.79
C GLY C 36 9.32 -2.78 14.98
N ARG C 37 8.57 -3.25 13.97
CA ARG C 37 7.73 -2.40 13.14
C ARG C 37 6.29 -2.61 13.60
N ILE C 38 5.74 -1.62 14.31
CA ILE C 38 4.39 -1.71 14.87
C ILE C 38 3.35 -1.92 13.76
N GLY C 39 2.13 -2.30 14.20
CA GLY C 39 1.02 -2.61 13.31
C GLY C 39 0.85 -1.59 12.18
N LYS C 40 0.83 -0.30 12.50
CA LYS C 40 0.63 0.73 11.48
C LYS C 40 1.69 0.61 10.38
N GLN C 41 2.95 0.37 10.74
CA GLN C 41 4.02 0.25 9.74
C GLN C 41 3.72 -0.95 8.83
N CYS C 42 3.25 -2.05 9.41
CA CYS C 42 2.94 -3.25 8.65
C CYS C 42 1.81 -2.95 7.67
N ARG C 43 0.80 -2.21 8.12
CA ARG C 43 -0.33 -1.84 7.28
C ARG C 43 0.15 -0.94 6.15
N GLU C 44 0.95 0.08 6.47
CA GLU C 44 1.44 1.01 5.47
C GLU C 44 2.24 0.25 4.41
N ARG C 45 3.07 -0.72 4.83
CA ARG C 45 3.84 -1.51 3.89
C ARG C 45 2.88 -2.25 2.95
N TRP C 46 1.94 -2.99 3.54
CA TRP C 46 1.01 -3.79 2.78
C TRP C 46 0.12 -2.95 1.89
N HIS C 47 -0.68 -2.07 2.50
CA HIS C 47 -1.58 -1.21 1.75
C HIS C 47 -0.77 -0.11 1.05
N ASN C 48 -0.08 -0.52 -0.01
CA ASN C 48 0.72 0.36 -0.82
C ASN C 48 0.85 -0.26 -2.21
N HIS C 49 1.52 -1.43 -2.29
CA HIS C 49 1.68 -2.14 -3.55
C HIS C 49 2.05 -3.60 -3.27
N LEU C 50 1.26 -4.25 -2.41
CA LEU C 50 1.46 -5.65 -2.07
C LEU C 50 0.12 -6.38 -2.23
N ASN C 51 -0.61 -6.59 -1.12
CA ASN C 51 -1.93 -7.25 -1.15
C ASN C 51 -1.86 -8.55 -2.01
N PRO C 52 -2.31 -8.63 -3.30
CA PRO C 52 -2.10 -9.84 -4.09
C PRO C 52 -0.62 -9.91 -4.54
N GLU C 53 0.30 -9.54 -3.62
CA GLU C 53 1.74 -9.50 -3.85
C GLU C 53 2.10 -8.36 -4.82
N VAL C 54 1.23 -8.07 -5.82
CA VAL C 54 1.41 -6.98 -6.78
C VAL C 54 2.75 -7.06 -7.55
N LYS C 55 2.66 -7.34 -8.84
CA LYS C 55 3.83 -7.40 -9.71
C LYS C 55 4.18 -5.97 -10.16
N LYS C 56 4.44 -5.08 -9.19
CA LYS C 56 4.72 -3.68 -9.48
C LYS C 56 5.98 -3.53 -10.33
N THR C 57 6.06 -2.41 -11.03
CA THR C 57 7.19 -2.06 -11.89
C THR C 57 7.08 -0.58 -12.24
N SER C 58 5.90 -0.15 -12.70
CA SER C 58 5.62 1.23 -13.05
C SER C 58 4.19 1.34 -13.55
N TRP C 59 3.58 2.52 -13.39
CA TRP C 59 2.21 2.74 -13.83
C TRP C 59 2.15 2.67 -15.37
N THR C 60 0.95 2.42 -15.93
CA THR C 60 0.81 2.31 -17.38
C THR C 60 -0.64 2.62 -17.75
N GLU C 61 -0.97 2.52 -19.04
CA GLU C 61 -2.31 2.81 -19.53
C GLU C 61 -3.38 2.03 -18.77
N GLU C 62 -3.04 0.82 -18.29
CA GLU C 62 -3.99 -0.04 -17.60
C GLU C 62 -4.16 0.33 -16.12
N GLU C 63 -3.27 1.16 -15.57
CA GLU C 63 -3.35 1.56 -14.17
C GLU C 63 -3.73 3.04 -14.07
N ASP C 64 -3.16 3.86 -14.97
CA ASP C 64 -3.45 5.28 -15.05
C ASP C 64 -4.96 5.49 -15.22
N ARG C 65 -5.60 4.59 -15.98
CA ARG C 65 -7.01 4.68 -16.28
C ARG C 65 -7.83 4.57 -15.00
N ILE C 66 -7.31 3.88 -14.00
CA ILE C 66 -8.00 3.70 -12.74
C ILE C 66 -8.11 5.03 -12.02
N ILE C 67 -6.99 5.73 -11.90
CA ILE C 67 -6.94 6.98 -11.18
C ILE C 67 -7.68 8.08 -11.93
N TYR C 68 -7.43 8.20 -13.24
CA TYR C 68 -8.07 9.22 -14.05
C TYR C 68 -9.58 9.26 -13.80
N GLN C 69 -10.20 8.08 -13.65
CA GLN C 69 -11.63 7.98 -13.43
C GLN C 69 -11.97 8.06 -11.94
N ALA C 70 -11.27 7.28 -11.11
CA ALA C 70 -11.54 7.22 -9.68
C ALA C 70 -11.30 8.57 -8.99
N HIS C 71 -10.11 9.16 -9.16
CA HIS C 71 -9.79 10.44 -8.52
C HIS C 71 -10.78 11.51 -8.96
N LYS C 72 -11.17 11.51 -10.23
CA LYS C 72 -12.10 12.50 -10.73
C LYS C 72 -13.48 12.35 -10.06
N ARG C 73 -13.71 11.21 -9.38
CA ARG C 73 -14.98 10.93 -8.71
C ARG C 73 -14.84 10.93 -7.18
N LEU C 74 -13.60 10.89 -6.67
CA LEU C 74 -13.35 10.84 -5.22
C LEU C 74 -12.52 12.03 -4.78
N GLY C 75 -11.49 12.36 -5.53
CA GLY C 75 -10.65 13.49 -5.22
C GLY C 75 -9.58 13.03 -4.28
N ASN C 76 -9.71 13.41 -3.01
CA ASN C 76 -8.74 13.01 -2.02
C ASN C 76 -9.29 11.92 -1.10
N ARG C 77 -10.31 11.16 -1.56
CA ARG C 77 -10.82 10.06 -0.77
C ARG C 77 -10.18 8.80 -1.32
N TRP C 78 -8.84 8.77 -1.20
CA TRP C 78 -8.01 7.69 -1.70
C TRP C 78 -8.45 6.34 -1.14
N ALA C 79 -9.20 6.37 -0.04
CA ALA C 79 -9.67 5.15 0.60
C ALA C 79 -10.50 4.31 -0.38
N GLU C 80 -11.36 4.95 -1.16
CA GLU C 80 -12.24 4.22 -2.07
C GLU C 80 -11.48 3.90 -3.35
N ILE C 81 -10.61 4.83 -3.80
CA ILE C 81 -9.80 4.60 -4.98
C ILE C 81 -8.97 3.34 -4.78
N ALA C 82 -8.37 3.23 -3.59
CA ALA C 82 -7.56 2.08 -3.22
C ALA C 82 -8.38 0.80 -3.26
N LYS C 83 -9.58 0.81 -2.66
CA LYS C 83 -10.46 -0.36 -2.66
C LYS C 83 -10.81 -0.74 -4.11
N LEU C 84 -11.04 0.29 -4.95
CA LEU C 84 -11.37 0.08 -6.35
C LEU C 84 -10.11 -0.33 -7.14
N LEU C 85 -8.94 -0.25 -6.50
CA LEU C 85 -7.67 -0.60 -7.12
C LEU C 85 -6.97 -1.68 -6.29
N PRO C 86 -7.41 -2.95 -6.40
CA PRO C 86 -6.83 -4.05 -5.66
C PRO C 86 -5.37 -4.26 -6.08
N GLY C 87 -4.45 -3.69 -5.31
CA GLY C 87 -3.03 -3.80 -5.57
C GLY C 87 -2.34 -2.51 -5.14
N ARG C 88 -2.43 -1.49 -5.98
CA ARG C 88 -1.81 -0.20 -5.69
C ARG C 88 -2.72 0.57 -4.72
N THR C 89 -2.59 0.27 -3.43
CA THR C 89 -3.40 0.88 -2.40
C THR C 89 -3.02 2.35 -2.20
N ASP C 90 -3.78 3.02 -1.31
CA ASP C 90 -3.63 4.45 -0.96
C ASP C 90 -2.25 5.03 -1.30
N ASN C 91 -1.21 4.56 -0.61
CA ASN C 91 0.14 5.10 -0.76
C ASN C 91 0.55 5.19 -2.22
N ALA C 92 0.54 4.06 -2.96
CA ALA C 92 0.96 4.02 -4.36
C ALA C 92 0.20 5.03 -5.19
N ILE C 93 -1.11 4.85 -5.30
CA ILE C 93 -1.96 5.70 -6.13
C ILE C 93 -1.81 7.17 -5.75
N LYS C 94 -1.68 7.48 -4.46
CA LYS C 94 -1.56 8.84 -4.00
C LYS C 94 -0.22 9.46 -4.40
N ASN C 95 0.90 8.81 -4.03
CA ASN C 95 2.21 9.36 -4.33
C ASN C 95 2.40 9.45 -5.83
N HIS C 96 1.76 8.54 -6.58
CA HIS C 96 1.87 8.54 -8.03
C HIS C 96 1.10 9.71 -8.62
N TRP C 97 -0.17 9.87 -8.22
CA TRP C 97 -1.03 10.89 -8.79
C TRP C 97 -0.35 12.25 -8.78
N ASN C 98 -0.13 12.76 -7.58
CA ASN C 98 0.39 14.12 -7.39
C ASN C 98 1.76 14.32 -8.03
N SER C 99 2.51 13.26 -8.33
CA SER C 99 3.83 13.41 -8.92
C SER C 99 3.75 13.40 -10.45
N THR C 100 3.04 12.42 -11.01
CA THR C 100 2.93 12.26 -12.45
C THR C 100 1.64 12.90 -12.97
N MET C 101 0.50 12.42 -12.45
CA MET C 101 -0.80 12.87 -12.89
C MET C 101 -1.26 14.10 -12.07
N ARG C 102 -0.38 15.09 -11.93
CA ARG C 102 -0.72 16.31 -11.19
C ARG C 102 -1.86 17.02 -11.91
N ARG C 103 -1.94 16.84 -13.24
CA ARG C 103 -2.99 17.42 -14.05
C ARG C 103 -4.21 16.51 -14.02
N LYS C 104 -5.41 17.09 -13.86
CA LYS C 104 -6.63 16.30 -13.79
C LYS C 104 -7.02 15.76 -15.17
N VAL C 105 -6.41 16.33 -16.21
CA VAL C 105 -6.66 15.98 -17.61
C VAL C 105 -8.14 15.59 -17.83
N MET C 1 13.57 1.99 22.56
CA MET C 1 13.04 0.65 22.90
C MET C 1 12.50 -0.03 21.65
N LEU C 2 11.36 0.46 21.14
CA LEU C 2 10.74 -0.10 19.95
C LEU C 2 11.59 0.25 18.73
N ILE C 3 11.83 -0.73 17.85
CA ILE C 3 12.64 -0.51 16.65
C ILE C 3 11.78 0.12 15.54
N LYS C 4 11.15 1.27 15.84
CA LYS C 4 10.34 1.97 14.86
C LYS C 4 11.25 2.79 13.96
N GLY C 5 12.05 2.08 13.15
CA GLY C 5 12.99 2.71 12.22
C GLY C 5 12.76 2.17 10.82
N PRO C 6 13.66 2.51 9.87
CA PRO C 6 13.55 2.08 8.49
C PRO C 6 13.44 0.56 8.40
N TRP C 7 12.84 0.10 7.30
CA TRP C 7 12.65 -1.33 7.06
C TRP C 7 13.68 -1.82 6.06
N THR C 8 13.61 -3.10 5.67
CA THR C 8 14.57 -3.70 4.76
C THR C 8 14.04 -5.04 4.22
N LYS C 9 14.83 -5.67 3.34
CA LYS C 9 14.49 -6.97 2.76
C LYS C 9 14.47 -8.02 3.88
N GLU C 10 15.30 -7.82 4.90
CA GLU C 10 15.40 -8.75 6.02
C GLU C 10 14.24 -8.56 6.99
N GLU C 11 13.28 -7.69 6.62
CA GLU C 11 12.07 -7.48 7.40
C GLU C 11 10.89 -7.92 6.54
N ASP C 12 11.01 -7.73 5.22
CA ASP C 12 9.98 -8.11 4.26
C ASP C 12 9.79 -9.61 4.19
N GLN C 13 10.87 -10.39 4.08
CA GLN C 13 10.78 -11.85 3.92
C GLN C 13 10.37 -12.49 5.24
N ARG C 14 10.21 -11.65 6.25
CA ARG C 14 9.76 -12.07 7.54
C ARG C 14 8.23 -11.90 7.58
N VAL C 15 7.75 -10.93 6.79
CA VAL C 15 6.33 -10.67 6.65
C VAL C 15 5.76 -11.55 5.53
N ILE C 16 6.57 -11.79 4.49
CA ILE C 16 6.14 -12.55 3.32
C ILE C 16 5.62 -13.93 3.74
N LYS C 17 6.28 -14.58 4.72
CA LYS C 17 5.89 -15.89 5.18
C LYS C 17 4.61 -15.81 6.02
N LEU C 18 4.46 -14.74 6.79
CA LEU C 18 3.31 -14.56 7.67
C LEU C 18 2.07 -14.21 6.85
N VAL C 19 2.22 -13.36 5.83
CA VAL C 19 1.10 -12.97 4.98
C VAL C 19 0.58 -14.18 4.22
N GLN C 20 1.47 -15.10 3.84
CA GLN C 20 1.08 -16.31 3.15
C GLN C 20 0.26 -17.21 4.08
N LYS C 21 0.39 -17.01 5.41
CA LYS C 21 -0.33 -17.81 6.39
C LYS C 21 -1.65 -17.13 6.77
N TYR C 22 -1.60 -15.84 7.10
CA TYR C 22 -2.77 -15.08 7.53
C TYR C 22 -3.37 -14.32 6.35
N GLY C 23 -2.58 -13.41 5.76
CA GLY C 23 -3.03 -12.58 4.65
C GLY C 23 -3.28 -11.17 5.16
N PRO C 24 -3.91 -10.30 4.34
CA PRO C 24 -4.22 -8.95 4.73
C PRO C 24 -5.14 -8.97 5.94
N LYS C 25 -4.85 -8.10 6.92
CA LYS C 25 -5.62 -7.98 8.16
C LYS C 25 -5.04 -8.95 9.18
N ARG C 26 -5.17 -8.58 10.46
CA ARG C 26 -4.69 -9.35 11.61
C ARG C 26 -3.23 -9.04 11.85
N TRP C 27 -2.85 -7.81 11.51
CA TRP C 27 -1.50 -7.33 11.68
C TRP C 27 -1.11 -7.36 13.17
N SER C 28 -2.11 -7.39 14.07
CA SER C 28 -1.86 -7.50 15.50
C SER C 28 -1.16 -8.82 15.78
N VAL C 29 -1.50 -9.86 15.00
CA VAL C 29 -0.91 -11.18 15.16
C VAL C 29 0.45 -11.24 14.47
N ILE C 30 0.55 -10.66 13.27
CA ILE C 30 1.81 -10.65 12.54
C ILE C 30 2.84 -9.88 13.36
N ALA C 31 2.45 -8.72 13.88
CA ALA C 31 3.31 -7.91 14.70
C ALA C 31 3.80 -8.74 15.88
N LYS C 32 2.97 -9.68 16.35
CA LYS C 32 3.32 -10.55 17.44
C LYS C 32 4.52 -11.41 17.07
N HIS C 33 4.69 -11.73 15.76
CA HIS C 33 5.80 -12.58 15.34
C HIS C 33 7.01 -11.71 15.00
N LEU C 34 6.78 -10.59 14.30
CA LEU C 34 7.87 -9.67 13.97
C LEU C 34 8.43 -9.10 15.27
N LYS C 35 7.60 -9.15 16.31
CA LYS C 35 7.95 -8.73 17.66
C LYS C 35 8.17 -7.21 17.80
N GLY C 36 9.17 -6.67 17.12
CA GLY C 36 9.52 -5.26 17.24
C GLY C 36 8.59 -4.40 16.40
N ARG C 37 8.25 -4.88 15.21
CA ARG C 37 7.37 -4.17 14.32
C ARG C 37 5.93 -4.31 14.84
N ILE C 38 5.46 -3.30 15.60
CA ILE C 38 4.12 -3.34 16.19
C ILE C 38 3.02 -3.28 15.11
N GLY C 39 1.75 -3.26 15.56
CA GLY C 39 0.60 -3.28 14.66
C GLY C 39 0.41 -1.98 13.90
N LYS C 40 1.21 -1.79 12.84
CA LYS C 40 1.14 -0.63 11.94
C LYS C 40 2.37 -0.60 11.06
N GLN C 41 3.54 -0.92 11.63
CA GLN C 41 4.79 -0.94 10.89
C GLN C 41 4.69 -1.93 9.74
N CYS C 42 4.40 -3.18 10.06
CA CYS C 42 4.28 -4.24 9.08
C CYS C 42 3.12 -3.97 8.11
N ARG C 43 2.04 -3.38 8.63
CA ARG C 43 0.87 -3.07 7.81
C ARG C 43 1.24 -2.05 6.73
N GLU C 44 1.82 -0.91 7.14
CA GLU C 44 2.22 0.13 6.20
C GLU C 44 3.26 -0.42 5.23
N ARG C 45 4.26 -1.15 5.76
CA ARG C 45 5.31 -1.75 4.93
C ARG C 45 4.68 -2.49 3.76
N TRP C 46 3.81 -3.44 4.07
CA TRP C 46 3.18 -4.26 3.07
C TRP C 46 2.25 -3.43 2.17
N HIS C 47 1.46 -2.54 2.78
CA HIS C 47 0.51 -1.71 2.05
C HIS C 47 1.19 -0.44 1.55
N ASN C 48 2.21 -0.60 0.70
CA ASN C 48 2.94 0.51 0.08
C ASN C 48 3.40 0.06 -1.30
N HIS C 49 2.56 -0.78 -1.96
CA HIS C 49 2.85 -1.35 -3.27
C HIS C 49 3.96 -2.41 -3.12
N LEU C 50 4.06 -2.98 -1.91
CA LEU C 50 5.06 -3.98 -1.58
C LEU C 50 4.43 -5.35 -1.70
N ASN C 51 3.28 -5.50 -1.04
CA ASN C 51 2.53 -6.74 -1.01
C ASN C 51 2.48 -7.38 -2.41
N PRO C 52 3.02 -8.61 -2.56
CA PRO C 52 2.97 -9.33 -3.83
C PRO C 52 1.51 -9.62 -4.18
N GLU C 53 0.62 -9.49 -3.18
CA GLU C 53 -0.79 -9.72 -3.36
C GLU C 53 -1.40 -8.62 -4.26
N VAL C 54 -0.58 -7.62 -4.65
CA VAL C 54 -1.02 -6.55 -5.51
C VAL C 54 -1.15 -7.08 -6.96
N LYS C 55 -0.83 -6.27 -7.94
CA LYS C 55 -0.95 -6.65 -9.34
C LYS C 55 0.31 -6.27 -10.13
N LYS C 56 0.92 -5.11 -9.77
CA LYS C 56 2.12 -4.61 -10.43
C LYS C 56 1.84 -4.37 -11.92
N THR C 57 1.38 -3.16 -12.23
CA THR C 57 1.06 -2.76 -13.60
C THR C 57 1.68 -1.39 -13.90
N SER C 58 1.92 -0.59 -12.85
CA SER C 58 2.50 0.75 -12.98
C SER C 58 1.57 1.67 -13.78
N TRP C 59 1.97 2.94 -13.93
CA TRP C 59 1.16 3.95 -14.61
C TRP C 59 1.84 4.31 -15.93
N THR C 60 1.04 4.47 -17.01
CA THR C 60 1.62 4.74 -18.33
C THR C 60 0.65 5.49 -19.24
N GLU C 61 0.19 6.67 -18.80
CA GLU C 61 -0.70 7.55 -19.56
C GLU C 61 -2.13 6.99 -19.60
N GLU C 62 -2.26 5.68 -19.75
CA GLU C 62 -3.55 5.02 -19.81
C GLU C 62 -4.10 4.85 -18.41
N GLU C 63 -3.21 4.63 -17.44
CA GLU C 63 -3.62 4.50 -16.05
C GLU C 63 -3.51 5.84 -15.35
N ASP C 64 -2.59 6.72 -15.81
CA ASP C 64 -2.40 8.04 -15.21
C ASP C 64 -3.70 8.84 -15.29
N ARG C 65 -4.48 8.61 -16.35
CA ARG C 65 -5.73 9.31 -16.56
C ARG C 65 -6.81 8.82 -15.58
N ILE C 66 -6.61 7.62 -14.98
CA ILE C 66 -7.57 7.08 -14.06
C ILE C 66 -7.59 7.93 -12.80
N ILE C 67 -6.40 8.22 -12.25
CA ILE C 67 -6.30 9.03 -11.04
C ILE C 67 -6.82 10.44 -11.33
N TYR C 68 -6.57 10.95 -12.53
CA TYR C 68 -7.00 12.30 -12.89
C TYR C 68 -8.52 12.42 -12.73
N GLN C 69 -9.27 11.51 -13.35
CA GLN C 69 -10.72 11.51 -13.29
C GLN C 69 -11.20 11.25 -11.85
N ALA C 70 -10.61 10.24 -11.22
CA ALA C 70 -10.98 9.85 -9.86
C ALA C 70 -10.70 10.99 -8.88
N HIS C 71 -9.60 11.71 -9.10
CA HIS C 71 -9.21 12.82 -8.25
C HIS C 71 -10.09 14.04 -8.52
N LYS C 72 -11.00 13.92 -9.49
CA LYS C 72 -11.92 14.99 -9.84
C LYS C 72 -13.37 14.59 -9.58
N ARG C 73 -13.56 13.38 -9.01
CA ARG C 73 -14.89 12.90 -8.60
C ARG C 73 -14.87 12.67 -7.09
N LEU C 74 -13.78 12.09 -6.60
CA LEU C 74 -13.58 11.78 -5.18
C LEU C 74 -12.50 12.69 -4.62
N GLY C 75 -11.37 12.82 -5.32
CA GLY C 75 -10.32 13.71 -4.91
C GLY C 75 -9.39 12.96 -4.02
N ASN C 76 -9.49 13.20 -2.72
CA ASN C 76 -8.62 12.57 -1.79
C ASN C 76 -9.27 11.41 -1.07
N ARG C 77 -10.38 10.85 -1.61
CA ARG C 77 -10.98 9.70 -0.98
C ARG C 77 -10.39 8.48 -1.66
N TRP C 78 -9.06 8.37 -1.53
CA TRP C 78 -8.26 7.29 -2.11
C TRP C 78 -8.85 5.95 -1.74
N ALA C 79 -9.58 5.91 -0.63
CA ALA C 79 -10.18 4.68 -0.16
C ALA C 79 -11.27 4.24 -1.12
N GLU C 80 -12.22 5.13 -1.38
CA GLU C 80 -13.35 4.80 -2.22
C GLU C 80 -12.89 4.74 -3.66
N ILE C 81 -11.94 5.62 -4.03
CA ILE C 81 -11.37 5.60 -5.35
C ILE C 81 -10.77 4.22 -5.57
N ALA C 82 -9.92 3.79 -4.62
CA ALA C 82 -9.26 2.48 -4.70
C ALA C 82 -10.30 1.36 -4.80
N LYS C 83 -11.29 1.33 -3.90
CA LYS C 83 -12.32 0.29 -3.90
C LYS C 83 -12.94 0.17 -5.30
N LEU C 84 -13.25 1.32 -5.93
CA LEU C 84 -13.84 1.32 -7.25
C LEU C 84 -12.84 0.86 -8.31
N LEU C 85 -11.67 1.53 -8.36
CA LEU C 85 -10.61 1.25 -9.33
C LEU C 85 -10.17 -0.22 -9.23
N PRO C 86 -10.48 -1.06 -10.23
CA PRO C 86 -10.11 -2.47 -10.20
C PRO C 86 -8.59 -2.62 -10.32
N GLY C 87 -8.02 -3.54 -9.52
CA GLY C 87 -6.61 -3.85 -9.57
C GLY C 87 -5.78 -2.93 -8.70
N ARG C 88 -5.78 -1.62 -9.00
CA ARG C 88 -4.97 -0.65 -8.27
C ARG C 88 -5.67 -0.22 -6.98
N THR C 89 -5.34 -0.91 -5.87
CA THR C 89 -5.88 -0.59 -4.55
C THR C 89 -5.24 0.72 -4.05
N ASP C 90 -5.57 1.15 -2.82
CA ASP C 90 -4.96 2.33 -2.25
C ASP C 90 -3.44 2.11 -2.13
N ASN C 91 -2.72 3.10 -1.60
CA ASN C 91 -1.27 3.06 -1.44
C ASN C 91 -0.57 2.71 -2.77
N ALA C 92 -1.30 2.92 -3.88
CA ALA C 92 -0.79 2.72 -5.23
C ALA C 92 -1.15 3.96 -6.01
N ILE C 93 -2.46 4.22 -6.07
CA ILE C 93 -3.00 5.37 -6.76
C ILE C 93 -2.64 6.63 -5.97
N LYS C 94 -2.72 6.56 -4.65
CA LYS C 94 -2.40 7.66 -3.77
C LYS C 94 -0.89 7.85 -3.78
N ASN C 95 -0.17 6.75 -3.56
CA ASN C 95 1.28 6.74 -3.53
C ASN C 95 1.81 7.27 -4.87
N HIS C 96 1.07 7.02 -5.95
CA HIS C 96 1.45 7.46 -7.28
C HIS C 96 1.23 8.97 -7.42
N TRP C 97 0.02 9.43 -7.10
CA TRP C 97 -0.34 10.83 -7.26
C TRP C 97 0.71 11.74 -6.65
N ASN C 98 0.89 11.62 -5.34
CA ASN C 98 1.82 12.47 -4.59
C ASN C 98 3.30 12.13 -4.88
N SER C 99 3.61 11.62 -6.09
CA SER C 99 4.98 11.28 -6.45
C SER C 99 5.26 11.65 -7.91
N THR C 100 4.31 11.40 -8.83
CA THR C 100 4.49 11.67 -10.25
C THR C 100 3.29 12.43 -10.83
N MET C 101 2.33 12.80 -9.99
CA MET C 101 1.16 13.57 -10.43
C MET C 101 0.70 14.48 -9.28
N ARG C 102 1.60 15.35 -8.81
CA ARG C 102 1.28 16.26 -7.72
C ARG C 102 0.53 17.48 -8.27
N ARG C 103 0.68 18.64 -7.60
CA ARG C 103 0.01 19.88 -8.00
C ARG C 103 -1.51 19.79 -7.80
N LYS C 104 -2.05 18.58 -7.56
CA LYS C 104 -3.48 18.38 -7.35
C LYS C 104 -4.26 19.06 -8.48
N VAL C 105 -3.92 18.67 -9.72
CA VAL C 105 -4.54 19.23 -10.92
C VAL C 105 -6.02 18.84 -11.00
N MET C 1 6.63 7.97 16.11
CA MET C 1 7.59 8.36 17.16
C MET C 1 7.73 7.24 18.18
N LEU C 2 8.76 7.35 19.04
CA LEU C 2 9.03 6.36 20.09
C LEU C 2 9.40 5.01 19.48
N ILE C 3 9.86 5.02 18.23
CA ILE C 3 10.27 3.82 17.52
C ILE C 3 10.92 4.23 16.20
N LYS C 4 12.03 3.57 15.86
CA LYS C 4 12.75 3.87 14.63
C LYS C 4 13.39 2.59 14.11
N GLY C 5 13.18 2.26 12.84
CA GLY C 5 13.74 1.07 12.24
C GLY C 5 13.13 0.83 10.85
N PRO C 6 13.77 1.38 9.79
CA PRO C 6 13.29 1.23 8.43
C PRO C 6 13.15 -0.25 8.06
N TRP C 7 12.33 -0.52 7.05
CA TRP C 7 12.06 -1.89 6.63
C TRP C 7 13.14 -2.40 5.71
N THR C 8 14.11 -3.09 6.28
CA THR C 8 15.18 -3.72 5.54
C THR C 8 14.58 -4.75 4.58
N LYS C 9 15.37 -5.24 3.62
CA LYS C 9 14.90 -6.25 2.68
C LYS C 9 14.86 -7.62 3.35
N GLU C 10 15.03 -7.64 4.67
CA GLU C 10 14.94 -8.84 5.46
C GLU C 10 13.50 -8.95 5.92
N GLU C 11 13.07 -8.01 6.79
CA GLU C 11 11.70 -7.96 7.30
C GLU C 11 10.72 -8.13 6.15
N ASP C 12 11.11 -7.61 4.99
CA ASP C 12 10.35 -7.70 3.76
C ASP C 12 9.73 -9.08 3.56
N GLN C 13 10.50 -10.16 3.82
CA GLN C 13 9.98 -11.53 3.64
C GLN C 13 9.52 -12.10 4.97
N ARG C 14 9.91 -11.48 6.06
CA ARG C 14 9.45 -11.91 7.35
C ARG C 14 7.97 -11.52 7.46
N VAL C 15 7.51 -10.68 6.51
CA VAL C 15 6.13 -10.28 6.39
C VAL C 15 5.52 -10.91 5.11
N ILE C 16 6.37 -11.19 4.08
CA ILE C 16 5.91 -11.78 2.82
C ILE C 16 5.41 -13.21 3.05
N LYS C 17 5.95 -13.91 4.06
CA LYS C 17 5.52 -15.27 4.35
C LYS C 17 4.32 -15.27 5.30
N LEU C 18 4.14 -14.19 6.06
CA LEU C 18 3.04 -14.11 7.03
C LEU C 18 1.73 -13.70 6.37
N VAL C 19 1.75 -12.71 5.46
CA VAL C 19 0.53 -12.26 4.83
C VAL C 19 -0.06 -13.37 3.97
N GLN C 20 0.79 -14.19 3.35
CA GLN C 20 0.32 -15.30 2.54
C GLN C 20 -0.52 -16.25 3.40
N LYS C 21 -0.25 -16.28 4.72
CA LYS C 21 -0.98 -17.15 5.64
C LYS C 21 -2.20 -16.42 6.24
N TYR C 22 -2.00 -15.19 6.74
CA TYR C 22 -3.07 -14.43 7.38
C TYR C 22 -3.88 -13.64 6.36
N GLY C 23 -3.20 -12.81 5.57
CA GLY C 23 -3.83 -11.96 4.59
C GLY C 23 -3.62 -10.50 4.99
N PRO C 24 -4.00 -9.54 4.11
CA PRO C 24 -3.87 -8.12 4.40
C PRO C 24 -4.93 -7.69 5.42
N LYS C 25 -4.83 -8.20 6.65
CA LYS C 25 -5.76 -7.91 7.71
C LYS C 25 -5.25 -8.54 9.00
N ARG C 26 -5.45 -7.83 10.12
CA ARG C 26 -5.06 -8.27 11.45
C ARG C 26 -3.62 -7.91 11.65
N TRP C 27 -3.26 -6.73 11.15
CA TRP C 27 -1.93 -6.15 11.25
C TRP C 27 -1.42 -6.23 12.69
N SER C 28 -2.36 -6.33 13.66
CA SER C 28 -1.98 -6.46 15.07
C SER C 28 -1.32 -7.83 15.28
N VAL C 29 -1.91 -8.88 14.69
CA VAL C 29 -1.38 -10.22 14.78
C VAL C 29 -0.07 -10.29 14.02
N ILE C 30 -0.01 -9.66 12.84
CA ILE C 30 1.20 -9.64 12.03
C ILE C 30 2.32 -8.99 12.85
N ALA C 31 1.99 -7.88 13.53
CA ALA C 31 2.93 -7.15 14.36
C ALA C 31 3.31 -7.98 15.59
N LYS C 32 2.50 -8.98 15.97
CA LYS C 32 2.80 -9.82 17.13
C LYS C 32 4.13 -10.56 16.90
N HIS C 33 4.52 -10.77 15.62
CA HIS C 33 5.80 -11.39 15.30
C HIS C 33 6.78 -10.29 14.93
N LEU C 34 6.33 -9.36 14.07
CA LEU C 34 7.14 -8.22 13.65
C LEU C 34 7.03 -7.12 14.70
N LYS C 35 7.29 -7.50 15.94
CA LYS C 35 7.23 -6.59 17.10
C LYS C 35 8.11 -5.34 16.90
N GLY C 36 9.08 -5.41 15.97
CA GLY C 36 9.98 -4.30 15.73
C GLY C 36 9.29 -3.22 14.90
N ARG C 37 8.27 -3.64 14.12
CA ARG C 37 7.52 -2.74 13.28
C ARG C 37 6.02 -3.03 13.46
N ILE C 38 5.32 -2.13 14.17
CA ILE C 38 3.91 -2.30 14.51
C ILE C 38 3.00 -2.40 13.27
N GLY C 39 1.69 -2.47 13.53
CA GLY C 39 0.68 -2.65 12.50
C GLY C 39 0.80 -1.64 11.36
N LYS C 40 0.79 -0.34 11.66
CA LYS C 40 0.86 0.68 10.63
C LYS C 40 2.19 0.62 9.86
N GLN C 41 3.24 0.08 10.50
CA GLN C 41 4.55 -0.03 9.87
C GLN C 41 4.54 -1.16 8.82
N CYS C 42 4.14 -2.37 9.23
CA CYS C 42 4.06 -3.51 8.30
C CYS C 42 3.07 -3.21 7.19
N ARG C 43 2.00 -2.44 7.51
CA ARG C 43 1.03 -2.06 6.50
C ARG C 43 1.69 -1.16 5.46
N GLU C 44 2.42 -0.12 5.92
CA GLU C 44 3.09 0.80 5.00
C GLU C 44 4.00 0.03 4.04
N ARG C 45 4.85 -0.86 4.59
CA ARG C 45 5.75 -1.67 3.78
C ARG C 45 4.95 -2.46 2.75
N TRP C 46 3.81 -3.01 3.19
CA TRP C 46 2.99 -3.85 2.33
C TRP C 46 2.22 -3.03 1.30
N HIS C 47 1.22 -2.25 1.76
CA HIS C 47 0.35 -1.47 0.89
C HIS C 47 1.16 -0.52 0.01
N ASN C 48 1.39 -0.95 -1.24
CA ASN C 48 2.08 -0.18 -2.25
C ASN C 48 2.19 -1.06 -3.49
N HIS C 49 3.22 -1.92 -3.53
CA HIS C 49 3.44 -2.84 -4.65
C HIS C 49 4.28 -4.04 -4.17
N LEU C 50 4.35 -4.26 -2.84
CA LEU C 50 5.12 -5.36 -2.26
C LEU C 50 4.36 -6.66 -2.46
N ASN C 51 3.09 -6.62 -2.06
CA ASN C 51 2.19 -7.76 -2.12
C ASN C 51 2.41 -8.59 -3.39
N PRO C 52 2.91 -9.84 -3.25
CA PRO C 52 3.05 -10.72 -4.39
C PRO C 52 1.65 -11.07 -4.89
N GLU C 53 0.64 -10.77 -4.05
CA GLU C 53 -0.75 -11.02 -4.35
C GLU C 53 -1.19 -10.18 -5.56
N VAL C 54 -0.55 -9.02 -5.81
CA VAL C 54 -0.89 -8.17 -6.93
C VAL C 54 0.10 -8.43 -8.06
N LYS C 55 0.24 -7.47 -8.96
CA LYS C 55 1.14 -7.58 -10.11
C LYS C 55 1.70 -6.20 -10.48
N LYS C 56 1.99 -5.37 -9.46
CA LYS C 56 2.52 -4.02 -9.64
C LYS C 56 1.56 -3.15 -10.46
N THR C 57 1.61 -3.28 -11.80
CA THR C 57 0.79 -2.51 -12.77
C THR C 57 1.26 -1.05 -12.82
N SER C 58 1.45 -0.41 -11.66
CA SER C 58 1.92 0.97 -11.59
C SER C 58 0.90 1.93 -12.19
N TRP C 59 1.39 2.99 -12.86
CA TRP C 59 0.55 4.00 -13.46
C TRP C 59 1.10 4.39 -14.83
N THR C 60 0.27 4.31 -15.87
CA THR C 60 0.72 4.66 -17.21
C THR C 60 -0.46 4.90 -18.15
N GLU C 61 -1.51 4.07 -18.05
CA GLU C 61 -2.67 4.22 -18.92
C GLU C 61 -3.89 3.53 -18.31
N GLU C 62 -3.88 2.18 -18.29
CA GLU C 62 -5.01 1.40 -17.77
C GLU C 62 -5.24 1.68 -16.29
N GLU C 63 -4.21 2.18 -15.59
CA GLU C 63 -4.29 2.48 -14.18
C GLU C 63 -4.42 4.00 -14.00
N ASP C 64 -3.63 4.75 -14.78
CA ASP C 64 -3.63 6.20 -14.73
C ASP C 64 -5.04 6.74 -14.97
N ARG C 65 -5.80 6.08 -15.84
CA ARG C 65 -7.14 6.52 -16.18
C ARG C 65 -8.06 6.45 -14.97
N ILE C 66 -7.76 5.52 -14.06
CA ILE C 66 -8.57 5.36 -12.86
C ILE C 66 -8.42 6.58 -11.99
N ILE C 67 -7.19 7.03 -11.86
CA ILE C 67 -6.86 8.17 -11.03
C ILE C 67 -7.35 9.47 -11.66
N TYR C 68 -6.95 9.74 -12.91
CA TYR C 68 -7.34 10.97 -13.59
C TYR C 68 -8.85 11.22 -13.48
N GLN C 69 -9.66 10.15 -13.52
CA GLN C 69 -11.12 10.28 -13.45
C GLN C 69 -11.60 10.26 -12.01
N ALA C 70 -11.28 9.20 -11.27
CA ALA C 70 -11.74 9.05 -9.90
C ALA C 70 -11.36 10.28 -9.07
N HIS C 71 -10.11 10.72 -9.17
CA HIS C 71 -9.63 11.88 -8.42
C HIS C 71 -10.46 13.12 -8.74
N LYS C 72 -10.90 13.25 -10.00
CA LYS C 72 -11.66 14.41 -10.43
C LYS C 72 -12.96 14.54 -9.64
N ARG C 73 -13.50 13.42 -9.13
CA ARG C 73 -14.77 13.44 -8.39
C ARG C 73 -14.53 13.23 -6.90
N LEU C 74 -13.64 12.31 -6.54
CA LEU C 74 -13.37 11.95 -5.15
C LEU C 74 -12.38 12.94 -4.54
N GLY C 75 -11.32 13.29 -5.26
CA GLY C 75 -10.37 14.28 -4.80
C GLY C 75 -9.39 13.61 -3.87
N ASN C 76 -9.72 13.58 -2.58
CA ASN C 76 -8.85 12.98 -1.60
C ASN C 76 -9.56 11.86 -0.85
N ARG C 77 -10.53 11.19 -1.51
CA ARG C 77 -11.22 10.07 -0.91
C ARG C 77 -10.58 8.82 -1.47
N TRP C 78 -9.29 8.76 -1.25
CA TRP C 78 -8.44 7.65 -1.68
C TRP C 78 -9.06 6.33 -1.20
N ALA C 79 -9.80 6.39 -0.09
CA ALA C 79 -10.46 5.23 0.49
C ALA C 79 -11.49 4.65 -0.46
N GLU C 80 -12.17 5.51 -1.23
CA GLU C 80 -13.19 5.09 -2.15
C GLU C 80 -12.53 4.69 -3.46
N ILE C 81 -11.64 5.55 -3.99
CA ILE C 81 -10.93 5.24 -5.22
C ILE C 81 -10.27 3.86 -5.10
N ALA C 82 -9.54 3.64 -4.00
CA ALA C 82 -8.85 2.38 -3.74
C ALA C 82 -9.80 1.20 -3.74
N LYS C 83 -10.92 1.30 -3.01
CA LYS C 83 -11.89 0.21 -2.96
C LYS C 83 -12.37 -0.12 -4.37
N LEU C 84 -12.52 0.92 -5.21
CA LEU C 84 -12.96 0.74 -6.59
C LEU C 84 -11.77 0.32 -7.46
N LEU C 85 -10.53 0.57 -7.00
CA LEU C 85 -9.31 0.26 -7.74
C LEU C 85 -8.40 -0.66 -6.92
N PRO C 86 -8.67 -1.98 -6.91
CA PRO C 86 -7.84 -2.93 -6.21
C PRO C 86 -6.51 -3.10 -6.94
N GLY C 87 -5.53 -3.75 -6.30
CA GLY C 87 -4.23 -4.01 -6.91
C GLY C 87 -3.21 -2.97 -6.46
N ARG C 88 -3.63 -1.70 -6.32
CA ARG C 88 -2.75 -0.62 -5.91
C ARG C 88 -3.04 -0.22 -4.46
N THR C 89 -4.32 0.04 -4.13
CA THR C 89 -4.75 0.39 -2.77
C THR C 89 -4.39 1.83 -2.41
N ASP C 90 -5.06 2.36 -1.36
CA ASP C 90 -4.89 3.73 -0.85
C ASP C 90 -3.46 4.24 -0.94
N ASN C 91 -2.53 3.57 -0.26
CA ASN C 91 -1.15 4.03 -0.20
C ASN C 91 -0.56 4.25 -1.60
N ALA C 92 -0.78 3.30 -2.52
CA ALA C 92 -0.23 3.39 -3.87
C ALA C 92 -0.80 4.58 -4.65
N ILE C 93 -2.12 4.79 -4.58
CA ILE C 93 -2.73 5.89 -5.31
C ILE C 93 -2.37 7.23 -4.64
N LYS C 94 -2.32 7.23 -3.32
CA LYS C 94 -1.99 8.41 -2.53
C LYS C 94 -0.59 8.89 -2.86
N ASN C 95 0.43 8.04 -2.67
CA ASN C 95 1.81 8.43 -2.92
C ASN C 95 2.04 8.61 -4.42
N HIS C 96 1.19 8.00 -5.26
CA HIS C 96 1.29 8.17 -6.70
C HIS C 96 0.94 9.60 -7.05
N TRP C 97 -0.32 9.97 -6.81
CA TRP C 97 -0.80 11.31 -7.10
C TRP C 97 0.14 12.34 -6.49
N ASN C 98 0.26 12.29 -5.17
CA ASN C 98 1.08 13.25 -4.43
C ASN C 98 2.58 12.95 -4.61
N SER C 99 3.05 12.99 -5.86
CA SER C 99 4.45 12.76 -6.22
C SER C 99 4.60 12.89 -7.73
N THR C 100 3.66 12.33 -8.49
CA THR C 100 3.70 12.33 -9.95
C THR C 100 2.69 13.35 -10.51
N MET C 101 1.52 13.44 -9.88
CA MET C 101 0.45 14.33 -10.34
C MET C 101 -0.22 15.00 -9.15
N ARG C 102 0.19 16.22 -8.77
CA ARG C 102 -0.43 16.91 -7.66
C ARG C 102 -1.88 17.29 -8.02
N ARG C 103 -2.59 17.95 -7.09
CA ARG C 103 -3.98 18.35 -7.30
C ARG C 103 -4.09 19.30 -8.51
N LYS C 104 -4.43 18.76 -9.69
CA LYS C 104 -4.58 19.55 -10.91
C LYS C 104 -5.69 18.99 -11.80
N VAL C 105 -6.54 18.12 -11.24
CA VAL C 105 -7.64 17.51 -12.00
C VAL C 105 -8.87 17.41 -11.11
N MET C 1 8.48 3.53 22.51
CA MET C 1 9.86 3.46 22.03
C MET C 1 9.93 3.88 20.56
N LEU C 2 11.04 4.53 20.18
CA LEU C 2 11.23 5.01 18.81
C LEU C 2 11.70 3.87 17.91
N ILE C 3 10.87 2.84 17.74
CA ILE C 3 11.21 1.70 16.89
C ILE C 3 10.96 2.06 15.44
N LYS C 4 11.86 2.88 14.87
CA LYS C 4 11.75 3.30 13.48
C LYS C 4 12.58 2.35 12.61
N GLY C 5 13.56 2.88 11.87
CA GLY C 5 14.41 2.06 11.01
C GLY C 5 13.66 1.68 9.73
N PRO C 6 14.06 2.21 8.56
CA PRO C 6 13.40 1.93 7.30
C PRO C 6 13.24 0.43 7.10
N TRP C 7 12.11 0.02 6.50
CA TRP C 7 11.83 -1.38 6.26
C TRP C 7 12.84 -1.96 5.27
N THR C 8 13.68 -2.87 5.77
CA THR C 8 14.67 -3.54 4.96
C THR C 8 13.95 -4.39 3.92
N LYS C 9 14.63 -4.70 2.81
CA LYS C 9 14.04 -5.55 1.80
C LYS C 9 14.27 -6.99 2.22
N GLU C 10 13.52 -7.35 3.24
CA GLU C 10 13.54 -8.65 3.86
C GLU C 10 12.21 -8.81 4.59
N GLU C 11 11.82 -7.76 5.35
CA GLU C 11 10.57 -7.74 6.08
C GLU C 11 9.38 -7.84 5.11
N ASP C 12 9.54 -7.32 3.88
CA ASP C 12 8.48 -7.37 2.88
C ASP C 12 8.05 -8.82 2.69
N GLN C 13 9.04 -9.71 2.54
CA GLN C 13 8.78 -11.15 2.34
C GLN C 13 8.21 -11.74 3.62
N ARG C 14 8.68 -11.28 4.76
CA ARG C 14 8.18 -11.78 6.03
C ARG C 14 6.67 -11.56 6.05
N VAL C 15 6.22 -10.39 5.58
CA VAL C 15 4.81 -10.07 5.48
C VAL C 15 4.18 -10.84 4.32
N ILE C 16 4.90 -10.94 3.18
CA ILE C 16 4.39 -11.61 1.98
C ILE C 16 3.92 -13.04 2.30
N LYS C 17 4.62 -13.71 3.22
CA LYS C 17 4.26 -15.08 3.59
C LYS C 17 3.08 -15.09 4.56
N LEU C 18 3.02 -14.10 5.46
CA LEU C 18 1.97 -14.03 6.46
C LEU C 18 0.64 -13.57 5.86
N VAL C 19 0.68 -12.67 4.85
CA VAL C 19 -0.55 -12.16 4.26
C VAL C 19 -1.21 -13.26 3.44
N GLN C 20 -0.41 -14.07 2.76
CA GLN C 20 -0.92 -15.18 1.96
C GLN C 20 -1.71 -16.14 2.86
N LYS C 21 -1.40 -16.17 4.17
CA LYS C 21 -2.04 -17.09 5.10
C LYS C 21 -3.26 -16.45 5.78
N TYR C 22 -3.12 -15.22 6.29
CA TYR C 22 -4.20 -14.55 7.03
C TYR C 22 -4.94 -13.55 6.15
N GLY C 23 -4.22 -12.60 5.56
CA GLY C 23 -4.81 -11.55 4.75
C GLY C 23 -4.61 -10.20 5.45
N PRO C 24 -4.66 -9.08 4.70
CA PRO C 24 -4.46 -7.76 5.24
C PRO C 24 -5.73 -7.20 5.89
N LYS C 25 -6.00 -7.55 7.15
CA LYS C 25 -7.20 -7.03 7.84
C LYS C 25 -7.11 -7.25 9.35
N ARG C 26 -5.90 -7.46 9.86
CA ARG C 26 -5.68 -7.69 11.26
C ARG C 26 -4.49 -6.87 11.69
N TRP C 27 -3.35 -7.11 11.04
CA TRP C 27 -2.09 -6.46 11.36
C TRP C 27 -1.70 -6.69 12.81
N SER C 28 -2.47 -7.53 13.51
CA SER C 28 -2.19 -7.89 14.89
C SER C 28 -1.37 -9.18 14.88
N VAL C 29 -1.84 -10.17 14.10
CA VAL C 29 -1.14 -11.43 13.96
C VAL C 29 0.18 -11.17 13.25
N ILE C 30 0.17 -10.30 12.25
CA ILE C 30 1.38 -9.94 11.51
C ILE C 30 2.41 -9.38 12.49
N ALA C 31 1.98 -8.42 13.31
CA ALA C 31 2.83 -7.79 14.30
C ALA C 31 3.27 -8.80 15.37
N LYS C 32 2.53 -9.91 15.53
CA LYS C 32 2.88 -10.93 16.51
C LYS C 32 4.31 -11.42 16.29
N HIS C 33 4.73 -11.52 15.03
CA HIS C 33 6.07 -11.97 14.68
C HIS C 33 6.96 -10.77 14.44
N LEU C 34 6.43 -9.75 13.73
CA LEU C 34 7.16 -8.52 13.47
C LEU C 34 7.04 -7.61 14.69
N LYS C 35 7.43 -8.17 15.84
CA LYS C 35 7.40 -7.48 17.11
C LYS C 35 8.34 -6.28 17.07
N GLY C 36 7.75 -5.14 16.78
CA GLY C 36 8.46 -3.88 16.71
C GLY C 36 7.80 -2.98 15.68
N ARG C 37 7.30 -3.59 14.60
CA ARG C 37 6.64 -2.85 13.52
C ARG C 37 5.19 -2.54 13.88
N ILE C 38 4.68 -3.17 14.96
CA ILE C 38 3.30 -2.98 15.44
C ILE C 38 2.29 -3.14 14.29
N GLY C 39 1.00 -2.92 14.56
CA GLY C 39 -0.03 -3.04 13.55
C GLY C 39 -0.22 -1.71 12.83
N LYS C 40 0.86 -1.17 12.26
CA LYS C 40 0.80 0.10 11.54
C LYS C 40 1.92 0.19 10.51
N GLN C 41 3.18 -0.01 10.94
CA GLN C 41 4.30 0.07 10.01
C GLN C 41 4.15 -1.00 8.94
N CYS C 42 3.79 -2.22 9.34
CA CYS C 42 3.57 -3.33 8.42
C CYS C 42 2.40 -3.01 7.49
N ARG C 43 1.38 -2.32 8.03
CA ARG C 43 0.22 -1.94 7.24
C ARG C 43 0.66 -1.02 6.12
N GLU C 44 1.42 0.04 6.45
CA GLU C 44 1.89 0.99 5.46
C GLU C 44 2.81 0.31 4.44
N ARG C 45 3.73 -0.56 4.91
CA ARG C 45 4.67 -1.24 4.02
C ARG C 45 3.92 -2.10 3.01
N TRP C 46 2.75 -2.61 3.40
CA TRP C 46 1.99 -3.47 2.54
C TRP C 46 1.09 -2.65 1.62
N HIS C 47 0.35 -1.69 2.18
CA HIS C 47 -0.58 -0.88 1.42
C HIS C 47 0.17 0.24 0.69
N ASN C 48 1.06 -0.15 -0.24
CA ASN C 48 1.80 0.80 -1.06
C ASN C 48 2.24 0.13 -2.36
N HIS C 49 2.77 -1.10 -2.28
CA HIS C 49 3.23 -1.84 -3.45
C HIS C 49 3.64 -3.25 -3.03
N LEU C 50 2.68 -4.07 -2.56
CA LEU C 50 2.99 -5.44 -2.14
C LEU C 50 1.74 -6.33 -2.04
N ASN C 51 0.52 -5.75 -2.12
CA ASN C 51 -0.70 -6.55 -2.01
C ASN C 51 -0.66 -7.70 -3.03
N PRO C 52 -0.81 -7.43 -4.36
CA PRO C 52 -0.65 -8.46 -5.38
C PRO C 52 0.82 -8.88 -5.53
N GLU C 53 1.64 -8.71 -4.47
CA GLU C 53 3.04 -9.04 -4.48
C GLU C 53 3.75 -8.30 -5.63
N VAL C 54 3.10 -7.23 -6.14
CA VAL C 54 3.65 -6.38 -7.20
C VAL C 54 5.12 -6.10 -6.95
N LYS C 55 5.94 -6.77 -7.74
CA LYS C 55 7.39 -6.62 -7.68
C LYS C 55 7.80 -5.21 -8.10
N LYS C 56 7.27 -4.72 -9.23
CA LYS C 56 7.58 -3.38 -9.71
C LYS C 56 6.48 -2.86 -10.63
N THR C 57 5.90 -3.76 -11.47
CA THR C 57 4.84 -3.39 -12.41
C THR C 57 3.87 -2.41 -11.75
N SER C 58 3.83 -1.16 -12.25
CA SER C 58 2.99 -0.13 -11.68
C SER C 58 2.38 0.76 -12.75
N TRP C 59 1.04 0.75 -12.83
CA TRP C 59 0.27 1.59 -13.73
C TRP C 59 0.47 1.23 -15.20
N THR C 60 -0.59 1.46 -15.98
CA THR C 60 -0.62 1.17 -17.40
C THR C 60 -1.86 1.88 -18.00
N GLU C 61 -2.12 1.68 -19.29
CA GLU C 61 -3.23 2.35 -19.97
C GLU C 61 -4.59 2.10 -19.28
N GLU C 62 -4.76 0.95 -18.63
CA GLU C 62 -6.02 0.61 -17.98
C GLU C 62 -5.97 0.83 -16.46
N GLU C 63 -4.97 1.57 -15.96
CA GLU C 63 -4.86 1.86 -14.53
C GLU C 63 -4.63 3.35 -14.31
N ASP C 64 -3.88 4.00 -15.20
CA ASP C 64 -3.65 5.43 -15.09
C ASP C 64 -4.99 6.16 -15.21
N ARG C 65 -5.93 5.56 -15.95
CA ARG C 65 -7.26 6.13 -16.13
C ARG C 65 -8.03 6.11 -14.81
N ILE C 66 -7.71 5.15 -13.93
CA ILE C 66 -8.38 5.03 -12.65
C ILE C 66 -8.12 6.27 -11.83
N ILE C 67 -6.92 6.84 -11.95
CA ILE C 67 -6.54 8.00 -11.18
C ILE C 67 -7.56 9.14 -11.30
N TYR C 68 -7.85 9.60 -12.52
CA TYR C 68 -8.72 10.75 -12.71
C TYR C 68 -10.19 10.36 -12.68
N GLN C 69 -10.53 9.17 -13.17
CA GLN C 69 -11.91 8.70 -13.15
C GLN C 69 -12.36 8.56 -11.70
N ALA C 70 -11.49 8.03 -10.85
CA ALA C 70 -11.79 7.86 -9.46
C ALA C 70 -11.70 9.22 -8.76
N HIS C 71 -10.62 9.97 -9.00
CA HIS C 71 -10.43 11.29 -8.38
C HIS C 71 -11.65 12.17 -8.64
N LYS C 72 -12.21 12.11 -9.86
CA LYS C 72 -13.37 12.91 -10.22
C LYS C 72 -14.57 12.63 -9.28
N ARG C 73 -14.67 11.42 -8.72
CA ARG C 73 -15.82 11.05 -7.87
C ARG C 73 -15.42 10.94 -6.39
N LEU C 74 -14.15 10.66 -6.11
CA LEU C 74 -13.66 10.45 -4.76
C LEU C 74 -12.78 11.61 -4.33
N GLY C 75 -11.89 12.05 -5.20
CA GLY C 75 -11.04 13.18 -4.92
C GLY C 75 -9.87 12.71 -4.13
N ASN C 76 -9.86 12.98 -2.84
CA ASN C 76 -8.76 12.60 -2.01
C ASN C 76 -9.14 11.42 -1.10
N ARG C 77 -10.15 10.62 -1.48
CA ARG C 77 -10.52 9.45 -0.72
C ARG C 77 -9.78 8.27 -1.34
N TRP C 78 -8.43 8.40 -1.38
CA TRP C 78 -7.56 7.40 -1.98
C TRP C 78 -7.79 6.04 -1.36
N ALA C 79 -8.38 5.99 -0.18
CA ALA C 79 -8.63 4.72 0.49
C ALA C 79 -9.76 3.99 -0.22
N GLU C 80 -10.77 4.75 -0.67
CA GLU C 80 -11.89 4.19 -1.38
C GLU C 80 -11.47 3.93 -2.82
N ILE C 81 -10.72 4.87 -3.41
CA ILE C 81 -10.18 4.68 -4.75
C ILE C 81 -9.43 3.36 -4.77
N ALA C 82 -8.51 3.20 -3.80
CA ALA C 82 -7.73 1.97 -3.63
C ALA C 82 -8.65 0.77 -3.47
N LYS C 83 -9.69 0.90 -2.64
CA LYS C 83 -10.64 -0.17 -2.38
C LYS C 83 -11.32 -0.60 -3.69
N LEU C 84 -11.66 0.37 -4.55
CA LEU C 84 -12.30 0.10 -5.83
C LEU C 84 -11.25 -0.33 -6.87
N LEU C 85 -9.96 -0.35 -6.47
CA LEU C 85 -8.89 -0.75 -7.36
C LEU C 85 -8.12 -1.92 -6.72
N PRO C 86 -8.62 -3.16 -6.87
CA PRO C 86 -7.99 -4.34 -6.30
C PRO C 86 -6.66 -4.61 -7.02
N GLY C 87 -5.61 -3.88 -6.63
CA GLY C 87 -4.30 -4.03 -7.21
C GLY C 87 -3.34 -3.05 -6.57
N ARG C 88 -3.50 -1.76 -6.90
CA ARG C 88 -2.66 -0.71 -6.37
C ARG C 88 -3.34 -0.12 -5.14
N THR C 89 -2.69 -0.25 -3.97
CA THR C 89 -3.26 0.16 -2.70
C THR C 89 -3.16 1.68 -2.47
N ASP C 90 -3.56 2.10 -1.26
CA ASP C 90 -3.62 3.51 -0.84
C ASP C 90 -2.38 4.30 -1.28
N ASN C 91 -1.21 3.91 -0.79
CA ASN C 91 0.03 4.62 -1.08
C ASN C 91 0.55 4.21 -2.45
N ALA C 92 -0.36 4.17 -3.43
CA ALA C 92 -0.02 3.87 -4.82
C ALA C 92 -0.72 4.88 -5.72
N ILE C 93 -2.07 4.82 -5.80
CA ILE C 93 -2.84 5.75 -6.65
C ILE C 93 -2.66 7.18 -6.12
N LYS C 94 -2.51 7.29 -4.80
CA LYS C 94 -2.34 8.57 -4.12
C LYS C 94 -1.11 9.30 -4.65
N ASN C 95 0.07 8.70 -4.49
CA ASN C 95 1.31 9.32 -4.94
C ASN C 95 1.37 9.33 -6.47
N HIS C 96 0.88 8.26 -7.11
CA HIS C 96 0.87 8.15 -8.56
C HIS C 96 0.32 9.43 -9.19
N TRP C 97 -0.84 9.90 -8.71
CA TRP C 97 -1.43 11.13 -9.23
C TRP C 97 -0.45 12.27 -9.01
N ASN C 98 -0.11 12.48 -7.75
CA ASN C 98 0.81 13.54 -7.34
C ASN C 98 2.27 13.18 -7.70
N SER C 99 2.50 12.62 -8.90
CA SER C 99 3.84 12.25 -9.35
C SER C 99 3.87 12.17 -10.88
N THR C 100 3.18 11.17 -11.44
CA THR C 100 3.19 10.94 -12.89
C THR C 100 2.15 11.82 -13.58
N MET C 101 1.18 12.33 -12.81
CA MET C 101 0.10 13.13 -13.37
C MET C 101 0.27 14.61 -13.04
N ARG C 102 -0.56 15.15 -12.13
CA ARG C 102 -0.55 16.57 -11.77
C ARG C 102 -0.78 17.42 -13.02
N ARG C 103 -1.53 16.88 -13.98
CA ARG C 103 -1.82 17.56 -15.23
C ARG C 103 -3.24 17.23 -15.72
N LYS C 104 -3.96 16.37 -14.98
CA LYS C 104 -5.31 15.96 -15.34
C LYS C 104 -5.33 15.38 -16.76
N VAL C 105 -4.61 14.26 -16.94
CA VAL C 105 -4.51 13.58 -18.22
C VAL C 105 -3.83 14.49 -19.25
N MET C 1 14.78 3.29 20.64
CA MET C 1 15.18 2.83 19.31
C MET C 1 13.95 2.42 18.50
N LEU C 2 13.38 1.23 18.81
CA LEU C 2 12.21 0.70 18.11
C LEU C 2 12.48 0.66 16.60
N ILE C 3 13.76 0.44 16.24
CA ILE C 3 14.22 0.37 14.85
C ILE C 3 13.37 1.25 13.93
N LYS C 4 13.39 2.57 14.17
CA LYS C 4 12.61 3.52 13.37
C LYS C 4 13.27 3.74 12.00
N GLY C 5 13.97 2.73 11.47
CA GLY C 5 14.58 2.82 10.16
C GLY C 5 13.49 2.65 9.11
N PRO C 6 13.75 3.06 7.86
CA PRO C 6 12.79 2.95 6.77
C PRO C 6 12.65 1.50 6.29
N TRP C 7 12.22 0.60 7.21
CA TRP C 7 12.02 -0.82 6.92
C TRP C 7 13.22 -1.43 6.21
N THR C 8 14.10 -2.08 6.98
CA THR C 8 15.26 -2.75 6.42
C THR C 8 14.80 -3.70 5.30
N LYS C 9 15.68 -3.92 4.31
CA LYS C 9 15.35 -4.78 3.18
C LYS C 9 15.38 -6.25 3.54
N GLU C 10 15.14 -6.53 4.81
CA GLU C 10 15.03 -7.88 5.32
C GLU C 10 13.57 -8.10 5.68
N GLU C 11 12.99 -7.11 6.40
CA GLU C 11 11.60 -7.17 6.82
C GLU C 11 10.69 -7.32 5.60
N ASP C 12 11.10 -6.76 4.45
CA ASP C 12 10.34 -6.86 3.22
C ASP C 12 10.15 -8.33 2.81
N GLN C 13 11.09 -9.21 3.24
CA GLN C 13 11.06 -10.65 2.90
C GLN C 13 10.76 -11.49 4.15
N ARG C 14 10.47 -10.84 5.27
CA ARG C 14 10.08 -11.54 6.48
C ARG C 14 8.57 -11.42 6.59
N VAL C 15 8.07 -10.18 6.44
CA VAL C 15 6.65 -9.90 6.41
C VAL C 15 6.02 -10.65 5.24
N ILE C 16 6.83 -10.90 4.19
CA ILE C 16 6.40 -11.58 2.98
C ILE C 16 5.86 -12.98 3.30
N LYS C 17 6.51 -13.70 4.22
CA LYS C 17 6.11 -15.05 4.58
C LYS C 17 4.96 -15.02 5.59
N LEU C 18 4.96 -14.01 6.46
CA LEU C 18 3.97 -13.89 7.51
C LEU C 18 2.58 -13.57 6.93
N VAL C 19 2.48 -12.59 6.03
CA VAL C 19 1.19 -12.20 5.48
C VAL C 19 0.69 -13.29 4.54
N GLN C 20 1.60 -14.03 3.89
CA GLN C 20 1.20 -15.12 3.01
C GLN C 20 0.49 -16.20 3.83
N LYS C 21 0.73 -16.22 5.15
CA LYS C 21 0.12 -17.19 6.05
C LYS C 21 -1.17 -16.61 6.67
N TYR C 22 -1.07 -15.40 7.24
CA TYR C 22 -2.21 -14.78 7.93
C TYR C 22 -3.08 -13.97 6.96
N GLY C 23 -2.47 -13.10 6.16
CA GLY C 23 -3.19 -12.25 5.23
C GLY C 23 -3.47 -10.89 5.87
N PRO C 24 -4.18 -10.00 5.15
CA PRO C 24 -4.54 -8.68 5.65
C PRO C 24 -5.32 -8.82 6.97
N LYS C 25 -5.25 -7.78 7.83
CA LYS C 25 -5.92 -7.77 9.11
C LYS C 25 -5.19 -8.72 10.05
N ARG C 26 -5.27 -8.42 11.35
CA ARG C 26 -4.63 -9.20 12.39
C ARG C 26 -3.13 -8.94 12.33
N TRP C 27 -2.79 -7.72 11.92
CA TRP C 27 -1.43 -7.25 11.81
C TRP C 27 -0.74 -7.36 13.16
N SER C 28 -1.53 -7.38 14.24
CA SER C 28 -0.99 -7.50 15.57
C SER C 28 -0.15 -8.79 15.69
N VAL C 29 -0.51 -9.83 14.93
CA VAL C 29 0.20 -11.10 14.98
C VAL C 29 1.51 -11.00 14.19
N ILE C 30 1.48 -10.43 12.98
CA ILE C 30 2.69 -10.27 12.18
C ILE C 30 3.65 -9.41 12.98
N ALA C 31 3.12 -8.32 13.55
CA ALA C 31 3.89 -7.42 14.38
C ALA C 31 4.51 -8.16 15.56
N LYS C 32 3.81 -9.19 16.06
CA LYS C 32 4.31 -9.98 17.19
C LYS C 32 5.55 -10.75 16.79
N HIS C 33 5.72 -11.05 15.48
CA HIS C 33 6.88 -11.79 15.00
C HIS C 33 7.99 -10.84 14.62
N LEU C 34 7.66 -9.78 13.86
CA LEU C 34 8.64 -8.78 13.47
C LEU C 34 9.11 -8.05 14.72
N LYS C 35 8.26 -8.06 15.72
CA LYS C 35 8.52 -7.47 17.05
C LYS C 35 8.58 -5.93 17.02
N GLY C 36 9.54 -5.35 16.29
CA GLY C 36 9.74 -3.91 16.29
C GLY C 36 8.76 -3.23 15.34
N ARG C 37 8.38 -3.92 14.26
CA ARG C 37 7.46 -3.36 13.29
C ARG C 37 6.04 -3.52 13.78
N ILE C 38 5.45 -2.43 14.27
CA ILE C 38 4.08 -2.43 14.76
C ILE C 38 3.13 -2.74 13.59
N GLY C 39 1.98 -3.36 13.89
CA GLY C 39 1.00 -3.73 12.88
C GLY C 39 0.69 -2.54 11.97
N LYS C 40 0.55 -1.36 12.58
CA LYS C 40 0.26 -0.12 11.87
C LYS C 40 1.24 0.06 10.70
N GLN C 41 2.54 -0.19 10.95
CA GLN C 41 3.57 -0.02 9.94
C GLN C 41 3.60 -1.21 8.98
N CYS C 42 3.30 -2.42 9.47
CA CYS C 42 3.29 -3.61 8.63
C CYS C 42 2.26 -3.43 7.51
N ARG C 43 1.11 -2.86 7.84
CA ARG C 43 0.06 -2.62 6.85
C ARG C 43 0.54 -1.58 5.83
N GLU C 44 1.33 -0.59 6.26
CA GLU C 44 1.84 0.44 5.36
C GLU C 44 2.82 -0.20 4.36
N ARG C 45 3.75 -1.02 4.88
CA ARG C 45 4.73 -1.71 4.04
C ARG C 45 3.99 -2.55 3.00
N TRP C 46 2.93 -3.21 3.43
CA TRP C 46 2.18 -4.09 2.56
C TRP C 46 1.26 -3.33 1.61
N HIS C 47 0.20 -2.71 2.15
CA HIS C 47 -0.79 -1.99 1.33
C HIS C 47 -0.18 -0.72 0.74
N ASN C 48 0.57 -0.90 -0.36
CA ASN C 48 1.19 0.19 -1.09
C ASN C 48 1.50 -0.31 -2.49
N HIS C 49 2.29 -1.39 -2.58
CA HIS C 49 2.65 -2.03 -3.85
C HIS C 49 3.64 -3.18 -3.58
N LEU C 50 3.60 -3.77 -2.37
CA LEU C 50 4.48 -4.85 -2.01
C LEU C 50 3.83 -6.14 -2.44
N ASN C 51 2.70 -6.44 -1.78
CA ASN C 51 1.84 -7.60 -2.04
C ASN C 51 2.37 -8.48 -3.17
N PRO C 52 3.22 -9.49 -2.88
CA PRO C 52 3.68 -10.41 -3.90
C PRO C 52 2.47 -11.16 -4.48
N GLU C 53 1.37 -11.18 -3.70
CA GLU C 53 0.13 -11.81 -4.08
C GLU C 53 -0.63 -10.92 -5.10
N VAL C 54 -0.06 -9.74 -5.43
CA VAL C 54 -0.67 -8.81 -6.36
C VAL C 54 0.32 -8.57 -7.50
N LYS C 55 -0.09 -8.99 -8.69
CA LYS C 55 0.71 -8.82 -9.89
C LYS C 55 0.65 -7.37 -10.34
N LYS C 56 1.64 -6.57 -9.93
CA LYS C 56 1.70 -5.14 -10.26
C LYS C 56 2.81 -4.86 -11.27
N THR C 57 2.72 -3.71 -11.92
CA THR C 57 3.71 -3.27 -12.89
C THR C 57 3.98 -1.78 -12.65
N SER C 58 3.03 -0.93 -13.06
CA SER C 58 3.11 0.52 -12.88
C SER C 58 1.85 1.17 -13.45
N TRP C 59 1.77 2.49 -13.34
CA TRP C 59 0.66 3.26 -13.89
C TRP C 59 0.97 3.52 -15.38
N THR C 60 -0.02 3.91 -16.20
CA THR C 60 0.21 4.10 -17.62
C THR C 60 -0.88 4.98 -18.22
N GLU C 61 -0.96 5.04 -19.56
CA GLU C 61 -1.91 5.87 -20.26
C GLU C 61 -3.32 5.73 -19.71
N GLU C 62 -3.77 4.49 -19.47
CA GLU C 62 -5.13 4.25 -18.98
C GLU C 62 -5.22 4.47 -17.46
N GLU C 63 -4.24 3.99 -16.71
CA GLU C 63 -4.24 4.09 -15.26
C GLU C 63 -4.12 5.55 -14.80
N ASP C 64 -3.35 6.37 -15.54
CA ASP C 64 -3.16 7.78 -15.19
C ASP C 64 -4.48 8.54 -15.28
N ARG C 65 -5.50 7.93 -15.88
CA ARG C 65 -6.80 8.55 -16.06
C ARG C 65 -7.61 8.45 -14.79
N ILE C 66 -7.54 7.31 -14.11
CA ILE C 66 -8.30 7.11 -12.89
C ILE C 66 -7.97 8.19 -11.89
N ILE C 67 -6.69 8.44 -11.65
CA ILE C 67 -6.31 9.46 -10.68
C ILE C 67 -6.56 10.86 -11.22
N TYR C 68 -7.08 10.99 -12.44
CA TYR C 68 -7.42 12.29 -13.00
C TYR C 68 -8.93 12.47 -12.91
N GLN C 69 -9.70 11.56 -13.53
CA GLN C 69 -11.15 11.61 -13.53
C GLN C 69 -11.71 11.32 -12.14
N ALA C 70 -11.40 10.14 -11.57
CA ALA C 70 -11.90 9.80 -10.23
C ALA C 70 -11.50 10.90 -9.24
N HIS C 71 -10.24 11.37 -9.33
CA HIS C 71 -9.74 12.43 -8.46
C HIS C 71 -10.55 13.71 -8.70
N LYS C 72 -10.93 13.95 -9.95
CA LYS C 72 -11.73 15.13 -10.31
C LYS C 72 -13.00 15.22 -9.45
N ARG C 73 -13.45 14.10 -8.87
CA ARG C 73 -14.68 14.07 -8.07
C ARG C 73 -14.35 13.81 -6.60
N LEU C 74 -13.41 12.90 -6.35
CA LEU C 74 -13.05 12.52 -4.99
C LEU C 74 -12.09 13.55 -4.38
N GLY C 75 -11.10 13.99 -5.15
CA GLY C 75 -10.17 15.02 -4.71
C GLY C 75 -9.06 14.43 -3.84
N ASN C 76 -9.42 13.89 -2.68
CA ASN C 76 -8.45 13.33 -1.78
C ASN C 76 -9.02 12.13 -1.02
N ARG C 77 -10.07 11.49 -1.55
CA ARG C 77 -10.65 10.32 -0.92
C ARG C 77 -10.10 9.11 -1.63
N TRP C 78 -8.83 8.84 -1.37
CA TRP C 78 -8.10 7.73 -1.97
C TRP C 78 -8.71 6.40 -1.55
N ALA C 79 -9.60 6.44 -0.55
CA ALA C 79 -10.27 5.23 -0.07
C ALA C 79 -11.30 4.77 -1.11
N GLU C 80 -12.00 5.73 -1.72
CA GLU C 80 -13.02 5.43 -2.71
C GLU C 80 -12.32 5.15 -4.02
N ILE C 81 -11.40 6.06 -4.38
CA ILE C 81 -10.59 5.91 -5.57
C ILE C 81 -9.97 4.50 -5.63
N ALA C 82 -9.40 4.04 -4.49
CA ALA C 82 -8.80 2.72 -4.41
C ALA C 82 -9.86 1.63 -4.54
N LYS C 83 -11.00 1.80 -3.86
CA LYS C 83 -12.07 0.83 -3.92
C LYS C 83 -12.53 0.63 -5.37
N LEU C 84 -12.55 1.71 -6.15
CA LEU C 84 -12.95 1.66 -7.55
C LEU C 84 -11.86 0.99 -8.40
N LEU C 85 -10.66 0.81 -7.83
CA LEU C 85 -9.54 0.17 -8.52
C LEU C 85 -9.14 -1.11 -7.79
N PRO C 86 -9.72 -2.27 -8.17
CA PRO C 86 -9.39 -3.53 -7.56
C PRO C 86 -7.95 -3.92 -7.92
N GLY C 87 -6.97 -3.31 -7.23
CA GLY C 87 -5.56 -3.57 -7.49
C GLY C 87 -4.72 -2.41 -6.95
N ARG C 88 -5.18 -1.17 -7.13
CA ARG C 88 -4.46 0.00 -6.66
C ARG C 88 -4.97 0.36 -5.25
N THR C 89 -4.13 0.12 -4.23
CA THR C 89 -4.51 0.39 -2.86
C THR C 89 -4.56 1.89 -2.59
N ASP C 90 -5.10 2.26 -1.41
CA ASP C 90 -5.20 3.65 -0.99
C ASP C 90 -3.85 4.35 -1.09
N ASN C 91 -2.80 3.69 -0.59
CA ASN C 91 -1.47 4.25 -0.58
C ASN C 91 -0.86 4.21 -1.99
N ALA C 92 -1.26 3.24 -2.83
CA ALA C 92 -0.72 3.14 -4.19
C ALA C 92 -1.06 4.39 -4.98
N ILE C 93 -2.36 4.63 -5.18
CA ILE C 93 -2.85 5.76 -5.96
C ILE C 93 -2.44 7.09 -5.31
N LYS C 94 -2.47 7.17 -3.98
CA LYS C 94 -2.06 8.36 -3.28
C LYS C 94 -0.59 8.64 -3.59
N ASN C 95 0.26 7.68 -3.26
CA ASN C 95 1.70 7.79 -3.45
C ASN C 95 1.99 8.14 -4.90
N HIS C 96 1.23 7.56 -5.82
CA HIS C 96 1.41 7.80 -7.23
C HIS C 96 1.09 9.25 -7.59
N TRP C 97 -0.04 9.78 -7.11
CA TRP C 97 -0.45 11.12 -7.45
C TRP C 97 0.59 12.12 -6.99
N ASN C 98 0.85 12.11 -5.69
CA ASN C 98 1.78 13.03 -5.06
C ASN C 98 3.23 12.60 -5.31
N SER C 99 3.65 12.57 -6.60
CA SER C 99 5.01 12.22 -6.98
C SER C 99 5.17 12.27 -8.50
N THR C 100 4.44 11.41 -9.21
CA THR C 100 4.55 11.32 -10.67
C THR C 100 3.53 12.24 -11.36
N MET C 101 2.32 12.32 -10.81
CA MET C 101 1.25 13.10 -11.42
C MET C 101 1.37 14.57 -11.02
N ARG C 102 1.11 15.46 -12.00
CA ARG C 102 1.15 16.90 -11.76
C ARG C 102 2.55 17.33 -11.31
N ARG C 103 2.68 18.60 -10.91
CA ARG C 103 3.95 19.15 -10.44
C ARG C 103 3.66 20.11 -9.29
N LYS C 104 2.76 19.72 -8.39
CA LYS C 104 2.40 20.53 -7.23
C LYS C 104 1.95 19.64 -6.08
N VAL C 105 2.35 18.37 -6.12
CA VAL C 105 2.01 17.40 -5.10
C VAL C 105 3.15 16.40 -4.96
N MET C 1 9.81 1.47 20.04
CA MET C 1 10.64 2.27 19.12
C MET C 1 11.56 1.34 18.32
N LEU C 2 12.82 1.75 18.09
CA LEU C 2 13.78 0.96 17.32
C LEU C 2 13.28 0.79 15.88
N ILE C 3 12.90 1.92 15.27
CA ILE C 3 12.40 1.94 13.90
C ILE C 3 12.91 3.21 13.20
N LYS C 4 12.11 3.80 12.32
CA LYS C 4 12.48 5.01 11.58
C LYS C 4 13.67 4.72 10.68
N GLY C 5 13.45 3.90 9.66
CA GLY C 5 14.48 3.53 8.70
C GLY C 5 13.83 2.79 7.55
N PRO C 6 14.57 2.52 6.45
CA PRO C 6 14.03 1.83 5.29
C PRO C 6 13.81 0.33 5.58
N TRP C 7 13.04 0.01 6.63
CA TRP C 7 12.79 -1.37 7.06
C TRP C 7 14.13 -2.14 7.08
N THR C 8 14.11 -3.47 6.96
CA THR C 8 15.32 -4.25 7.02
C THR C 8 15.03 -5.69 6.62
N LYS C 9 16.00 -6.58 6.84
CA LYS C 9 15.83 -7.96 6.58
C LYS C 9 15.16 -8.54 7.79
N GLU C 10 14.78 -9.77 7.68
CA GLU C 10 14.06 -10.47 8.72
C GLU C 10 12.83 -9.64 9.13
N GLU C 11 12.28 -8.92 8.14
CA GLU C 11 11.08 -8.12 8.28
C GLU C 11 10.36 -8.15 6.95
N ASP C 12 11.08 -7.73 5.90
CA ASP C 12 10.56 -7.70 4.54
C ASP C 12 10.18 -9.10 4.06
N GLN C 13 10.97 -10.12 4.43
CA GLN C 13 10.75 -11.50 4.00
C GLN C 13 10.13 -12.31 5.12
N ARG C 14 9.62 -11.62 6.14
CA ARG C 14 8.92 -12.25 7.24
C ARG C 14 7.47 -11.84 7.10
N VAL C 15 7.25 -10.53 6.98
CA VAL C 15 5.94 -9.96 6.73
C VAL C 15 5.38 -10.61 5.45
N ILE C 16 6.30 -11.00 4.55
CA ILE C 16 5.96 -11.62 3.29
C ILE C 16 5.25 -12.96 3.50
N LYS C 17 5.64 -13.71 4.54
CA LYS C 17 5.03 -14.99 4.84
C LYS C 17 3.83 -14.80 5.76
N LEU C 18 3.97 -13.89 6.73
CA LEU C 18 2.92 -13.63 7.70
C LEU C 18 1.63 -13.18 7.01
N VAL C 19 1.73 -12.40 5.91
CA VAL C 19 0.54 -11.94 5.21
C VAL C 19 -0.05 -13.09 4.40
N GLN C 20 0.80 -13.91 3.78
CA GLN C 20 0.33 -15.04 2.99
C GLN C 20 -0.34 -16.08 3.91
N LYS C 21 0.06 -16.12 5.19
CA LYS C 21 -0.48 -17.07 6.15
C LYS C 21 -1.77 -16.54 6.78
N TYR C 22 -1.72 -15.30 7.31
CA TYR C 22 -2.88 -14.71 7.97
C TYR C 22 -3.80 -14.04 6.94
N GLY C 23 -3.23 -13.10 6.18
CA GLY C 23 -3.95 -12.32 5.20
C GLY C 23 -3.67 -10.84 5.44
N PRO C 24 -3.97 -9.96 4.47
CA PRO C 24 -3.75 -8.53 4.59
C PRO C 24 -4.83 -7.91 5.50
N LYS C 25 -5.01 -8.45 6.71
CA LYS C 25 -6.02 -7.97 7.65
C LYS C 25 -5.83 -8.66 9.00
N ARG C 26 -4.64 -8.50 9.58
CA ARG C 26 -4.24 -9.05 10.89
C ARG C 26 -2.94 -8.33 11.26
N TRP C 27 -2.87 -7.06 10.84
CA TRP C 27 -1.71 -6.20 11.06
C TRP C 27 -1.33 -6.19 12.52
N SER C 28 -2.30 -6.41 13.40
CA SER C 28 -2.04 -6.41 14.83
C SER C 28 -1.22 -7.65 15.20
N VAL C 29 -1.56 -8.80 14.61
CA VAL C 29 -0.85 -10.04 14.88
C VAL C 29 0.56 -9.95 14.30
N ILE C 30 0.68 -9.43 13.07
CA ILE C 30 1.97 -9.26 12.45
C ILE C 30 2.83 -8.35 13.33
N ALA C 31 2.26 -7.19 13.71
CA ALA C 31 2.93 -6.23 14.56
C ALA C 31 3.41 -6.90 15.85
N LYS C 32 2.62 -7.83 16.41
CA LYS C 32 2.99 -8.52 17.64
C LYS C 32 4.29 -9.33 17.46
N HIS C 33 4.60 -9.76 16.21
CA HIS C 33 5.80 -10.56 15.98
C HIS C 33 6.97 -9.66 15.62
N LEU C 34 6.78 -8.80 14.61
CA LEU C 34 7.84 -7.89 14.18
C LEU C 34 8.19 -6.95 15.33
N LYS C 35 7.23 -6.78 16.23
CA LYS C 35 7.38 -5.97 17.45
C LYS C 35 7.53 -4.47 17.15
N GLY C 36 8.62 -4.07 16.49
CA GLY C 36 8.89 -2.66 16.22
C GLY C 36 8.01 -2.18 15.10
N ARG C 37 7.90 -2.98 14.04
CA ARG C 37 7.09 -2.64 12.90
C ARG C 37 5.63 -2.84 13.27
N ILE C 38 5.00 -1.79 13.81
CA ILE C 38 3.61 -1.85 14.21
C ILE C 38 2.68 -1.82 12.99
N GLY C 39 1.36 -1.81 13.24
CA GLY C 39 0.36 -1.81 12.17
C GLY C 39 0.64 -0.74 11.12
N LYS C 40 0.86 0.50 11.58
CA LYS C 40 1.11 1.64 10.68
C LYS C 40 2.55 1.61 10.13
N GLN C 41 3.05 0.43 9.81
CA GLN C 41 4.37 0.25 9.23
C GLN C 41 4.32 -0.97 8.32
N CYS C 42 3.74 -2.07 8.84
CA CYS C 42 3.57 -3.28 8.05
C CYS C 42 2.65 -2.95 6.89
N ARG C 43 1.53 -2.27 7.17
CA ARG C 43 0.58 -1.90 6.14
C ARG C 43 1.25 -0.95 5.15
N GLU C 44 2.15 -0.09 5.63
CA GLU C 44 2.82 0.89 4.78
C GLU C 44 3.74 0.20 3.78
N ARG C 45 4.67 -0.64 4.27
CA ARG C 45 5.59 -1.37 3.40
C ARG C 45 4.79 -2.27 2.45
N TRP C 46 3.70 -2.86 2.96
CA TRP C 46 2.89 -3.77 2.18
C TRP C 46 2.07 -3.05 1.11
N HIS C 47 1.08 -2.25 1.54
CA HIS C 47 0.20 -1.55 0.61
C HIS C 47 0.99 -0.52 -0.18
N ASN C 48 1.50 -0.97 -1.33
CA ASN C 48 2.27 -0.13 -2.25
C ASN C 48 2.48 -0.91 -3.53
N HIS C 49 3.21 -2.04 -3.42
CA HIS C 49 3.49 -2.92 -4.56
C HIS C 49 4.43 -4.06 -4.10
N LEU C 50 4.43 -4.39 -2.80
CA LEU C 50 5.30 -5.42 -2.24
C LEU C 50 4.67 -6.79 -2.39
N ASN C 51 3.41 -6.88 -1.96
CA ASN C 51 2.65 -8.12 -1.96
C ASN C 51 2.88 -8.89 -3.26
N PRO C 52 3.46 -10.11 -3.18
CA PRO C 52 3.62 -10.95 -4.36
C PRO C 52 2.23 -11.27 -4.91
N GLU C 53 1.22 -11.11 -4.04
CA GLU C 53 -0.17 -11.33 -4.38
C GLU C 53 -0.59 -10.38 -5.51
N VAL C 54 0.12 -9.23 -5.66
CA VAL C 54 -0.16 -8.27 -6.71
C VAL C 54 1.13 -8.01 -7.48
N LYS C 55 1.13 -8.38 -8.75
CA LYS C 55 2.28 -8.17 -9.61
C LYS C 55 2.39 -6.67 -9.90
N LYS C 56 3.56 -6.09 -9.63
CA LYS C 56 3.79 -4.65 -9.81
C LYS C 56 3.30 -4.19 -11.18
N THR C 57 2.39 -3.20 -11.18
CA THR C 57 1.83 -2.63 -12.40
C THR C 57 1.78 -1.10 -12.24
N SER C 58 2.72 -0.41 -12.89
CA SER C 58 2.85 1.04 -12.77
C SER C 58 1.66 1.76 -13.41
N TRP C 59 1.68 3.09 -13.27
CA TRP C 59 0.64 3.96 -13.80
C TRP C 59 0.95 4.30 -15.26
N THR C 60 -0.08 4.30 -16.12
CA THR C 60 0.11 4.56 -17.55
C THR C 60 -1.17 5.17 -18.12
N GLU C 61 -1.28 5.25 -19.45
CA GLU C 61 -2.44 5.82 -20.13
C GLU C 61 -3.75 5.26 -19.56
N GLU C 62 -3.87 3.93 -19.51
CA GLU C 62 -5.09 3.28 -19.04
C GLU C 62 -5.20 3.31 -17.50
N GLU C 63 -4.34 4.08 -16.84
CA GLU C 63 -4.37 4.22 -15.39
C GLU C 63 -4.51 5.70 -15.02
N ASP C 64 -4.05 6.60 -15.89
CA ASP C 64 -4.20 8.02 -15.67
C ASP C 64 -5.69 8.34 -15.54
N ARG C 65 -6.53 7.49 -16.14
CA ARG C 65 -7.97 7.66 -16.11
C ARG C 65 -8.46 7.48 -14.68
N ILE C 66 -7.78 6.65 -13.88
CA ILE C 66 -8.19 6.40 -12.52
C ILE C 66 -7.78 7.58 -11.64
N ILE C 67 -6.83 8.41 -12.10
CA ILE C 67 -6.36 9.56 -11.33
C ILE C 67 -6.77 10.90 -11.97
N TYR C 68 -7.37 10.87 -13.16
CA TYR C 68 -7.80 12.08 -13.84
C TYR C 68 -9.32 12.14 -13.92
N GLN C 69 -10.01 11.06 -13.52
CA GLN C 69 -11.47 10.99 -13.55
C GLN C 69 -12.00 10.67 -12.16
N ALA C 70 -11.67 9.49 -11.65
CA ALA C 70 -12.11 9.08 -10.31
C ALA C 70 -11.59 10.09 -9.28
N HIS C 71 -10.45 10.72 -9.56
CA HIS C 71 -9.87 11.73 -8.69
C HIS C 71 -10.67 13.02 -8.80
N LYS C 72 -11.04 13.34 -10.04
CA LYS C 72 -11.78 14.55 -10.36
C LYS C 72 -13.09 14.66 -9.55
N ARG C 73 -13.56 13.55 -8.93
CA ARG C 73 -14.79 13.59 -8.16
C ARG C 73 -14.59 12.94 -6.79
N LEU C 74 -13.71 11.94 -6.69
CA LEU C 74 -13.47 11.22 -5.45
C LEU C 74 -11.98 11.19 -5.09
N GLY C 75 -11.20 12.15 -5.59
CA GLY C 75 -9.77 12.19 -5.34
C GLY C 75 -9.54 12.31 -3.86
N ASN C 76 -10.27 13.21 -3.22
CA ASN C 76 -10.11 13.41 -1.80
C ASN C 76 -10.70 12.23 -1.01
N ARG C 77 -11.08 11.17 -1.71
CA ARG C 77 -11.64 9.98 -1.11
C ARG C 77 -10.88 8.77 -1.66
N TRP C 78 -9.55 8.80 -1.46
CA TRP C 78 -8.66 7.74 -1.92
C TRP C 78 -9.15 6.38 -1.45
N ALA C 79 -9.85 6.34 -0.32
CA ALA C 79 -10.40 5.12 0.23
C ALA C 79 -11.28 4.38 -0.79
N GLU C 80 -11.96 5.13 -1.68
CA GLU C 80 -12.88 4.53 -2.65
C GLU C 80 -12.09 4.07 -3.85
N ILE C 81 -11.29 4.97 -4.43
CA ILE C 81 -10.49 4.64 -5.59
C ILE C 81 -9.57 3.45 -5.25
N ALA C 82 -9.10 3.40 -4.00
CA ALA C 82 -8.24 2.32 -3.53
C ALA C 82 -8.94 0.98 -3.69
N LYS C 83 -10.20 0.91 -3.28
CA LYS C 83 -10.98 -0.32 -3.39
C LYS C 83 -11.22 -0.63 -4.86
N LEU C 84 -11.30 0.41 -5.71
CA LEU C 84 -11.49 0.22 -7.14
C LEU C 84 -10.24 -0.45 -7.74
N LEU C 85 -9.06 -0.16 -7.15
CA LEU C 85 -7.80 -0.75 -7.59
C LEU C 85 -7.21 -1.59 -6.45
N PRO C 86 -7.62 -2.88 -6.33
CA PRO C 86 -7.12 -3.75 -5.29
C PRO C 86 -5.59 -3.78 -5.29
N GLY C 87 -4.98 -3.79 -6.48
CA GLY C 87 -3.53 -3.79 -6.60
C GLY C 87 -2.95 -2.52 -6.00
N ARG C 88 -3.36 -1.36 -6.54
CA ARG C 88 -2.88 -0.07 -6.07
C ARG C 88 -3.86 0.49 -5.03
N THR C 89 -3.94 -0.15 -3.88
CA THR C 89 -4.83 0.29 -2.81
C THR C 89 -4.27 1.56 -2.15
N ASP C 90 -4.89 2.00 -1.04
CA ASP C 90 -4.46 3.18 -0.31
C ASP C 90 -2.93 3.21 -0.20
N ASN C 91 -2.34 4.41 -0.42
CA ASN C 91 -0.90 4.66 -0.39
C ASN C 91 -0.35 4.68 -1.81
N ALA C 92 -0.77 3.72 -2.63
CA ALA C 92 -0.31 3.64 -4.01
C ALA C 92 -1.00 4.72 -4.84
N ILE C 93 -2.31 4.56 -5.03
CA ILE C 93 -3.13 5.50 -5.80
C ILE C 93 -3.03 6.90 -5.19
N LYS C 94 -2.80 6.97 -3.87
CA LYS C 94 -2.72 8.22 -3.17
C LYS C 94 -1.37 8.89 -3.40
N ASN C 95 -0.28 8.21 -3.06
CA ASN C 95 1.04 8.81 -3.14
C ASN C 95 1.39 9.06 -4.59
N HIS C 96 0.95 8.17 -5.47
CA HIS C 96 1.21 8.30 -6.90
C HIS C 96 0.83 9.71 -7.33
N TRP C 97 -0.44 10.06 -7.16
CA TRP C 97 -0.91 11.38 -7.53
C TRP C 97 -0.08 12.44 -6.84
N ASN C 98 0.00 12.30 -5.53
CA ASN C 98 0.72 13.24 -4.67
C ASN C 98 2.24 13.05 -4.77
N SER C 99 2.76 12.90 -6.01
CA SER C 99 4.20 12.77 -6.25
C SER C 99 4.48 12.88 -7.75
N THR C 100 3.62 12.28 -8.58
CA THR C 100 3.77 12.29 -10.02
C THR C 100 2.85 13.34 -10.66
N MET C 101 1.60 13.43 -10.16
CA MET C 101 0.61 14.34 -10.73
C MET C 101 0.03 15.27 -9.67
N ARG C 102 0.88 16.16 -9.10
CA ARG C 102 0.42 17.13 -8.13
C ARG C 102 -0.04 18.40 -8.87
N ARG C 103 -0.54 19.39 -8.12
CA ARG C 103 -1.00 20.65 -8.69
C ARG C 103 -2.08 20.41 -9.75
N LYS C 104 -2.83 19.30 -9.61
CA LYS C 104 -3.90 18.94 -10.55
C LYS C 104 -3.40 18.92 -11.99
N VAL C 105 -2.10 18.60 -12.18
CA VAL C 105 -1.47 18.52 -13.50
C VAL C 105 -1.59 19.88 -14.22
N MET C 1 14.37 2.43 23.71
CA MET C 1 13.74 3.77 23.59
C MET C 1 12.28 3.62 23.15
N LEU C 2 12.05 3.34 21.86
CA LEU C 2 10.72 3.17 21.32
C LEU C 2 10.81 2.46 19.97
N ILE C 3 10.01 1.41 19.80
CA ILE C 3 10.01 0.66 18.55
C ILE C 3 9.15 1.40 17.53
N LYS C 4 9.78 2.32 16.80
CA LYS C 4 9.10 3.07 15.75
C LYS C 4 8.77 2.12 14.60
N GLY C 5 9.59 1.07 14.44
CA GLY C 5 9.38 0.06 13.41
C GLY C 5 10.09 0.41 12.09
N PRO C 6 11.40 0.74 12.13
CA PRO C 6 12.17 1.04 10.92
C PRO C 6 12.28 -0.21 10.04
N TRP C 7 11.69 -0.17 8.85
CA TRP C 7 11.76 -1.30 7.92
C TRP C 7 13.07 -1.24 7.14
N THR C 8 13.32 -2.24 6.29
CA THR C 8 14.60 -2.36 5.62
C THR C 8 14.52 -3.42 4.51
N LYS C 9 15.07 -4.60 4.79
CA LYS C 9 15.05 -5.76 3.94
C LYS C 9 15.10 -6.92 4.90
N GLU C 10 14.61 -8.08 4.48
CA GLU C 10 14.39 -9.20 5.39
C GLU C 10 13.42 -8.66 6.46
N GLU C 11 12.66 -7.66 6.01
CA GLU C 11 11.69 -6.88 6.73
C GLU C 11 11.34 -5.82 5.69
N ASP C 12 10.69 -6.32 4.65
CA ASP C 12 10.31 -5.58 3.49
C ASP C 12 9.39 -6.49 2.67
N GLN C 13 9.67 -7.82 2.69
CA GLN C 13 8.87 -8.81 2.03
C GLN C 13 8.79 -10.09 2.89
N ARG C 14 9.35 -10.08 4.10
CA ARG C 14 9.23 -11.24 4.96
C ARG C 14 7.78 -11.34 5.42
N VAL C 15 7.10 -10.18 5.46
CA VAL C 15 5.68 -10.11 5.74
C VAL C 15 4.94 -10.71 4.52
N ILE C 16 5.60 -10.66 3.34
CA ILE C 16 5.03 -11.15 2.09
C ILE C 16 4.73 -12.65 2.18
N LYS C 17 5.51 -13.38 2.97
CA LYS C 17 5.31 -14.81 3.13
C LYS C 17 4.28 -15.07 4.23
N LEU C 18 4.16 -14.14 5.18
CA LEU C 18 3.24 -14.29 6.29
C LEU C 18 1.81 -13.97 5.88
N VAL C 19 1.57 -12.82 5.24
CA VAL C 19 0.21 -12.41 4.89
C VAL C 19 -0.40 -13.37 3.88
N GLN C 20 0.40 -13.86 2.92
CA GLN C 20 -0.11 -14.80 1.92
C GLN C 20 -0.74 -16.02 2.60
N LYS C 21 -0.30 -16.35 3.82
CA LYS C 21 -0.82 -17.50 4.56
C LYS C 21 -1.79 -17.07 5.68
N TYR C 22 -1.54 -15.90 6.28
CA TYR C 22 -2.35 -15.40 7.39
C TYR C 22 -3.52 -14.56 6.87
N GLY C 23 -3.18 -13.48 6.17
CA GLY C 23 -4.17 -12.55 5.65
C GLY C 23 -3.96 -11.18 6.32
N PRO C 24 -4.40 -10.09 5.67
CA PRO C 24 -4.26 -8.75 6.22
C PRO C 24 -5.14 -8.57 7.46
N LYS C 25 -5.08 -7.35 8.04
CA LYS C 25 -5.87 -6.96 9.22
C LYS C 25 -5.76 -8.02 10.33
N ARG C 26 -4.52 -8.35 10.64
CA ARG C 26 -4.15 -9.31 11.66
C ARG C 26 -2.80 -8.84 12.20
N TRP C 27 -2.52 -7.54 12.02
CA TRP C 27 -1.27 -6.92 12.39
C TRP C 27 -0.96 -7.18 13.86
N SER C 28 -2.00 -7.44 14.64
CA SER C 28 -1.81 -7.76 16.05
C SER C 28 -1.02 -9.05 16.18
N VAL C 29 -1.32 -10.02 15.32
CA VAL C 29 -0.65 -11.32 15.32
C VAL C 29 0.64 -11.24 14.51
N ILE C 30 0.60 -10.52 13.37
CA ILE C 30 1.79 -10.37 12.53
C ILE C 30 2.92 -9.80 13.38
N ALA C 31 2.60 -8.74 14.16
CA ALA C 31 3.56 -8.08 15.02
C ALA C 31 4.15 -9.08 16.04
N LYS C 32 3.43 -10.17 16.35
CA LYS C 32 3.92 -11.15 17.31
C LYS C 32 5.25 -11.73 16.82
N HIS C 33 5.39 -11.96 15.50
CA HIS C 33 6.64 -12.49 14.96
C HIS C 33 7.56 -11.33 14.66
N LEU C 34 7.03 -10.29 14.00
CA LEU C 34 7.79 -9.10 13.69
C LEU C 34 7.78 -8.18 14.90
N LYS C 35 8.21 -8.71 16.03
CA LYS C 35 8.28 -7.97 17.29
C LYS C 35 9.07 -6.67 17.14
N GLY C 36 9.98 -6.62 16.16
CA GLY C 36 10.81 -5.44 15.95
C GLY C 36 10.04 -4.40 15.14
N ARG C 37 9.10 -4.85 14.31
CA ARG C 37 8.29 -3.98 13.48
C ARG C 37 6.82 -4.10 13.91
N ILE C 38 6.36 -3.18 14.77
CA ILE C 38 4.98 -3.23 15.27
C ILE C 38 3.98 -3.30 14.11
N GLY C 39 2.77 -3.75 14.44
CA GLY C 39 1.71 -4.01 13.48
C GLY C 39 1.31 -2.79 12.67
N LYS C 40 1.15 -1.64 13.33
CA LYS C 40 0.70 -0.43 12.67
C LYS C 40 1.52 -0.15 11.40
N GLN C 41 2.84 -0.35 11.46
CA GLN C 41 3.71 -0.07 10.31
C GLN C 41 3.69 -1.22 9.29
N CYS C 42 3.40 -2.46 9.74
CA CYS C 42 3.33 -3.59 8.81
C CYS C 42 2.32 -3.24 7.72
N ARG C 43 1.19 -2.63 8.12
CA ARG C 43 0.16 -2.25 7.16
C ARG C 43 0.64 -1.12 6.25
N GLU C 44 1.20 -0.05 6.83
CA GLU C 44 1.68 1.09 6.05
C GLU C 44 2.54 0.59 4.89
N ARG C 45 3.42 -0.37 5.19
CA ARG C 45 4.27 -0.98 4.18
C ARG C 45 3.41 -1.81 3.24
N TRP C 46 2.69 -2.79 3.83
CA TRP C 46 1.88 -3.73 3.10
C TRP C 46 0.94 -3.07 2.10
N HIS C 47 -0.01 -2.27 2.60
CA HIS C 47 -0.98 -1.61 1.77
C HIS C 47 -0.35 -0.45 1.02
N ASN C 48 0.49 -0.80 0.04
CA ASN C 48 1.15 0.15 -0.82
C ASN C 48 1.28 -0.50 -2.19
N HIS C 49 2.34 -1.31 -2.39
CA HIS C 49 2.52 -2.01 -3.66
C HIS C 49 3.46 -3.21 -3.51
N LEU C 50 3.81 -3.62 -2.27
CA LEU C 50 4.68 -4.76 -2.07
C LEU C 50 3.83 -6.02 -2.02
N ASN C 51 2.70 -5.91 -1.33
CA ASN C 51 1.70 -6.92 -1.25
C ASN C 51 1.36 -7.48 -2.65
N PRO C 52 1.62 -8.77 -2.90
CA PRO C 52 1.31 -9.40 -4.18
C PRO C 52 -0.21 -9.50 -4.33
N GLU C 53 -0.95 -9.14 -3.27
CA GLU C 53 -2.40 -9.16 -3.28
C GLU C 53 -2.91 -8.30 -4.45
N VAL C 54 -2.15 -7.26 -4.85
CA VAL C 54 -2.52 -6.38 -5.96
C VAL C 54 -1.55 -6.56 -7.15
N LYS C 55 -0.81 -7.68 -7.16
CA LYS C 55 0.15 -7.98 -8.21
C LYS C 55 1.13 -6.80 -8.38
N LYS C 56 1.52 -6.51 -9.63
CA LYS C 56 2.45 -5.43 -9.93
C LYS C 56 1.94 -4.67 -11.16
N THR C 57 1.37 -3.48 -10.95
CA THR C 57 0.85 -2.64 -12.03
C THR C 57 1.27 -1.20 -11.78
N SER C 58 1.42 -0.40 -12.84
CA SER C 58 1.82 0.99 -12.69
C SER C 58 1.04 1.89 -13.64
N TRP C 59 1.32 3.18 -13.50
CA TRP C 59 0.66 4.22 -14.25
C TRP C 59 1.26 4.33 -15.65
N THR C 60 0.40 4.39 -16.69
CA THR C 60 0.88 4.45 -18.07
C THR C 60 -0.23 4.93 -19.01
N GLU C 61 -1.01 5.93 -18.55
CA GLU C 61 -2.12 6.51 -19.31
C GLU C 61 -3.34 5.62 -19.17
N GLU C 62 -3.14 4.32 -19.35
CA GLU C 62 -4.21 3.34 -19.25
C GLU C 62 -4.54 3.08 -17.79
N GLU C 63 -3.67 3.50 -16.87
CA GLU C 63 -3.92 3.39 -15.45
C GLU C 63 -4.01 4.79 -14.85
N ASP C 64 -4.03 5.81 -15.71
CA ASP C 64 -4.19 7.18 -15.26
C ASP C 64 -5.67 7.54 -15.30
N ARG C 65 -6.50 6.64 -15.89
CA ARG C 65 -7.93 6.86 -15.99
C ARG C 65 -8.52 6.92 -14.58
N ILE C 66 -8.25 5.90 -13.76
CA ILE C 66 -8.73 5.86 -12.39
C ILE C 66 -8.25 7.11 -11.66
N ILE C 67 -7.00 7.47 -11.89
CA ILE C 67 -6.42 8.62 -11.22
C ILE C 67 -7.19 9.89 -11.60
N TYR C 68 -7.08 10.32 -12.84
CA TYR C 68 -7.73 11.53 -13.30
C TYR C 68 -9.23 11.54 -12.99
N GLN C 69 -9.94 10.46 -13.34
CA GLN C 69 -11.38 10.41 -13.17
C GLN C 69 -11.78 10.27 -11.70
N ALA C 70 -11.24 9.26 -11.00
CA ALA C 70 -11.62 9.04 -9.61
C ALA C 70 -11.15 10.19 -8.72
N HIS C 71 -10.15 10.97 -9.18
CA HIS C 71 -9.68 12.11 -8.41
C HIS C 71 -10.64 13.28 -8.60
N LYS C 72 -11.20 13.38 -9.82
CA LYS C 72 -12.12 14.44 -10.17
C LYS C 72 -13.36 14.41 -9.28
N ARG C 73 -13.70 13.25 -8.68
CA ARG C 73 -14.91 13.13 -7.87
C ARG C 73 -14.58 12.61 -6.47
N LEU C 74 -13.55 11.76 -6.36
CA LEU C 74 -13.20 11.12 -5.09
C LEU C 74 -11.71 11.27 -4.79
N GLY C 75 -11.06 12.34 -5.28
CA GLY C 75 -9.67 12.57 -5.03
C GLY C 75 -9.43 12.60 -3.55
N ASN C 76 -10.27 13.33 -2.83
CA ASN C 76 -10.15 13.41 -1.40
C ASN C 76 -10.74 12.17 -0.72
N ARG C 77 -10.70 11.02 -1.40
CA ARG C 77 -11.17 9.76 -0.87
C ARG C 77 -10.46 8.65 -1.61
N TRP C 78 -9.18 8.55 -1.31
CA TRP C 78 -8.28 7.59 -1.94
C TRP C 78 -8.66 6.17 -1.54
N ALA C 79 -9.33 6.03 -0.39
CA ALA C 79 -9.79 4.73 0.07
C ALA C 79 -10.74 4.10 -0.95
N GLU C 80 -11.47 4.93 -1.70
CA GLU C 80 -12.41 4.45 -2.69
C GLU C 80 -11.68 4.19 -3.99
N ILE C 81 -10.82 5.13 -4.40
CA ILE C 81 -10.04 4.99 -5.63
C ILE C 81 -9.25 3.68 -5.58
N ALA C 82 -8.48 3.51 -4.51
CA ALA C 82 -7.66 2.33 -4.32
C ALA C 82 -8.52 1.06 -4.28
N LYS C 83 -9.63 1.11 -3.54
CA LYS C 83 -10.52 -0.02 -3.42
C LYS C 83 -11.08 -0.42 -4.80
N LEU C 84 -11.37 0.56 -5.65
CA LEU C 84 -11.89 0.31 -6.99
C LEU C 84 -10.74 -0.02 -7.95
N LEU C 85 -9.50 -0.05 -7.43
CA LEU C 85 -8.31 -0.34 -8.23
C LEU C 85 -7.53 -1.49 -7.59
N PRO C 86 -7.91 -2.75 -7.87
CA PRO C 86 -7.25 -3.91 -7.31
C PRO C 86 -5.78 -4.04 -7.75
N GLY C 87 -5.28 -3.11 -8.58
CA GLY C 87 -3.91 -3.12 -9.05
C GLY C 87 -3.01 -2.33 -8.10
N ARG C 88 -3.62 -1.44 -7.29
CA ARG C 88 -2.89 -0.59 -6.36
C ARG C 88 -3.51 -0.68 -4.97
N THR C 89 -2.84 -0.10 -3.96
CA THR C 89 -3.35 -0.15 -2.58
C THR C 89 -3.06 1.16 -1.84
N ASP C 90 -4.13 1.75 -1.28
CA ASP C 90 -4.08 2.96 -0.46
C ASP C 90 -3.01 3.99 -0.91
N ASN C 91 -1.85 3.98 -0.23
CA ASN C 91 -0.80 4.96 -0.44
C ASN C 91 -0.31 5.01 -1.90
N ALA C 92 -0.45 3.94 -2.68
CA ALA C 92 0.05 3.90 -4.05
C ALA C 92 -0.45 5.09 -4.86
N ILE C 93 -1.77 5.15 -5.06
CA ILE C 93 -2.38 6.18 -5.90
C ILE C 93 -2.18 7.58 -5.30
N LYS C 94 -2.25 7.71 -3.98
CA LYS C 94 -2.08 8.99 -3.31
C LYS C 94 -0.66 9.50 -3.54
N ASN C 95 0.32 8.63 -3.30
CA ASN C 95 1.71 8.96 -3.41
C ASN C 95 2.03 9.28 -4.85
N HIS C 96 1.38 8.55 -5.76
CA HIS C 96 1.58 8.74 -7.19
C HIS C 96 1.18 10.16 -7.59
N TRP C 97 -0.10 10.47 -7.44
CA TRP C 97 -0.64 11.77 -7.81
C TRP C 97 0.25 12.91 -7.34
N ASN C 98 0.41 13.00 -6.03
CA ASN C 98 1.16 14.08 -5.40
C ASN C 98 2.68 14.01 -5.69
N SER C 99 3.13 13.04 -6.52
CA SER C 99 4.55 12.92 -6.85
C SER C 99 4.71 12.66 -8.35
N THR C 100 3.68 12.99 -9.14
CA THR C 100 3.71 12.77 -10.58
C THR C 100 2.92 13.87 -11.28
N MET C 101 1.69 14.12 -10.83
CA MET C 101 0.83 15.13 -11.44
C MET C 101 0.58 16.29 -10.49
N ARG C 102 1.51 16.54 -9.55
CA ARG C 102 1.37 17.63 -8.60
C ARG C 102 1.80 18.95 -9.25
N ARG C 103 1.05 19.36 -10.28
CA ARG C 103 1.30 20.60 -11.00
C ARG C 103 0.01 21.43 -10.98
N LYS C 104 -1.11 20.78 -11.34
CA LYS C 104 -2.42 21.41 -11.33
C LYS C 104 -3.08 21.16 -9.98
N VAL C 105 -2.29 20.77 -8.99
CA VAL C 105 -2.76 20.42 -7.68
C VAL C 105 -1.58 20.38 -6.71
N MET C 1 6.63 7.42 17.31
CA MET C 1 7.95 6.82 16.99
C MET C 1 8.27 5.72 18.01
N LEU C 2 7.91 4.47 17.68
CA LEU C 2 8.14 3.34 18.56
C LEU C 2 8.81 2.20 17.79
N ILE C 3 10.12 2.03 17.99
CA ILE C 3 10.90 0.97 17.34
C ILE C 3 10.64 0.97 15.83
N LYS C 4 10.64 2.17 15.21
CA LYS C 4 10.40 2.28 13.78
C LYS C 4 11.70 2.04 13.02
N GLY C 5 12.07 0.77 12.85
CA GLY C 5 13.26 0.39 12.11
C GLY C 5 12.96 0.36 10.61
N PRO C 6 14.00 0.17 9.78
CA PRO C 6 13.84 0.11 8.35
C PRO C 6 12.93 -1.06 7.95
N TRP C 7 12.36 -0.98 6.75
CA TRP C 7 11.45 -2.00 6.25
C TRP C 7 11.70 -2.26 4.78
N THR C 8 11.92 -3.55 4.43
CA THR C 8 12.07 -4.07 3.05
C THR C 8 13.05 -5.23 3.04
N LYS C 9 12.99 -6.01 1.95
CA LYS C 9 13.84 -7.17 1.74
C LYS C 9 13.52 -8.25 2.77
N GLU C 10 14.01 -8.09 3.99
CA GLU C 10 13.81 -9.09 5.02
C GLU C 10 12.51 -8.82 5.78
N GLU C 11 11.67 -7.94 5.22
CA GLU C 11 10.37 -7.65 5.77
C GLU C 11 9.37 -7.72 4.62
N ASP C 12 9.73 -7.14 3.45
CA ASP C 12 8.87 -7.15 2.28
C ASP C 12 8.50 -8.58 1.85
N GLN C 13 9.49 -9.51 1.75
CA GLN C 13 9.19 -10.87 1.29
C GLN C 13 9.32 -11.86 2.43
N ARG C 14 9.11 -11.35 3.63
CA ARG C 14 9.11 -12.16 4.84
C ARG C 14 7.74 -11.99 5.50
N VAL C 15 7.17 -10.79 5.37
CA VAL C 15 5.82 -10.51 5.82
C VAL C 15 4.86 -11.08 4.77
N ILE C 16 5.36 -11.18 3.52
CA ILE C 16 4.61 -11.69 2.39
C ILE C 16 3.96 -13.06 2.70
N LYS C 17 4.73 -13.97 3.28
CA LYS C 17 4.23 -15.30 3.60
C LYS C 17 3.28 -15.25 4.77
N LEU C 18 3.54 -14.36 5.72
CA LEU C 18 2.70 -14.22 6.89
C LEU C 18 1.30 -13.78 6.48
N VAL C 19 1.15 -13.11 5.31
CA VAL C 19 -0.16 -12.66 4.88
C VAL C 19 -0.88 -13.81 4.17
N GLN C 20 -0.12 -14.63 3.44
CA GLN C 20 -0.69 -15.80 2.77
C GLN C 20 -1.06 -16.84 3.83
N LYS C 21 -0.45 -16.75 5.02
CA LYS C 21 -0.70 -17.68 6.11
C LYS C 21 -1.91 -17.23 6.95
N TYR C 22 -1.93 -15.95 7.35
CA TYR C 22 -3.02 -15.42 8.19
C TYR C 22 -3.95 -14.53 7.38
N GLY C 23 -3.40 -13.51 6.72
CA GLY C 23 -4.18 -12.56 5.95
C GLY C 23 -4.18 -11.21 6.66
N PRO C 24 -4.78 -10.19 6.03
CA PRO C 24 -4.85 -8.86 6.59
C PRO C 24 -5.84 -8.84 7.77
N LYS C 25 -5.77 -7.76 8.57
CA LYS C 25 -6.65 -7.54 9.71
C LYS C 25 -6.38 -8.59 10.79
N ARG C 26 -5.18 -8.51 11.35
CA ARG C 26 -4.68 -9.39 12.40
C ARG C 26 -3.20 -9.11 12.51
N TRP C 27 -2.90 -7.83 12.51
CA TRP C 27 -1.55 -7.32 12.52
C TRP C 27 -0.93 -7.51 13.88
N SER C 28 -1.75 -7.80 14.89
CA SER C 28 -1.25 -8.06 16.23
C SER C 28 -0.39 -9.33 16.19
N VAL C 29 -0.76 -10.27 15.30
CA VAL C 29 -0.04 -11.52 15.13
C VAL C 29 1.25 -11.27 14.34
N ILE C 30 1.13 -10.62 13.17
CA ILE C 30 2.28 -10.31 12.33
C ILE C 30 3.31 -9.55 13.17
N ALA C 31 2.83 -8.65 14.04
CA ALA C 31 3.70 -7.89 14.91
C ALA C 31 4.49 -8.82 15.80
N LYS C 32 3.82 -9.86 16.33
CA LYS C 32 4.47 -10.85 17.18
C LYS C 32 5.44 -11.70 16.38
N HIS C 33 5.30 -11.70 15.05
CA HIS C 33 6.13 -12.50 14.18
C HIS C 33 7.39 -11.77 13.81
N LEU C 34 7.23 -10.56 13.31
CA LEU C 34 8.36 -9.72 12.99
C LEU C 34 8.94 -9.17 14.30
N LYS C 35 8.51 -9.78 15.42
CA LYS C 35 9.01 -9.48 16.76
C LYS C 35 8.62 -8.08 17.28
N GLY C 36 9.17 -7.01 16.68
CA GLY C 36 8.96 -5.65 17.19
C GLY C 36 8.55 -4.71 16.08
N ARG C 37 7.39 -4.96 15.48
CA ARG C 37 6.84 -4.09 14.45
C ARG C 37 5.53 -3.43 14.96
N ILE C 38 5.18 -3.70 16.24
CA ILE C 38 4.00 -3.16 16.93
C ILE C 38 2.75 -3.01 16.03
N GLY C 39 2.59 -3.91 15.05
CA GLY C 39 1.40 -3.93 14.18
C GLY C 39 1.37 -2.78 13.17
N LYS C 40 1.32 -1.54 13.67
CA LYS C 40 1.23 -0.35 12.83
C LYS C 40 2.21 -0.42 11.65
N GLN C 41 3.47 -0.80 11.92
CA GLN C 41 4.48 -0.86 10.88
C GLN C 41 4.14 -1.95 9.85
N CYS C 42 3.70 -3.12 10.32
CA CYS C 42 3.36 -4.23 9.44
C CYS C 42 2.26 -3.78 8.49
N ARG C 43 1.17 -3.26 9.07
CA ARG C 43 0.04 -2.82 8.31
C ARG C 43 0.43 -1.69 7.36
N GLU C 44 1.28 -0.76 7.82
CA GLU C 44 1.70 0.36 6.99
C GLU C 44 2.45 -0.14 5.76
N ARG C 45 3.46 -1.01 5.96
CA ARG C 45 4.25 -1.52 4.84
C ARG C 45 3.36 -2.28 3.88
N TRP C 46 2.46 -3.13 4.40
CA TRP C 46 1.58 -3.91 3.57
C TRP C 46 0.62 -3.01 2.80
N HIS C 47 -0.03 -2.09 3.52
CA HIS C 47 -0.96 -1.15 2.92
C HIS C 47 -0.17 0.00 2.30
N ASN C 48 0.78 -0.35 1.41
CA ASN C 48 1.60 0.61 0.71
C ASN C 48 1.59 0.24 -0.77
N HIS C 49 1.90 -1.03 -1.06
CA HIS C 49 1.92 -1.54 -2.43
C HIS C 49 2.19 -3.04 -2.41
N LEU C 50 1.43 -3.79 -1.60
CA LEU C 50 1.57 -5.24 -1.53
C LEU C 50 0.21 -5.90 -1.74
N ASN C 51 -0.52 -6.26 -0.66
CA ASN C 51 -1.83 -6.93 -0.76
C ASN C 51 -1.75 -8.06 -1.81
N PRO C 52 -2.17 -7.91 -3.12
CA PRO C 52 -1.90 -8.96 -4.11
C PRO C 52 -0.38 -9.03 -4.42
N GLU C 53 0.47 -8.74 -3.42
CA GLU C 53 1.92 -8.73 -3.53
C GLU C 53 2.40 -7.53 -4.36
N VAL C 54 1.63 -7.14 -5.40
CA VAL C 54 1.92 -6.00 -6.28
C VAL C 54 3.42 -5.65 -6.30
N LYS C 55 4.19 -6.36 -7.11
CA LYS C 55 5.62 -6.11 -7.23
C LYS C 55 5.88 -5.36 -8.54
N LYS C 56 6.33 -4.10 -8.43
CA LYS C 56 6.64 -3.25 -9.59
C LYS C 56 5.36 -2.98 -10.41
N THR C 57 5.53 -2.54 -11.67
CA THR C 57 4.43 -2.20 -12.57
C THR C 57 3.86 -0.83 -12.17
N SER C 58 4.49 0.23 -12.69
CA SER C 58 4.12 1.60 -12.38
C SER C 58 2.91 2.05 -13.19
N TRP C 59 2.58 3.35 -13.06
CA TRP C 59 1.45 3.95 -13.75
C TRP C 59 1.86 4.32 -15.16
N THR C 60 0.91 4.30 -16.11
CA THR C 60 1.22 4.60 -17.51
C THR C 60 0.03 5.26 -18.18
N GLU C 61 -0.93 4.45 -18.62
CA GLU C 61 -2.13 4.93 -19.26
C GLU C 61 -3.32 4.18 -18.70
N GLU C 62 -3.19 2.85 -18.57
CA GLU C 62 -4.26 2.00 -18.04
C GLU C 62 -4.50 2.29 -16.56
N GLU C 63 -3.44 2.66 -15.83
CA GLU C 63 -3.54 2.97 -14.42
C GLU C 63 -3.66 4.49 -14.24
N ASP C 64 -2.91 5.25 -15.04
CA ASP C 64 -2.92 6.70 -14.98
C ASP C 64 -4.33 7.24 -15.18
N ARG C 65 -5.12 6.57 -16.04
CA ARG C 65 -6.46 7.01 -16.34
C ARG C 65 -7.38 6.84 -15.13
N ILE C 66 -6.99 5.98 -14.18
CA ILE C 66 -7.81 5.72 -13.01
C ILE C 66 -7.85 6.95 -12.12
N ILE C 67 -6.71 7.32 -11.58
CA ILE C 67 -6.63 8.47 -10.68
C ILE C 67 -7.04 9.73 -11.42
N TYR C 68 -6.58 9.89 -12.66
CA TYR C 68 -6.85 11.08 -13.45
C TYR C 68 -8.32 11.50 -13.37
N GLN C 69 -9.26 10.54 -13.54
CA GLN C 69 -10.68 10.86 -13.54
C GLN C 69 -11.32 10.55 -12.20
N ALA C 70 -10.91 9.49 -11.53
CA ALA C 70 -11.47 9.13 -10.23
C ALA C 70 -11.19 10.25 -9.24
N HIS C 71 -10.07 10.96 -9.43
CA HIS C 71 -9.68 12.05 -8.56
C HIS C 71 -10.53 13.27 -8.86
N LYS C 72 -10.91 13.44 -10.13
CA LYS C 72 -11.71 14.58 -10.56
C LYS C 72 -13.11 14.54 -9.94
N ARG C 73 -13.46 13.44 -9.25
CA ARG C 73 -14.78 13.34 -8.59
C ARG C 73 -14.62 13.00 -7.11
N LEU C 74 -13.69 12.10 -6.77
CA LEU C 74 -13.49 11.69 -5.38
C LEU C 74 -12.59 12.70 -4.67
N GLY C 75 -11.73 13.39 -5.43
CA GLY C 75 -10.85 14.41 -4.87
C GLY C 75 -9.69 13.81 -4.11
N ASN C 76 -9.96 12.98 -3.11
CA ASN C 76 -8.92 12.36 -2.33
C ASN C 76 -9.46 11.18 -1.53
N ARG C 77 -10.53 10.53 -2.02
CA ARG C 77 -11.08 9.36 -1.36
C ARG C 77 -10.45 8.15 -1.99
N TRP C 78 -9.22 7.89 -1.54
CA TRP C 78 -8.42 6.79 -2.04
C TRP C 78 -9.09 5.47 -1.73
N ALA C 79 -10.09 5.50 -0.84
CA ALA C 79 -10.84 4.32 -0.46
C ALA C 79 -11.83 3.95 -1.57
N GLU C 80 -12.32 4.97 -2.29
CA GLU C 80 -13.26 4.75 -3.37
C GLU C 80 -12.49 4.44 -4.64
N ILE C 81 -11.45 5.22 -4.93
CA ILE C 81 -10.62 4.96 -6.10
C ILE C 81 -10.10 3.51 -6.03
N ALA C 82 -9.57 3.14 -4.86
CA ALA C 82 -9.05 1.80 -4.62
C ALA C 82 -10.14 0.74 -4.78
N LYS C 83 -11.36 1.05 -4.34
CA LYS C 83 -12.48 0.11 -4.49
C LYS C 83 -12.69 -0.18 -5.98
N LEU C 84 -12.41 0.81 -6.83
CA LEU C 84 -12.54 0.67 -8.28
C LEU C 84 -11.18 0.28 -8.88
N LEU C 85 -10.16 0.05 -8.03
CA LEU C 85 -8.83 -0.32 -8.49
C LEU C 85 -8.18 -1.28 -7.49
N PRO C 86 -8.66 -2.54 -7.41
CA PRO C 86 -8.13 -3.53 -6.50
C PRO C 86 -6.63 -3.77 -6.73
N GLY C 87 -6.18 -3.56 -7.98
CA GLY C 87 -4.78 -3.76 -8.34
C GLY C 87 -3.85 -2.84 -7.54
N ARG C 88 -4.37 -1.69 -7.08
CA ARG C 88 -3.59 -0.75 -6.30
C ARG C 88 -4.40 -0.32 -5.08
N THR C 89 -4.18 -0.98 -3.95
CA THR C 89 -4.89 -0.70 -2.72
C THR C 89 -4.53 0.67 -2.15
N ASP C 90 -5.57 1.50 -1.94
CA ASP C 90 -5.48 2.86 -1.38
C ASP C 90 -4.11 3.51 -1.54
N ASN C 91 -3.23 3.27 -0.55
CA ASN C 91 -1.91 3.87 -0.51
C ASN C 91 -1.22 3.83 -1.88
N ALA C 92 -1.29 2.70 -2.58
CA ALA C 92 -0.67 2.55 -3.88
C ALA C 92 -0.98 3.76 -4.78
N ILE C 93 -2.26 4.14 -4.86
CA ILE C 93 -2.69 5.28 -5.68
C ILE C 93 -2.29 6.59 -4.99
N LYS C 94 -2.26 6.58 -3.65
CA LYS C 94 -1.93 7.76 -2.87
C LYS C 94 -0.47 8.17 -3.07
N ASN C 95 0.48 7.28 -2.75
CA ASN C 95 1.90 7.61 -2.84
C ASN C 95 2.25 8.03 -4.26
N HIS C 96 1.45 7.58 -5.23
CA HIS C 96 1.65 7.93 -6.61
C HIS C 96 1.12 9.33 -6.88
N TRP C 97 -0.19 9.54 -6.67
CA TRP C 97 -0.81 10.81 -7.00
C TRP C 97 -0.07 11.96 -6.37
N ASN C 98 0.03 11.90 -5.05
CA ASN C 98 0.66 12.94 -4.26
C ASN C 98 2.19 12.97 -4.45
N SER C 99 2.68 12.46 -5.59
CA SER C 99 4.09 12.49 -5.93
C SER C 99 4.24 12.28 -7.45
N THR C 100 3.17 12.58 -8.23
CA THR C 100 3.19 12.39 -9.68
C THR C 100 2.19 13.32 -10.38
N MET C 101 1.06 13.66 -9.72
CA MET C 101 0.03 14.49 -10.35
C MET C 101 -0.39 15.67 -9.46
N ARG C 102 -1.35 16.46 -9.98
CA ARG C 102 -1.94 17.61 -9.30
C ARG C 102 -0.91 18.74 -9.07
N ARG C 103 -0.15 18.66 -7.97
CA ARG C 103 0.83 19.68 -7.64
C ARG C 103 2.06 19.02 -7.01
N LYS C 104 2.14 17.69 -7.11
CA LYS C 104 3.24 16.92 -6.56
C LYS C 104 4.02 16.26 -7.70
N VAL C 105 3.97 16.89 -8.89
CA VAL C 105 4.64 16.37 -10.07
C VAL C 105 6.15 16.49 -9.90
N MET C 1 8.85 0.39 22.39
CA MET C 1 9.89 1.41 22.15
C MET C 1 9.78 1.94 20.72
N LEU C 2 10.38 3.10 20.46
CA LEU C 2 10.34 3.73 19.15
C LEU C 2 11.30 2.99 18.20
N ILE C 3 10.94 1.77 17.82
CA ILE C 3 11.74 0.96 16.90
C ILE C 3 11.24 1.19 15.46
N LYS C 4 10.77 2.42 15.22
CA LYS C 4 10.22 2.81 13.93
C LYS C 4 11.34 2.94 12.89
N GLY C 5 11.86 1.81 12.41
CA GLY C 5 12.91 1.78 11.42
C GLY C 5 12.29 1.78 10.01
N PRO C 6 13.04 2.26 8.99
CA PRO C 6 12.54 2.33 7.62
C PRO C 6 12.41 0.95 6.95
N TRP C 7 12.33 -0.13 7.75
CA TRP C 7 12.21 -1.49 7.23
C TRP C 7 13.37 -1.78 6.25
N THR C 8 13.26 -2.85 5.46
CA THR C 8 14.34 -3.23 4.57
C THR C 8 13.84 -4.29 3.56
N LYS C 9 14.72 -4.70 2.63
CA LYS C 9 14.39 -5.69 1.62
C LYS C 9 14.58 -7.11 2.17
N GLU C 10 14.56 -7.25 3.50
CA GLU C 10 14.64 -8.54 4.17
C GLU C 10 13.56 -8.57 5.25
N GLU C 11 12.44 -7.97 4.89
CA GLU C 11 11.24 -7.88 5.69
C GLU C 11 10.07 -7.80 4.70
N ASP C 12 10.28 -7.01 3.65
CA ASP C 12 9.35 -6.82 2.55
C ASP C 12 8.78 -8.14 2.02
N GLN C 13 9.63 -9.14 1.80
CA GLN C 13 9.21 -10.42 1.22
C GLN C 13 9.20 -11.52 2.29
N ARG C 14 9.30 -11.12 3.55
CA ARG C 14 9.21 -12.04 4.66
C ARG C 14 7.86 -11.82 5.33
N VAL C 15 7.32 -10.60 5.17
CA VAL C 15 5.99 -10.24 5.63
C VAL C 15 4.99 -10.66 4.55
N ILE C 16 5.47 -10.66 3.29
CA ILE C 16 4.65 -11.00 2.13
C ILE C 16 4.14 -12.43 2.21
N LYS C 17 4.98 -13.39 2.62
CA LYS C 17 4.58 -14.78 2.68
C LYS C 17 3.64 -15.02 3.86
N LEU C 18 3.86 -14.32 4.97
CA LEU C 18 3.02 -14.47 6.14
C LEU C 18 1.60 -13.99 5.84
N VAL C 19 1.45 -13.06 4.88
CA VAL C 19 0.13 -12.54 4.55
C VAL C 19 -0.64 -13.58 3.73
N GLN C 20 0.07 -14.42 2.97
CA GLN C 20 -0.59 -15.47 2.20
C GLN C 20 -1.16 -16.53 3.15
N LYS C 21 -0.55 -16.66 4.34
CA LYS C 21 -0.96 -17.66 5.32
C LYS C 21 -2.11 -17.12 6.18
N TYR C 22 -1.92 -15.94 6.79
CA TYR C 22 -2.92 -15.36 7.68
C TYR C 22 -3.91 -14.49 6.92
N GLY C 23 -3.39 -13.53 6.13
CA GLY C 23 -4.23 -12.61 5.38
C GLY C 23 -4.09 -11.21 5.98
N PRO C 24 -4.61 -10.18 5.27
CA PRO C 24 -4.56 -8.82 5.73
C PRO C 24 -5.42 -8.63 6.99
N LYS C 25 -5.45 -7.38 7.50
CA LYS C 25 -6.23 -7.00 8.69
C LYS C 25 -6.07 -8.03 9.82
N ARG C 26 -4.81 -8.35 10.14
CA ARG C 26 -4.43 -9.30 11.16
C ARG C 26 -3.07 -8.86 11.69
N TRP C 27 -2.79 -7.56 11.57
CA TRP C 27 -1.51 -6.99 11.96
C TRP C 27 -1.25 -7.23 13.43
N SER C 28 -2.32 -7.42 14.20
CA SER C 28 -2.19 -7.70 15.62
C SER C 28 -1.59 -9.09 15.82
N VAL C 29 -1.91 -10.02 14.91
CA VAL C 29 -1.40 -11.38 14.96
C VAL C 29 -0.06 -11.46 14.26
N ILE C 30 0.10 -10.74 13.15
CA ILE C 30 1.36 -10.73 12.43
C ILE C 30 2.44 -10.16 13.34
N ALA C 31 2.08 -9.12 14.12
CA ALA C 31 2.99 -8.52 15.07
C ALA C 31 3.50 -9.58 16.04
N LYS C 32 2.77 -10.69 16.21
CA LYS C 32 3.19 -11.78 17.07
C LYS C 32 4.52 -12.33 16.57
N HIS C 33 4.74 -12.38 15.24
CA HIS C 33 5.98 -12.90 14.69
C HIS C 33 6.94 -11.74 14.45
N LEU C 34 6.47 -10.70 13.77
CA LEU C 34 7.28 -9.53 13.49
C LEU C 34 7.18 -8.57 14.67
N LYS C 35 7.36 -9.14 15.86
CA LYS C 35 7.30 -8.40 17.13
C LYS C 35 8.39 -7.34 17.20
N GLY C 36 9.50 -7.56 16.48
CA GLY C 36 10.61 -6.63 16.46
C GLY C 36 10.29 -5.46 15.54
N ARG C 37 9.17 -5.57 14.80
CA ARG C 37 8.74 -4.54 13.87
C ARG C 37 7.46 -3.88 14.39
N ILE C 38 6.62 -4.65 15.12
CA ILE C 38 5.36 -4.16 15.70
C ILE C 38 4.30 -4.00 14.61
N GLY C 39 3.03 -4.19 14.99
CA GLY C 39 1.88 -4.13 14.07
C GLY C 39 1.90 -2.89 13.20
N LYS C 40 2.02 -1.70 13.79
CA LYS C 40 1.99 -0.45 13.04
C LYS C 40 2.92 -0.51 11.82
N GLN C 41 4.19 -0.86 12.04
CA GLN C 41 5.17 -0.86 10.97
C GLN C 41 4.87 -1.96 9.95
N CYS C 42 4.45 -3.16 10.40
CA CYS C 42 4.12 -4.24 9.47
C CYS C 42 3.01 -3.77 8.54
N ARG C 43 2.01 -3.11 9.12
CA ARG C 43 0.89 -2.59 8.37
C ARG C 43 1.36 -1.47 7.44
N GLU C 44 2.25 -0.59 7.94
CA GLU C 44 2.77 0.52 7.17
C GLU C 44 3.47 0.00 5.91
N ARG C 45 4.33 -1.01 6.07
CA ARG C 45 5.04 -1.61 4.95
C ARG C 45 4.05 -2.06 3.89
N TRP C 46 2.98 -2.72 4.33
CA TRP C 46 1.97 -3.26 3.45
C TRP C 46 1.19 -2.15 2.73
N HIS C 47 0.65 -1.21 3.51
CA HIS C 47 -0.16 -0.14 2.97
C HIS C 47 0.71 0.92 2.28
N ASN C 48 1.26 0.54 1.11
CA ASN C 48 2.07 1.43 0.31
C ASN C 48 2.02 0.97 -1.14
N HIS C 49 2.85 -0.03 -1.50
CA HIS C 49 2.89 -0.56 -2.87
C HIS C 49 3.14 -2.07 -2.85
N LEU C 50 2.73 -2.75 -1.77
CA LEU C 50 2.90 -4.19 -1.64
C LEU C 50 1.58 -4.87 -1.95
N ASN C 51 0.58 -4.69 -1.07
CA ASN C 51 -0.73 -5.29 -1.25
C ASN C 51 -0.55 -6.81 -1.40
N PRO C 52 -1.56 -7.58 -1.89
CA PRO C 52 -1.41 -9.01 -2.11
C PRO C 52 -0.50 -9.29 -3.31
N GLU C 53 0.67 -8.62 -3.34
CA GLU C 53 1.66 -8.74 -4.39
C GLU C 53 1.20 -7.95 -5.60
N VAL C 54 -0.10 -8.06 -5.92
CA VAL C 54 -0.75 -7.34 -7.03
C VAL C 54 0.15 -7.26 -8.28
N LYS C 55 0.98 -8.28 -8.50
CA LYS C 55 1.89 -8.31 -9.64
C LYS C 55 2.66 -6.99 -9.73
N LYS C 56 2.57 -6.27 -10.86
CA LYS C 56 3.24 -4.99 -11.03
C LYS C 56 2.72 -4.30 -12.30
N THR C 57 2.79 -2.97 -12.32
CA THR C 57 2.36 -2.18 -13.47
C THR C 57 3.11 -0.84 -13.44
N SER C 58 3.28 -0.26 -12.24
CA SER C 58 4.00 0.98 -12.05
C SER C 58 3.37 2.12 -12.86
N TRP C 59 2.04 2.08 -13.01
CA TRP C 59 1.26 3.09 -13.75
C TRP C 59 1.64 3.07 -15.23
N THR C 60 0.62 3.07 -16.11
CA THR C 60 0.82 3.01 -17.55
C THR C 60 -0.29 3.79 -18.25
N GLU C 61 -0.28 3.82 -19.58
CA GLU C 61 -1.28 4.54 -20.36
C GLU C 61 -2.71 4.16 -19.93
N GLU C 62 -2.91 2.94 -19.40
CA GLU C 62 -4.22 2.48 -18.98
C GLU C 62 -4.50 2.82 -17.51
N GLU C 63 -3.48 2.75 -16.65
CA GLU C 63 -3.64 2.99 -15.23
C GLU C 63 -3.70 4.50 -14.93
N ASP C 64 -2.94 5.31 -15.68
CA ASP C 64 -2.91 6.75 -15.48
C ASP C 64 -4.32 7.33 -15.64
N ARG C 65 -5.17 6.63 -16.39
CA ARG C 65 -6.53 7.06 -16.62
C ARG C 65 -7.34 6.92 -15.35
N ILE C 66 -7.04 5.89 -14.54
CA ILE C 66 -7.77 5.65 -13.31
C ILE C 66 -7.70 6.89 -12.44
N ILE C 67 -6.50 7.29 -12.05
CA ILE C 67 -6.34 8.46 -11.21
C ILE C 67 -6.89 9.69 -11.91
N TYR C 68 -6.53 9.88 -13.18
CA TYR C 68 -6.95 11.05 -13.93
C TYR C 68 -8.45 11.32 -13.75
N GLN C 69 -9.30 10.35 -14.07
CA GLN C 69 -10.75 10.54 -14.03
C GLN C 69 -11.31 10.32 -12.62
N ALA C 70 -10.82 9.31 -11.91
CA ALA C 70 -11.33 9.01 -10.58
C ALA C 70 -10.97 10.14 -9.62
N HIS C 71 -9.87 10.85 -9.88
CA HIS C 71 -9.44 11.96 -9.05
C HIS C 71 -10.34 13.16 -9.31
N LYS C 72 -10.77 13.29 -10.55
CA LYS C 72 -11.63 14.39 -10.96
C LYS C 72 -13.04 14.22 -10.37
N ARG C 73 -13.31 13.09 -9.69
CA ARG C 73 -14.60 12.82 -9.07
C ARG C 73 -14.42 12.68 -7.54
N LEU C 74 -13.42 11.91 -7.13
CA LEU C 74 -13.14 11.64 -5.73
C LEU C 74 -12.18 12.70 -5.18
N GLY C 75 -11.02 12.86 -5.81
CA GLY C 75 -10.06 13.86 -5.41
C GLY C 75 -9.15 13.27 -4.36
N ASN C 76 -9.53 13.41 -3.10
CA ASN C 76 -8.72 12.92 -2.01
C ASN C 76 -9.37 11.72 -1.32
N ARG C 77 -10.28 11.02 -2.01
CA ARG C 77 -10.89 9.81 -1.49
C ARG C 77 -10.21 8.65 -2.22
N TRP C 78 -8.90 8.54 -2.00
CA TRP C 78 -8.06 7.54 -2.63
C TRP C 78 -8.51 6.14 -2.27
N ALA C 79 -9.29 6.01 -1.20
CA ALA C 79 -9.76 4.70 -0.77
C ALA C 79 -10.82 4.18 -1.75
N GLU C 80 -11.51 5.11 -2.44
CA GLU C 80 -12.53 4.74 -3.40
C GLU C 80 -11.85 4.42 -4.72
N ILE C 81 -10.88 5.25 -5.11
CA ILE C 81 -10.10 5.00 -6.29
C ILE C 81 -9.42 3.64 -6.13
N ALA C 82 -8.86 3.42 -4.94
CA ALA C 82 -8.18 2.18 -4.57
C ALA C 82 -9.11 0.97 -4.70
N LYS C 83 -10.25 0.98 -3.98
CA LYS C 83 -11.15 -0.17 -4.00
C LYS C 83 -11.73 -0.41 -5.41
N LEU C 84 -11.64 0.60 -6.29
CA LEU C 84 -12.11 0.46 -7.66
C LEU C 84 -10.93 0.17 -8.61
N LEU C 85 -9.71 0.01 -8.05
CA LEU C 85 -8.52 -0.26 -8.83
C LEU C 85 -7.78 -1.47 -8.23
N PRO C 86 -8.05 -2.69 -8.74
CA PRO C 86 -7.42 -3.90 -8.24
C PRO C 86 -5.89 -3.85 -8.37
N GLY C 87 -5.38 -3.12 -9.38
CA GLY C 87 -3.95 -3.02 -9.62
C GLY C 87 -3.27 -2.18 -8.53
N ARG C 88 -4.03 -1.35 -7.84
CA ARG C 88 -3.52 -0.49 -6.79
C ARG C 88 -4.66 -0.13 -5.85
N THR C 89 -4.85 -0.96 -4.81
CA THR C 89 -5.94 -0.79 -3.85
C THR C 89 -5.38 -0.44 -2.46
N ASP C 90 -4.96 0.82 -2.28
CA ASP C 90 -4.35 1.27 -1.04
C ASP C 90 -3.93 2.72 -1.21
N ASN C 91 -2.88 3.12 -0.49
CA ASN C 91 -2.33 4.46 -0.58
C ASN C 91 -1.41 4.55 -1.81
N ALA C 92 -1.43 3.53 -2.68
CA ALA C 92 -0.57 3.50 -3.85
C ALA C 92 -0.87 4.68 -4.78
N ILE C 93 -2.14 4.85 -5.19
CA ILE C 93 -2.53 5.92 -6.12
C ILE C 93 -2.23 7.27 -5.48
N LYS C 94 -2.42 7.39 -4.17
CA LYS C 94 -2.18 8.62 -3.44
C LYS C 94 -0.70 8.96 -3.49
N ASN C 95 0.16 7.98 -3.14
CA ASN C 95 1.60 8.18 -3.10
C ASN C 95 2.11 8.48 -4.49
N HIS C 96 1.46 7.89 -5.50
CA HIS C 96 1.83 8.08 -6.89
C HIS C 96 1.46 9.48 -7.35
N TRP C 97 0.16 9.81 -7.30
CA TRP C 97 -0.33 11.09 -7.77
C TRP C 97 0.52 12.25 -7.29
N ASN C 98 0.56 12.43 -5.98
CA ASN C 98 1.29 13.53 -5.35
C ASN C 98 2.81 13.45 -5.60
N SER C 99 3.29 12.36 -6.24
CA SER C 99 4.71 12.19 -6.50
C SER C 99 4.91 11.90 -7.99
N THR C 100 3.91 12.25 -8.80
CA THR C 100 3.93 12.01 -10.22
C THR C 100 3.19 13.14 -10.92
N MET C 101 1.90 13.28 -10.63
CA MET C 101 1.08 14.35 -11.19
C MET C 101 1.31 15.61 -10.36
N ARG C 102 0.50 15.76 -9.29
CA ARG C 102 0.56 16.92 -8.38
C ARG C 102 -0.01 18.18 -9.05
N ARG C 103 0.51 18.51 -10.24
CA ARG C 103 0.07 19.67 -11.00
C ARG C 103 -1.40 19.53 -11.43
N LYS C 104 -1.95 18.31 -11.36
CA LYS C 104 -3.34 18.03 -11.72
C LYS C 104 -3.54 18.25 -13.22
N VAL C 105 -3.05 17.31 -14.03
CA VAL C 105 -3.20 17.38 -15.48
C VAL C 105 -4.65 17.07 -15.87
N MET C 1 8.67 2.49 23.40
CA MET C 1 9.94 1.82 23.10
C MET C 1 10.30 1.98 21.62
N LEU C 2 11.45 1.44 21.22
CA LEU C 2 11.90 1.52 19.83
C LEU C 2 11.13 0.51 18.98
N ILE C 3 9.85 0.80 18.72
CA ILE C 3 8.98 -0.06 17.95
C ILE C 3 8.68 0.58 16.58
N LYS C 4 9.60 1.43 16.12
CA LYS C 4 9.45 2.12 14.84
C LYS C 4 10.81 2.28 14.19
N GLY C 5 10.96 1.76 12.96
CA GLY C 5 12.21 1.84 12.23
C GLY C 5 12.00 1.43 10.77
N PRO C 6 13.00 1.69 9.91
CA PRO C 6 12.93 1.35 8.51
C PRO C 6 12.78 -0.15 8.31
N TRP C 7 12.04 -0.54 7.25
CA TRP C 7 11.82 -1.94 6.94
C TRP C 7 13.03 -2.51 6.23
N THR C 8 12.90 -3.73 5.69
CA THR C 8 14.00 -4.41 5.05
C THR C 8 13.46 -5.53 4.16
N LYS C 9 14.36 -6.14 3.38
CA LYS C 9 14.01 -7.27 2.54
C LYS C 9 13.49 -8.40 3.42
N GLU C 10 14.07 -8.53 4.61
CA GLU C 10 13.72 -9.58 5.55
C GLU C 10 12.55 -9.12 6.45
N GLU C 11 11.62 -8.37 5.86
CA GLU C 11 10.41 -7.93 6.53
C GLU C 11 9.33 -7.79 5.47
N ASP C 12 9.69 -7.21 4.33
CA ASP C 12 8.77 -7.02 3.22
C ASP C 12 8.47 -8.36 2.53
N GLN C 13 9.49 -9.24 2.35
CA GLN C 13 9.29 -10.55 1.71
C GLN C 13 9.06 -11.60 2.78
N ARG C 14 8.70 -11.14 3.98
CA ARG C 14 8.46 -12.00 5.11
C ARG C 14 7.03 -11.76 5.56
N VAL C 15 6.63 -10.48 5.64
CA VAL C 15 5.26 -10.12 5.90
C VAL C 15 4.43 -10.71 4.75
N ILE C 16 5.08 -10.84 3.59
CA ILE C 16 4.52 -11.44 2.41
C ILE C 16 4.16 -12.90 2.71
N LYS C 17 5.03 -13.60 3.44
CA LYS C 17 4.81 -14.99 3.80
C LYS C 17 3.74 -15.06 4.89
N LEU C 18 3.78 -14.13 5.86
CA LEU C 18 2.80 -14.11 6.93
C LEU C 18 1.40 -13.96 6.36
N VAL C 19 1.21 -13.13 5.32
CA VAL C 19 -0.11 -12.94 4.73
C VAL C 19 -0.48 -14.16 3.89
N GLN C 20 0.49 -14.72 3.16
CA GLN C 20 0.25 -15.90 2.35
C GLN C 20 -0.16 -17.09 3.26
N LYS C 21 0.14 -17.00 4.56
CA LYS C 21 -0.18 -18.05 5.51
C LYS C 21 -1.49 -17.74 6.23
N TYR C 22 -1.63 -16.50 6.76
CA TYR C 22 -2.82 -16.10 7.50
C TYR C 22 -3.81 -15.41 6.57
N GLY C 23 -3.41 -14.26 6.01
CA GLY C 23 -4.25 -13.47 5.13
C GLY C 23 -4.22 -12.01 5.55
N PRO C 24 -4.76 -11.10 4.71
CA PRO C 24 -4.81 -9.69 5.01
C PRO C 24 -5.76 -9.43 6.19
N LYS C 25 -5.67 -8.24 6.79
CA LYS C 25 -6.51 -7.87 7.94
C LYS C 25 -6.20 -8.80 9.10
N ARG C 26 -4.91 -8.92 9.42
CA ARG C 26 -4.40 -9.76 10.46
C ARG C 26 -3.21 -9.06 11.06
N TRP C 27 -3.24 -7.73 11.04
CA TRP C 27 -2.18 -6.91 11.61
C TRP C 27 -1.99 -7.26 13.08
N SER C 28 -2.98 -7.94 13.66
CA SER C 28 -2.90 -8.37 15.04
C SER C 28 -2.00 -9.60 15.18
N VAL C 29 -1.37 -10.01 14.07
CA VAL C 29 -0.45 -11.14 14.03
C VAL C 29 0.75 -10.70 13.21
N ILE C 30 0.47 -10.13 12.03
CA ILE C 30 1.50 -9.62 11.17
C ILE C 30 2.24 -8.51 11.91
N ALA C 31 1.50 -7.66 12.65
CA ALA C 31 2.12 -6.58 13.39
C ALA C 31 2.35 -7.01 14.84
N LYS C 32 2.34 -8.33 15.10
CA LYS C 32 2.62 -8.85 16.42
C LYS C 32 4.08 -9.32 16.50
N HIS C 33 4.64 -9.86 15.40
CA HIS C 33 6.02 -10.37 15.44
C HIS C 33 6.80 -10.10 14.14
N LEU C 34 6.96 -8.82 13.78
CA LEU C 34 7.80 -8.42 12.65
C LEU C 34 8.82 -7.40 13.12
N LYS C 35 9.69 -7.86 14.03
CA LYS C 35 10.77 -7.05 14.61
C LYS C 35 10.22 -5.87 15.42
N GLY C 36 9.96 -4.75 14.73
CA GLY C 36 9.49 -3.51 15.38
C GLY C 36 8.30 -2.96 14.62
N ARG C 37 7.24 -3.75 14.57
CA ARG C 37 6.02 -3.40 13.86
C ARG C 37 5.04 -2.60 14.77
N ILE C 38 3.92 -3.26 15.18
CA ILE C 38 2.84 -2.67 15.99
C ILE C 38 1.73 -2.20 15.04
N GLY C 39 0.55 -2.81 15.17
CA GLY C 39 -0.67 -2.53 14.40
C GLY C 39 -0.44 -1.78 13.08
N LYS C 40 -0.21 -0.45 13.16
CA LYS C 40 -0.11 0.39 11.97
C LYS C 40 1.14 0.09 11.15
N GLN C 41 2.27 -0.17 11.82
CA GLN C 41 3.55 -0.42 11.16
C GLN C 41 3.60 -1.83 10.57
N CYS C 42 2.71 -2.09 9.59
CA CYS C 42 2.62 -3.32 8.81
C CYS C 42 1.49 -3.11 7.81
N ARG C 43 0.36 -2.57 8.29
CA ARG C 43 -0.76 -2.25 7.44
C ARG C 43 -0.29 -1.23 6.40
N GLU C 44 0.49 -0.24 6.84
CA GLU C 44 1.00 0.79 5.94
C GLU C 44 1.93 0.16 4.89
N ARG C 45 2.63 -0.93 5.24
CA ARG C 45 3.49 -1.62 4.30
C ARG C 45 2.61 -2.38 3.32
N TRP C 46 1.65 -3.15 3.85
CA TRP C 46 0.78 -3.97 3.03
C TRP C 46 -0.07 -3.12 2.10
N HIS C 47 -0.90 -2.27 2.69
CA HIS C 47 -1.77 -1.40 1.94
C HIS C 47 -0.94 -0.26 1.33
N ASN C 48 -0.22 -0.59 0.24
CA ASN C 48 0.65 0.36 -0.46
C ASN C 48 1.10 -0.26 -1.79
N HIS C 49 1.56 -1.52 -1.73
CA HIS C 49 2.03 -2.27 -2.90
C HIS C 49 2.64 -3.58 -2.40
N LEU C 50 1.79 -4.42 -1.77
CA LEU C 50 2.23 -5.67 -1.15
C LEU C 50 1.16 -6.76 -1.34
N ASN C 51 -0.13 -6.35 -1.40
CA ASN C 51 -1.29 -7.26 -1.48
C ASN C 51 -1.04 -8.46 -2.43
N PRO C 52 -1.28 -8.36 -3.77
CA PRO C 52 -0.98 -9.47 -4.68
C PRO C 52 0.54 -9.58 -4.91
N GLU C 53 1.33 -9.38 -3.84
CA GLU C 53 2.78 -9.41 -3.93
C GLU C 53 3.25 -8.42 -5.03
N VAL C 54 2.36 -7.43 -5.33
CA VAL C 54 2.58 -6.36 -6.32
C VAL C 54 4.01 -6.37 -6.87
N LYS C 55 4.15 -6.95 -8.07
CA LYS C 55 5.44 -7.04 -8.75
C LYS C 55 5.80 -5.69 -9.39
N LYS C 56 5.67 -4.61 -8.61
CA LYS C 56 5.99 -3.24 -9.06
C LYS C 56 5.22 -2.89 -10.34
N THR C 57 5.83 -3.11 -11.52
CA THR C 57 5.22 -2.81 -12.83
C THR C 57 5.23 -1.30 -13.11
N SER C 58 4.86 -0.49 -12.10
CA SER C 58 4.82 0.96 -12.22
C SER C 58 3.62 1.40 -13.06
N TRP C 59 3.24 2.67 -12.94
CA TRP C 59 2.10 3.22 -13.65
C TRP C 59 2.48 3.49 -15.12
N THR C 60 1.47 3.62 -15.99
CA THR C 60 1.70 3.84 -17.41
C THR C 60 0.45 4.54 -17.97
N GLU C 61 0.48 4.91 -19.26
CA GLU C 61 -0.65 5.59 -19.89
C GLU C 61 -1.99 4.91 -19.55
N GLU C 62 -2.05 3.58 -19.66
CA GLU C 62 -3.29 2.84 -19.42
C GLU C 62 -3.62 2.72 -17.92
N GLU C 63 -2.71 3.12 -17.04
CA GLU C 63 -2.94 3.06 -15.59
C GLU C 63 -3.07 4.47 -15.03
N ASP C 64 -2.58 5.46 -15.78
CA ASP C 64 -2.66 6.85 -15.40
C ASP C 64 -4.11 7.33 -15.51
N ARG C 65 -4.95 6.54 -16.17
CA ARG C 65 -6.35 6.89 -16.39
C ARG C 65 -7.17 6.50 -15.16
N ILE C 66 -6.62 5.60 -14.33
CA ILE C 66 -7.30 5.15 -13.13
C ILE C 66 -7.29 6.28 -12.14
N ILE C 67 -6.09 6.74 -11.82
CA ILE C 67 -5.91 7.81 -10.87
C ILE C 67 -6.61 9.07 -11.38
N TYR C 68 -6.35 9.43 -12.64
CA TYR C 68 -6.94 10.63 -13.24
C TYR C 68 -8.46 10.64 -13.10
N GLN C 69 -9.14 9.61 -13.64
CA GLN C 69 -10.58 9.56 -13.61
C GLN C 69 -11.11 9.43 -12.18
N ALA C 70 -10.60 8.44 -11.44
CA ALA C 70 -11.06 8.19 -10.08
C ALA C 70 -10.88 9.44 -9.21
N HIS C 71 -9.69 10.05 -9.27
CA HIS C 71 -9.40 11.26 -8.49
C HIS C 71 -10.37 12.37 -8.85
N LYS C 72 -10.78 12.43 -10.12
CA LYS C 72 -11.67 13.48 -10.59
C LYS C 72 -13.13 13.14 -10.27
N ARG C 73 -13.37 12.00 -9.59
CA ARG C 73 -14.71 11.61 -9.17
C ARG C 73 -14.79 11.56 -7.63
N LEU C 74 -13.64 11.26 -7.00
CA LEU C 74 -13.53 11.14 -5.54
C LEU C 74 -12.57 12.21 -5.01
N GLY C 75 -11.31 12.17 -5.45
CA GLY C 75 -10.36 13.18 -5.07
C GLY C 75 -9.57 12.69 -3.92
N ASN C 76 -9.89 13.17 -2.73
CA ASN C 76 -9.17 12.78 -1.55
C ASN C 76 -9.77 11.55 -0.90
N ARG C 77 -10.82 10.97 -1.48
CA ARG C 77 -11.44 9.79 -0.92
C ARG C 77 -10.75 8.59 -1.54
N TRP C 78 -9.43 8.49 -1.29
CA TRP C 78 -8.62 7.40 -1.79
C TRP C 78 -9.14 6.08 -1.26
N ALA C 79 -9.93 6.15 -0.19
CA ALA C 79 -10.52 4.97 0.40
C ALA C 79 -11.51 4.37 -0.59
N GLU C 80 -12.28 5.23 -1.26
CA GLU C 80 -13.29 4.78 -2.19
C GLU C 80 -12.61 4.40 -3.50
N ILE C 81 -11.61 5.19 -3.91
CA ILE C 81 -10.88 4.89 -5.12
C ILE C 81 -10.25 3.51 -4.97
N ALA C 82 -9.63 3.27 -3.81
CA ALA C 82 -9.01 1.99 -3.48
C ALA C 82 -10.03 0.86 -3.59
N LYS C 83 -11.18 1.00 -2.94
CA LYS C 83 -12.22 -0.03 -2.96
C LYS C 83 -12.66 -0.28 -4.41
N LEU C 84 -12.65 0.76 -5.25
CA LEU C 84 -13.04 0.64 -6.65
C LEU C 84 -11.82 0.39 -7.54
N LEU C 85 -10.66 0.05 -6.93
CA LEU C 85 -9.44 -0.21 -7.67
C LEU C 85 -8.78 -1.49 -7.14
N PRO C 86 -9.09 -2.66 -7.74
CA PRO C 86 -8.50 -3.91 -7.34
C PRO C 86 -7.00 -3.91 -7.63
N GLY C 87 -6.26 -4.78 -6.94
CA GLY C 87 -4.82 -4.88 -7.12
C GLY C 87 -4.11 -3.81 -6.31
N ARG C 88 -4.04 -2.58 -6.85
CA ARG C 88 -3.39 -1.48 -6.17
C ARG C 88 -4.40 -0.76 -5.30
N THR C 89 -4.45 -1.12 -4.01
CA THR C 89 -5.39 -0.55 -3.06
C THR C 89 -4.73 0.49 -2.15
N ASP C 90 -5.55 1.13 -1.32
CA ASP C 90 -5.13 2.16 -0.38
C ASP C 90 -4.39 3.30 -1.09
N ASN C 91 -3.17 3.63 -0.66
CA ASN C 91 -2.41 4.71 -1.26
C ASN C 91 -1.68 4.26 -2.52
N ALA C 92 -2.04 3.09 -3.07
CA ALA C 92 -1.45 2.59 -4.31
C ALA C 92 -2.20 3.25 -5.46
N ILE C 93 -2.25 4.56 -5.39
CA ILE C 93 -2.93 5.41 -6.35
C ILE C 93 -2.73 6.86 -5.88
N LYS C 94 -2.75 7.06 -4.55
CA LYS C 94 -2.56 8.36 -3.92
C LYS C 94 -1.07 8.69 -3.85
N ASN C 95 -0.28 7.74 -3.33
CA ASN C 95 1.16 7.91 -3.19
C ASN C 95 1.74 8.22 -4.56
N HIS C 96 1.12 7.66 -5.59
CA HIS C 96 1.54 7.89 -6.95
C HIS C 96 1.14 9.29 -7.36
N TRP C 97 -0.17 9.59 -7.32
CA TRP C 97 -0.69 10.87 -7.75
C TRP C 97 0.16 12.00 -7.20
N ASN C 98 0.14 12.16 -5.90
CA ASN C 98 0.82 13.26 -5.23
C ASN C 98 2.33 13.33 -5.58
N SER C 99 2.95 12.19 -5.96
CA SER C 99 4.38 12.16 -6.26
C SER C 99 4.67 12.23 -7.76
N THR C 100 3.66 11.99 -8.62
CA THR C 100 3.84 11.99 -10.07
C THR C 100 2.89 13.01 -10.70
N MET C 101 1.59 12.79 -10.51
CA MET C 101 0.56 13.66 -11.03
C MET C 101 -0.06 14.44 -9.86
N ARG C 102 0.70 15.36 -9.26
CA ARG C 102 0.23 16.08 -8.08
C ARG C 102 -1.14 16.72 -8.32
N ARG C 103 -1.89 16.94 -7.22
CA ARG C 103 -3.23 17.51 -7.25
C ARG C 103 -3.19 18.94 -7.77
N LYS C 104 -3.34 19.08 -9.10
CA LYS C 104 -3.31 20.38 -9.76
C LYS C 104 -3.59 20.20 -11.25
N VAL C 105 -4.49 19.26 -11.56
CA VAL C 105 -4.85 18.96 -12.93
C VAL C 105 -6.17 18.18 -12.95
N MET C 1 15.02 -0.08 14.41
CA MET C 1 14.40 -1.40 14.27
C MET C 1 13.13 -1.46 15.13
N LEU C 2 13.30 -1.71 16.44
CA LEU C 2 12.18 -1.76 17.37
C LEU C 2 11.59 -0.35 17.46
N ILE C 3 10.51 -0.11 16.69
CA ILE C 3 9.84 1.19 16.61
C ILE C 3 10.82 2.18 15.96
N LYS C 4 10.48 2.63 14.75
CA LYS C 4 11.30 3.54 13.95
C LYS C 4 12.54 2.81 13.43
N GLY C 5 12.83 2.97 12.14
CA GLY C 5 13.96 2.34 11.49
C GLY C 5 13.51 1.86 10.10
N PRO C 6 14.23 2.26 9.02
CA PRO C 6 13.87 1.88 7.68
C PRO C 6 13.69 0.36 7.57
N TRP C 7 12.78 -0.07 6.69
CA TRP C 7 12.52 -1.48 6.49
C TRP C 7 13.70 -2.14 5.78
N THR C 8 13.54 -3.40 5.40
CA THR C 8 14.62 -4.15 4.79
C THR C 8 14.09 -5.42 4.15
N LYS C 9 14.94 -6.13 3.41
CA LYS C 9 14.57 -7.40 2.83
C LYS C 9 14.24 -8.38 3.96
N GLU C 10 14.79 -8.11 5.14
CA GLU C 10 14.55 -8.92 6.32
C GLU C 10 13.38 -8.31 7.08
N GLU C 11 12.32 -8.04 6.34
CA GLU C 11 11.06 -7.53 6.85
C GLU C 11 10.05 -7.75 5.73
N ASP C 12 10.30 -7.11 4.59
CA ASP C 12 9.56 -7.33 3.36
C ASP C 12 9.25 -8.84 3.13
N GLN C 13 10.28 -9.71 3.17
CA GLN C 13 10.11 -11.14 2.86
C GLN C 13 9.88 -11.93 4.14
N ARG C 14 9.44 -11.25 5.18
CA ARG C 14 9.12 -11.87 6.44
C ARG C 14 7.63 -11.71 6.64
N VAL C 15 7.11 -10.52 6.32
CA VAL C 15 5.69 -10.28 6.29
C VAL C 15 5.09 -11.20 5.23
N ILE C 16 5.90 -11.46 4.18
CA ILE C 16 5.50 -12.31 3.06
C ILE C 16 5.03 -13.70 3.54
N LYS C 17 5.63 -14.23 4.60
CA LYS C 17 5.28 -15.54 5.10
C LYS C 17 4.02 -15.47 5.98
N LEU C 18 3.76 -14.31 6.57
CA LEU C 18 2.63 -14.14 7.46
C LEU C 18 1.37 -13.75 6.68
N VAL C 19 1.51 -12.94 5.62
CA VAL C 19 0.39 -12.46 4.84
C VAL C 19 -0.21 -13.60 4.02
N GLN C 20 0.65 -14.42 3.39
CA GLN C 20 0.19 -15.53 2.58
C GLN C 20 -0.51 -16.58 3.44
N LYS C 21 -0.18 -16.63 4.75
CA LYS C 21 -0.73 -17.61 5.65
C LYS C 21 -2.05 -17.13 6.26
N TYR C 22 -2.05 -15.93 6.83
CA TYR C 22 -3.22 -15.40 7.51
C TYR C 22 -4.08 -14.57 6.56
N GLY C 23 -3.45 -13.62 5.87
CA GLY C 23 -4.14 -12.71 4.96
C GLY C 23 -3.81 -11.27 5.37
N PRO C 24 -3.58 -10.36 4.40
CA PRO C 24 -3.23 -8.98 4.68
C PRO C 24 -4.46 -8.19 5.13
N LYS C 25 -4.91 -8.38 6.38
CA LYS C 25 -6.06 -7.66 6.88
C LYS C 25 -6.19 -7.73 8.39
N ARG C 26 -5.11 -7.41 9.12
CA ARG C 26 -5.13 -7.39 10.56
C ARG C 26 -4.20 -6.30 11.04
N TRP C 27 -2.97 -6.37 10.55
CA TRP C 27 -1.90 -5.43 10.90
C TRP C 27 -1.73 -5.36 12.42
N SER C 28 -2.25 -6.37 13.11
CA SER C 28 -2.11 -6.53 14.55
C SER C 28 -1.48 -7.88 14.80
N VAL C 29 -2.03 -8.92 14.14
CA VAL C 29 -1.47 -10.25 14.21
C VAL C 29 -0.11 -10.21 13.56
N ILE C 30 -0.04 -9.60 12.36
CA ILE C 30 1.22 -9.44 11.65
C ILE C 30 2.23 -8.77 12.57
N ALA C 31 1.81 -7.66 13.18
CA ALA C 31 2.63 -6.88 14.09
C ALA C 31 3.08 -7.73 15.29
N LYS C 32 2.25 -8.71 15.71
CA LYS C 32 2.57 -9.56 16.86
C LYS C 32 3.97 -10.18 16.70
N HIS C 33 4.30 -10.63 15.48
CA HIS C 33 5.59 -11.25 15.21
C HIS C 33 6.55 -10.19 14.67
N LEU C 34 6.03 -9.27 13.85
CA LEU C 34 6.84 -8.19 13.28
C LEU C 34 6.98 -7.08 14.32
N LYS C 35 7.43 -7.47 15.52
CA LYS C 35 7.61 -6.55 16.65
C LYS C 35 8.48 -5.34 16.32
N GLY C 36 9.24 -5.39 15.22
CA GLY C 36 10.10 -4.29 14.83
C GLY C 36 9.23 -3.16 14.29
N ARG C 37 8.43 -3.48 13.29
CA ARG C 37 7.53 -2.53 12.67
C ARG C 37 6.11 -3.00 12.92
N ILE C 38 5.40 -2.35 13.87
CA ILE C 38 4.08 -2.80 14.30
C ILE C 38 2.96 -1.83 13.94
N GLY C 39 1.73 -2.32 14.18
CA GLY C 39 0.49 -1.57 14.02
C GLY C 39 0.26 -1.08 12.60
N LYS C 40 0.85 0.06 12.29
CA LYS C 40 0.63 0.74 11.02
C LYS C 40 1.77 0.48 10.05
N GLN C 41 3.00 0.55 10.55
CA GLN C 41 4.20 0.41 9.73
C GLN C 41 4.09 -0.80 8.81
N CYS C 42 3.55 -1.92 9.31
CA CYS C 42 3.39 -3.13 8.49
C CYS C 42 2.45 -2.86 7.32
N ARG C 43 1.27 -2.27 7.56
CA ARG C 43 0.34 -1.99 6.49
C ARG C 43 0.94 -0.96 5.53
N GLU C 44 1.59 0.07 6.06
CA GLU C 44 2.18 1.13 5.27
C GLU C 44 3.20 0.58 4.28
N ARG C 45 4.19 -0.17 4.77
CA ARG C 45 5.22 -0.75 3.90
C ARG C 45 4.56 -1.70 2.90
N TRP C 46 3.69 -2.59 3.42
CA TRP C 46 3.04 -3.59 2.59
C TRP C 46 2.19 -2.94 1.49
N HIS C 47 1.11 -2.25 1.86
CA HIS C 47 0.21 -1.61 0.90
C HIS C 47 0.94 -0.47 0.18
N ASN C 48 1.64 -0.82 -0.90
CA ASN C 48 2.34 0.16 -1.73
C ASN C 48 2.81 -0.55 -3.01
N HIS C 49 3.77 -1.47 -2.88
CA HIS C 49 4.29 -2.23 -4.03
C HIS C 49 5.08 -3.46 -3.54
N LEU C 50 4.95 -3.78 -2.24
CA LEU C 50 5.64 -4.92 -1.65
C LEU C 50 4.85 -6.17 -1.97
N ASN C 51 3.64 -6.22 -1.40
CA ASN C 51 2.69 -7.30 -1.60
C ASN C 51 2.90 -7.99 -2.95
N PRO C 52 3.42 -9.24 -2.96
CA PRO C 52 3.54 -10.00 -4.19
C PRO C 52 2.12 -10.30 -4.71
N GLU C 53 1.12 -10.09 -3.84
CA GLU C 53 -0.28 -10.32 -4.17
C GLU C 53 -0.81 -9.25 -5.14
N VAL C 54 0.01 -8.20 -5.45
CA VAL C 54 -0.40 -7.16 -6.38
C VAL C 54 0.71 -7.00 -7.40
N LYS C 55 0.32 -6.96 -8.66
CA LYS C 55 1.24 -6.79 -9.78
C LYS C 55 1.90 -5.41 -9.72
N LYS C 56 2.83 -5.16 -10.64
CA LYS C 56 3.55 -3.89 -10.69
C LYS C 56 2.57 -2.74 -10.86
N THR C 57 1.89 -2.68 -12.02
CA THR C 57 0.91 -1.61 -12.32
C THR C 57 1.47 -0.27 -11.85
N SER C 58 2.64 0.11 -12.39
CA SER C 58 3.35 1.33 -11.98
C SER C 58 2.75 2.58 -12.63
N TRP C 59 1.45 2.55 -12.92
CA TRP C 59 0.74 3.67 -13.52
C TRP C 59 1.27 3.98 -14.92
N THR C 60 0.42 3.86 -15.95
CA THR C 60 0.84 4.15 -17.31
C THR C 60 -0.36 4.41 -18.21
N GLU C 61 -1.47 3.67 -18.03
CA GLU C 61 -2.64 3.86 -18.85
C GLU C 61 -3.88 3.32 -18.14
N GLU C 62 -3.98 1.99 -18.02
CA GLU C 62 -5.14 1.34 -17.40
C GLU C 62 -5.26 1.71 -15.92
N GLU C 63 -4.14 2.06 -15.28
CA GLU C 63 -4.13 2.45 -13.88
C GLU C 63 -4.07 3.97 -13.78
N ASP C 64 -3.34 4.60 -14.71
CA ASP C 64 -3.22 6.06 -14.74
C ASP C 64 -4.59 6.71 -14.87
N ARG C 65 -5.50 6.05 -15.60
CA ARG C 65 -6.84 6.57 -15.82
C ARG C 65 -7.65 6.54 -14.53
N ILE C 66 -7.27 5.66 -13.59
CA ILE C 66 -8.02 5.51 -12.35
C ILE C 66 -7.95 6.77 -11.53
N ILE C 67 -6.74 7.19 -11.13
CA ILE C 67 -6.59 8.38 -10.31
C ILE C 67 -7.11 9.60 -11.05
N TYR C 68 -6.85 9.70 -12.34
CA TYR C 68 -7.27 10.85 -13.14
C TYR C 68 -8.77 11.15 -12.94
N GLN C 69 -9.62 10.13 -13.08
CA GLN C 69 -11.06 10.31 -12.95
C GLN C 69 -11.51 10.23 -11.51
N ALA C 70 -11.01 9.24 -10.78
CA ALA C 70 -11.39 9.04 -9.38
C ALA C 70 -11.07 10.31 -8.57
N HIS C 71 -9.96 10.96 -8.86
CA HIS C 71 -9.56 12.16 -8.16
C HIS C 71 -10.47 13.33 -8.55
N LYS C 72 -11.10 13.24 -9.72
CA LYS C 72 -11.98 14.29 -10.21
C LYS C 72 -13.35 14.23 -9.52
N ARG C 73 -13.62 13.14 -8.77
CA ARG C 73 -14.91 12.97 -8.09
C ARG C 73 -14.70 12.88 -6.57
N LEU C 74 -13.69 12.12 -6.16
CA LEU C 74 -13.39 11.91 -4.74
C LEU C 74 -12.30 12.89 -4.31
N GLY C 75 -11.23 12.98 -5.07
CA GLY C 75 -10.17 13.91 -4.78
C GLY C 75 -9.24 13.28 -3.79
N ASN C 76 -9.41 13.61 -2.52
CA ASN C 76 -8.55 13.08 -1.50
C ASN C 76 -9.25 12.03 -0.64
N ARG C 77 -10.30 11.39 -1.18
CA ARG C 77 -10.98 10.34 -0.45
C ARG C 77 -10.47 9.02 -1.00
N TRP C 78 -9.19 8.81 -0.76
CA TRP C 78 -8.46 7.66 -1.27
C TRP C 78 -9.05 6.36 -0.70
N ALA C 79 -9.85 6.47 0.34
CA ALA C 79 -10.46 5.31 0.97
C ALA C 79 -11.39 4.62 -0.02
N GLU C 80 -12.25 5.40 -0.66
CA GLU C 80 -13.23 4.88 -1.58
C GLU C 80 -12.56 4.55 -2.90
N ILE C 81 -11.66 5.44 -3.36
CA ILE C 81 -10.92 5.19 -4.58
C ILE C 81 -10.19 3.85 -4.47
N ALA C 82 -9.56 3.63 -3.32
CA ALA C 82 -8.84 2.40 -3.04
C ALA C 82 -9.79 1.20 -3.03
N LYS C 83 -10.93 1.33 -2.35
CA LYS C 83 -11.90 0.24 -2.24
C LYS C 83 -12.31 -0.25 -3.63
N LEU C 84 -12.63 0.67 -4.55
CA LEU C 84 -13.03 0.30 -5.91
C LEU C 84 -11.80 -0.01 -6.78
N LEU C 85 -10.59 0.03 -6.19
CA LEU C 85 -9.35 -0.26 -6.89
C LEU C 85 -8.59 -1.37 -6.14
N PRO C 86 -9.00 -2.64 -6.29
CA PRO C 86 -8.37 -3.76 -5.61
C PRO C 86 -6.90 -3.91 -6.02
N GLY C 87 -6.61 -3.62 -7.30
CA GLY C 87 -5.24 -3.74 -7.83
C GLY C 87 -4.25 -3.01 -6.93
N ARG C 88 -4.54 -1.75 -6.59
CA ARG C 88 -3.68 -0.94 -5.73
C ARG C 88 -4.56 -0.16 -4.76
N THR C 89 -4.59 -0.62 -3.50
CA THR C 89 -5.39 0.03 -2.45
C THR C 89 -4.79 1.39 -2.10
N ASP C 90 -5.28 2.00 -1.01
CA ASP C 90 -4.81 3.31 -0.56
C ASP C 90 -3.30 3.24 -0.30
N ASN C 91 -2.69 4.42 -0.20
CA ASN C 91 -1.26 4.57 0.04
C ASN C 91 -0.51 4.39 -1.28
N ALA C 92 -0.94 3.46 -2.12
CA ALA C 92 -0.31 3.23 -3.42
C ALA C 92 -0.71 4.36 -4.35
N ILE C 93 -2.02 4.48 -4.59
CA ILE C 93 -2.56 5.51 -5.45
C ILE C 93 -2.25 6.89 -4.87
N LYS C 94 -2.27 7.00 -3.54
CA LYS C 94 -1.97 8.24 -2.87
C LYS C 94 -0.51 8.60 -3.11
N ASN C 95 0.41 7.69 -2.74
CA ASN C 95 1.84 7.90 -2.88
C ASN C 95 2.16 8.32 -4.31
N HIS C 96 1.40 7.80 -5.26
CA HIS C 96 1.59 8.10 -6.67
C HIS C 96 1.16 9.53 -6.98
N TRP C 97 -0.10 9.84 -6.71
CA TRP C 97 -0.68 11.13 -7.06
C TRP C 97 0.20 12.27 -6.61
N ASN C 98 0.33 12.38 -5.29
CA ASN C 98 1.06 13.48 -4.65
C ASN C 98 2.58 13.34 -4.78
N SER C 99 3.05 12.88 -5.95
CA SER C 99 4.47 12.71 -6.22
C SER C 99 4.72 12.82 -7.71
N THR C 100 3.87 12.14 -8.50
CA THR C 100 3.98 12.14 -9.95
C THR C 100 3.05 13.17 -10.56
N MET C 101 1.80 13.23 -10.07
CA MET C 101 0.77 14.12 -10.61
C MET C 101 0.39 15.19 -9.59
N ARG C 102 1.35 15.61 -8.73
CA ARG C 102 1.12 16.66 -7.74
C ARG C 102 -0.08 16.32 -6.81
N ARG C 103 -0.31 17.15 -5.79
CA ARG C 103 -1.40 16.95 -4.86
C ARG C 103 -2.76 17.28 -5.49
N LYS C 104 -2.77 18.05 -6.59
CA LYS C 104 -4.03 18.45 -7.21
C LYS C 104 -3.85 18.82 -8.69
N VAL C 105 -3.56 17.83 -9.51
CA VAL C 105 -3.40 18.00 -10.96
C VAL C 105 -3.96 16.78 -11.66
N MET C 1 0.99 4.25 19.43
CA MET C 1 1.23 2.79 19.51
C MET C 1 2.56 2.41 18.84
N LEU C 2 3.14 3.32 18.04
CA LEU C 2 4.41 3.07 17.36
C LEU C 2 5.49 2.79 18.43
N ILE C 3 6.35 1.80 18.16
CA ILE C 3 7.40 1.43 19.12
C ILE C 3 8.74 1.17 18.42
N LYS C 4 8.79 1.43 17.10
CA LYS C 4 10.01 1.22 16.32
C LYS C 4 10.14 2.31 15.25
N GLY C 5 11.24 2.24 14.49
CA GLY C 5 11.52 3.19 13.41
C GLY C 5 11.61 2.42 12.08
N PRO C 6 12.41 2.95 11.12
CA PRO C 6 12.58 2.37 9.79
C PRO C 6 12.90 0.88 9.88
N TRP C 7 12.59 0.15 8.79
CA TRP C 7 12.80 -1.29 8.74
C TRP C 7 14.20 -1.62 8.21
N THR C 8 14.58 -2.89 8.37
CA THR C 8 15.91 -3.37 8.04
C THR C 8 15.95 -4.09 6.67
N LYS C 9 14.84 -4.12 5.93
CA LYS C 9 14.78 -4.85 4.66
C LYS C 9 15.13 -6.30 4.92
N GLU C 10 14.21 -6.95 5.59
CA GLU C 10 14.34 -8.34 6.03
C GLU C 10 13.01 -8.76 6.64
N GLU C 11 12.38 -7.84 7.37
CA GLU C 11 11.10 -8.11 7.99
C GLU C 11 10.00 -8.22 6.91
N ASP C 12 10.09 -7.43 5.83
CA ASP C 12 9.13 -7.47 4.73
C ASP C 12 8.99 -8.88 4.15
N GLN C 13 10.05 -9.38 3.49
CA GLN C 13 10.02 -10.70 2.84
C GLN C 13 9.95 -11.86 3.88
N ARG C 14 9.75 -11.52 5.15
CA ARG C 14 9.46 -12.50 6.18
C ARG C 14 7.96 -12.41 6.47
N VAL C 15 7.46 -11.16 6.49
CA VAL C 15 6.05 -10.87 6.67
C VAL C 15 5.28 -11.33 5.41
N ILE C 16 5.98 -11.37 4.28
CA ILE C 16 5.41 -11.79 3.01
C ILE C 16 4.70 -13.15 3.14
N LYS C 17 5.36 -14.11 3.81
CA LYS C 17 4.80 -15.45 3.98
C LYS C 17 3.68 -15.40 5.01
N LEU C 18 3.88 -14.64 6.09
CA LEU C 18 2.90 -14.55 7.15
C LEU C 18 1.61 -13.89 6.64
N VAL C 19 1.72 -12.96 5.68
CA VAL C 19 0.56 -12.27 5.13
C VAL C 19 -0.22 -13.26 4.26
N GLN C 20 0.50 -14.03 3.46
CA GLN C 20 -0.11 -15.02 2.59
C GLN C 20 -0.70 -16.16 3.42
N LYS C 21 -0.12 -16.42 4.59
CA LYS C 21 -0.55 -17.50 5.46
C LYS C 21 -1.84 -17.11 6.20
N TYR C 22 -1.81 -15.99 6.93
CA TYR C 22 -2.96 -15.56 7.73
C TYR C 22 -3.91 -14.70 6.91
N GLY C 23 -3.38 -13.71 6.19
CA GLY C 23 -4.18 -12.81 5.39
C GLY C 23 -3.85 -11.36 5.76
N PRO C 24 -3.75 -10.45 4.76
CA PRO C 24 -3.45 -9.05 4.99
C PRO C 24 -4.67 -8.33 5.59
N LYS C 25 -5.03 -8.67 6.84
CA LYS C 25 -6.17 -8.04 7.54
C LYS C 25 -6.35 -8.69 8.92
N ARG C 26 -5.28 -8.68 9.71
CA ARG C 26 -5.28 -9.19 11.05
C ARG C 26 -4.27 -8.31 11.76
N TRP C 27 -2.99 -8.46 11.34
CA TRP C 27 -1.86 -7.65 11.82
C TRP C 27 -1.58 -7.87 13.30
N SER C 28 -2.54 -8.39 14.03
CA SER C 28 -2.37 -8.67 15.43
C SER C 28 -1.58 -9.97 15.57
N VAL C 29 -1.87 -10.93 14.69
CA VAL C 29 -1.18 -12.21 14.67
C VAL C 29 0.24 -11.99 14.15
N ILE C 30 0.39 -11.16 13.12
CA ILE C 30 1.70 -10.87 12.56
C ILE C 30 2.60 -10.32 13.66
N ALA C 31 2.04 -9.43 14.49
CA ALA C 31 2.77 -8.82 15.58
C ALA C 31 3.21 -9.86 16.63
N LYS C 32 2.55 -11.04 16.70
CA LYS C 32 2.93 -12.07 17.67
C LYS C 32 4.41 -12.40 17.53
N HIS C 33 4.89 -12.55 16.30
CA HIS C 33 6.27 -12.89 16.01
C HIS C 33 7.07 -11.61 15.88
N LEU C 34 6.59 -10.67 15.04
CA LEU C 34 7.24 -9.39 14.86
C LEU C 34 6.79 -8.48 15.99
N LYS C 35 7.17 -8.84 17.21
CA LYS C 35 6.81 -8.10 18.43
C LYS C 35 7.21 -6.62 18.34
N GLY C 36 8.23 -6.30 17.55
CA GLY C 36 8.69 -4.93 17.40
C GLY C 36 7.74 -4.17 16.47
N ARG C 37 7.10 -4.92 15.56
CA ARG C 37 6.18 -4.36 14.60
C ARG C 37 4.75 -4.64 15.10
N ILE C 38 4.26 -3.76 15.99
CA ILE C 38 2.95 -3.95 16.66
C ILE C 38 1.75 -3.64 15.76
N GLY C 39 1.56 -4.42 14.68
CA GLY C 39 0.41 -4.30 13.80
C GLY C 39 0.42 -3.04 12.90
N LYS C 40 0.54 -1.86 13.50
CA LYS C 40 0.48 -0.60 12.77
C LYS C 40 1.76 -0.44 11.98
N GLN C 41 2.86 -0.65 12.67
CA GLN C 41 4.18 -0.54 12.11
C GLN C 41 4.33 -1.41 10.85
N CYS C 42 3.91 -2.68 10.93
CA CYS C 42 4.01 -3.61 9.79
C CYS C 42 2.94 -3.28 8.75
N ARG C 43 1.77 -2.81 9.18
CA ARG C 43 0.70 -2.45 8.25
C ARG C 43 1.23 -1.39 7.27
N GLU C 44 1.93 -0.37 7.80
CA GLU C 44 2.48 0.70 6.98
C GLU C 44 3.54 0.15 6.03
N ARG C 45 4.62 -0.43 6.57
CA ARG C 45 5.71 -0.97 5.75
C ARG C 45 5.17 -1.86 4.65
N TRP C 46 4.21 -2.72 5.00
CA TRP C 46 3.67 -3.66 4.06
C TRP C 46 2.78 -3.00 3.01
N HIS C 47 1.59 -2.53 3.41
CA HIS C 47 0.65 -1.92 2.47
C HIS C 47 1.10 -0.51 2.09
N ASN C 48 2.20 -0.44 1.34
CA ASN C 48 2.77 0.82 0.86
C ASN C 48 3.85 0.49 -0.17
N HIS C 49 3.44 0.07 -1.37
CA HIS C 49 4.37 -0.27 -2.44
C HIS C 49 5.38 -1.31 -1.93
N LEU C 50 4.95 -2.56 -1.81
CA LEU C 50 5.81 -3.64 -1.33
C LEU C 50 5.13 -4.98 -1.60
N ASN C 51 3.83 -5.06 -1.30
CA ASN C 51 3.03 -6.26 -1.48
C ASN C 51 3.24 -6.87 -2.87
N PRO C 52 3.81 -8.08 -2.96
CA PRO C 52 3.91 -8.77 -4.22
C PRO C 52 2.50 -9.11 -4.68
N GLU C 53 1.58 -9.19 -3.70
CA GLU C 53 0.19 -9.48 -3.94
C GLU C 53 -0.47 -8.33 -4.72
N VAL C 54 -0.02 -7.08 -4.46
CA VAL C 54 -0.60 -5.90 -5.08
C VAL C 54 0.16 -5.60 -6.37
N LYS C 55 -0.53 -5.77 -7.47
CA LYS C 55 0.00 -5.48 -8.79
C LYS C 55 -0.08 -3.98 -9.03
N LYS C 56 0.68 -3.21 -8.24
CA LYS C 56 0.70 -1.75 -8.34
C LYS C 56 1.01 -1.30 -9.76
N THR C 57 2.09 -1.82 -10.36
CA THR C 57 2.48 -1.47 -11.72
C THR C 57 2.87 0.02 -11.79
N SER C 58 3.54 0.42 -12.88
CA SER C 58 3.98 1.80 -13.06
C SER C 58 2.90 2.62 -13.75
N TRP C 59 1.65 2.10 -13.78
CA TRP C 59 0.52 2.78 -14.42
C TRP C 59 0.80 2.99 -15.92
N THR C 60 -0.20 3.48 -16.67
CA THR C 60 -0.04 3.70 -18.11
C THR C 60 -1.21 4.57 -18.60
N GLU C 61 -1.42 4.63 -19.91
CA GLU C 61 -2.50 5.43 -20.48
C GLU C 61 -3.84 4.93 -19.95
N GLU C 62 -4.07 3.60 -20.06
CA GLU C 62 -5.31 2.98 -19.62
C GLU C 62 -5.28 2.72 -18.11
N GLU C 63 -4.74 3.68 -17.37
CA GLU C 63 -4.66 3.59 -15.90
C GLU C 63 -4.58 5.01 -15.34
N ASP C 64 -3.78 5.88 -15.98
CA ASP C 64 -3.67 7.28 -15.60
C ASP C 64 -5.04 7.93 -15.69
N ARG C 65 -5.86 7.42 -16.62
CA ARG C 65 -7.20 7.92 -16.84
C ARG C 65 -8.08 7.67 -15.61
N ILE C 66 -7.73 6.64 -14.83
CA ILE C 66 -8.48 6.29 -13.63
C ILE C 66 -8.30 7.40 -12.60
N ILE C 67 -7.05 7.78 -12.37
CA ILE C 67 -6.74 8.81 -11.39
C ILE C 67 -7.30 10.14 -11.86
N TYR C 68 -7.07 10.49 -13.13
CA TYR C 68 -7.55 11.76 -13.69
C TYR C 68 -9.03 12.00 -13.36
N GLN C 69 -9.86 10.95 -13.42
CA GLN C 69 -11.29 11.08 -13.16
C GLN C 69 -11.60 10.89 -11.68
N ALA C 70 -11.16 9.75 -11.12
CA ALA C 70 -11.41 9.45 -9.72
C ALA C 70 -10.97 10.61 -8.82
N HIS C 71 -9.84 11.25 -9.14
CA HIS C 71 -9.31 12.34 -8.35
C HIS C 71 -10.13 13.60 -8.56
N LYS C 72 -10.78 13.73 -9.72
CA LYS C 72 -11.55 14.91 -10.05
C LYS C 72 -12.68 15.14 -9.04
N ARG C 73 -13.20 14.06 -8.43
CA ARG C 73 -14.30 14.19 -7.48
C ARG C 73 -14.00 13.49 -6.15
N LEU C 74 -13.17 12.45 -6.17
CA LEU C 74 -12.89 11.66 -4.98
C LEU C 74 -11.39 11.55 -4.70
N GLY C 75 -10.58 12.49 -5.18
CA GLY C 75 -9.15 12.46 -5.02
C GLY C 75 -8.80 12.40 -3.56
N ASN C 76 -9.34 13.32 -2.78
CA ASN C 76 -9.01 13.36 -1.39
C ASN C 76 -9.72 12.25 -0.61
N ARG C 77 -10.30 11.27 -1.33
CA ARG C 77 -10.99 10.14 -0.72
C ARG C 77 -10.52 8.89 -1.41
N TRP C 78 -9.25 8.66 -1.26
CA TRP C 78 -8.57 7.53 -1.88
C TRP C 78 -9.17 6.22 -1.39
N ALA C 79 -9.81 6.23 -0.21
CA ALA C 79 -10.46 5.04 0.31
C ALA C 79 -11.61 4.64 -0.60
N GLU C 80 -12.29 5.64 -1.18
CA GLU C 80 -13.43 5.40 -2.05
C GLU C 80 -12.92 5.03 -3.43
N ILE C 81 -11.85 5.70 -3.89
CA ILE C 81 -11.25 5.38 -5.17
C ILE C 81 -10.82 3.92 -5.12
N ALA C 82 -10.04 3.58 -4.09
CA ALA C 82 -9.56 2.23 -3.86
C ALA C 82 -10.71 1.22 -3.89
N LYS C 83 -11.78 1.48 -3.13
CA LYS C 83 -12.93 0.58 -3.09
C LYS C 83 -13.47 0.38 -4.52
N LEU C 84 -13.52 1.46 -5.31
CA LEU C 84 -14.03 1.40 -6.67
C LEU C 84 -12.89 1.10 -7.67
N LEU C 85 -11.73 0.66 -7.17
CA LEU C 85 -10.59 0.35 -8.02
C LEU C 85 -9.78 -0.81 -7.44
N PRO C 86 -10.24 -2.06 -7.69
CA PRO C 86 -9.54 -3.24 -7.22
C PRO C 86 -8.19 -3.36 -7.94
N GLY C 87 -7.34 -4.28 -7.46
CA GLY C 87 -6.03 -4.48 -8.05
C GLY C 87 -5.05 -3.43 -7.55
N ARG C 88 -5.33 -2.15 -7.86
CA ARG C 88 -4.47 -1.06 -7.42
C ARG C 88 -4.70 -0.80 -5.93
N THR C 89 -5.95 -0.46 -5.55
CA THR C 89 -6.34 -0.20 -4.16
C THR C 89 -5.57 1.00 -3.58
N ASP C 90 -5.90 1.40 -2.35
CA ASP C 90 -5.26 2.53 -1.69
C ASP C 90 -3.76 2.26 -1.54
N ASN C 91 -3.00 3.32 -1.24
CA ASN C 91 -1.55 3.27 -1.07
C ASN C 91 -0.87 3.24 -2.44
N ALA C 92 -1.48 2.56 -3.41
CA ALA C 92 -0.95 2.52 -4.76
C ALA C 92 -1.39 3.76 -5.52
N ILE C 93 -2.70 3.93 -5.67
CA ILE C 93 -3.28 5.05 -6.37
C ILE C 93 -2.94 6.37 -5.65
N LYS C 94 -2.89 6.32 -4.31
CA LYS C 94 -2.57 7.50 -3.51
C LYS C 94 -1.11 7.88 -3.71
N ASN C 95 -0.19 6.94 -3.47
CA ASN C 95 1.24 7.19 -3.60
C ASN C 95 1.57 7.58 -5.03
N HIS C 96 0.83 7.01 -5.97
CA HIS C 96 1.04 7.27 -7.38
C HIS C 96 0.76 8.74 -7.70
N TRP C 97 -0.50 9.16 -7.52
CA TRP C 97 -0.91 10.52 -7.86
C TRP C 97 0.05 11.57 -7.35
N ASN C 98 0.17 11.62 -6.03
CA ASN C 98 0.95 12.65 -5.34
C ASN C 98 2.45 12.61 -5.67
N SER C 99 2.88 11.80 -6.65
CA SER C 99 4.29 11.72 -7.02
C SER C 99 4.46 11.81 -8.53
N THR C 100 3.58 11.12 -9.27
CA THR C 100 3.64 11.08 -10.72
C THR C 100 2.74 12.18 -11.31
N MET C 101 1.55 12.35 -10.73
CA MET C 101 0.58 13.33 -11.22
C MET C 101 0.40 14.48 -10.22
N ARG C 102 1.45 14.83 -9.46
CA ARG C 102 1.36 15.91 -8.47
C ARG C 102 0.94 17.21 -9.15
N ARG C 103 1.58 17.51 -10.29
CA ARG C 103 1.27 18.73 -11.05
C ARG C 103 0.07 18.51 -11.97
N LYS C 104 -0.68 17.42 -11.75
CA LYS C 104 -1.83 17.09 -12.57
C LYS C 104 -1.35 16.81 -14.00
N VAL C 105 -0.48 15.80 -14.11
CA VAL C 105 0.13 15.37 -15.37
C VAL C 105 1.07 16.46 -15.89
N MET C 1 9.46 5.78 24.07
CA MET C 1 9.92 6.17 22.74
C MET C 1 9.58 5.07 21.72
N LEU C 2 8.88 5.44 20.64
CA LEU C 2 8.51 4.50 19.61
C LEU C 2 9.75 4.06 18.83
N ILE C 3 9.73 2.82 18.32
CA ILE C 3 10.86 2.29 17.56
C ILE C 3 10.87 2.89 16.15
N LYS C 4 11.37 4.13 16.03
CA LYS C 4 11.47 4.81 14.76
C LYS C 4 12.35 4.02 13.78
N GLY C 5 13.23 3.15 14.31
CA GLY C 5 14.12 2.33 13.50
C GLY C 5 13.38 1.82 12.25
N PRO C 6 13.80 2.26 11.04
CA PRO C 6 13.15 1.87 9.81
C PRO C 6 13.08 0.35 9.66
N TRP C 7 12.11 -0.13 8.88
CA TRP C 7 11.94 -1.55 8.65
C TRP C 7 13.17 -2.14 8.00
N THR C 8 13.73 -3.17 8.64
CA THR C 8 14.88 -3.86 8.11
C THR C 8 14.42 -4.71 6.92
N LYS C 9 15.37 -5.11 6.06
CA LYS C 9 15.05 -5.90 4.89
C LYS C 9 14.30 -7.15 5.29
N GLU C 10 14.90 -7.98 6.12
CA GLU C 10 14.33 -9.24 6.56
C GLU C 10 12.81 -9.15 6.78
N GLU C 11 12.35 -8.17 7.55
CA GLU C 11 10.94 -8.03 7.86
C GLU C 11 10.10 -8.05 6.58
N ASP C 12 10.62 -7.46 5.50
CA ASP C 12 9.93 -7.41 4.22
C ASP C 12 9.65 -8.82 3.67
N GLN C 13 10.64 -9.73 3.71
CA GLN C 13 10.50 -11.07 3.12
C GLN C 13 10.20 -12.10 4.19
N ARG C 14 9.67 -11.63 5.30
CA ARG C 14 9.24 -12.48 6.39
C ARG C 14 7.78 -12.20 6.63
N VAL C 15 7.44 -10.90 6.70
CA VAL C 15 6.06 -10.46 6.81
C VAL C 15 5.33 -10.85 5.52
N ILE C 16 6.12 -11.02 4.44
CA ILE C 16 5.62 -11.41 3.14
C ILE C 16 4.71 -12.62 3.23
N LYS C 17 5.13 -13.65 3.97
CA LYS C 17 4.34 -14.86 4.10
C LYS C 17 3.23 -14.67 5.12
N LEU C 18 3.46 -13.87 6.15
CA LEU C 18 2.47 -13.65 7.19
C LEU C 18 1.17 -13.10 6.57
N VAL C 19 1.26 -12.16 5.61
CA VAL C 19 0.07 -11.61 5.00
C VAL C 19 -0.56 -12.65 4.08
N GLN C 20 0.26 -13.45 3.40
CA GLN C 20 -0.25 -14.50 2.53
C GLN C 20 -1.05 -15.52 3.35
N LYS C 21 -0.73 -15.63 4.66
CA LYS C 21 -1.41 -16.57 5.54
C LYS C 21 -2.69 -15.98 6.12
N TYR C 22 -2.60 -14.79 6.72
CA TYR C 22 -3.74 -14.16 7.39
C TYR C 22 -4.49 -13.20 6.47
N GLY C 23 -3.75 -12.40 5.70
CA GLY C 23 -4.35 -11.43 4.80
C GLY C 23 -4.49 -10.08 5.51
N PRO C 24 -5.22 -9.14 4.88
CA PRO C 24 -5.44 -7.82 5.45
C PRO C 24 -6.29 -7.93 6.72
N LYS C 25 -6.58 -6.78 7.36
CA LYS C 25 -7.34 -6.72 8.61
C LYS C 25 -6.95 -7.88 9.53
N ARG C 26 -5.68 -7.86 9.96
CA ARG C 26 -5.10 -8.87 10.84
C ARG C 26 -3.67 -8.40 11.18
N TRP C 27 -3.45 -7.10 11.10
CA TRP C 27 -2.15 -6.49 11.33
C TRP C 27 -1.65 -6.79 12.71
N SER C 28 -2.56 -6.87 13.68
CA SER C 28 -2.17 -7.14 15.04
C SER C 28 -1.75 -8.60 15.18
N VAL C 29 -2.12 -9.46 14.21
CA VAL C 29 -1.74 -10.86 14.22
C VAL C 29 -0.33 -10.98 13.64
N ILE C 30 -0.11 -10.39 12.45
CA ILE C 30 1.20 -10.39 11.81
C ILE C 30 2.19 -9.73 12.77
N ALA C 31 1.83 -8.55 13.26
CA ALA C 31 2.63 -7.81 14.23
C ALA C 31 2.95 -8.69 15.43
N LYS C 32 2.01 -9.56 15.82
CA LYS C 32 2.20 -10.44 16.96
C LYS C 32 3.42 -11.33 16.76
N HIS C 33 3.71 -11.71 15.49
CA HIS C 33 4.83 -12.59 15.21
C HIS C 33 6.11 -11.79 15.06
N LEU C 34 6.02 -10.61 14.44
CA LEU C 34 7.20 -9.74 14.31
C LEU C 34 7.57 -9.22 15.68
N LYS C 35 6.57 -9.16 16.54
CA LYS C 35 6.68 -8.71 17.94
C LYS C 35 7.01 -7.22 18.08
N GLY C 36 8.08 -6.75 17.44
CA GLY C 36 8.50 -5.36 17.57
C GLY C 36 7.64 -4.47 16.71
N ARG C 37 7.43 -4.87 15.46
CA ARG C 37 6.63 -4.09 14.55
C ARG C 37 5.15 -4.26 14.89
N ILE C 38 4.52 -3.21 15.42
CA ILE C 38 3.12 -3.26 15.82
C ILE C 38 2.22 -3.30 14.58
N GLY C 39 0.91 -3.47 14.80
CA GLY C 39 -0.08 -3.56 13.73
C GLY C 39 0.09 -2.41 12.73
N LYS C 40 0.07 -1.17 13.24
CA LYS C 40 0.20 0.01 12.40
C LYS C 40 1.46 -0.11 11.52
N GLN C 41 2.60 -0.47 12.12
CA GLN C 41 3.86 -0.57 11.41
C GLN C 41 3.76 -1.59 10.27
N CYS C 42 3.14 -2.74 10.50
CA CYS C 42 3.00 -3.76 9.48
C CYS C 42 2.15 -3.22 8.34
N ARG C 43 1.05 -2.54 8.68
CA ARG C 43 0.16 -1.95 7.68
C ARG C 43 0.94 -0.91 6.87
N GLU C 44 1.78 -0.10 7.54
CA GLU C 44 2.57 0.92 6.88
C GLU C 44 3.48 0.29 5.82
N ARG C 45 4.41 -0.57 6.26
CA ARG C 45 5.33 -1.25 5.33
C ARG C 45 4.52 -1.88 4.20
N TRP C 46 3.48 -2.67 4.54
CA TRP C 46 2.68 -3.35 3.54
C TRP C 46 2.03 -2.37 2.57
N HIS C 47 1.02 -1.62 3.04
CA HIS C 47 0.28 -0.70 2.19
C HIS C 47 1.14 0.50 1.81
N ASN C 48 2.07 0.26 0.88
CA ASN C 48 2.96 1.25 0.32
C ASN C 48 3.55 0.66 -0.95
N HIS C 49 4.38 -0.40 -0.80
CA HIS C 49 4.95 -1.08 -1.97
C HIS C 49 5.67 -2.38 -1.56
N LEU C 50 5.16 -3.09 -0.53
CA LEU C 50 5.77 -4.35 -0.07
C LEU C 50 5.10 -5.51 -0.80
N ASN C 51 3.78 -5.62 -0.59
CA ASN C 51 2.96 -6.70 -1.13
C ASN C 51 3.40 -7.15 -2.53
N PRO C 52 3.96 -8.37 -2.64
CA PRO C 52 4.25 -8.95 -3.93
C PRO C 52 2.92 -9.20 -4.64
N GLU C 53 1.82 -9.14 -3.84
CA GLU C 53 0.46 -9.29 -4.35
C GLU C 53 0.30 -8.41 -5.59
N VAL C 54 0.85 -7.18 -5.53
CA VAL C 54 0.84 -6.26 -6.65
C VAL C 54 2.25 -6.21 -7.23
N LYS C 55 2.43 -6.88 -8.37
CA LYS C 55 3.72 -6.95 -9.03
C LYS C 55 4.09 -5.60 -9.63
N LYS C 56 4.65 -4.72 -8.78
CA LYS C 56 5.09 -3.39 -9.18
C LYS C 56 3.90 -2.48 -9.48
N THR C 57 3.72 -1.44 -8.66
CA THR C 57 2.63 -0.50 -8.82
C THR C 57 3.03 0.61 -9.81
N SER C 58 3.36 0.21 -11.03
CA SER C 58 3.74 1.17 -12.07
C SER C 58 2.50 1.73 -12.73
N TRP C 59 2.66 2.83 -13.49
CA TRP C 59 1.55 3.48 -14.17
C TRP C 59 1.99 3.83 -15.60
N THR C 60 1.02 4.18 -16.46
CA THR C 60 1.29 4.47 -17.86
C THR C 60 0.24 5.46 -18.38
N GLU C 61 0.39 5.92 -19.63
CA GLU C 61 -0.56 6.85 -20.23
C GLU C 61 -1.98 6.31 -20.08
N GLU C 62 -2.19 5.02 -20.38
CA GLU C 62 -3.50 4.37 -20.28
C GLU C 62 -3.72 3.86 -18.85
N GLU C 63 -3.23 4.62 -17.87
CA GLU C 63 -3.31 4.28 -16.47
C GLU C 63 -3.42 5.57 -15.65
N ASP C 64 -2.73 6.63 -16.08
CA ASP C 64 -2.81 7.92 -15.43
C ASP C 64 -4.26 8.41 -15.48
N ARG C 65 -4.97 7.98 -16.54
CA ARG C 65 -6.36 8.33 -16.74
C ARG C 65 -7.22 7.76 -15.62
N ILE C 66 -6.76 6.65 -15.02
CA ILE C 66 -7.47 6.00 -13.94
C ILE C 66 -7.52 6.92 -12.74
N ILE C 67 -6.34 7.38 -12.30
CA ILE C 67 -6.27 8.26 -11.15
C ILE C 67 -6.91 9.60 -11.48
N TYR C 68 -6.68 10.13 -12.68
CA TYR C 68 -7.25 11.40 -13.08
C TYR C 68 -8.76 11.37 -12.95
N GLN C 69 -9.40 10.34 -13.54
CA GLN C 69 -10.86 10.22 -13.52
C GLN C 69 -11.35 9.98 -12.08
N ALA C 70 -10.72 9.05 -11.37
CA ALA C 70 -11.11 8.76 -9.99
C ALA C 70 -11.00 10.01 -9.12
N HIS C 71 -9.87 10.71 -9.23
CA HIS C 71 -9.60 11.92 -8.46
C HIS C 71 -10.49 13.08 -8.95
N LYS C 72 -11.35 12.82 -9.94
CA LYS C 72 -12.24 13.85 -10.48
C LYS C 72 -13.59 13.84 -9.76
N ARG C 73 -14.04 12.65 -9.29
CA ARG C 73 -15.33 12.52 -8.62
C ARG C 73 -15.12 12.23 -7.14
N LEU C 74 -14.11 11.40 -6.84
CA LEU C 74 -13.82 10.98 -5.49
C LEU C 74 -12.78 11.93 -4.90
N GLY C 75 -11.74 12.22 -5.67
CA GLY C 75 -10.74 13.16 -5.26
C GLY C 75 -9.79 12.47 -4.34
N ASN C 76 -9.95 12.70 -3.05
CA ASN C 76 -9.09 12.12 -2.08
C ASN C 76 -9.84 11.07 -1.25
N ARG C 77 -10.87 10.45 -1.82
CA ARG C 77 -11.59 9.39 -1.14
C ARG C 77 -10.98 8.09 -1.61
N TRP C 78 -9.69 7.98 -1.33
CA TRP C 78 -8.87 6.83 -1.68
C TRP C 78 -9.53 5.55 -1.18
N ALA C 79 -10.34 5.68 -0.13
CA ALA C 79 -11.03 4.53 0.46
C ALA C 79 -12.01 3.94 -0.56
N GLU C 80 -12.69 4.81 -1.32
CA GLU C 80 -13.66 4.40 -2.30
C GLU C 80 -12.94 4.05 -3.59
N ILE C 81 -12.02 4.92 -4.02
CA ILE C 81 -11.24 4.68 -5.22
C ILE C 81 -10.58 3.30 -5.14
N ALA C 82 -10.02 2.98 -3.97
CA ALA C 82 -9.38 1.69 -3.74
C ALA C 82 -10.33 0.53 -4.07
N LYS C 83 -11.57 0.60 -3.58
CA LYS C 83 -12.54 -0.45 -3.81
C LYS C 83 -12.78 -0.62 -5.31
N LEU C 84 -12.77 0.50 -6.06
CA LEU C 84 -13.00 0.46 -7.51
C LEU C 84 -11.75 -0.10 -8.21
N LEU C 85 -10.57 -0.02 -7.55
CA LEU C 85 -9.32 -0.51 -8.13
C LEU C 85 -8.68 -1.55 -7.18
N PRO C 86 -9.16 -2.80 -7.17
CA PRO C 86 -8.63 -3.83 -6.31
C PRO C 86 -7.13 -4.02 -6.56
N GLY C 87 -6.72 -3.90 -7.84
CA GLY C 87 -5.32 -4.05 -8.20
C GLY C 87 -4.45 -2.98 -7.56
N ARG C 88 -5.00 -1.76 -7.40
CA ARG C 88 -4.29 -0.64 -6.80
C ARG C 88 -5.16 -0.01 -5.72
N THR C 89 -4.99 -0.48 -4.47
CA THR C 89 -5.76 0.01 -3.33
C THR C 89 -5.36 1.46 -2.99
N ASP C 90 -5.77 1.92 -1.80
CA ASP C 90 -5.52 3.29 -1.35
C ASP C 90 -4.05 3.67 -1.55
N ASN C 91 -3.12 2.96 -0.90
CA ASN C 91 -1.71 3.31 -0.96
C ASN C 91 -1.19 3.31 -2.40
N ALA C 92 -1.62 2.37 -3.22
CA ALA C 92 -1.15 2.26 -4.60
C ALA C 92 -1.42 3.56 -5.36
N ILE C 93 -2.69 3.93 -5.49
CA ILE C 93 -3.08 5.10 -6.26
C ILE C 93 -2.72 6.40 -5.53
N LYS C 94 -2.72 6.37 -4.19
CA LYS C 94 -2.43 7.55 -3.38
C LYS C 94 -0.96 7.91 -3.47
N ASN C 95 -0.07 6.95 -3.19
CA ASN C 95 1.37 7.20 -3.20
C ASN C 95 1.77 7.60 -4.61
N HIS C 96 1.10 7.02 -5.61
CA HIS C 96 1.39 7.36 -6.99
C HIS C 96 1.08 8.83 -7.20
N TRP C 97 -0.20 9.19 -7.11
CA TRP C 97 -0.65 10.55 -7.34
C TRP C 97 0.26 11.56 -6.66
N ASN C 98 0.32 11.48 -5.34
CA ASN C 98 1.08 12.40 -4.51
C ASN C 98 2.59 12.38 -4.82
N SER C 99 3.07 11.44 -5.65
CA SER C 99 4.50 11.37 -5.99
C SER C 99 4.72 11.41 -7.51
N THR C 100 3.65 11.65 -8.29
CA THR C 100 3.75 11.71 -9.75
C THR C 100 2.89 12.85 -10.27
N MET C 101 1.58 12.80 -9.97
CA MET C 101 0.64 13.78 -10.43
C MET C 101 0.17 14.67 -9.28
N ARG C 102 1.07 14.99 -8.33
CA ARG C 102 0.71 15.85 -7.21
C ARG C 102 0.35 17.24 -7.73
N ARG C 103 1.05 17.66 -8.79
CA ARG C 103 0.81 18.94 -9.44
C ARG C 103 -0.54 18.92 -10.17
N LYS C 104 -1.11 17.71 -10.35
CA LYS C 104 -2.39 17.51 -11.02
C LYS C 104 -2.20 17.68 -12.53
N VAL C 105 -1.80 16.56 -13.18
CA VAL C 105 -1.56 16.49 -14.63
C VAL C 105 -0.20 17.11 -14.97
N MET C 1 14.03 1.50 25.41
CA MET C 1 13.89 0.97 24.04
C MET C 1 13.45 2.09 23.08
N LEU C 2 13.46 1.80 21.77
CA LEU C 2 13.07 2.77 20.77
C LEU C 2 12.30 2.05 19.66
N ILE C 3 11.00 1.82 19.89
CA ILE C 3 10.15 1.14 18.93
C ILE C 3 9.68 2.13 17.86
N LYS C 4 10.62 2.62 17.05
CA LYS C 4 10.30 3.57 15.99
C LYS C 4 11.45 3.61 14.97
N GLY C 5 12.21 2.51 14.85
CA GLY C 5 13.31 2.44 13.91
C GLY C 5 12.79 2.15 12.51
N PRO C 6 13.48 2.62 11.46
CA PRO C 6 13.08 2.39 10.09
C PRO C 6 13.03 0.90 9.79
N TRP C 7 12.19 0.49 8.83
CA TRP C 7 12.09 -0.90 8.43
C TRP C 7 13.35 -1.29 7.64
N THR C 8 13.59 -2.60 7.52
CA THR C 8 14.78 -3.11 6.86
C THR C 8 14.45 -4.44 6.17
N LYS C 9 15.47 -5.27 5.92
CA LYS C 9 15.30 -6.55 5.34
C LYS C 9 15.07 -7.52 6.47
N GLU C 10 14.78 -8.74 6.10
CA GLU C 10 14.44 -9.79 7.06
C GLU C 10 13.15 -9.39 7.81
N GLU C 11 12.42 -8.44 7.23
CA GLU C 11 11.15 -7.95 7.75
C GLU C 11 10.14 -7.97 6.61
N ASP C 12 10.60 -7.52 5.42
CA ASP C 12 9.79 -7.50 4.21
C ASP C 12 9.25 -8.90 3.94
N GLN C 13 10.15 -9.87 3.80
CA GLN C 13 9.80 -11.27 3.50
C GLN C 13 9.13 -11.97 4.70
N ARG C 14 9.03 -11.29 5.85
CA ARG C 14 8.28 -11.84 6.97
C ARG C 14 6.83 -11.45 6.74
N VAL C 15 6.61 -10.15 6.54
CA VAL C 15 5.31 -9.63 6.19
C VAL C 15 5.14 -9.87 4.69
N ILE C 16 5.05 -11.15 4.31
CA ILE C 16 4.89 -11.54 2.92
C ILE C 16 4.14 -12.87 2.84
N LYS C 17 4.51 -13.83 3.71
CA LYS C 17 3.87 -15.13 3.74
C LYS C 17 2.81 -15.12 4.83
N LEU C 18 3.00 -14.29 5.86
CA LEU C 18 2.07 -14.20 6.96
C LEU C 18 0.74 -13.62 6.47
N VAL C 19 0.77 -12.76 5.43
CA VAL C 19 -0.45 -12.15 4.93
C VAL C 19 -1.23 -13.20 4.12
N GLN C 20 -0.50 -14.09 3.44
CA GLN C 20 -1.14 -15.14 2.67
C GLN C 20 -1.81 -16.15 3.62
N LYS C 21 -1.34 -16.22 4.87
CA LYS C 21 -1.88 -17.14 5.86
C LYS C 21 -3.06 -16.51 6.61
N TYR C 22 -2.84 -15.31 7.16
CA TYR C 22 -3.87 -14.63 7.96
C TYR C 22 -4.84 -13.84 7.07
N GLY C 23 -4.30 -13.18 6.04
CA GLY C 23 -5.09 -12.35 5.15
C GLY C 23 -4.68 -10.89 5.33
N PRO C 24 -5.33 -9.96 4.62
CA PRO C 24 -5.05 -8.54 4.73
C PRO C 24 -5.63 -7.98 6.04
N LYS C 25 -5.17 -8.52 7.17
CA LYS C 25 -5.63 -8.13 8.48
C LYS C 25 -4.79 -8.90 9.50
N ARG C 26 -5.18 -8.82 10.76
CA ARG C 26 -4.50 -9.52 11.85
C ARG C 26 -3.11 -8.97 12.01
N TRP C 27 -2.96 -7.68 11.74
CA TRP C 27 -1.70 -7.00 11.89
C TRP C 27 -1.25 -7.06 13.34
N SER C 28 -2.21 -7.28 14.25
CA SER C 28 -1.91 -7.44 15.67
C SER C 28 -1.22 -8.79 15.88
N VAL C 29 -1.69 -9.82 15.18
CA VAL C 29 -1.12 -11.16 15.27
C VAL C 29 0.27 -11.17 14.64
N ILE C 30 0.42 -10.54 13.48
CA ILE C 30 1.71 -10.46 12.81
C ILE C 30 2.67 -9.65 13.67
N ALA C 31 2.17 -8.55 14.23
CA ALA C 31 2.98 -7.73 15.13
C ALA C 31 3.43 -8.58 16.31
N LYS C 32 2.67 -9.64 16.63
CA LYS C 32 3.02 -10.55 17.70
C LYS C 32 4.28 -11.33 17.33
N HIS C 33 4.48 -11.60 16.02
CA HIS C 33 5.64 -12.39 15.58
C HIS C 33 6.82 -11.47 15.29
N LEU C 34 6.56 -10.32 14.67
CA LEU C 34 7.60 -9.36 14.39
C LEU C 34 7.97 -8.62 15.68
N LYS C 35 7.10 -8.81 16.68
CA LYS C 35 7.27 -8.33 18.05
C LYS C 35 7.27 -6.79 18.19
N GLY C 36 8.38 -6.13 17.80
CA GLY C 36 8.54 -4.71 18.03
C GLY C 36 7.70 -3.91 17.06
N ARG C 37 7.70 -4.32 15.80
CA ARG C 37 6.97 -3.63 14.76
C ARG C 37 5.49 -3.89 14.95
N ILE C 38 4.75 -2.86 15.38
CA ILE C 38 3.32 -2.95 15.65
C ILE C 38 2.51 -3.10 14.35
N GLY C 39 1.18 -3.00 14.48
CA GLY C 39 0.27 -3.16 13.36
C GLY C 39 0.43 -2.01 12.37
N LYS C 40 0.52 -0.78 12.87
CA LYS C 40 0.66 0.40 12.02
C LYS C 40 2.11 0.52 11.48
N GLN C 41 2.88 -0.57 11.60
CA GLN C 41 4.23 -0.65 11.10
C GLN C 41 4.25 -1.71 10.00
N CYS C 42 3.69 -2.89 10.30
CA CYS C 42 3.63 -3.99 9.34
C CYS C 42 2.72 -3.60 8.18
N ARG C 43 1.54 -3.06 8.49
CA ARG C 43 0.60 -2.63 7.47
C ARG C 43 1.25 -1.54 6.63
N GLU C 44 2.02 -0.65 7.27
CA GLU C 44 2.68 0.45 6.58
C GLU C 44 3.72 -0.08 5.59
N ARG C 45 4.56 -1.07 5.99
CA ARG C 45 5.50 -1.67 5.03
C ARG C 45 4.64 -2.26 3.91
N TRP C 46 3.57 -2.97 4.30
CA TRP C 46 2.66 -3.61 3.40
C TRP C 46 1.80 -2.56 2.73
N HIS C 47 0.89 -3.05 1.92
CA HIS C 47 -0.02 -2.22 1.11
C HIS C 47 0.76 -1.06 0.44
N ASN C 48 2.09 -1.24 0.25
CA ASN C 48 2.94 -0.22 -0.35
C ASN C 48 3.99 -0.90 -1.23
N HIS C 49 3.52 -1.60 -2.27
CA HIS C 49 4.39 -2.27 -3.23
C HIS C 49 5.19 -3.42 -2.57
N LEU C 50 4.81 -3.81 -1.35
CA LEU C 50 5.47 -4.89 -0.63
C LEU C 50 4.92 -6.22 -1.13
N ASN C 51 3.59 -6.32 -1.03
CA ASN C 51 2.84 -7.49 -1.44
C ASN C 51 3.24 -7.94 -2.84
N PRO C 52 3.71 -9.20 -2.99
CA PRO C 52 4.00 -9.76 -4.29
C PRO C 52 2.69 -9.79 -5.08
N GLU C 53 1.57 -9.82 -4.33
CA GLU C 53 0.23 -9.79 -4.88
C GLU C 53 0.11 -8.59 -5.84
N VAL C 54 0.83 -7.49 -5.52
CA VAL C 54 0.86 -6.30 -6.36
C VAL C 54 2.23 -5.63 -6.21
N LYS C 55 3.12 -5.89 -7.17
CA LYS C 55 4.45 -5.30 -7.18
C LYS C 55 4.58 -4.39 -8.39
N LYS C 56 5.22 -3.23 -8.21
CA LYS C 56 5.43 -2.25 -9.27
C LYS C 56 4.08 -1.78 -9.83
N THR C 57 3.43 -0.84 -9.13
CA THR C 57 2.15 -0.31 -9.55
C THR C 57 2.34 0.85 -10.54
N SER C 58 3.03 0.59 -11.65
CA SER C 58 3.29 1.61 -12.65
C SER C 58 1.97 2.10 -13.26
N TRP C 59 2.03 3.22 -14.00
CA TRP C 59 0.85 3.81 -14.63
C TRP C 59 1.19 4.11 -16.11
N THR C 60 0.19 4.49 -16.92
CA THR C 60 0.41 4.73 -18.33
C THR C 60 -0.62 5.74 -18.81
N GLU C 61 -0.52 6.18 -20.06
CA GLU C 61 -1.47 7.13 -20.62
C GLU C 61 -2.90 6.58 -20.46
N GLU C 62 -3.06 5.25 -20.56
CA GLU C 62 -4.37 4.61 -20.47
C GLU C 62 -4.80 4.37 -19.01
N GLU C 63 -3.85 4.31 -18.07
CA GLU C 63 -4.17 4.06 -16.66
C GLU C 63 -4.28 5.38 -15.91
N ASP C 64 -3.60 6.42 -16.41
CA ASP C 64 -3.65 7.75 -15.83
C ASP C 64 -5.11 8.20 -15.74
N ARG C 65 -5.91 7.68 -16.66
CA ARG C 65 -7.31 8.01 -16.77
C ARG C 65 -8.06 7.54 -15.54
N ILE C 66 -7.64 6.39 -14.98
CA ILE C 66 -8.28 5.81 -13.82
C ILE C 66 -8.19 6.79 -12.66
N ILE C 67 -6.98 7.22 -12.36
CA ILE C 67 -6.76 8.14 -11.25
C ILE C 67 -7.37 9.50 -11.56
N TYR C 68 -7.20 9.98 -12.79
CA TYR C 68 -7.72 11.29 -13.17
C TYR C 68 -9.23 11.35 -12.95
N GLN C 69 -9.98 10.41 -13.55
CA GLN C 69 -11.43 10.40 -13.45
C GLN C 69 -11.88 10.22 -12.00
N ALA C 70 -11.29 9.24 -11.30
CA ALA C 70 -11.63 8.98 -9.91
C ALA C 70 -11.33 10.22 -9.06
N HIS C 71 -10.19 10.85 -9.29
CA HIS C 71 -9.77 12.03 -8.53
C HIS C 71 -10.68 13.22 -8.83
N LYS C 72 -11.16 13.32 -10.06
CA LYS C 72 -12.03 14.43 -10.47
C LYS C 72 -13.36 14.39 -9.71
N ARG C 73 -13.69 13.26 -9.06
CA ARG C 73 -14.95 13.11 -8.33
C ARG C 73 -14.71 12.93 -6.84
N LEU C 74 -13.69 12.14 -6.48
CA LEU C 74 -13.38 11.83 -5.10
C LEU C 74 -12.35 12.82 -4.56
N GLY C 75 -11.25 13.02 -5.30
CA GLY C 75 -10.25 13.99 -4.93
C GLY C 75 -9.30 13.35 -3.96
N ASN C 76 -9.55 13.55 -2.68
CA ASN C 76 -8.68 13.01 -1.66
C ASN C 76 -9.36 11.89 -0.87
N ARG C 77 -10.39 11.26 -1.46
CA ARG C 77 -11.07 10.15 -0.83
C ARG C 77 -10.49 8.88 -1.45
N TRP C 78 -9.17 8.71 -1.26
CA TRP C 78 -8.42 7.60 -1.82
C TRP C 78 -9.00 6.26 -1.36
N ALA C 79 -9.84 6.28 -0.32
CA ALA C 79 -10.45 5.06 0.18
C ALA C 79 -11.48 4.55 -0.80
N GLU C 80 -12.23 5.46 -1.44
CA GLU C 80 -13.24 5.08 -2.39
C GLU C 80 -12.56 4.68 -3.68
N ILE C 81 -11.56 5.48 -4.09
CA ILE C 81 -10.79 5.18 -5.29
C ILE C 81 -10.18 3.80 -5.12
N ALA C 82 -9.56 3.56 -3.96
CA ALA C 82 -8.94 2.30 -3.62
C ALA C 82 -9.92 1.14 -3.82
N LYS C 83 -11.11 1.23 -3.21
CA LYS C 83 -12.11 0.18 -3.32
C LYS C 83 -12.47 -0.05 -4.80
N LEU C 84 -12.63 1.04 -5.56
CA LEU C 84 -13.01 0.95 -6.97
C LEU C 84 -11.80 0.65 -7.86
N LEU C 85 -10.61 0.40 -7.27
CA LEU C 85 -9.41 0.10 -8.04
C LEU C 85 -8.65 -1.07 -7.39
N PRO C 86 -8.99 -2.33 -7.77
CA PRO C 86 -8.32 -3.50 -7.25
C PRO C 86 -6.86 -3.52 -7.66
N GLY C 87 -6.01 -4.21 -6.89
CA GLY C 87 -4.59 -4.30 -7.16
C GLY C 87 -3.92 -3.00 -6.74
N ARG C 88 -4.00 -1.97 -7.59
CA ARG C 88 -3.43 -0.67 -7.29
C ARG C 88 -4.37 0.08 -6.36
N THR C 89 -4.41 -0.38 -5.11
CA THR C 89 -5.30 0.15 -4.10
C THR C 89 -4.50 0.85 -2.99
N ASP C 90 -5.22 1.53 -2.08
CA ASP C 90 -4.61 2.21 -0.95
C ASP C 90 -3.49 3.17 -1.38
N ASN C 91 -2.26 2.93 -0.91
CA ASN C 91 -1.13 3.81 -1.18
C ASN C 91 -0.70 3.76 -2.65
N ALA C 92 -1.11 2.74 -3.41
CA ALA C 92 -0.71 2.64 -4.82
C ALA C 92 -1.11 3.92 -5.57
N ILE C 93 -2.42 4.16 -5.63
CA ILE C 93 -2.97 5.30 -6.35
C ILE C 93 -2.71 6.62 -5.60
N LYS C 94 -2.72 6.57 -4.26
CA LYS C 94 -2.50 7.77 -3.45
C LYS C 94 -1.07 8.29 -3.61
N ASN C 95 -0.07 7.41 -3.43
CA ASN C 95 1.32 7.81 -3.52
C ASN C 95 1.60 8.20 -4.95
N HIS C 96 0.99 7.47 -5.89
CA HIS C 96 1.18 7.75 -7.30
C HIS C 96 0.85 9.20 -7.59
N TRP C 97 -0.41 9.58 -7.40
CA TRP C 97 -0.88 10.92 -7.73
C TRP C 97 0.05 11.98 -7.17
N ASN C 98 0.17 11.98 -5.85
CA ASN C 98 0.96 12.97 -5.13
C ASN C 98 2.46 12.93 -5.49
N SER C 99 2.92 11.92 -6.25
CA SER C 99 4.33 11.80 -6.63
C SER C 99 4.52 11.98 -8.14
N THR C 100 3.47 11.73 -8.93
CA THR C 100 3.52 11.86 -10.38
C THR C 100 2.78 13.12 -10.81
N MET C 101 1.50 13.20 -10.48
CA MET C 101 0.68 14.35 -10.82
C MET C 101 0.87 15.42 -9.75
N ARG C 102 1.91 16.25 -9.90
CA ARG C 102 2.21 17.33 -8.96
C ARG C 102 2.54 16.74 -7.58
N ARG C 103 2.67 17.61 -6.56
CA ARG C 103 2.93 17.15 -5.20
C ARG C 103 1.61 16.79 -4.52
N LYS C 104 0.54 17.55 -4.84
CA LYS C 104 -0.79 17.30 -4.31
C LYS C 104 -1.85 18.08 -5.11
N VAL C 105 -1.46 18.56 -6.30
CA VAL C 105 -2.33 19.33 -7.18
C VAL C 105 -3.00 20.46 -6.38
N MET C 1 1.05 5.55 18.87
CA MET C 1 2.44 5.70 19.35
C MET C 1 3.38 5.93 18.17
N LEU C 2 4.43 6.75 18.40
CA LEU C 2 5.40 7.08 17.36
C LEU C 2 6.68 6.29 17.60
N ILE C 3 7.34 5.86 16.51
CA ILE C 3 8.58 5.10 16.58
C ILE C 3 9.16 4.96 15.17
N LYS C 4 10.46 5.22 15.03
CA LYS C 4 11.15 5.08 13.75
C LYS C 4 12.05 3.84 13.81
N GLY C 5 11.83 2.91 12.88
CA GLY C 5 12.58 1.68 12.79
C GLY C 5 12.54 1.21 11.34
N PRO C 6 13.44 1.74 10.48
CA PRO C 6 13.49 1.42 9.07
C PRO C 6 13.51 -0.07 8.84
N TRP C 7 12.83 -0.51 7.78
CA TRP C 7 12.75 -1.92 7.43
C TRP C 7 13.97 -2.31 6.57
N THR C 8 13.96 -3.51 6.01
CA THR C 8 15.11 -4.01 5.27
C THR C 8 14.68 -5.12 4.29
N LYS C 9 15.63 -5.57 3.46
CA LYS C 9 15.39 -6.62 2.47
C LYS C 9 15.45 -8.01 3.13
N GLU C 10 15.15 -8.05 4.41
CA GLU C 10 15.08 -9.28 5.18
C GLU C 10 13.88 -9.21 6.10
N GLU C 11 12.87 -8.43 5.68
CA GLU C 11 11.62 -8.30 6.39
C GLU C 11 10.51 -8.28 5.35
N ASP C 12 10.70 -7.49 4.29
CA ASP C 12 9.74 -7.39 3.19
C ASP C 12 9.57 -8.72 2.42
N GLN C 13 10.38 -9.72 2.74
CA GLN C 13 10.34 -11.04 2.10
C GLN C 13 10.13 -12.11 3.17
N ARG C 14 9.88 -11.66 4.40
CA ARG C 14 9.56 -12.54 5.51
C ARG C 14 8.10 -12.28 5.88
N VAL C 15 7.76 -10.99 6.06
CA VAL C 15 6.40 -10.55 6.33
C VAL C 15 5.53 -10.99 5.16
N ILE C 16 6.11 -10.97 3.95
CA ILE C 16 5.42 -11.34 2.72
C ILE C 16 4.81 -12.74 2.85
N LYS C 17 5.53 -13.66 3.49
CA LYS C 17 5.06 -15.03 3.65
C LYS C 17 4.17 -15.15 4.90
N LEU C 18 4.56 -14.47 5.98
CA LEU C 18 3.82 -14.53 7.23
C LEU C 18 2.41 -13.95 7.10
N VAL C 19 2.21 -12.98 6.19
CA VAL C 19 0.91 -12.34 6.04
C VAL C 19 0.00 -13.23 5.20
N GLN C 20 0.55 -13.89 4.19
CA GLN C 20 -0.23 -14.80 3.37
C GLN C 20 -0.77 -15.95 4.24
N LYS C 21 -0.05 -16.25 5.33
CA LYS C 21 -0.43 -17.32 6.24
C LYS C 21 -1.50 -16.85 7.21
N TYR C 22 -1.22 -15.77 7.94
CA TYR C 22 -2.13 -15.27 8.96
C TYR C 22 -3.25 -14.44 8.33
N GLY C 23 -2.87 -13.46 7.50
CA GLY C 23 -3.82 -12.57 6.84
C GLY C 23 -3.46 -11.10 7.15
N PRO C 24 -4.00 -10.15 6.34
CA PRO C 24 -3.75 -8.72 6.51
C PRO C 24 -4.52 -8.13 7.71
N LYS C 25 -4.89 -8.98 8.68
CA LYS C 25 -5.63 -8.56 9.86
C LYS C 25 -5.16 -9.42 11.03
N ARG C 26 -3.83 -9.53 11.15
CA ARG C 26 -3.18 -10.33 12.17
C ARG C 26 -1.86 -9.65 12.51
N TRP C 27 -1.84 -8.32 12.34
CA TRP C 27 -0.67 -7.51 12.61
C TRP C 27 -0.25 -7.69 14.06
N SER C 28 -1.19 -8.11 14.90
CA SER C 28 -0.91 -8.37 16.30
C SER C 28 0.05 -9.56 16.43
N VAL C 29 -0.06 -10.52 15.51
CA VAL C 29 0.77 -11.71 15.49
C VAL C 29 2.07 -11.42 14.74
N ILE C 30 1.98 -10.71 13.60
CA ILE C 30 3.17 -10.36 12.83
C ILE C 30 4.14 -9.62 13.73
N ALA C 31 3.64 -8.60 14.43
CA ALA C 31 4.45 -7.80 15.33
C ALA C 31 5.09 -8.67 16.41
N LYS C 32 4.47 -9.82 16.73
CA LYS C 32 5.01 -10.72 17.75
C LYS C 32 6.35 -11.29 17.29
N HIS C 33 6.52 -11.51 15.98
CA HIS C 33 7.75 -12.07 15.45
C HIS C 33 8.75 -10.96 15.13
N LEU C 34 8.26 -9.86 14.55
CA LEU C 34 9.13 -8.76 14.18
C LEU C 34 9.46 -7.89 15.41
N LYS C 35 8.95 -8.31 16.57
CA LYS C 35 9.22 -7.70 17.88
C LYS C 35 9.03 -6.17 17.92
N GLY C 36 10.09 -5.42 17.56
CA GLY C 36 10.08 -3.97 17.66
C GLY C 36 9.12 -3.37 16.66
N ARG C 37 8.92 -4.07 15.55
CA ARG C 37 8.01 -3.60 14.53
C ARG C 37 6.58 -3.82 15.02
N ILE C 38 5.97 -2.77 15.58
CA ILE C 38 4.61 -2.85 16.08
C ILE C 38 3.66 -3.13 14.93
N GLY C 39 2.41 -3.52 15.24
CA GLY C 39 1.41 -3.78 14.23
C GLY C 39 1.33 -2.59 13.27
N LYS C 40 1.57 -1.38 13.78
CA LYS C 40 1.57 -0.17 12.99
C LYS C 40 2.63 -0.28 11.90
N GLN C 41 3.88 -0.57 12.30
CA GLN C 41 5.00 -0.69 11.37
C GLN C 41 4.76 -1.83 10.37
N CYS C 42 4.27 -2.97 10.85
CA CYS C 42 4.03 -4.13 9.98
C CYS C 42 2.96 -3.80 8.96
N ARG C 43 1.91 -3.10 9.40
CA ARG C 43 0.80 -2.78 8.54
C ARG C 43 1.17 -1.69 7.53
N GLU C 44 1.75 -0.57 7.99
CA GLU C 44 2.09 0.53 7.09
C GLU C 44 3.03 0.06 5.97
N ARG C 45 4.01 -0.81 6.29
CA ARG C 45 4.90 -1.36 5.27
C ARG C 45 4.03 -2.00 4.19
N TRP C 46 3.06 -2.80 4.63
CA TRP C 46 2.17 -3.53 3.75
C TRP C 46 1.18 -2.60 3.03
N HIS C 47 0.70 -1.56 3.70
CA HIS C 47 -0.27 -0.66 3.09
C HIS C 47 0.45 0.49 2.42
N ASN C 48 1.23 0.09 1.41
CA ASN C 48 2.02 0.95 0.55
C ASN C 48 2.30 0.12 -0.71
N HIS C 49 2.62 -1.15 -0.46
CA HIS C 49 2.84 -2.16 -1.48
C HIS C 49 3.13 -3.46 -0.72
N LEU C 50 3.53 -4.54 -1.42
CA LEU C 50 3.88 -5.82 -0.78
C LEU C 50 2.65 -6.71 -0.68
N ASN C 51 1.47 -6.13 -0.93
CA ASN C 51 0.20 -6.86 -0.98
C ASN C 51 0.38 -8.18 -1.68
N PRO C 52 -0.52 -9.17 -1.39
CA PRO C 52 -0.42 -10.57 -1.80
C PRO C 52 0.48 -10.86 -2.99
N GLU C 53 1.77 -10.64 -2.74
CA GLU C 53 2.84 -10.88 -3.71
C GLU C 53 2.46 -10.28 -5.08
N VAL C 54 1.67 -9.20 -5.08
CA VAL C 54 1.25 -8.53 -6.27
C VAL C 54 2.38 -7.65 -6.81
N LYS C 55 2.01 -6.71 -7.64
CA LYS C 55 2.93 -5.76 -8.27
C LYS C 55 2.10 -4.86 -9.20
N LYS C 56 2.19 -3.54 -9.00
CA LYS C 56 1.43 -2.58 -9.80
C LYS C 56 2.38 -1.83 -10.74
N THR C 57 2.19 -2.00 -12.04
CA THR C 57 3.03 -1.35 -13.04
C THR C 57 2.87 0.16 -12.95
N SER C 58 3.71 0.89 -13.70
CA SER C 58 3.67 2.34 -13.71
C SER C 58 2.36 2.81 -14.37
N TRP C 59 1.98 4.07 -14.10
CA TRP C 59 0.77 4.63 -14.66
C TRP C 59 1.05 5.09 -16.10
N THR C 60 -0.01 5.38 -16.87
CA THR C 60 0.13 5.80 -18.26
C THR C 60 -1.13 6.55 -18.66
N GLU C 61 -1.12 7.20 -19.83
CA GLU C 61 -2.25 7.98 -20.32
C GLU C 61 -3.58 7.23 -20.07
N GLU C 62 -3.60 5.92 -20.38
CA GLU C 62 -4.80 5.11 -20.24
C GLU C 62 -4.92 4.58 -18.80
N GLU C 63 -4.60 5.45 -17.85
CA GLU C 63 -4.69 5.12 -16.43
C GLU C 63 -4.67 6.42 -15.62
N ASP C 64 -3.85 7.39 -16.03
CA ASP C 64 -3.81 8.69 -15.39
C ASP C 64 -5.17 9.35 -15.56
N ARG C 65 -5.90 8.93 -16.61
CA ARG C 65 -7.22 9.44 -16.91
C ARG C 65 -8.19 9.02 -15.81
N ILE C 66 -7.90 7.88 -15.13
CA ILE C 66 -8.75 7.39 -14.08
C ILE C 66 -8.70 8.35 -12.92
N ILE C 67 -7.50 8.74 -12.51
CA ILE C 67 -7.36 9.68 -11.41
C ILE C 67 -7.93 11.03 -11.85
N TYR C 68 -7.44 11.56 -12.98
CA TYR C 68 -7.88 12.84 -13.52
C TYR C 68 -9.41 13.03 -13.38
N GLN C 69 -10.17 11.94 -13.53
CA GLN C 69 -11.62 11.98 -13.43
C GLN C 69 -12.09 11.70 -12.01
N ALA C 70 -11.67 10.57 -11.44
CA ALA C 70 -12.08 10.17 -10.10
C ALA C 70 -11.69 11.25 -9.08
N HIS C 71 -10.41 11.65 -9.08
CA HIS C 71 -9.90 12.69 -8.17
C HIS C 71 -10.68 13.99 -8.33
N LYS C 72 -11.18 14.28 -9.54
CA LYS C 72 -11.92 15.51 -9.78
C LYS C 72 -13.26 15.49 -9.03
N ARG C 73 -13.73 14.30 -8.63
CA ARG C 73 -15.01 14.17 -7.94
C ARG C 73 -14.77 13.88 -6.45
N LEU C 74 -13.81 13.00 -6.17
CA LEU C 74 -13.47 12.59 -4.82
C LEU C 74 -12.42 13.54 -4.22
N GLY C 75 -11.27 13.68 -4.89
CA GLY C 75 -10.26 14.64 -4.47
C GLY C 75 -9.36 14.10 -3.38
N ASN C 76 -9.95 13.56 -2.31
CA ASN C 76 -9.16 13.05 -1.20
C ASN C 76 -9.76 11.78 -0.61
N ARG C 77 -10.61 11.08 -1.38
CA ARG C 77 -11.18 9.82 -0.94
C ARG C 77 -10.64 8.74 -1.84
N TRP C 78 -9.39 8.47 -1.61
CA TRP C 78 -8.63 7.47 -2.35
C TRP C 78 -9.21 6.10 -2.06
N ALA C 79 -9.90 5.98 -0.93
CA ALA C 79 -10.54 4.73 -0.54
C ALA C 79 -11.64 4.41 -1.55
N GLU C 80 -12.22 5.45 -2.17
CA GLU C 80 -13.28 5.28 -3.15
C GLU C 80 -12.68 5.17 -4.54
N ILE C 81 -11.72 6.04 -4.87
CA ILE C 81 -11.06 5.99 -6.18
C ILE C 81 -10.49 4.58 -6.39
N ALA C 82 -9.81 4.05 -5.36
CA ALA C 82 -9.23 2.72 -5.42
C ALA C 82 -10.32 1.67 -5.59
N LYS C 83 -11.41 1.81 -4.83
CA LYS C 83 -12.54 0.88 -4.91
C LYS C 83 -13.07 0.83 -6.35
N LEU C 84 -13.15 1.99 -6.99
CA LEU C 84 -13.65 2.09 -8.35
C LEU C 84 -12.60 1.62 -9.37
N LEU C 85 -11.33 1.48 -8.93
CA LEU C 85 -10.25 1.05 -9.81
C LEU C 85 -9.61 -0.24 -9.25
N PRO C 86 -10.14 -1.43 -9.62
CA PRO C 86 -9.59 -2.68 -9.16
C PRO C 86 -8.10 -2.77 -9.50
N GLY C 87 -7.30 -3.32 -8.57
CA GLY C 87 -5.87 -3.44 -8.77
C GLY C 87 -5.16 -2.26 -8.10
N ARG C 88 -5.47 -1.04 -8.55
CA ARG C 88 -4.87 0.16 -7.98
C ARG C 88 -5.50 0.44 -6.62
N THR C 89 -4.99 -0.21 -5.57
CA THR C 89 -5.50 -0.05 -4.22
C THR C 89 -5.24 1.38 -3.72
N ASP C 90 -5.61 1.65 -2.45
CA ASP C 90 -5.46 2.97 -1.84
C ASP C 90 -4.07 3.54 -2.11
N ASN C 91 -3.05 2.92 -1.53
CA ASN C 91 -1.67 3.39 -1.65
C ASN C 91 -1.26 3.57 -3.12
N ALA C 92 -1.67 2.66 -4.01
CA ALA C 92 -1.29 2.74 -5.41
C ALA C 92 -1.68 4.09 -6.01
N ILE C 93 -2.98 4.41 -6.00
CA ILE C 93 -3.48 5.64 -6.60
C ILE C 93 -3.15 6.85 -5.71
N LYS C 94 -3.19 6.68 -4.39
CA LYS C 94 -2.90 7.75 -3.46
C LYS C 94 -1.45 8.20 -3.63
N ASN C 95 -0.50 7.31 -3.34
CA ASN C 95 0.92 7.66 -3.41
C ASN C 95 1.24 8.17 -4.81
N HIS C 96 0.54 7.66 -5.82
CA HIS C 96 0.75 8.09 -7.18
C HIS C 96 0.43 9.57 -7.33
N TRP C 97 -0.82 9.97 -7.06
CA TRP C 97 -1.21 11.34 -7.27
C TRP C 97 -0.33 12.27 -6.50
N ASN C 98 -0.34 12.10 -5.20
CA ASN C 98 0.36 12.98 -4.27
C ASN C 98 1.90 12.89 -4.38
N SER C 99 2.45 12.51 -5.56
CA SER C 99 3.89 12.44 -5.75
C SER C 99 4.21 12.66 -7.22
N THR C 100 3.43 12.01 -8.09
CA THR C 100 3.60 12.07 -9.53
C THR C 100 2.76 13.20 -10.14
N MET C 101 1.61 13.52 -9.52
CA MET C 101 0.70 14.54 -10.06
C MET C 101 0.55 15.71 -9.06
N ARG C 102 -0.22 15.48 -7.98
CA ARG C 102 -0.49 16.46 -6.92
C ARG C 102 -1.52 17.48 -7.41
N ARG C 103 -2.42 17.89 -6.50
CA ARG C 103 -3.43 18.89 -6.80
C ARG C 103 -2.77 20.27 -6.64
N LYS C 104 -1.64 20.46 -7.32
CA LYS C 104 -0.87 21.68 -7.24
C LYS C 104 -0.26 21.98 -8.62
N VAL C 105 -0.91 21.46 -9.67
CA VAL C 105 -0.47 21.65 -11.05
C VAL C 105 -1.41 22.61 -11.76
N MET C 1 4.37 1.03 24.06
CA MET C 1 5.51 1.72 23.41
C MET C 1 5.46 1.47 21.90
N LEU C 2 5.37 2.54 21.11
CA LEU C 2 5.33 2.44 19.66
C LEU C 2 6.76 2.27 19.13
N ILE C 3 7.25 1.02 19.11
CA ILE C 3 8.59 0.72 18.62
C ILE C 3 8.60 0.74 17.09
N LYS C 4 8.55 1.95 16.53
CA LYS C 4 8.54 2.14 15.08
C LYS C 4 9.94 1.91 14.51
N GLY C 5 10.34 0.64 14.40
CA GLY C 5 11.65 0.27 13.86
C GLY C 5 11.62 0.35 12.33
N PRO C 6 12.62 1.00 11.70
CA PRO C 6 12.70 1.14 10.27
C PRO C 6 12.59 -0.21 9.57
N TRP C 7 12.07 -0.20 8.33
CA TRP C 7 11.90 -1.43 7.55
C TRP C 7 13.01 -1.58 6.52
N THR C 8 12.89 -2.58 5.65
CA THR C 8 13.90 -2.87 4.64
C THR C 8 13.30 -3.81 3.59
N LYS C 9 14.11 -4.23 2.61
CA LYS C 9 13.66 -5.13 1.56
C LYS C 9 13.80 -6.59 2.00
N GLU C 10 13.85 -6.81 3.32
CA GLU C 10 13.94 -8.14 3.90
C GLU C 10 12.61 -8.40 4.60
N GLU C 11 12.27 -7.48 5.53
CA GLU C 11 11.02 -7.51 6.27
C GLU C 11 9.85 -7.57 5.27
N ASP C 12 10.09 -7.07 4.06
CA ASP C 12 9.14 -7.11 2.97
C ASP C 12 8.60 -8.53 2.79
N GLN C 13 9.52 -9.49 2.65
CA GLN C 13 9.19 -10.89 2.43
C GLN C 13 8.73 -11.53 3.74
N ARG C 14 9.27 -11.06 4.86
CA ARG C 14 8.88 -11.60 6.15
C ARG C 14 7.36 -11.45 6.29
N VAL C 15 6.83 -10.32 5.81
CA VAL C 15 5.39 -10.07 5.82
C VAL C 15 4.74 -10.86 4.68
N ILE C 16 5.33 -10.81 3.47
CA ILE C 16 4.77 -11.51 2.30
C ILE C 16 4.52 -12.99 2.62
N LYS C 17 5.34 -13.57 3.49
CA LYS C 17 5.22 -14.97 3.87
C LYS C 17 4.09 -15.16 4.90
N LEU C 18 3.88 -14.16 5.77
CA LEU C 18 2.87 -14.25 6.81
C LEU C 18 1.49 -13.90 6.25
N VAL C 19 1.43 -13.03 5.23
CA VAL C 19 0.15 -12.61 4.68
C VAL C 19 -0.53 -13.81 3.99
N GLN C 20 0.23 -14.59 3.24
CA GLN C 20 -0.34 -15.77 2.59
C GLN C 20 -0.74 -16.81 3.64
N LYS C 21 -0.19 -16.71 4.86
CA LYS C 21 -0.45 -17.66 5.92
C LYS C 21 -1.67 -17.22 6.74
N TYR C 22 -1.98 -15.92 6.73
CA TYR C 22 -3.10 -15.38 7.53
C TYR C 22 -3.99 -14.48 6.68
N GLY C 23 -3.40 -13.44 6.08
CA GLY C 23 -4.14 -12.49 5.25
C GLY C 23 -4.15 -11.11 5.89
N PRO C 24 -4.62 -10.09 5.15
CA PRO C 24 -4.69 -8.73 5.64
C PRO C 24 -5.72 -8.62 6.78
N LYS C 25 -5.56 -7.59 7.61
CA LYS C 25 -6.47 -7.34 8.73
C LYS C 25 -6.33 -8.47 9.77
N ARG C 26 -5.07 -8.87 10.00
CA ARG C 26 -4.70 -9.90 10.95
C ARG C 26 -3.34 -9.47 11.49
N TRP C 27 -3.06 -8.16 11.38
CA TRP C 27 -1.81 -7.57 11.78
C TRP C 27 -1.54 -7.84 13.25
N SER C 28 -2.59 -8.06 14.02
CA SER C 28 -2.47 -8.37 15.43
C SER C 28 -1.76 -9.73 15.60
N VAL C 29 -2.00 -10.63 14.64
CA VAL C 29 -1.39 -11.95 14.65
C VAL C 29 -0.05 -11.90 13.91
N ILE C 30 0.00 -11.21 12.77
CA ILE C 30 1.24 -11.10 12.00
C ILE C 30 2.35 -10.52 12.88
N ALA C 31 2.04 -9.46 13.63
CA ALA C 31 3.00 -8.83 14.52
C ALA C 31 3.49 -9.86 15.57
N LYS C 32 2.67 -10.88 15.85
CA LYS C 32 3.01 -11.91 16.82
C LYS C 32 4.19 -12.75 16.33
N HIS C 33 4.42 -12.82 15.00
CA HIS C 33 5.55 -13.58 14.45
C HIS C 33 6.63 -12.62 14.00
N LEU C 34 6.22 -11.48 13.43
CA LEU C 34 7.14 -10.43 13.03
C LEU C 34 7.50 -9.61 14.26
N LYS C 35 7.81 -10.31 15.36
CA LYS C 35 8.17 -9.70 16.64
C LYS C 35 9.33 -8.73 16.45
N GLY C 36 8.99 -7.48 16.20
CA GLY C 36 9.95 -6.41 16.01
C GLY C 36 9.21 -5.15 15.60
N ARG C 37 8.20 -5.32 14.73
CA ARG C 37 7.38 -4.23 14.25
C ARG C 37 5.96 -4.41 14.81
N ILE C 38 5.38 -3.34 15.36
CA ILE C 38 4.04 -3.40 15.93
C ILE C 38 3.01 -3.60 14.81
N GLY C 39 1.75 -3.87 15.20
CA GLY C 39 0.68 -4.11 14.25
C GLY C 39 0.62 -3.01 13.19
N LYS C 40 0.60 -1.73 13.62
CA LYS C 40 0.51 -0.62 12.68
C LYS C 40 1.72 -0.61 11.74
N GLN C 41 2.93 -0.82 12.26
CA GLN C 41 4.13 -0.83 11.43
C GLN C 41 4.00 -1.86 10.31
N CYS C 42 3.51 -3.06 10.65
CA CYS C 42 3.29 -4.09 9.63
C CYS C 42 2.20 -3.62 8.68
N ARG C 43 1.19 -2.94 9.24
CA ARG C 43 0.08 -2.41 8.47
C ARG C 43 0.47 -1.04 7.87
N GLU C 44 1.73 -0.90 7.45
CA GLU C 44 2.20 0.33 6.82
C GLU C 44 3.13 -0.04 5.67
N ARG C 45 4.13 -0.91 5.93
CA ARG C 45 5.02 -1.38 4.88
C ARG C 45 4.18 -2.06 3.82
N TRP C 46 3.26 -2.92 4.28
CA TRP C 46 2.41 -3.68 3.40
C TRP C 46 1.53 -2.77 2.56
N HIS C 47 0.91 -1.79 3.19
CA HIS C 47 0.05 -0.87 2.50
C HIS C 47 0.89 0.28 1.96
N ASN C 48 1.87 -0.07 1.12
CA ASN C 48 2.78 0.88 0.50
C ASN C 48 3.68 0.11 -0.50
N HIS C 49 3.14 -0.16 -1.70
CA HIS C 49 3.84 -0.88 -2.77
C HIS C 49 4.07 -2.34 -2.39
N LEU C 50 3.01 -3.01 -1.91
CA LEU C 50 3.07 -4.41 -1.55
C LEU C 50 1.68 -5.01 -1.75
N ASN C 51 0.79 -4.87 -0.75
CA ASN C 51 -0.57 -5.41 -0.84
C ASN C 51 -0.53 -6.87 -1.26
N PRO C 52 -1.66 -7.49 -1.73
CA PRO C 52 -1.65 -8.88 -2.13
C PRO C 52 -0.75 -9.13 -3.32
N GLU C 53 0.55 -9.04 -3.06
CA GLU C 53 1.59 -9.29 -4.03
C GLU C 53 1.35 -8.43 -5.27
N VAL C 54 0.89 -7.19 -5.04
CA VAL C 54 0.65 -6.23 -6.13
C VAL C 54 1.92 -6.01 -6.96
N LYS C 55 3.05 -6.42 -6.38
CA LYS C 55 4.38 -6.32 -6.99
C LYS C 55 4.54 -5.00 -7.75
N LYS C 56 4.19 -3.88 -7.07
CA LYS C 56 4.29 -2.52 -7.59
C LYS C 56 4.13 -2.49 -9.13
N THR C 57 2.86 -2.49 -9.58
CA THR C 57 2.52 -2.52 -11.00
C THR C 57 2.76 -1.14 -11.68
N SER C 58 3.29 -0.15 -10.94
CA SER C 58 3.54 1.20 -11.47
C SER C 58 2.28 1.76 -12.15
N TRP C 59 2.44 2.73 -13.07
CA TRP C 59 1.31 3.35 -13.77
C TRP C 59 1.63 3.54 -15.25
N THR C 60 0.58 3.53 -16.08
CA THR C 60 0.73 3.67 -17.53
C THR C 60 -0.56 4.30 -18.04
N GLU C 61 -0.64 4.68 -19.31
CA GLU C 61 -1.84 5.31 -19.85
C GLU C 61 -3.10 4.45 -19.63
N GLU C 62 -2.92 3.15 -19.28
CA GLU C 62 -4.04 2.25 -19.06
C GLU C 62 -4.55 2.30 -17.61
N GLU C 63 -3.68 2.65 -16.66
CA GLU C 63 -4.04 2.73 -15.25
C GLU C 63 -4.21 4.19 -14.84
N ASP C 64 -3.39 5.06 -15.43
CA ASP C 64 -3.41 6.49 -15.16
C ASP C 64 -4.77 7.06 -15.55
N ARG C 65 -5.39 6.50 -16.59
CA ARG C 65 -6.68 6.99 -17.06
C ARG C 65 -7.72 6.83 -15.96
N ILE C 66 -7.51 5.86 -15.06
CA ILE C 66 -8.41 5.61 -13.96
C ILE C 66 -8.28 6.74 -12.96
N ILE C 67 -7.05 7.10 -12.66
CA ILE C 67 -6.73 8.11 -11.67
C ILE C 67 -7.09 9.50 -12.15
N TYR C 68 -6.62 9.89 -13.34
CA TYR C 68 -6.94 11.18 -13.92
C TYR C 68 -8.43 11.51 -13.77
N GLN C 69 -9.30 10.54 -14.08
CA GLN C 69 -10.75 10.74 -14.02
C GLN C 69 -11.28 10.54 -12.60
N ALA C 70 -10.79 9.52 -11.90
CA ALA C 70 -11.24 9.24 -10.54
C ALA C 70 -10.96 10.43 -9.64
N HIS C 71 -9.70 10.86 -9.54
CA HIS C 71 -9.33 11.98 -8.69
C HIS C 71 -10.16 13.23 -9.01
N LYS C 72 -10.45 13.47 -10.30
CA LYS C 72 -11.22 14.63 -10.72
C LYS C 72 -12.62 14.63 -10.10
N ARG C 73 -13.09 13.48 -9.59
CA ARG C 73 -14.43 13.36 -8.99
C ARG C 73 -14.35 13.04 -7.49
N LEU C 74 -13.35 12.25 -7.09
CA LEU C 74 -13.21 11.80 -5.71
C LEU C 74 -12.30 12.75 -4.92
N GLY C 75 -11.27 13.31 -5.55
CA GLY C 75 -10.40 14.26 -4.91
C GLY C 75 -9.42 13.53 -4.04
N ASN C 76 -9.74 13.37 -2.77
CA ASN C 76 -8.86 12.68 -1.86
C ASN C 76 -9.58 11.52 -1.18
N ARG C 77 -10.54 10.88 -1.88
CA ARG C 77 -11.22 9.73 -1.34
C ARG C 77 -10.54 8.50 -1.91
N TRP C 78 -9.25 8.38 -1.60
CA TRP C 78 -8.43 7.28 -2.06
C TRP C 78 -9.06 5.95 -1.67
N ALA C 79 -9.87 5.99 -0.61
CA ALA C 79 -10.55 4.80 -0.12
C ALA C 79 -11.57 4.33 -1.15
N GLU C 80 -12.22 5.29 -1.82
CA GLU C 80 -13.22 5.01 -2.82
C GLU C 80 -12.54 4.76 -4.17
N ILE C 81 -11.57 5.61 -4.53
CA ILE C 81 -10.83 5.42 -5.77
C ILE C 81 -10.30 3.98 -5.81
N ALA C 82 -9.62 3.58 -4.72
CA ALA C 82 -9.07 2.24 -4.59
C ALA C 82 -10.19 1.19 -4.69
N LYS C 83 -11.33 1.45 -4.01
CA LYS C 83 -12.47 0.54 -4.05
C LYS C 83 -12.96 0.37 -5.50
N LEU C 84 -12.88 1.43 -6.30
CA LEU C 84 -13.30 1.39 -7.71
C LEU C 84 -12.13 0.97 -8.61
N LEU C 85 -10.99 0.60 -8.00
CA LEU C 85 -9.81 0.19 -8.74
C LEU C 85 -9.27 -1.12 -8.14
N PRO C 86 -9.90 -2.26 -8.46
CA PRO C 86 -9.49 -3.56 -7.97
C PRO C 86 -8.13 -3.94 -8.54
N GLY C 87 -7.06 -3.52 -7.87
CA GLY C 87 -5.70 -3.81 -8.30
C GLY C 87 -4.72 -2.93 -7.54
N ARG C 88 -4.92 -1.60 -7.62
CA ARG C 88 -4.07 -0.64 -6.94
C ARG C 88 -4.76 -0.18 -5.66
N THR C 89 -4.25 -0.62 -4.51
CA THR C 89 -4.81 -0.28 -3.21
C THR C 89 -4.65 1.21 -2.92
N ASP C 90 -5.35 1.72 -1.89
CA ASP C 90 -5.28 3.12 -1.47
C ASP C 90 -3.85 3.64 -1.55
N ASN C 91 -2.93 2.95 -0.88
CA ASN C 91 -1.53 3.37 -0.83
C ASN C 91 -0.93 3.55 -2.23
N ALA C 92 -1.23 2.63 -3.17
CA ALA C 92 -0.67 2.70 -4.51
C ALA C 92 -1.05 4.02 -5.18
N ILE C 93 -2.35 4.24 -5.31
CA ILE C 93 -2.88 5.41 -5.99
C ILE C 93 -2.59 6.70 -5.20
N LYS C 94 -2.60 6.61 -3.86
CA LYS C 94 -2.33 7.76 -3.01
C LYS C 94 -0.88 8.23 -3.20
N ASN C 95 0.08 7.32 -2.96
CA ASN C 95 1.50 7.63 -3.11
C ASN C 95 1.78 8.05 -4.55
N HIS C 96 1.04 7.46 -5.49
CA HIS C 96 1.20 7.74 -6.90
C HIS C 96 0.83 9.18 -7.23
N TRP C 97 -0.43 9.55 -7.01
CA TRP C 97 -0.93 10.85 -7.38
C TRP C 97 0.01 11.97 -7.00
N ASN C 98 0.23 12.12 -5.71
CA ASN C 98 1.04 13.21 -5.17
C ASN C 98 2.47 13.20 -5.75
N SER C 99 2.97 12.02 -6.12
CA SER C 99 4.33 11.90 -6.65
C SER C 99 4.36 12.02 -8.17
N THR C 100 3.18 12.12 -8.83
CA THR C 100 3.12 12.22 -10.29
C THR C 100 2.24 13.38 -10.71
N MET C 101 0.92 13.23 -10.57
CA MET C 101 -0.03 14.24 -10.99
C MET C 101 -0.04 15.43 -10.01
N ARG C 102 0.50 15.23 -8.81
CA ARG C 102 0.57 16.24 -7.76
C ARG C 102 -0.84 16.58 -7.24
N ARG C 103 -1.49 17.60 -7.82
CA ARG C 103 -2.82 18.03 -7.40
C ARG C 103 -3.46 18.89 -8.48
N LYS C 104 -4.71 18.55 -8.83
CA LYS C 104 -5.48 19.30 -9.83
C LYS C 104 -4.73 19.35 -11.15
N VAL C 105 -4.56 18.18 -11.79
CA VAL C 105 -3.89 18.09 -13.08
C VAL C 105 -4.74 18.78 -14.15
N MET C 1 17.29 2.82 17.32
CA MET C 1 16.25 3.75 16.83
C MET C 1 14.94 3.49 17.56
N LEU C 2 14.07 4.51 17.63
CA LEU C 2 12.78 4.38 18.28
C LEU C 2 11.81 3.66 17.34
N ILE C 3 11.93 2.32 17.30
CA ILE C 3 11.10 1.44 16.46
C ILE C 3 10.87 2.04 15.06
N LYS C 4 11.92 2.67 14.53
CA LYS C 4 11.87 3.28 13.21
C LYS C 4 13.08 2.84 12.38
N GLY C 5 12.88 2.72 11.08
CA GLY C 5 13.93 2.31 10.16
C GLY C 5 13.30 1.70 8.91
N PRO C 6 13.93 1.90 7.74
CA PRO C 6 13.42 1.37 6.49
C PRO C 6 13.23 -0.15 6.59
N TRP C 7 12.23 -0.66 5.88
CA TRP C 7 11.93 -2.09 5.88
C TRP C 7 12.94 -2.83 5.00
N THR C 8 12.77 -4.15 4.88
CA THR C 8 13.70 -4.98 4.14
C THR C 8 12.96 -6.16 3.50
N LYS C 9 13.70 -7.02 2.79
CA LYS C 9 13.16 -8.18 2.14
C LYS C 9 12.74 -9.21 3.18
N GLU C 10 13.53 -9.32 4.26
CA GLU C 10 13.25 -10.26 5.34
C GLU C 10 12.22 -9.67 6.31
N GLU C 11 11.30 -8.88 5.76
CA GLU C 11 10.20 -8.28 6.48
C GLU C 11 9.00 -8.27 5.56
N ASP C 12 9.21 -7.83 4.32
CA ASP C 12 8.15 -7.75 3.34
C ASP C 12 7.73 -9.14 2.84
N GLN C 13 8.69 -10.05 2.55
CA GLN C 13 8.36 -11.38 2.02
C GLN C 13 8.01 -12.32 3.18
N ARG C 14 7.80 -11.73 4.35
CA ARG C 14 7.44 -12.44 5.54
C ARG C 14 5.96 -12.20 5.74
N VAL C 15 5.58 -10.91 5.79
CA VAL C 15 4.19 -10.51 5.89
C VAL C 15 3.46 -10.98 4.62
N ILE C 16 4.19 -11.07 3.50
CA ILE C 16 3.59 -11.43 2.21
C ILE C 16 2.74 -12.71 2.33
N LYS C 17 3.30 -13.78 2.90
CA LYS C 17 2.56 -15.03 3.00
C LYS C 17 1.67 -15.01 4.25
N LEU C 18 2.16 -14.46 5.36
CA LEU C 18 1.38 -14.39 6.58
C LEU C 18 0.05 -13.66 6.33
N VAL C 19 0.03 -12.71 5.37
CA VAL C 19 -1.18 -11.97 5.06
C VAL C 19 -2.14 -12.88 4.33
N GLN C 20 -1.72 -13.38 3.17
CA GLN C 20 -2.55 -14.27 2.37
C GLN C 20 -3.00 -15.48 3.21
N LYS C 21 -2.20 -15.85 4.21
CA LYS C 21 -2.52 -16.97 5.07
C LYS C 21 -3.66 -16.61 6.03
N TYR C 22 -3.56 -15.47 6.73
CA TYR C 22 -4.60 -15.13 7.70
C TYR C 22 -4.55 -13.70 8.26
N GLY C 23 -3.52 -12.89 7.95
CA GLY C 23 -3.41 -11.56 8.56
C GLY C 23 -3.37 -10.40 7.55
N PRO C 24 -4.42 -10.22 6.70
CA PRO C 24 -4.47 -9.10 5.78
C PRO C 24 -4.76 -7.80 6.51
N LYS C 25 -5.30 -7.91 7.71
CA LYS C 25 -5.64 -6.75 8.52
C LYS C 25 -5.96 -7.19 9.95
N ARG C 26 -4.93 -7.64 10.66
CA ARG C 26 -5.05 -8.05 12.05
C ARG C 26 -3.92 -7.39 12.83
N TRP C 27 -2.75 -7.27 12.17
CA TRP C 27 -1.54 -6.64 12.71
C TRP C 27 -1.28 -6.99 14.17
N SER C 28 -1.84 -8.10 14.59
CA SER C 28 -1.65 -8.65 15.92
C SER C 28 -1.02 -10.02 15.77
N VAL C 29 -1.62 -10.86 14.91
CA VAL C 29 -1.09 -12.17 14.62
C VAL C 29 0.20 -11.99 13.82
N ILE C 30 0.16 -11.10 12.82
CA ILE C 30 1.33 -10.80 12.01
C ILE C 30 2.47 -10.42 12.92
N ALA C 31 2.20 -9.50 13.86
CA ALA C 31 3.17 -9.03 14.82
C ALA C 31 3.71 -10.19 15.68
N LYS C 32 2.93 -11.26 15.86
CA LYS C 32 3.37 -12.40 16.68
C LYS C 32 4.57 -13.11 16.02
N HIS C 33 4.74 -12.95 14.69
CA HIS C 33 5.87 -13.54 13.98
C HIS C 33 6.91 -12.48 13.74
N LEU C 34 6.52 -11.34 13.15
CA LEU C 34 7.42 -10.25 12.88
C LEU C 34 7.50 -9.35 14.10
N LYS C 35 7.63 -9.98 15.28
CA LYS C 35 7.75 -9.26 16.53
C LYS C 35 9.04 -8.46 16.53
N GLY C 36 8.84 -7.20 16.29
CA GLY C 36 9.91 -6.21 16.21
C GLY C 36 9.38 -4.99 15.46
N ARG C 37 8.65 -5.26 14.38
CA ARG C 37 8.03 -4.24 13.55
C ARG C 37 6.60 -3.98 14.05
N ILE C 38 6.11 -4.88 14.93
CA ILE C 38 4.76 -4.82 15.52
C ILE C 38 3.69 -4.59 14.44
N GLY C 39 2.47 -4.30 14.86
CA GLY C 39 1.36 -4.10 13.93
C GLY C 39 1.51 -2.80 13.16
N LYS C 40 1.79 -1.70 13.86
CA LYS C 40 1.92 -0.37 13.26
C LYS C 40 2.72 -0.40 11.95
N GLN C 41 3.99 -0.84 11.99
CA GLN C 41 4.84 -0.82 10.80
C GLN C 41 4.34 -1.80 9.74
N CYS C 42 3.91 -3.01 10.14
CA CYS C 42 3.41 -4.00 9.18
C CYS C 42 2.22 -3.44 8.43
N ARG C 43 1.37 -2.68 9.13
CA ARG C 43 0.21 -2.05 8.53
C ARG C 43 0.68 -0.98 7.55
N GLU C 44 1.61 -0.13 7.98
CA GLU C 44 2.15 0.94 7.15
C GLU C 44 2.79 0.36 5.89
N ARG C 45 3.47 -0.78 5.99
CA ARG C 45 4.10 -1.42 4.84
C ARG C 45 3.04 -2.02 3.92
N TRP C 46 2.20 -2.88 4.50
CA TRP C 46 1.24 -3.64 3.72
C TRP C 46 0.20 -2.78 3.02
N HIS C 47 -0.54 -1.96 3.76
CA HIS C 47 -1.57 -1.11 3.14
C HIS C 47 -0.88 0.14 2.58
N ASN C 48 0.10 -0.09 1.71
CA ASN C 48 0.89 0.94 1.07
C ASN C 48 1.66 0.31 -0.09
N HIS C 49 0.92 -0.21 -1.09
CA HIS C 49 1.51 -0.89 -2.25
C HIS C 49 2.22 -2.15 -1.79
N LEU C 50 1.46 -3.20 -1.48
CA LEU C 50 2.00 -4.48 -1.00
C LEU C 50 0.97 -5.60 -1.19
N ASN C 51 -0.30 -5.29 -0.85
CA ASN C 51 -1.42 -6.24 -0.88
C ASN C 51 -1.41 -7.17 -2.11
N PRO C 52 -1.26 -6.65 -3.36
CA PRO C 52 -1.32 -7.49 -4.54
C PRO C 52 0.01 -8.20 -4.81
N GLU C 53 0.81 -8.45 -3.75
CA GLU C 53 2.14 -9.03 -3.89
C GLU C 53 2.93 -8.20 -4.93
N VAL C 54 2.50 -6.92 -5.08
CA VAL C 54 3.09 -5.93 -5.98
C VAL C 54 3.58 -6.53 -7.31
N LYS C 55 2.63 -6.72 -8.23
CA LYS C 55 2.95 -7.22 -9.57
C LYS C 55 3.89 -6.22 -10.26
N LYS C 56 3.64 -4.91 -10.02
CA LYS C 56 4.46 -3.82 -10.57
C LYS C 56 4.14 -3.59 -12.05
N THR C 57 4.06 -2.30 -12.44
CA THR C 57 3.78 -1.91 -13.82
C THR C 57 4.27 -0.47 -14.04
N SER C 58 4.13 0.38 -13.01
CA SER C 58 4.59 1.77 -13.02
C SER C 58 3.75 2.63 -13.97
N TRP C 59 2.47 2.29 -14.13
CA TRP C 59 1.54 3.01 -15.01
C TRP C 59 2.00 2.92 -16.49
N THR C 60 1.05 2.95 -17.45
CA THR C 60 1.40 2.84 -18.87
C THR C 60 0.28 3.39 -19.74
N GLU C 61 -0.85 2.68 -19.80
CA GLU C 61 -1.97 3.07 -20.63
C GLU C 61 -3.25 3.05 -19.81
N GLU C 62 -3.93 1.90 -19.74
CA GLU C 62 -5.18 1.76 -19.01
C GLU C 62 -4.99 2.20 -17.55
N GLU C 63 -3.85 1.85 -16.96
CA GLU C 63 -3.56 2.16 -15.57
C GLU C 63 -3.64 3.67 -15.32
N ASP C 64 -3.08 4.49 -16.23
CA ASP C 64 -3.06 5.95 -16.07
C ASP C 64 -4.50 6.49 -15.99
N ARG C 65 -5.41 5.84 -16.71
CA ARG C 65 -6.81 6.25 -16.77
C ARG C 65 -7.51 5.95 -15.46
N ILE C 66 -7.10 4.89 -14.77
CA ILE C 66 -7.70 4.52 -13.49
C ILE C 66 -7.69 5.73 -12.54
N ILE C 67 -6.51 6.33 -12.33
CA ILE C 67 -6.38 7.46 -11.42
C ILE C 67 -7.29 8.60 -11.89
N TYR C 68 -7.19 8.96 -13.18
CA TYR C 68 -7.96 10.05 -13.74
C TYR C 68 -9.46 9.87 -13.49
N GLN C 69 -10.02 8.75 -13.94
CA GLN C 69 -11.45 8.48 -13.81
C GLN C 69 -11.84 8.36 -12.34
N ALA C 70 -11.11 7.54 -11.58
CA ALA C 70 -11.41 7.31 -10.19
C ALA C 70 -11.34 8.62 -9.40
N HIS C 71 -10.34 9.44 -9.68
CA HIS C 71 -10.16 10.72 -9.02
C HIS C 71 -11.33 11.65 -9.36
N LYS C 72 -11.83 11.57 -10.59
CA LYS C 72 -12.94 12.40 -11.03
C LYS C 72 -14.24 11.98 -10.33
N ARG C 73 -14.23 10.85 -9.59
CA ARG C 73 -15.41 10.35 -8.89
C ARG C 73 -15.19 10.38 -7.37
N LEU C 74 -13.94 10.15 -6.94
CA LEU C 74 -13.59 10.08 -5.53
C LEU C 74 -12.77 11.32 -5.14
N GLY C 75 -11.70 11.59 -5.88
CA GLY C 75 -10.87 12.74 -5.64
C GLY C 75 -9.77 12.36 -4.71
N ASN C 76 -9.93 12.68 -3.43
CA ASN C 76 -8.92 12.37 -2.46
C ASN C 76 -9.31 11.14 -1.65
N ARG C 77 -10.25 10.33 -2.16
CA ARG C 77 -10.65 9.12 -1.47
C ARG C 77 -9.73 8.00 -1.97
N TRP C 78 -8.42 8.20 -1.79
CA TRP C 78 -7.40 7.26 -2.21
C TRP C 78 -7.67 5.89 -1.62
N ALA C 79 -8.42 5.85 -0.52
CA ALA C 79 -8.73 4.60 0.15
C ALA C 79 -9.67 3.75 -0.70
N GLU C 80 -10.61 4.38 -1.41
CA GLU C 80 -11.55 3.66 -2.25
C GLU C 80 -10.89 3.37 -3.58
N ILE C 81 -10.19 4.36 -4.16
CA ILE C 81 -9.50 4.17 -5.43
C ILE C 81 -8.56 2.97 -5.31
N ALA C 82 -7.75 2.97 -4.24
CA ALA C 82 -6.80 1.89 -3.97
C ALA C 82 -7.50 0.53 -3.96
N LYS C 83 -8.60 0.41 -3.19
CA LYS C 83 -9.33 -0.83 -3.09
C LYS C 83 -9.87 -1.24 -4.47
N LEU C 84 -10.28 -0.26 -5.28
CA LEU C 84 -10.79 -0.53 -6.62
C LEU C 84 -9.65 -0.71 -7.62
N LEU C 85 -8.39 -0.69 -7.14
CA LEU C 85 -7.22 -0.84 -8.01
C LEU C 85 -6.32 -1.97 -7.47
N PRO C 86 -6.67 -3.24 -7.74
CA PRO C 86 -5.89 -4.38 -7.30
C PRO C 86 -4.57 -4.44 -8.08
N GLY C 87 -3.54 -3.77 -7.56
CA GLY C 87 -2.23 -3.73 -8.19
C GLY C 87 -1.42 -2.57 -7.62
N ARG C 88 -2.08 -1.41 -7.49
CA ARG C 88 -1.45 -0.21 -6.96
C ARG C 88 -2.41 0.44 -5.98
N THR C 89 -2.25 0.11 -4.69
CA THR C 89 -3.12 0.64 -3.65
C THR C 89 -2.65 2.03 -3.23
N ASP C 90 -3.05 2.47 -2.03
CA ASP C 90 -2.68 3.79 -1.51
C ASP C 90 -1.16 3.98 -1.60
N ASN C 91 -0.76 5.25 -1.77
CA ASN C 91 0.64 5.66 -1.88
C ASN C 91 1.07 5.59 -3.33
N ALA C 92 0.70 4.51 -4.03
CA ALA C 92 1.06 4.37 -5.42
C ALA C 92 0.19 5.30 -6.25
N ILE C 93 -1.13 5.07 -6.22
CA ILE C 93 -2.09 5.89 -6.95
C ILE C 93 -2.08 7.33 -6.38
N LYS C 94 -1.89 7.44 -5.07
CA LYS C 94 -1.88 8.72 -4.38
C LYS C 94 -0.71 9.58 -4.85
N ASN C 95 0.52 9.07 -4.73
CA ASN C 95 1.71 9.83 -5.09
C ASN C 95 1.75 10.03 -6.59
N HIS C 96 1.35 9.01 -7.36
CA HIS C 96 1.34 9.11 -8.82
C HIS C 96 0.57 10.34 -9.24
N TRP C 97 -0.66 10.50 -8.72
CA TRP C 97 -1.48 11.65 -9.07
C TRP C 97 -0.68 12.94 -8.89
N ASN C 98 -0.22 13.14 -7.66
CA ASN C 98 0.55 14.32 -7.29
C ASN C 98 2.01 14.19 -7.77
N SER C 99 2.21 13.81 -9.04
CA SER C 99 3.55 13.66 -9.61
C SER C 99 3.48 13.55 -11.14
N THR C 100 2.44 12.88 -11.65
CA THR C 100 2.30 12.63 -13.08
C THR C 100 0.93 13.06 -13.61
N MET C 101 0.08 13.70 -12.78
CA MET C 101 -1.26 14.09 -13.21
C MET C 101 -1.53 15.57 -12.90
N ARG C 102 -2.43 16.18 -13.70
CA ARG C 102 -2.82 17.59 -13.56
C ARG C 102 -1.59 18.49 -13.73
N ARG C 103 -1.56 19.63 -13.00
CA ARG C 103 -0.43 20.54 -13.07
C ARG C 103 0.58 20.23 -11.97
N LYS C 104 0.41 19.08 -11.30
CA LYS C 104 1.35 18.64 -10.28
C LYS C 104 2.37 17.75 -10.97
N VAL C 105 2.80 18.21 -12.15
CA VAL C 105 3.75 17.49 -13.00
C VAL C 105 4.81 18.46 -13.50
#